data_1CZ5
#
_entry.id   1CZ5
#
_cell.length_a   1.000
_cell.length_b   1.000
_cell.length_c   1.000
_cell.angle_alpha   90.00
_cell.angle_beta   90.00
_cell.angle_gamma   90.00
#
_symmetry.space_group_name_H-M   'P 1'
#
_entity_poly.entity_id   1
_entity_poly.type   'polypeptide(L)'
_entity_poly.pdbx_seq_one_letter_code
;MESNNGIILRVAEANSTDPGMSRVRLDESSRRLLDAEIGDVVEIEKVRKTVGRVYRARPEDENKGIVRIDSVMRNNCGAS
IGDKVKVRKVRTEIAKKVTLAPIIRKDQRLKFGEGIEEYVQRALIRRPMLEQDNISVPGLTLAGQTGLLFKVVKTLPSKV
PVEIGEETKIEIREEPASEVLEEGG
;
_entity_poly.pdbx_strand_id   A
#
# COMPACT_ATOMS: atom_id res chain seq x y z
N MET A 1 11.40 -14.09 -9.17
CA MET A 1 9.93 -14.19 -9.35
C MET A 1 9.43 -15.56 -8.87
N GLU A 2 9.39 -15.77 -7.58
CA GLU A 2 8.96 -17.08 -7.04
C GLU A 2 7.52 -17.41 -7.49
N SER A 3 6.65 -16.44 -7.48
CA SER A 3 5.24 -16.70 -7.90
C SER A 3 4.64 -15.44 -8.53
N ASN A 4 3.87 -15.60 -9.57
CA ASN A 4 3.24 -14.42 -10.22
C ASN A 4 1.89 -14.80 -10.82
N ASN A 5 0.82 -14.63 -10.08
CA ASN A 5 -0.52 -14.97 -10.62
C ASN A 5 -1.53 -13.88 -10.27
N GLY A 6 -1.96 -13.13 -11.25
CA GLY A 6 -2.95 -12.05 -10.99
C GLY A 6 -3.74 -11.78 -12.29
N ILE A 7 -4.52 -10.73 -12.32
CA ILE A 7 -5.27 -10.41 -13.56
C ILE A 7 -5.09 -8.94 -13.93
N ILE A 8 -5.33 -8.58 -15.16
CA ILE A 8 -5.17 -7.16 -15.57
C ILE A 8 -6.53 -6.48 -15.67
N LEU A 9 -6.78 -5.50 -14.85
CA LEU A 9 -8.09 -4.81 -14.88
C LEU A 9 -7.89 -3.31 -14.66
N ARG A 10 -8.95 -2.55 -14.56
CA ARG A 10 -8.77 -1.07 -14.47
C ARG A 10 -9.11 -0.56 -13.08
N VAL A 11 -8.28 0.28 -12.53
CA VAL A 11 -8.52 0.81 -11.16
C VAL A 11 -9.83 1.60 -11.12
N ALA A 12 -10.68 1.32 -10.18
CA ALA A 12 -11.96 2.07 -10.06
C ALA A 12 -11.95 2.96 -8.82
N GLU A 13 -12.79 3.97 -8.79
CA GLU A 13 -12.87 4.81 -7.56
C GLU A 13 -13.98 5.85 -7.69
N ALA A 14 -14.68 6.12 -6.62
CA ALA A 14 -15.79 7.12 -6.68
C ALA A 14 -15.98 7.78 -5.31
N ASN A 15 -16.80 8.79 -5.23
CA ASN A 15 -16.99 9.48 -3.92
C ASN A 15 -17.54 8.49 -2.88
N SER A 16 -16.97 8.48 -1.71
CA SER A 16 -17.43 7.53 -0.66
C SER A 16 -16.70 7.78 0.65
N THR A 17 -16.65 6.81 1.51
CA THR A 17 -15.94 7.00 2.82
C THR A 17 -14.43 7.04 2.59
N ASP A 18 -13.71 7.61 3.52
CA ASP A 18 -12.23 7.74 3.34
C ASP A 18 -11.53 6.36 3.42
N PRO A 19 -12.02 5.51 4.28
CA PRO A 19 -11.42 4.17 4.44
C PRO A 19 -11.55 3.35 3.15
N GLY A 20 -11.15 2.11 3.18
CA GLY A 20 -11.23 1.25 1.96
C GLY A 20 -9.90 1.32 1.20
N MET A 21 -8.87 1.75 1.84
CA MET A 21 -7.54 1.77 1.17
C MET A 21 -6.85 0.42 1.39
N SER A 22 -7.54 -0.51 2.01
CA SER A 22 -6.93 -1.85 2.27
C SER A 22 -7.91 -2.96 1.89
N ARG A 23 -8.98 -2.63 1.22
CA ARG A 23 -9.97 -3.67 0.83
C ARG A 23 -10.24 -3.61 -0.66
N VAL A 24 -10.25 -4.74 -1.33
CA VAL A 24 -10.56 -4.72 -2.79
C VAL A 24 -11.93 -5.35 -3.03
N ARG A 25 -12.84 -4.63 -3.58
CA ARG A 25 -14.16 -5.25 -3.89
C ARG A 25 -14.16 -5.78 -5.32
N LEU A 26 -14.33 -7.06 -5.45
CA LEU A 26 -14.31 -7.67 -6.82
C LEU A 26 -15.44 -8.69 -6.95
N ASP A 27 -15.55 -9.32 -8.08
CA ASP A 27 -16.67 -10.28 -8.26
C ASP A 27 -16.19 -11.73 -8.12
N GLU A 28 -17.08 -12.67 -8.17
CA GLU A 28 -16.69 -14.08 -7.94
C GLU A 28 -15.64 -14.49 -8.96
N SER A 29 -15.87 -14.14 -10.19
CA SER A 29 -14.93 -14.56 -11.27
C SER A 29 -13.58 -13.87 -11.12
N SER A 30 -13.57 -12.60 -10.85
CA SER A 30 -12.28 -11.89 -10.69
C SER A 30 -11.48 -12.51 -9.55
N ARG A 31 -12.15 -12.86 -8.49
CA ARG A 31 -11.45 -13.47 -7.32
C ARG A 31 -11.32 -14.99 -7.49
N ARG A 32 -12.27 -15.63 -8.11
CA ARG A 32 -12.23 -17.12 -8.21
C ARG A 32 -11.48 -17.56 -9.46
N LEU A 33 -11.22 -16.65 -10.37
CA LEU A 33 -10.53 -17.07 -11.62
C LEU A 33 -9.18 -17.68 -11.29
N LEU A 34 -8.54 -17.22 -10.25
CA LEU A 34 -7.24 -17.83 -9.85
C LEU A 34 -7.45 -18.76 -8.66
N ASP A 35 -7.66 -18.20 -7.50
CA ASP A 35 -7.83 -19.02 -6.27
C ASP A 35 -8.30 -18.13 -5.12
N ALA A 36 -8.01 -16.86 -5.20
CA ALA A 36 -8.41 -15.91 -4.12
C ALA A 36 -9.75 -16.31 -3.52
N GLU A 37 -9.77 -16.56 -2.25
CA GLU A 37 -11.06 -16.86 -1.57
C GLU A 37 -11.47 -15.64 -0.74
N ILE A 38 -12.56 -15.71 -0.06
CA ILE A 38 -12.96 -14.56 0.79
C ILE A 38 -11.88 -14.30 1.85
N GLY A 39 -11.39 -13.10 1.92
CA GLY A 39 -10.45 -12.73 3.01
C GLY A 39 -9.03 -13.26 2.72
N ASP A 40 -8.70 -13.48 1.47
CA ASP A 40 -7.28 -13.80 1.14
C ASP A 40 -6.51 -12.51 0.88
N VAL A 41 -5.21 -12.58 0.74
CA VAL A 41 -4.41 -11.34 0.58
C VAL A 41 -4.08 -11.11 -0.90
N VAL A 42 -4.33 -9.93 -1.38
CA VAL A 42 -4.10 -9.67 -2.84
C VAL A 42 -3.05 -8.59 -3.03
N GLU A 43 -2.20 -8.77 -4.00
CA GLU A 43 -1.15 -7.74 -4.26
C GLU A 43 -1.47 -7.00 -5.56
N ILE A 44 -1.22 -5.72 -5.62
CA ILE A 44 -1.57 -4.95 -6.85
C ILE A 44 -0.33 -4.33 -7.47
N GLU A 45 -0.33 -4.15 -8.77
CA GLU A 45 0.86 -3.54 -9.42
C GLU A 45 0.48 -2.80 -10.72
N LYS A 46 0.21 -1.53 -10.64
CA LYS A 46 -0.02 -0.74 -11.89
C LYS A 46 1.27 0.00 -12.26
N VAL A 47 1.66 0.96 -11.45
CA VAL A 47 2.94 1.70 -11.69
C VAL A 47 3.99 1.22 -10.69
N ARG A 48 3.56 0.91 -9.50
CA ARG A 48 4.50 0.33 -8.50
C ARG A 48 3.86 -0.91 -7.88
N LYS A 49 4.49 -1.47 -6.90
CA LYS A 49 3.89 -2.66 -6.23
C LYS A 49 2.98 -2.21 -5.08
N THR A 50 1.86 -2.84 -4.94
CA THR A 50 0.89 -2.45 -3.88
C THR A 50 0.32 -3.69 -3.20
N VAL A 51 -0.22 -3.53 -2.03
CA VAL A 51 -0.83 -4.70 -1.32
C VAL A 51 -2.29 -4.39 -0.97
N GLY A 52 -3.07 -5.39 -0.71
CA GLY A 52 -4.48 -5.14 -0.27
C GLY A 52 -5.18 -6.46 0.00
N ARG A 53 -6.42 -6.40 0.40
CA ARG A 53 -7.17 -7.65 0.75
C ARG A 53 -8.35 -7.83 -0.21
N VAL A 54 -8.90 -9.01 -0.24
CA VAL A 54 -10.00 -9.29 -1.20
C VAL A 54 -11.37 -9.05 -0.55
N TYR A 55 -12.29 -8.51 -1.28
CA TYR A 55 -13.66 -8.28 -0.72
C TYR A 55 -14.73 -8.65 -1.75
N ARG A 56 -15.95 -8.77 -1.32
CA ARG A 56 -17.04 -9.14 -2.26
C ARG A 56 -17.65 -7.88 -2.89
N ALA A 57 -17.63 -7.79 -4.19
CA ALA A 57 -18.19 -6.59 -4.87
C ALA A 57 -19.69 -6.48 -4.58
N ARG A 58 -20.18 -5.30 -4.34
CA ARG A 58 -21.65 -5.15 -4.17
C ARG A 58 -22.36 -5.71 -5.41
N PRO A 59 -21.91 -5.28 -6.56
CA PRO A 59 -22.48 -5.77 -7.81
C PRO A 59 -21.68 -6.97 -8.29
N GLU A 60 -22.17 -8.14 -8.03
CA GLU A 60 -21.42 -9.38 -8.36
C GLU A 60 -21.43 -9.64 -9.87
N ASP A 61 -21.35 -8.59 -10.66
CA ASP A 61 -21.37 -8.77 -12.14
C ASP A 61 -20.53 -7.70 -12.83
N GLU A 62 -20.42 -6.53 -12.24
CA GLU A 62 -19.59 -5.45 -12.86
C GLU A 62 -18.14 -5.65 -12.44
N ASN A 63 -17.95 -6.22 -11.27
CA ASN A 63 -16.57 -6.44 -10.76
C ASN A 63 -15.94 -7.68 -11.39
N LYS A 64 -16.14 -7.88 -12.66
CA LYS A 64 -15.50 -9.04 -13.35
C LYS A 64 -14.22 -8.58 -14.04
N GLY A 65 -13.81 -7.36 -13.79
CA GLY A 65 -12.56 -6.86 -14.39
C GLY A 65 -12.33 -5.41 -13.94
N ILE A 66 -12.83 -5.06 -12.79
CA ILE A 66 -12.59 -3.70 -12.25
C ILE A 66 -12.38 -3.78 -10.74
N VAL A 67 -11.48 -3.00 -10.20
CA VAL A 67 -11.28 -3.03 -8.73
C VAL A 67 -11.55 -1.65 -8.13
N ARG A 68 -12.38 -1.58 -7.13
CA ARG A 68 -12.68 -0.26 -6.51
C ARG A 68 -11.74 -0.01 -5.33
N ILE A 69 -10.95 1.02 -5.41
CA ILE A 69 -10.02 1.33 -4.29
C ILE A 69 -10.14 2.80 -3.88
N ASP A 70 -9.60 3.13 -2.74
CA ASP A 70 -9.65 4.54 -2.28
C ASP A 70 -8.56 5.36 -2.99
N SER A 71 -8.59 6.65 -2.86
CA SER A 71 -7.55 7.50 -3.52
C SER A 71 -6.16 7.14 -2.97
N VAL A 72 -6.10 6.71 -1.74
CA VAL A 72 -4.78 6.39 -1.14
C VAL A 72 -4.17 5.17 -1.83
N MET A 73 -4.94 4.14 -2.04
CA MET A 73 -4.41 2.95 -2.77
C MET A 73 -3.96 3.37 -4.17
N ARG A 74 -4.76 4.15 -4.84
CA ARG A 74 -4.33 4.71 -6.16
C ARG A 74 -3.06 5.55 -5.98
N ASN A 75 -3.00 6.32 -4.92
CA ASN A 75 -1.77 7.13 -4.68
C ASN A 75 -0.57 6.21 -4.38
N ASN A 76 -0.81 5.07 -3.79
CA ASN A 76 0.31 4.17 -3.44
C ASN A 76 1.09 3.75 -4.70
N CYS A 77 0.41 3.48 -5.78
CA CYS A 77 1.13 3.01 -7.00
C CYS A 77 1.35 4.16 -7.98
N GLY A 78 0.38 5.03 -8.15
CA GLY A 78 0.56 6.21 -9.03
C GLY A 78 -0.29 6.08 -10.29
N ALA A 79 -1.42 5.41 -10.20
CA ALA A 79 -2.26 5.19 -11.40
C ALA A 79 -3.47 6.13 -11.39
N SER A 80 -4.17 6.23 -12.49
CA SER A 80 -5.40 7.06 -12.52
C SER A 80 -6.62 6.15 -12.64
N ILE A 81 -7.79 6.66 -12.41
CA ILE A 81 -9.00 5.81 -12.53
C ILE A 81 -9.03 5.14 -13.90
N GLY A 82 -9.42 3.90 -13.94
CA GLY A 82 -9.62 3.21 -15.23
C GLY A 82 -8.28 2.84 -15.86
N ASP A 83 -7.18 3.11 -15.19
CA ASP A 83 -5.87 2.68 -15.71
C ASP A 83 -5.83 1.16 -15.90
N LYS A 84 -4.66 0.60 -15.96
CA LYS A 84 -4.54 -0.87 -16.07
C LYS A 84 -3.55 -1.40 -15.04
N VAL A 85 -4.01 -2.07 -14.03
CA VAL A 85 -3.08 -2.61 -12.99
C VAL A 85 -3.17 -4.14 -12.94
N LYS A 86 -2.14 -4.79 -12.50
CA LYS A 86 -2.20 -6.27 -12.36
C LYS A 86 -2.30 -6.66 -10.89
N VAL A 87 -3.35 -7.34 -10.51
CA VAL A 87 -3.51 -7.75 -9.09
C VAL A 87 -3.22 -9.25 -8.96
N ARG A 88 -2.26 -9.60 -8.14
CA ARG A 88 -1.94 -11.05 -8.00
C ARG A 88 -2.30 -11.53 -6.59
N LYS A 89 -2.84 -12.70 -6.48
CA LYS A 89 -3.21 -13.22 -5.14
C LYS A 89 -1.96 -13.59 -4.34
N VAL A 90 -1.99 -13.34 -3.06
CA VAL A 90 -0.84 -13.73 -2.19
C VAL A 90 -1.33 -14.02 -0.78
N ARG A 91 -0.45 -14.16 0.16
CA ARG A 91 -0.87 -14.42 1.56
C ARG A 91 -0.11 -13.48 2.51
N THR A 92 -0.52 -13.41 3.74
CA THR A 92 0.13 -12.43 4.66
C THR A 92 1.01 -13.16 5.70
N GLU A 93 1.96 -12.45 6.23
CA GLU A 93 2.83 -13.01 7.31
C GLU A 93 3.31 -11.88 8.21
N ILE A 94 3.98 -12.17 9.28
CA ILE A 94 4.43 -11.08 10.19
C ILE A 94 5.79 -10.56 9.75
N ALA A 95 5.82 -9.41 9.11
CA ALA A 95 7.13 -8.84 8.67
C ALA A 95 8.09 -8.75 9.85
N LYS A 96 9.31 -9.19 9.69
CA LYS A 96 10.27 -9.15 10.82
C LYS A 96 11.16 -7.90 10.73
N LYS A 97 11.40 -7.38 9.56
CA LYS A 97 12.24 -6.15 9.45
C LYS A 97 11.82 -5.32 8.23
N VAL A 98 11.40 -4.11 8.43
CA VAL A 98 10.99 -3.28 7.25
C VAL A 98 11.62 -1.89 7.31
N THR A 99 12.10 -1.40 6.20
CA THR A 99 12.72 -0.03 6.18
C THR A 99 11.79 0.95 5.45
N LEU A 100 11.75 2.18 5.86
CA LEU A 100 10.83 3.16 5.19
C LEU A 100 11.43 4.56 5.19
N ALA A 101 10.82 5.46 4.46
CA ALA A 101 11.42 6.82 4.33
C ALA A 101 10.32 7.90 4.33
N PRO A 102 9.94 8.31 5.51
CA PRO A 102 8.90 9.36 5.64
C PRO A 102 9.37 10.64 4.94
N ILE A 103 8.58 11.17 4.05
CA ILE A 103 9.00 12.40 3.33
C ILE A 103 8.55 13.64 4.10
N ILE A 104 9.41 14.19 4.90
CA ILE A 104 9.06 15.43 5.66
C ILE A 104 10.31 16.24 5.94
N ARG A 105 10.19 17.23 6.78
CA ARG A 105 11.39 18.03 7.18
C ARG A 105 11.99 17.45 8.46
N LYS A 106 13.26 17.69 8.70
CA LYS A 106 13.92 17.12 9.90
C LYS A 106 13.15 17.52 11.16
N ASP A 107 12.41 18.57 11.08
CA ASP A 107 11.68 19.08 12.28
C ASP A 107 10.17 18.87 12.13
N GLN A 108 9.75 17.98 11.27
CA GLN A 108 8.28 17.76 11.10
C GLN A 108 7.77 16.67 12.05
N ARG A 109 7.97 15.43 11.71
CA ARG A 109 7.42 14.33 12.57
C ARG A 109 8.54 13.43 13.08
N LEU A 110 9.69 13.49 12.47
CA LEU A 110 10.79 12.58 12.91
C LEU A 110 11.75 13.31 13.86
N LYS A 111 11.21 14.06 14.77
CA LYS A 111 12.08 14.76 15.77
C LYS A 111 11.88 14.14 17.16
N PHE A 112 11.92 12.85 17.26
CA PHE A 112 11.76 12.19 18.60
C PHE A 112 13.07 11.54 19.04
N GLY A 113 13.53 10.58 18.31
CA GLY A 113 14.78 9.87 18.71
C GLY A 113 14.46 8.87 19.82
N GLU A 114 15.39 8.01 20.15
CA GLU A 114 15.15 7.03 21.25
C GLU A 114 13.76 6.40 21.09
N GLY A 115 13.68 5.26 20.46
CA GLY A 115 12.36 4.57 20.33
C GLY A 115 11.58 5.13 19.14
N ILE A 116 12.16 6.07 18.43
CA ILE A 116 11.47 6.61 17.22
C ILE A 116 11.27 5.49 16.20
N GLU A 117 12.22 4.62 16.04
CA GLU A 117 12.03 3.45 15.13
C GLU A 117 10.87 2.59 15.63
N GLU A 118 10.78 2.40 16.92
CA GLU A 118 9.63 1.64 17.49
C GLU A 118 8.35 2.47 17.34
N TYR A 119 8.47 3.77 17.41
CA TYR A 119 7.27 4.64 17.25
C TYR A 119 6.64 4.38 15.88
N VAL A 120 7.44 4.22 14.86
CA VAL A 120 6.88 3.85 13.53
C VAL A 120 6.15 2.51 13.66
N GLN A 121 6.75 1.55 14.30
CA GLN A 121 6.05 0.26 14.54
C GLN A 121 4.79 0.47 15.37
N ARG A 122 4.86 1.33 16.35
CA ARG A 122 3.67 1.56 17.22
C ARG A 122 2.51 2.09 16.37
N ALA A 123 2.79 2.97 15.46
CA ALA A 123 1.70 3.53 14.60
C ALA A 123 1.35 2.56 13.47
N LEU A 124 2.35 1.94 12.89
CA LEU A 124 2.10 1.08 11.68
C LEU A 124 1.82 -0.36 12.10
N ILE A 125 2.00 -0.67 13.35
CA ILE A 125 1.87 -2.09 13.79
C ILE A 125 0.66 -2.75 13.12
N ARG A 126 0.57 -4.05 13.19
CA ARG A 126 -0.56 -4.78 12.53
C ARG A 126 -0.99 -4.10 11.23
N ARG A 127 -0.07 -3.88 10.33
CA ARG A 127 -0.47 -3.34 8.99
C ARG A 127 0.24 -4.10 7.85
N PRO A 128 -0.42 -4.17 6.72
CA PRO A 128 0.15 -4.85 5.53
C PRO A 128 1.33 -4.04 4.98
N MET A 129 2.44 -4.66 4.69
CA MET A 129 3.60 -3.86 4.20
C MET A 129 4.17 -4.40 2.90
N LEU A 130 4.64 -3.53 2.05
CA LEU A 130 5.17 -3.95 0.73
C LEU A 130 6.27 -2.98 0.30
N GLU A 131 7.49 -3.43 0.20
CA GLU A 131 8.61 -2.48 -0.10
C GLU A 131 8.25 -1.61 -1.30
N GLN A 132 8.59 -0.34 -1.24
CA GLN A 132 8.28 0.63 -2.34
C GLN A 132 6.83 1.10 -2.25
N ASP A 133 6.09 0.59 -1.30
CA ASP A 133 4.69 1.09 -1.13
C ASP A 133 4.71 2.54 -0.61
N ASN A 134 3.56 3.04 -0.23
CA ASN A 134 3.50 4.44 0.29
C ASN A 134 2.36 4.56 1.31
N ILE A 135 2.40 5.55 2.15
CA ILE A 135 1.31 5.70 3.16
C ILE A 135 0.95 7.17 3.33
N SER A 136 -0.09 7.46 4.05
CA SER A 136 -0.53 8.87 4.20
C SER A 136 -0.43 9.32 5.66
N VAL A 137 -0.36 10.61 5.89
CA VAL A 137 -0.29 11.12 7.28
C VAL A 137 -1.57 11.91 7.61
N PRO A 138 -1.97 11.87 8.86
CA PRO A 138 -3.19 12.59 9.30
C PRO A 138 -3.18 14.06 8.85
N GLY A 139 -3.44 14.30 7.59
CA GLY A 139 -3.57 15.70 7.11
C GLY A 139 -2.55 16.61 7.79
N LEU A 140 -1.29 16.36 7.59
CA LEU A 140 -0.25 17.27 8.17
C LEU A 140 0.65 17.83 7.06
N THR A 141 1.23 18.97 7.28
CA THR A 141 2.12 19.56 6.23
C THR A 141 2.69 20.90 6.71
N LEU A 142 3.26 21.65 5.82
CA LEU A 142 3.82 22.98 6.20
C LEU A 142 3.57 23.99 5.06
N ALA A 143 4.57 24.72 4.67
CA ALA A 143 4.39 25.69 3.55
C ALA A 143 3.86 24.99 2.31
N GLY A 144 4.18 25.50 1.16
CA GLY A 144 3.77 24.82 -0.10
C GLY A 144 4.74 23.69 -0.40
N GLN A 145 4.80 22.71 0.48
CA GLN A 145 5.69 21.53 0.23
C GLN A 145 4.88 20.38 -0.38
N THR A 146 5.55 19.37 -0.85
CA THR A 146 4.81 18.22 -1.46
C THR A 146 5.39 16.89 -0.96
N GLY A 147 4.63 15.83 -1.05
CA GLY A 147 5.11 14.52 -0.55
C GLY A 147 4.49 14.24 0.82
N LEU A 148 5.16 14.62 1.87
CA LEU A 148 4.59 14.42 3.25
C LEU A 148 3.92 13.03 3.36
N LEU A 149 4.55 12.00 2.86
CA LEU A 149 3.99 10.64 2.99
C LEU A 149 5.11 9.64 3.29
N PHE A 150 4.77 8.47 3.76
CA PHE A 150 5.84 7.47 4.07
C PHE A 150 6.10 6.59 2.85
N LYS A 151 7.35 6.41 2.50
CA LYS A 151 7.68 5.56 1.33
C LYS A 151 8.54 4.37 1.76
N VAL A 152 7.99 3.19 1.74
CA VAL A 152 8.77 1.99 2.17
C VAL A 152 9.74 1.58 1.08
N VAL A 153 10.93 1.18 1.44
CA VAL A 153 11.94 0.85 0.39
C VAL A 153 12.41 -0.60 0.52
N LYS A 154 12.32 -1.18 1.69
CA LYS A 154 12.80 -2.58 1.85
C LYS A 154 11.88 -3.36 2.80
N THR A 155 11.81 -4.65 2.60
CA THR A 155 11.01 -5.51 3.52
C THR A 155 11.73 -6.84 3.72
N LEU A 156 11.49 -7.50 4.83
CA LEU A 156 12.20 -8.77 5.10
C LEU A 156 11.43 -9.97 4.53
N PRO A 157 10.13 -9.89 4.54
CA PRO A 157 9.30 -11.00 4.01
C PRO A 157 9.71 -11.31 2.57
N SER A 158 8.90 -12.06 1.86
CA SER A 158 9.24 -12.39 0.44
C SER A 158 8.69 -11.31 -0.49
N LYS A 159 8.80 -10.07 -0.11
CA LYS A 159 8.26 -8.97 -0.95
C LYS A 159 6.75 -9.15 -1.15
N VAL A 160 6.14 -9.93 -0.31
CA VAL A 160 4.67 -10.11 -0.39
C VAL A 160 3.99 -9.35 0.76
N PRO A 161 2.73 -9.10 0.57
CA PRO A 161 1.96 -8.37 1.60
C PRO A 161 2.16 -9.04 2.97
N VAL A 162 2.62 -8.29 3.94
CA VAL A 162 2.78 -8.86 5.30
C VAL A 162 2.15 -7.94 6.32
N GLU A 163 1.83 -8.43 7.47
CA GLU A 163 1.22 -7.55 8.50
C GLU A 163 2.23 -7.25 9.61
N ILE A 164 2.40 -6.00 9.91
CA ILE A 164 3.42 -5.61 10.92
C ILE A 164 2.96 -6.00 12.32
N GLY A 165 3.88 -6.22 13.23
CA GLY A 165 3.50 -6.48 14.64
C GLY A 165 4.50 -5.81 15.56
N GLU A 166 4.19 -5.71 16.83
CA GLU A 166 5.11 -5.01 17.76
C GLU A 166 6.50 -5.66 17.74
N GLU A 167 6.58 -6.88 17.29
CA GLU A 167 7.90 -7.56 17.25
C GLU A 167 8.62 -7.28 15.93
N THR A 168 7.91 -6.75 14.97
CA THR A 168 8.55 -6.43 13.66
C THR A 168 9.66 -5.40 13.86
N LYS A 169 10.74 -5.54 13.15
CA LYS A 169 11.82 -4.52 13.27
C LYS A 169 11.68 -3.48 12.17
N ILE A 170 12.02 -2.25 12.45
CA ILE A 170 11.85 -1.18 11.43
C ILE A 170 13.16 -0.45 11.18
N GLU A 171 13.28 0.18 10.04
CA GLU A 171 14.49 0.99 9.77
C GLU A 171 14.09 2.35 9.22
N ILE A 172 14.68 3.40 9.73
CA ILE A 172 14.33 4.76 9.24
C ILE A 172 15.55 5.39 8.56
N ARG A 173 15.38 5.93 7.40
CA ARG A 173 16.56 6.48 6.67
C ARG A 173 16.80 7.94 7.11
N GLU A 174 18.03 8.37 7.08
CA GLU A 174 18.37 9.73 7.60
C GLU A 174 18.28 10.76 6.47
N GLU A 175 17.76 10.37 5.34
CA GLU A 175 17.66 11.33 4.21
C GLU A 175 16.19 11.48 3.77
N PRO A 176 15.43 12.17 4.57
CA PRO A 176 14.00 12.39 4.27
C PRO A 176 13.85 13.22 3.00
N ALA A 177 12.80 13.98 2.93
CA ALA A 177 12.59 14.86 1.74
C ALA A 177 13.54 16.04 1.77
N SER A 178 14.82 15.78 1.91
CA SER A 178 15.80 16.90 1.93
C SER A 178 16.60 16.93 0.62
N GLU A 179 16.43 17.97 -0.16
CA GLU A 179 17.18 18.07 -1.44
C GLU A 179 16.83 16.88 -2.35
N VAL A 180 15.74 16.23 -2.09
CA VAL A 180 15.34 15.08 -2.94
C VAL A 180 14.25 15.49 -3.93
N LEU A 181 14.57 15.51 -5.20
CA LEU A 181 13.55 15.91 -6.22
C LEU A 181 13.80 15.14 -7.52
N GLU A 182 14.33 13.96 -7.43
CA GLU A 182 14.58 13.15 -8.66
C GLU A 182 15.42 13.95 -9.66
N GLU A 183 16.36 14.70 -9.17
CA GLU A 183 17.22 15.51 -10.10
C GLU A 183 17.95 14.57 -11.07
N GLY A 184 18.25 13.37 -10.65
CA GLY A 184 18.97 12.43 -11.55
C GLY A 184 18.09 12.09 -12.74
N GLY A 185 18.61 11.37 -13.69
CA GLY A 185 17.81 11.02 -14.90
C GLY A 185 17.64 12.26 -15.77
N MET A 1 7.48 -23.45 -2.65
CA MET A 1 7.76 -22.76 -3.94
C MET A 1 6.50 -22.70 -4.80
N GLU A 2 5.94 -21.53 -4.97
CA GLU A 2 4.72 -21.40 -5.81
C GLU A 2 4.80 -20.14 -6.66
N SER A 3 4.08 -20.10 -7.75
CA SER A 3 4.13 -18.89 -8.64
C SER A 3 2.94 -17.98 -8.34
N ASN A 4 3.12 -16.70 -8.51
CA ASN A 4 2.01 -15.74 -8.22
C ASN A 4 1.31 -15.32 -9.51
N ASN A 5 0.00 -15.25 -9.48
CA ASN A 5 -0.74 -14.85 -10.71
C ASN A 5 -1.90 -13.91 -10.34
N GLY A 6 -2.33 -13.09 -11.25
CA GLY A 6 -3.44 -12.16 -10.95
C GLY A 6 -4.24 -11.88 -12.22
N ILE A 7 -5.02 -10.83 -12.23
CA ILE A 7 -5.80 -10.49 -13.45
C ILE A 7 -5.59 -9.03 -13.81
N ILE A 8 -5.85 -8.65 -15.03
CA ILE A 8 -5.62 -7.23 -15.42
C ILE A 8 -6.97 -6.52 -15.61
N LEU A 9 -7.20 -5.48 -14.86
CA LEU A 9 -8.49 -4.74 -14.98
C LEU A 9 -8.24 -3.24 -14.76
N ARG A 10 -9.27 -2.46 -14.66
CA ARG A 10 -9.05 -0.99 -14.59
C ARG A 10 -9.32 -0.47 -13.17
N VAL A 11 -8.45 0.37 -12.68
CA VAL A 11 -8.61 0.91 -11.30
C VAL A 11 -9.91 1.71 -11.17
N ALA A 12 -10.68 1.43 -10.16
CA ALA A 12 -11.94 2.21 -9.94
C ALA A 12 -11.85 3.02 -8.65
N GLU A 13 -12.46 4.18 -8.63
CA GLU A 13 -12.48 5.00 -7.38
C GLU A 13 -13.28 6.28 -7.59
N ALA A 14 -14.57 6.22 -7.40
CA ALA A 14 -15.40 7.44 -7.60
C ALA A 14 -16.37 7.63 -6.42
N ASN A 15 -16.74 6.56 -5.76
CA ASN A 15 -17.72 6.67 -4.64
C ASN A 15 -17.18 7.60 -3.54
N SER A 16 -15.96 7.38 -3.12
CA SER A 16 -15.39 8.24 -2.04
C SER A 16 -13.86 8.25 -2.13
N THR A 17 -13.24 9.31 -1.70
CA THR A 17 -11.75 9.38 -1.77
C THR A 17 -11.16 9.52 -0.36
N ASP A 18 -11.96 9.90 0.60
CA ASP A 18 -11.43 10.11 1.97
C ASP A 18 -10.98 8.79 2.63
N PRO A 19 -11.69 7.74 2.33
CA PRO A 19 -11.33 6.41 2.92
C PRO A 19 -9.92 5.99 2.50
N GLY A 20 -9.55 4.77 2.77
CA GLY A 20 -8.18 4.30 2.42
C GLY A 20 -7.82 3.08 3.26
N MET A 21 -8.61 2.04 3.19
CA MET A 21 -8.32 0.82 3.97
C MET A 21 -7.43 -0.13 3.16
N SER A 22 -7.04 0.28 1.98
CA SER A 22 -6.16 -0.60 1.15
C SER A 22 -6.83 -1.96 0.91
N ARG A 23 -8.12 -1.96 0.68
CA ARG A 23 -8.83 -3.26 0.45
C ARG A 23 -9.34 -3.32 -1.00
N VAL A 24 -9.40 -4.48 -1.58
CA VAL A 24 -9.87 -4.59 -2.99
C VAL A 24 -11.23 -5.25 -3.05
N ARG A 25 -12.22 -4.58 -3.55
CA ARG A 25 -13.55 -5.23 -3.67
C ARG A 25 -13.78 -5.71 -5.11
N LEU A 26 -14.00 -6.98 -5.27
CA LEU A 26 -14.17 -7.55 -6.64
C LEU A 26 -15.39 -8.49 -6.63
N ASP A 27 -15.75 -9.04 -7.77
CA ASP A 27 -16.94 -9.94 -7.79
C ASP A 27 -16.51 -11.38 -7.52
N GLU A 28 -17.45 -12.29 -7.50
CA GLU A 28 -17.11 -13.71 -7.18
C GLU A 28 -16.11 -14.22 -8.19
N SER A 29 -16.30 -13.87 -9.43
CA SER A 29 -15.41 -14.38 -10.51
C SER A 29 -14.01 -13.77 -10.38
N SER A 30 -13.92 -12.49 -10.15
CA SER A 30 -12.58 -11.87 -9.97
C SER A 30 -11.88 -12.52 -8.78
N ARG A 31 -12.63 -12.77 -7.73
CA ARG A 31 -12.06 -13.44 -6.52
C ARG A 31 -11.82 -14.94 -6.77
N ARG A 32 -12.75 -15.61 -7.40
CA ARG A 32 -12.67 -17.09 -7.47
C ARG A 32 -11.87 -17.53 -8.70
N LEU A 33 -11.61 -16.65 -9.61
CA LEU A 33 -10.88 -17.07 -10.84
C LEU A 33 -9.54 -17.69 -10.45
N LEU A 34 -8.95 -17.23 -9.38
CA LEU A 34 -7.70 -17.88 -8.88
C LEU A 34 -8.00 -18.70 -7.64
N ASP A 35 -8.19 -18.05 -6.53
CA ASP A 35 -8.49 -18.76 -5.27
C ASP A 35 -8.92 -17.77 -4.19
N ALA A 36 -8.50 -16.53 -4.34
CA ALA A 36 -8.82 -15.49 -3.33
C ALA A 36 -10.11 -15.81 -2.58
N GLU A 37 -10.02 -15.98 -1.29
CA GLU A 37 -11.25 -16.17 -0.47
C GLU A 37 -11.53 -14.88 0.30
N ILE A 38 -12.61 -14.83 1.04
CA ILE A 38 -12.91 -13.60 1.80
C ILE A 38 -11.76 -13.29 2.76
N GLY A 39 -11.18 -12.12 2.66
CA GLY A 39 -10.15 -11.71 3.64
C GLY A 39 -8.83 -12.43 3.37
N ASP A 40 -8.57 -12.76 2.13
CA ASP A 40 -7.21 -13.27 1.77
C ASP A 40 -6.32 -12.09 1.40
N VAL A 41 -5.07 -12.33 1.12
CA VAL A 41 -4.15 -11.20 0.82
C VAL A 41 -3.96 -11.04 -0.68
N VAL A 42 -4.15 -9.85 -1.18
CA VAL A 42 -4.03 -9.64 -2.66
C VAL A 42 -2.92 -8.65 -2.96
N GLU A 43 -2.26 -8.81 -4.08
CA GLU A 43 -1.19 -7.84 -4.47
C GLU A 43 -1.63 -7.07 -5.71
N ILE A 44 -1.32 -5.81 -5.78
CA ILE A 44 -1.78 -5.00 -6.95
C ILE A 44 -0.58 -4.55 -7.78
N GLU A 45 -0.75 -4.42 -9.08
CA GLU A 45 0.41 -4.03 -9.93
C GLU A 45 -0.06 -3.25 -11.16
N LYS A 46 -0.15 -1.95 -11.03
CA LYS A 46 -0.44 -1.09 -12.22
C LYS A 46 0.86 -0.50 -12.77
N VAL A 47 1.47 0.35 -12.01
CA VAL A 47 2.78 0.94 -12.42
C VAL A 47 3.91 0.21 -11.68
N ARG A 48 3.68 -0.10 -10.44
CA ARG A 48 4.68 -0.89 -9.68
C ARG A 48 3.96 -1.87 -8.76
N LYS A 49 4.64 -2.39 -7.80
CA LYS A 49 4.03 -3.46 -6.95
C LYS A 49 3.29 -2.85 -5.76
N THR A 50 2.07 -3.27 -5.57
CA THR A 50 1.27 -2.78 -4.42
C THR A 50 0.64 -3.96 -3.66
N VAL A 51 0.22 -3.73 -2.45
CA VAL A 51 -0.39 -4.83 -1.64
C VAL A 51 -1.79 -4.45 -1.16
N GLY A 52 -2.57 -5.42 -0.79
CA GLY A 52 -3.91 -5.12 -0.21
C GLY A 52 -4.60 -6.42 0.16
N ARG A 53 -5.79 -6.35 0.68
CA ARG A 53 -6.54 -7.60 1.00
C ARG A 53 -7.72 -7.76 0.06
N VAL A 54 -8.43 -8.85 0.15
CA VAL A 54 -9.54 -9.08 -0.82
C VAL A 54 -10.88 -8.73 -0.17
N TYR A 55 -11.70 -8.01 -0.88
CA TYR A 55 -13.06 -7.67 -0.36
C TYR A 55 -14.13 -8.26 -1.27
N ARG A 56 -15.35 -8.28 -0.81
CA ARG A 56 -16.46 -8.82 -1.66
C ARG A 56 -17.19 -7.66 -2.36
N ALA A 57 -17.30 -7.71 -3.66
CA ALA A 57 -18.02 -6.63 -4.38
C ALA A 57 -19.49 -6.62 -3.97
N ARG A 58 -20.03 -5.47 -3.66
CA ARG A 58 -21.49 -5.41 -3.38
C ARG A 58 -22.25 -5.95 -4.59
N PRO A 59 -21.86 -5.49 -5.74
CA PRO A 59 -22.48 -5.95 -7.00
C PRO A 59 -21.69 -7.14 -7.53
N GLU A 60 -22.16 -8.32 -7.28
CA GLU A 60 -21.41 -9.54 -7.68
C GLU A 60 -21.48 -9.76 -9.19
N ASP A 61 -21.52 -8.72 -9.97
CA ASP A 61 -21.58 -8.88 -11.45
C ASP A 61 -20.85 -7.72 -12.15
N GLU A 62 -20.81 -6.58 -11.54
CA GLU A 62 -20.12 -5.41 -12.19
C GLU A 62 -18.62 -5.49 -11.88
N ASN A 63 -18.30 -6.07 -10.76
CA ASN A 63 -16.86 -6.22 -10.39
C ASN A 63 -16.26 -7.43 -11.10
N LYS A 64 -16.57 -7.61 -12.35
CA LYS A 64 -16.00 -8.75 -13.11
C LYS A 64 -14.80 -8.26 -13.94
N GLY A 65 -14.39 -7.04 -13.71
CA GLY A 65 -13.19 -6.52 -14.42
C GLY A 65 -12.89 -5.10 -13.94
N ILE A 66 -13.29 -4.77 -12.74
CA ILE A 66 -12.98 -3.42 -12.19
C ILE A 66 -12.62 -3.55 -10.71
N VAL A 67 -11.68 -2.79 -10.25
CA VAL A 67 -11.30 -2.86 -8.82
C VAL A 67 -11.51 -1.51 -8.16
N ARG A 68 -12.35 -1.45 -7.16
CA ARG A 68 -12.59 -0.15 -6.49
C ARG A 68 -11.62 0.05 -5.33
N ILE A 69 -10.71 0.97 -5.48
CA ILE A 69 -9.70 1.22 -4.41
C ILE A 69 -9.68 2.70 -4.03
N ASP A 70 -9.14 3.01 -2.88
CA ASP A 70 -9.02 4.44 -2.48
C ASP A 70 -7.81 5.08 -3.17
N SER A 71 -7.69 6.36 -3.10
CA SER A 71 -6.56 7.05 -3.80
C SER A 71 -5.22 6.57 -3.24
N VAL A 72 -5.23 5.94 -2.10
CA VAL A 72 -3.95 5.51 -1.48
C VAL A 72 -3.32 4.38 -2.29
N MET A 73 -4.08 3.37 -2.62
CA MET A 73 -3.52 2.28 -3.48
C MET A 73 -3.16 2.85 -4.85
N ARG A 74 -3.98 3.72 -5.37
CA ARG A 74 -3.61 4.41 -6.64
C ARG A 74 -2.33 5.21 -6.43
N ASN A 75 -2.20 5.89 -5.31
CA ASN A 75 -0.95 6.66 -5.05
C ASN A 75 0.22 5.72 -4.79
N ASN A 76 -0.05 4.58 -4.19
CA ASN A 76 1.06 3.65 -3.83
C ASN A 76 1.80 3.20 -5.09
N CYS A 77 1.10 2.94 -6.16
CA CYS A 77 1.78 2.40 -7.38
C CYS A 77 2.05 3.53 -8.39
N GLY A 78 1.12 4.44 -8.54
CA GLY A 78 1.34 5.58 -9.47
C GLY A 78 0.34 5.50 -10.64
N ALA A 79 -0.91 5.29 -10.36
CA ALA A 79 -1.90 5.10 -11.46
C ALA A 79 -3.03 6.11 -11.35
N SER A 80 -3.84 6.23 -12.37
CA SER A 80 -4.99 7.15 -12.33
C SER A 80 -6.30 6.35 -12.40
N ILE A 81 -7.42 6.98 -12.19
CA ILE A 81 -8.71 6.25 -12.29
C ILE A 81 -8.85 5.62 -13.67
N GLY A 82 -9.36 4.42 -13.72
CA GLY A 82 -9.71 3.82 -15.03
C GLY A 82 -8.44 3.32 -15.73
N ASP A 83 -7.30 3.52 -15.13
CA ASP A 83 -6.05 2.96 -15.71
C ASP A 83 -6.16 1.45 -15.88
N LYS A 84 -5.05 0.78 -16.00
CA LYS A 84 -5.08 -0.70 -16.10
C LYS A 84 -4.07 -1.30 -15.10
N VAL A 85 -4.54 -2.01 -14.13
CA VAL A 85 -3.61 -2.62 -13.13
C VAL A 85 -3.81 -4.14 -13.10
N LYS A 86 -2.83 -4.86 -12.65
CA LYS A 86 -3.00 -6.34 -12.52
C LYS A 86 -3.04 -6.73 -11.04
N VAL A 87 -4.13 -7.34 -10.62
CA VAL A 87 -4.26 -7.73 -9.20
C VAL A 87 -3.92 -9.20 -9.03
N ARG A 88 -2.97 -9.51 -8.19
CA ARG A 88 -2.60 -10.94 -7.98
C ARG A 88 -3.04 -11.39 -6.59
N LYS A 89 -3.20 -12.67 -6.40
CA LYS A 89 -3.63 -13.17 -5.07
C LYS A 89 -2.42 -13.74 -4.32
N VAL A 90 -2.34 -13.46 -3.05
CA VAL A 90 -1.20 -13.98 -2.25
C VAL A 90 -1.62 -14.19 -0.79
N ARG A 91 -0.68 -14.45 0.07
CA ARG A 91 -1.01 -14.62 1.51
C ARG A 91 -0.12 -13.68 2.35
N THR A 92 -0.38 -13.60 3.63
CA THR A 92 0.41 -12.65 4.47
C THR A 92 1.44 -13.39 5.31
N GLU A 93 2.40 -12.67 5.82
CA GLU A 93 3.41 -13.25 6.74
C GLU A 93 3.88 -12.18 7.71
N ILE A 94 4.58 -12.53 8.75
CA ILE A 94 4.96 -11.49 9.73
C ILE A 94 6.31 -10.86 9.36
N ALA A 95 6.29 -9.70 8.75
CA ALA A 95 7.56 -9.01 8.40
C ALA A 95 8.40 -8.78 9.67
N LYS A 96 9.67 -9.03 9.61
CA LYS A 96 10.53 -8.85 10.82
C LYS A 96 11.39 -7.58 10.71
N LYS A 97 11.67 -7.12 9.52
CA LYS A 97 12.53 -5.92 9.38
C LYS A 97 12.11 -5.10 8.16
N VAL A 98 11.73 -3.87 8.36
CA VAL A 98 11.30 -3.03 7.20
C VAL A 98 11.86 -1.61 7.32
N THR A 99 12.27 -1.04 6.22
CA THR A 99 12.89 0.32 6.26
C THR A 99 12.05 1.30 5.45
N LEU A 100 11.81 2.48 5.97
CA LEU A 100 10.96 3.45 5.22
C LEU A 100 11.52 4.87 5.39
N ALA A 101 11.05 5.80 4.60
CA ALA A 101 11.60 7.18 4.68
C ALA A 101 10.46 8.21 4.73
N PRO A 102 10.23 8.72 5.90
CA PRO A 102 9.16 9.73 6.09
C PRO A 102 9.50 11.01 5.33
N ILE A 103 8.67 11.42 4.41
CA ILE A 103 8.98 12.66 3.65
C ILE A 103 8.37 13.88 4.35
N ILE A 104 9.16 14.56 5.14
CA ILE A 104 8.65 15.78 5.84
C ILE A 104 9.77 16.78 6.07
N ARG A 105 9.52 17.73 6.93
CA ARG A 105 10.58 18.71 7.28
C ARG A 105 11.38 18.20 8.49
N LYS A 106 12.64 18.52 8.56
CA LYS A 106 13.46 18.05 9.72
C LYS A 106 12.88 18.60 11.03
N ASP A 107 12.01 19.55 10.92
CA ASP A 107 11.41 20.15 12.14
C ASP A 107 9.88 20.02 12.09
N GLN A 108 9.38 18.94 11.59
CA GLN A 108 7.89 18.78 11.48
C GLN A 108 7.33 18.21 12.79
N ARG A 109 6.13 17.71 12.75
CA ARG A 109 5.47 17.29 14.02
C ARG A 109 5.79 15.82 14.35
N LEU A 110 6.12 15.04 13.35
CA LEU A 110 6.37 13.60 13.61
C LEU A 110 7.87 13.33 13.68
N LYS A 111 8.57 14.00 14.56
CA LYS A 111 10.02 13.69 14.77
C LYS A 111 10.34 13.76 16.27
N PHE A 112 10.98 12.74 16.77
CA PHE A 112 11.30 12.72 18.22
C PHE A 112 12.66 12.07 18.46
N GLY A 113 12.70 10.78 18.58
CA GLY A 113 13.98 10.11 18.90
C GLY A 113 13.78 8.63 19.22
N GLU A 114 14.72 8.05 19.90
CA GLU A 114 14.67 6.58 20.19
C GLU A 114 13.26 6.15 20.61
N GLY A 115 12.39 5.94 19.67
CA GLY A 115 10.96 5.72 19.99
C GLY A 115 10.12 5.96 18.73
N ILE A 116 10.57 6.85 17.89
CA ILE A 116 9.86 7.11 16.61
C ILE A 116 9.81 5.82 15.78
N GLU A 117 10.88 5.06 15.79
CA GLU A 117 10.86 3.76 15.06
C GLU A 117 9.77 2.85 15.63
N GLU A 118 9.65 2.80 16.92
CA GLU A 118 8.52 2.03 17.54
C GLU A 118 7.20 2.65 17.11
N TYR A 119 7.16 3.95 16.97
CA TYR A 119 5.90 4.62 16.57
C TYR A 119 5.45 4.10 15.20
N VAL A 120 6.38 3.86 14.31
CA VAL A 120 6.02 3.30 12.98
C VAL A 120 5.34 1.93 13.18
N GLN A 121 5.94 1.08 13.96
CA GLN A 121 5.27 -0.22 14.28
C GLN A 121 3.93 0.04 14.98
N ARG A 122 3.90 0.99 15.87
CA ARG A 122 2.63 1.27 16.60
C ARG A 122 1.53 1.66 15.63
N ALA A 123 1.85 2.44 14.62
CA ALA A 123 0.81 2.88 13.66
C ALA A 123 0.58 1.80 12.60
N LEU A 124 1.62 1.19 12.12
CA LEU A 124 1.46 0.24 10.98
C LEU A 124 1.34 -1.20 11.48
N ILE A 125 1.44 -1.41 12.76
CA ILE A 125 1.44 -2.82 13.28
C ILE A 125 0.36 -3.63 12.57
N ARG A 126 0.44 -4.94 12.65
CA ARG A 126 -0.55 -5.81 11.93
C ARG A 126 -0.98 -5.19 10.59
N ARG A 127 -0.05 -4.76 9.78
CA ARG A 127 -0.44 -4.16 8.47
C ARG A 127 0.39 -4.76 7.32
N PRO A 128 -0.26 -4.93 6.20
CA PRO A 128 0.42 -5.49 4.99
C PRO A 128 1.52 -4.53 4.53
N MET A 129 2.73 -4.99 4.36
CA MET A 129 3.82 -4.05 3.95
C MET A 129 4.49 -4.51 2.65
N LEU A 130 4.79 -3.59 1.79
CA LEU A 130 5.45 -3.94 0.51
C LEU A 130 6.52 -2.90 0.17
N GLU A 131 7.77 -3.30 0.19
CA GLU A 131 8.87 -2.32 -0.04
C GLU A 131 8.56 -1.46 -1.27
N GLN A 132 8.91 -0.20 -1.20
CA GLN A 132 8.61 0.78 -2.31
C GLN A 132 7.18 1.29 -2.20
N ASP A 133 6.42 0.80 -1.25
CA ASP A 133 5.05 1.33 -1.04
C ASP A 133 5.11 2.75 -0.48
N ASN A 134 3.98 3.35 -0.23
CA ASN A 134 3.97 4.73 0.34
C ASN A 134 2.75 4.90 1.24
N ILE A 135 2.93 5.38 2.44
CA ILE A 135 1.77 5.51 3.36
C ILE A 135 1.85 6.81 4.16
N SER A 136 0.75 7.21 4.71
CA SER A 136 0.76 8.45 5.57
C SER A 136 -0.15 8.25 6.78
N VAL A 137 0.20 8.85 7.89
CA VAL A 137 -0.64 8.70 9.11
C VAL A 137 -1.43 9.99 9.40
N PRO A 138 -0.72 11.07 9.66
CA PRO A 138 -1.39 12.36 9.96
C PRO A 138 -2.01 12.94 8.68
N GLY A 139 -3.04 13.74 8.81
CA GLY A 139 -3.66 14.35 7.61
C GLY A 139 -3.45 15.86 7.61
N LEU A 140 -2.22 16.29 7.75
CA LEU A 140 -1.96 17.76 7.79
C LEU A 140 -0.66 18.09 7.04
N THR A 141 -0.49 19.33 6.66
CA THR A 141 0.72 19.70 5.89
C THR A 141 1.19 21.11 6.27
N LEU A 142 2.05 21.69 5.48
CA LEU A 142 2.56 23.05 5.79
C LEU A 142 2.44 23.95 4.56
N ALA A 143 3.53 24.55 4.13
CA ALA A 143 3.48 25.40 2.92
C ALA A 143 2.89 24.63 1.74
N GLY A 144 3.20 25.04 0.54
CA GLY A 144 2.76 24.27 -0.64
C GLY A 144 3.69 23.07 -0.83
N GLN A 145 3.82 22.25 0.17
CA GLN A 145 4.68 21.04 0.06
C GLN A 145 3.82 19.82 -0.27
N THR A 146 4.44 18.77 -0.76
CA THR A 146 3.66 17.53 -1.06
C THR A 146 4.44 16.30 -0.60
N GLY A 147 3.76 15.25 -0.26
CA GLY A 147 4.47 14.03 0.22
C GLY A 147 4.04 13.73 1.66
N LEU A 148 4.77 14.24 2.62
CA LEU A 148 4.38 14.02 4.06
C LEU A 148 3.92 12.57 4.28
N LEU A 149 4.63 11.60 3.75
CA LEU A 149 4.24 10.18 3.96
C LEU A 149 5.50 9.33 4.17
N PHE A 150 5.34 8.10 4.57
CA PHE A 150 6.53 7.22 4.77
C PHE A 150 6.83 6.46 3.48
N LYS A 151 8.04 6.56 2.99
CA LYS A 151 8.40 5.83 1.74
C LYS A 151 9.16 4.54 2.08
N VAL A 152 8.53 3.41 1.94
CA VAL A 152 9.22 2.12 2.24
C VAL A 152 10.11 1.73 1.06
N VAL A 153 11.32 1.33 1.33
CA VAL A 153 12.23 0.97 0.21
C VAL A 153 12.85 -0.41 0.44
N LYS A 154 12.92 -0.87 1.66
CA LYS A 154 13.55 -2.20 1.91
C LYS A 154 12.76 -2.98 2.96
N THR A 155 12.38 -4.19 2.65
CA THR A 155 11.68 -5.04 3.66
C THR A 155 12.39 -6.38 3.78
N LEU A 156 12.03 -7.17 4.76
CA LEU A 156 12.74 -8.46 4.95
C LEU A 156 12.06 -9.56 4.13
N PRO A 157 10.75 -9.55 4.12
CA PRO A 157 10.00 -10.58 3.36
C PRO A 157 10.33 -10.46 1.86
N SER A 158 9.68 -11.25 1.05
CA SER A 158 9.92 -11.16 -0.42
C SER A 158 8.92 -10.15 -1.03
N LYS A 159 8.66 -10.28 -2.30
CA LYS A 159 7.76 -9.30 -2.97
C LYS A 159 6.31 -9.51 -2.52
N VAL A 160 6.09 -10.50 -1.71
CA VAL A 160 4.70 -10.80 -1.25
C VAL A 160 4.35 -9.97 -0.02
N PRO A 161 3.13 -9.47 -0.02
CA PRO A 161 2.65 -8.65 1.11
C PRO A 161 2.94 -9.34 2.44
N VAL A 162 3.29 -8.57 3.44
CA VAL A 162 3.43 -9.17 4.81
C VAL A 162 2.66 -8.33 5.81
N GLU A 163 2.32 -8.88 6.93
CA GLU A 163 1.63 -8.08 7.96
C GLU A 163 2.58 -7.75 9.10
N ILE A 164 2.68 -6.50 9.43
CA ILE A 164 3.60 -6.09 10.51
C ILE A 164 3.08 -6.57 11.86
N GLY A 165 3.95 -6.73 12.82
CA GLY A 165 3.49 -7.13 14.18
C GLY A 165 4.33 -6.43 15.22
N GLU A 166 3.90 -6.46 16.45
CA GLU A 166 4.64 -5.75 17.52
C GLU A 166 6.11 -6.21 17.53
N GLU A 167 6.36 -7.40 17.05
CA GLU A 167 7.75 -7.93 17.09
C GLU A 167 8.53 -7.52 15.84
N THR A 168 7.84 -7.09 14.81
CA THR A 168 8.54 -6.65 13.57
C THR A 168 9.54 -5.54 13.89
N LYS A 169 10.59 -5.42 13.11
CA LYS A 169 11.58 -4.35 13.40
C LYS A 169 11.35 -3.15 12.48
N ILE A 170 11.73 -1.98 12.91
CA ILE A 170 11.52 -0.77 12.06
C ILE A 170 12.85 -0.17 11.63
N GLU A 171 13.00 0.11 10.37
CA GLU A 171 14.18 0.88 9.92
C GLU A 171 13.74 2.23 9.38
N ILE A 172 14.35 3.28 9.84
CA ILE A 172 13.94 4.64 9.41
C ILE A 172 15.16 5.44 8.99
N ARG A 173 15.06 6.21 7.94
CA ARG A 173 16.22 7.03 7.50
C ARG A 173 16.20 8.38 8.23
N GLU A 174 17.23 9.18 8.05
CA GLU A 174 17.31 10.46 8.80
C GLU A 174 17.14 11.66 7.86
N GLU A 175 17.01 11.41 6.58
CA GLU A 175 16.88 12.54 5.62
C GLU A 175 15.41 12.74 5.25
N PRO A 176 14.86 13.82 5.75
CA PRO A 176 13.44 14.15 5.48
C PRO A 176 13.29 14.64 4.04
N ALA A 177 12.29 15.43 3.80
CA ALA A 177 12.13 16.02 2.44
C ALA A 177 13.17 17.12 2.22
N SER A 178 14.42 16.80 2.41
CA SER A 178 15.49 17.80 2.15
C SER A 178 15.80 17.85 0.65
N GLU A 179 15.73 19.01 0.06
CA GLU A 179 16.00 19.12 -1.40
C GLU A 179 15.02 18.25 -2.19
N VAL A 180 13.93 17.91 -1.59
CA VAL A 180 12.92 17.04 -2.30
C VAL A 180 11.67 17.86 -2.63
N LEU A 181 11.35 17.98 -3.90
CA LEU A 181 10.14 18.76 -4.34
C LEU A 181 9.62 19.68 -3.22
N GLU A 182 10.33 20.73 -2.93
CA GLU A 182 9.88 21.67 -1.87
C GLU A 182 10.16 23.12 -2.29
N GLU A 183 9.49 24.07 -1.71
CA GLU A 183 9.69 25.49 -2.12
C GLU A 183 11.14 25.90 -1.91
N GLY A 184 11.81 25.31 -0.95
CA GLY A 184 13.24 25.67 -0.71
C GLY A 184 14.14 24.70 -1.47
N GLY A 185 15.42 24.83 -1.30
CA GLY A 185 16.37 23.91 -2.02
C GLY A 185 17.39 24.73 -2.79
N MET A 1 1.24 -21.73 -3.78
CA MET A 1 2.58 -22.34 -4.00
C MET A 1 3.65 -21.24 -4.11
N GLU A 2 4.84 -21.59 -4.50
CA GLU A 2 5.91 -20.56 -4.63
C GLU A 2 5.50 -19.49 -5.64
N SER A 3 4.87 -19.89 -6.72
CA SER A 3 4.45 -18.90 -7.76
C SER A 3 2.98 -18.55 -7.57
N ASN A 4 2.61 -17.32 -7.84
CA ASN A 4 1.19 -16.91 -7.67
C ASN A 4 0.71 -16.19 -8.93
N ASN A 5 -0.58 -16.06 -9.10
CA ASN A 5 -1.11 -15.43 -10.34
C ASN A 5 -2.07 -14.30 -10.00
N GLY A 6 -2.31 -13.41 -10.94
CA GLY A 6 -3.28 -12.31 -10.70
C GLY A 6 -4.01 -11.99 -12.01
N ILE A 7 -4.66 -10.86 -12.09
CA ILE A 7 -5.38 -10.51 -13.34
C ILE A 7 -5.16 -9.04 -13.68
N ILE A 8 -5.33 -8.67 -14.92
CA ILE A 8 -5.10 -7.25 -15.31
C ILE A 8 -6.43 -6.52 -15.45
N LEU A 9 -6.66 -5.54 -14.62
CA LEU A 9 -7.95 -4.78 -14.70
C LEU A 9 -7.69 -3.29 -14.48
N ARG A 10 -8.72 -2.51 -14.35
CA ARG A 10 -8.50 -1.03 -14.24
C ARG A 10 -8.85 -0.53 -12.84
N VAL A 11 -8.07 0.37 -12.34
CA VAL A 11 -8.35 0.94 -10.99
C VAL A 11 -9.70 1.65 -10.96
N ALA A 12 -10.47 1.44 -9.93
CA ALA A 12 -11.79 2.14 -9.83
C ALA A 12 -11.79 3.07 -8.61
N GLU A 13 -12.55 4.12 -8.65
CA GLU A 13 -12.65 5.02 -7.46
C GLU A 13 -13.69 6.11 -7.70
N ALA A 14 -14.75 6.11 -6.94
CA ALA A 14 -15.80 7.15 -7.10
C ALA A 14 -15.64 8.23 -6.03
N ASN A 15 -14.62 8.12 -5.22
CA ASN A 15 -14.42 9.13 -4.13
C ASN A 15 -15.63 9.17 -3.21
N SER A 16 -16.30 8.07 -3.03
CA SER A 16 -17.47 8.04 -2.11
C SER A 16 -17.01 8.22 -0.66
N THR A 17 -16.02 7.48 -0.25
CA THR A 17 -15.50 7.62 1.15
C THR A 17 -13.98 7.54 1.16
N ASP A 18 -13.34 8.17 2.11
CA ASP A 18 -11.85 8.18 2.14
C ASP A 18 -11.29 6.83 2.64
N PRO A 19 -12.01 6.20 3.55
CA PRO A 19 -11.54 4.90 4.10
C PRO A 19 -11.53 3.83 2.99
N GLY A 20 -10.76 2.78 3.19
CA GLY A 20 -10.70 1.70 2.17
C GLY A 20 -9.52 1.93 1.25
N MET A 21 -8.41 2.36 1.79
CA MET A 21 -7.19 2.54 0.97
C MET A 21 -6.39 1.24 0.96
N SER A 22 -6.90 0.23 1.60
CA SER A 22 -6.17 -1.08 1.62
C SER A 22 -7.13 -2.23 1.36
N ARG A 23 -8.31 -1.95 0.87
CA ARG A 23 -9.30 -3.04 0.61
C ARG A 23 -9.66 -3.08 -0.87
N VAL A 24 -9.80 -4.24 -1.43
CA VAL A 24 -10.19 -4.34 -2.87
C VAL A 24 -11.57 -4.96 -3.01
N ARG A 25 -12.50 -4.26 -3.59
CA ARG A 25 -13.84 -4.87 -3.82
C ARG A 25 -13.89 -5.46 -5.23
N LEU A 26 -14.13 -6.73 -5.33
CA LEU A 26 -14.15 -7.38 -6.68
C LEU A 26 -15.35 -8.30 -6.79
N ASP A 27 -15.62 -8.81 -7.96
CA ASP A 27 -16.83 -9.67 -8.11
C ASP A 27 -16.48 -11.13 -7.81
N GLU A 28 -17.48 -11.96 -7.72
CA GLU A 28 -17.23 -13.38 -7.29
C GLU A 28 -16.19 -13.99 -8.22
N SER A 29 -16.30 -13.71 -9.48
CA SER A 29 -15.30 -14.24 -10.45
C SER A 29 -13.92 -13.64 -10.15
N SER A 30 -13.78 -12.34 -10.20
CA SER A 30 -12.45 -11.75 -9.94
C SER A 30 -11.87 -12.34 -8.65
N ARG A 31 -12.71 -12.71 -7.73
CA ARG A 31 -12.21 -13.32 -6.48
C ARG A 31 -11.90 -14.81 -6.67
N ARG A 32 -12.80 -15.56 -7.24
CA ARG A 32 -12.62 -17.03 -7.28
C ARG A 32 -11.94 -17.48 -8.59
N LEU A 33 -11.89 -16.62 -9.57
CA LEU A 33 -11.28 -17.03 -10.87
C LEU A 33 -9.82 -17.41 -10.67
N LEU A 34 -9.16 -16.84 -9.70
CA LEU A 34 -7.78 -17.26 -9.39
C LEU A 34 -7.76 -18.15 -8.15
N ASP A 35 -7.94 -17.55 -7.01
CA ASP A 35 -7.98 -18.33 -5.74
C ASP A 35 -8.48 -17.42 -4.61
N ALA A 36 -8.29 -16.13 -4.74
CA ALA A 36 -8.71 -15.18 -3.69
C ALA A 36 -9.98 -15.67 -2.99
N GLU A 37 -9.88 -15.90 -1.71
CA GLU A 37 -11.10 -16.23 -0.92
C GLU A 37 -11.49 -14.99 -0.09
N ILE A 38 -12.58 -15.05 0.60
CA ILE A 38 -12.98 -13.87 1.42
C ILE A 38 -11.88 -13.56 2.44
N GLY A 39 -11.39 -12.35 2.42
CA GLY A 39 -10.41 -11.93 3.47
C GLY A 39 -9.03 -12.55 3.20
N ASP A 40 -8.71 -12.80 1.95
CA ASP A 40 -7.32 -13.19 1.62
C ASP A 40 -6.49 -11.94 1.31
N VAL A 41 -5.21 -12.08 1.18
CA VAL A 41 -4.36 -10.87 0.95
C VAL A 41 -4.04 -10.73 -0.55
N VAL A 42 -4.26 -9.56 -1.09
CA VAL A 42 -4.08 -9.39 -2.57
C VAL A 42 -2.98 -8.37 -2.86
N GLU A 43 -2.23 -8.58 -3.89
CA GLU A 43 -1.16 -7.60 -4.23
C GLU A 43 -1.49 -6.89 -5.55
N ILE A 44 -1.23 -5.61 -5.63
CA ILE A 44 -1.60 -4.87 -6.88
C ILE A 44 -0.37 -4.20 -7.49
N GLU A 45 -0.29 -4.15 -8.79
CA GLU A 45 0.90 -3.54 -9.43
C GLU A 45 0.55 -2.92 -10.78
N LYS A 46 0.36 -1.63 -10.83
CA LYS A 46 0.16 -0.94 -12.14
C LYS A 46 1.48 -0.31 -12.61
N VAL A 47 1.95 0.67 -11.90
CA VAL A 47 3.29 1.27 -12.22
C VAL A 47 4.32 0.74 -11.23
N ARG A 48 3.92 0.52 -10.01
CA ARG A 48 4.82 -0.11 -9.01
C ARG A 48 4.06 -1.19 -8.25
N LYS A 49 4.71 -1.84 -7.33
CA LYS A 49 4.02 -2.93 -6.58
C LYS A 49 3.31 -2.39 -5.35
N THR A 50 2.15 -2.92 -5.07
CA THR A 50 1.43 -2.51 -3.83
C THR A 50 0.71 -3.73 -3.24
N VAL A 51 0.19 -3.58 -2.05
CA VAL A 51 -0.55 -4.71 -1.41
C VAL A 51 -1.96 -4.25 -1.04
N GLY A 52 -2.82 -5.18 -0.71
CA GLY A 52 -4.17 -4.80 -0.22
C GLY A 52 -4.94 -6.06 0.16
N ARG A 53 -6.21 -5.92 0.46
CA ARG A 53 -6.99 -7.11 0.90
C ARG A 53 -8.20 -7.31 -0.01
N VAL A 54 -8.81 -8.47 0.04
CA VAL A 54 -9.91 -8.77 -0.91
C VAL A 54 -11.27 -8.48 -0.27
N TYR A 55 -12.15 -7.89 -1.02
CA TYR A 55 -13.53 -7.66 -0.50
C TYR A 55 -14.56 -8.19 -1.49
N ARG A 56 -15.79 -8.31 -1.07
CA ARG A 56 -16.86 -8.77 -2.00
C ARG A 56 -17.50 -7.56 -2.69
N ALA A 57 -17.48 -7.54 -4.00
CA ALA A 57 -18.09 -6.38 -4.73
C ALA A 57 -19.58 -6.31 -4.43
N ARG A 58 -20.08 -5.14 -4.14
CA ARG A 58 -21.55 -5.02 -3.96
C ARG A 58 -22.24 -5.47 -5.24
N PRO A 59 -21.77 -4.96 -6.35
CA PRO A 59 -22.32 -5.34 -7.65
C PRO A 59 -21.52 -6.51 -8.21
N GLU A 60 -22.02 -7.69 -8.05
CA GLU A 60 -21.26 -8.90 -8.50
C GLU A 60 -21.28 -9.02 -10.04
N ASP A 61 -21.21 -7.91 -10.72
CA ASP A 61 -21.25 -7.96 -12.22
C ASP A 61 -20.33 -6.88 -12.80
N GLU A 62 -20.17 -5.78 -12.12
CA GLU A 62 -19.28 -4.70 -12.63
C GLU A 62 -17.85 -4.96 -12.16
N ASN A 63 -17.72 -5.61 -11.03
CA ASN A 63 -16.37 -5.95 -10.52
C ASN A 63 -15.82 -7.20 -11.22
N LYS A 64 -16.04 -7.31 -12.50
CA LYS A 64 -15.49 -8.48 -13.26
C LYS A 64 -14.19 -8.06 -13.96
N GLY A 65 -13.74 -6.86 -13.73
CA GLY A 65 -12.47 -6.40 -14.32
C GLY A 65 -12.18 -4.98 -13.84
N ILE A 66 -12.62 -4.66 -12.67
CA ILE A 66 -12.30 -3.34 -12.06
C ILE A 66 -12.02 -3.51 -10.57
N VAL A 67 -11.13 -2.74 -10.02
CA VAL A 67 -10.87 -2.86 -8.56
C VAL A 67 -11.17 -1.53 -7.86
N ARG A 68 -11.96 -1.56 -6.83
CA ARG A 68 -12.31 -0.29 -6.14
C ARG A 68 -11.30 0.02 -5.03
N ILE A 69 -10.49 1.03 -5.22
CA ILE A 69 -9.50 1.39 -4.17
C ILE A 69 -9.56 2.89 -3.89
N ASP A 70 -8.95 3.31 -2.81
CA ASP A 70 -8.90 4.77 -2.50
C ASP A 70 -7.80 5.43 -3.35
N SER A 71 -7.75 6.73 -3.32
CA SER A 71 -6.70 7.45 -4.11
C SER A 71 -5.31 7.09 -3.58
N VAL A 72 -5.23 6.66 -2.35
CA VAL A 72 -3.90 6.36 -1.75
C VAL A 72 -3.27 5.14 -2.43
N MET A 73 -4.00 4.07 -2.55
CA MET A 73 -3.45 2.88 -3.26
C MET A 73 -3.12 3.26 -4.70
N ARG A 74 -4.00 3.98 -5.34
CA ARG A 74 -3.70 4.48 -6.71
C ARG A 74 -2.45 5.38 -6.66
N ASN A 75 -2.33 6.20 -5.64
CA ASN A 75 -1.13 7.09 -5.55
C ASN A 75 0.11 6.27 -5.22
N ASN A 76 -0.05 5.16 -4.53
CA ASN A 76 1.13 4.35 -4.13
C ASN A 76 1.91 3.89 -5.37
N CYS A 77 1.24 3.53 -6.41
CA CYS A 77 1.95 2.98 -7.60
C CYS A 77 2.14 4.07 -8.67
N GLY A 78 1.17 4.93 -8.83
CA GLY A 78 1.32 6.06 -9.80
C GLY A 78 0.31 5.90 -10.94
N ALA A 79 -0.86 5.41 -10.65
CA ALA A 79 -1.86 5.19 -11.73
C ALA A 79 -3.06 6.14 -11.55
N SER A 80 -3.87 6.27 -12.57
CA SER A 80 -5.07 7.13 -12.46
C SER A 80 -6.33 6.27 -12.55
N ILE A 81 -7.48 6.82 -12.29
CA ILE A 81 -8.72 6.01 -12.39
C ILE A 81 -8.80 5.34 -13.75
N GLY A 82 -9.27 4.13 -13.79
CA GLY A 82 -9.54 3.48 -15.09
C GLY A 82 -8.22 3.03 -15.74
N ASP A 83 -7.11 3.24 -15.08
CA ASP A 83 -5.83 2.74 -15.62
C ASP A 83 -5.86 1.23 -15.78
N LYS A 84 -4.72 0.62 -15.87
CA LYS A 84 -4.66 -0.86 -16.00
C LYS A 84 -3.64 -1.43 -15.01
N VAL A 85 -4.09 -2.10 -13.99
CA VAL A 85 -3.14 -2.69 -13.00
C VAL A 85 -3.35 -4.20 -12.92
N LYS A 86 -2.32 -4.93 -12.57
CA LYS A 86 -2.48 -6.40 -12.39
C LYS A 86 -2.56 -6.75 -10.91
N VAL A 87 -3.60 -7.43 -10.51
CA VAL A 87 -3.74 -7.79 -9.07
C VAL A 87 -3.47 -9.28 -8.89
N ARG A 88 -2.54 -9.63 -8.04
CA ARG A 88 -2.25 -11.07 -7.81
C ARG A 88 -2.64 -11.44 -6.37
N LYS A 89 -3.26 -12.56 -6.20
CA LYS A 89 -3.60 -12.97 -4.81
C LYS A 89 -2.35 -13.41 -4.07
N VAL A 90 -2.28 -13.11 -2.80
CA VAL A 90 -1.11 -13.54 -2.00
C VAL A 90 -1.54 -13.81 -0.56
N ARG A 91 -0.61 -14.00 0.32
CA ARG A 91 -0.96 -14.25 1.75
C ARG A 91 -0.07 -13.41 2.65
N THR A 92 -0.32 -13.43 3.93
CA THR A 92 0.45 -12.53 4.84
C THR A 92 1.42 -13.33 5.72
N GLU A 93 2.41 -12.65 6.23
CA GLU A 93 3.38 -13.30 7.16
C GLU A 93 3.92 -12.23 8.12
N ILE A 94 4.72 -12.59 9.06
CA ILE A 94 5.19 -11.55 10.03
C ILE A 94 6.52 -10.94 9.57
N ALA A 95 6.47 -9.79 8.96
CA ALA A 95 7.73 -9.08 8.58
C ALA A 95 8.61 -8.86 9.81
N LYS A 96 9.89 -9.04 9.68
CA LYS A 96 10.79 -8.84 10.86
C LYS A 96 11.60 -7.55 10.73
N LYS A 97 11.86 -7.10 9.52
CA LYS A 97 12.69 -5.86 9.36
C LYS A 97 12.27 -5.12 8.08
N VAL A 98 11.93 -3.87 8.21
CA VAL A 98 11.51 -3.11 7.00
C VAL A 98 12.09 -1.70 7.02
N THR A 99 12.36 -1.13 5.88
CA THR A 99 12.96 0.24 5.82
C THR A 99 12.02 1.18 5.06
N LEU A 100 11.71 2.32 5.61
CA LEU A 100 10.74 3.23 4.92
C LEU A 100 11.23 4.68 4.96
N ALA A 101 10.59 5.54 4.21
CA ALA A 101 11.08 6.96 4.12
C ALA A 101 9.94 7.95 4.37
N PRO A 102 9.75 8.28 5.62
CA PRO A 102 8.68 9.23 6.01
C PRO A 102 8.92 10.60 5.36
N ILE A 103 7.97 11.11 4.63
CA ILE A 103 8.16 12.43 3.97
C ILE A 103 7.52 13.54 4.82
N ILE A 104 8.31 14.32 5.48
CA ILE A 104 7.76 15.45 6.30
C ILE A 104 8.76 16.60 6.38
N ARG A 105 8.55 17.51 7.29
CA ARG A 105 9.50 18.66 7.44
C ARG A 105 10.63 18.29 8.40
N LYS A 106 11.73 18.98 8.33
CA LYS A 106 12.91 18.59 9.16
C LYS A 106 12.55 18.58 10.64
N ASP A 107 11.46 19.19 10.98
CA ASP A 107 11.03 19.22 12.40
C ASP A 107 9.61 18.67 12.55
N GLN A 108 9.21 17.79 11.67
CA GLN A 108 7.82 17.25 11.75
C GLN A 108 7.79 15.94 12.54
N ARG A 109 8.15 14.85 11.91
CA ARG A 109 8.09 13.53 12.61
C ARG A 109 9.49 12.96 12.82
N LEU A 110 10.45 13.41 12.06
CA LEU A 110 11.80 12.78 12.16
C LEU A 110 12.71 13.62 13.06
N LYS A 111 12.18 14.08 14.16
CA LYS A 111 13.04 14.80 15.15
C LYS A 111 12.70 14.34 16.58
N PHE A 112 12.90 13.09 16.89
CA PHE A 112 12.60 12.60 18.26
C PHE A 112 13.58 11.51 18.68
N GLY A 113 13.65 10.45 17.93
CA GLY A 113 14.53 9.31 18.31
C GLY A 113 13.89 8.54 19.45
N GLU A 114 14.50 7.48 19.90
CA GLU A 114 13.93 6.72 21.05
C GLU A 114 12.45 6.44 20.81
N GLY A 115 12.13 5.27 20.29
CA GLY A 115 10.70 4.90 20.13
C GLY A 115 10.18 5.39 18.78
N ILE A 116 10.93 6.19 18.10
CA ILE A 116 10.50 6.68 16.75
C ILE A 116 10.34 5.50 15.79
N GLU A 117 11.27 4.58 15.81
CA GLU A 117 11.14 3.37 14.93
C GLU A 117 10.01 2.49 15.44
N GLU A 118 9.89 2.33 16.73
CA GLU A 118 8.76 1.54 17.30
C GLU A 118 7.45 2.27 17.04
N TYR A 119 7.49 3.58 16.98
CA TYR A 119 6.24 4.36 16.76
C TYR A 119 5.62 3.95 15.42
N VAL A 120 6.43 3.78 14.41
CA VAL A 120 5.90 3.25 13.12
C VAL A 120 5.31 1.86 13.33
N GLN A 121 5.97 1.02 14.07
CA GLN A 121 5.38 -0.32 14.37
C GLN A 121 4.06 -0.14 15.12
N ARG A 122 4.02 0.73 16.08
CA ARG A 122 2.78 0.91 16.87
C ARG A 122 1.63 1.34 15.95
N ALA A 123 1.88 2.29 15.10
CA ALA A 123 0.82 2.75 14.17
C ALA A 123 0.57 1.72 13.07
N LEU A 124 1.61 1.15 12.52
CA LEU A 124 1.44 0.22 11.38
C LEU A 124 1.47 -1.24 11.84
N ILE A 125 1.49 -1.48 13.12
CA ILE A 125 1.57 -2.88 13.60
C ILE A 125 0.54 -3.74 12.87
N ARG A 126 0.65 -5.04 12.96
CA ARG A 126 -0.31 -5.95 12.25
C ARG A 126 -0.79 -5.34 10.93
N ARG A 127 0.09 -4.79 10.14
CA ARG A 127 -0.34 -4.20 8.83
C ARG A 127 0.48 -4.77 7.67
N PRO A 128 -0.20 -5.05 6.59
CA PRO A 128 0.47 -5.59 5.37
C PRO A 128 1.57 -4.64 4.89
N MET A 129 2.76 -5.12 4.67
CA MET A 129 3.85 -4.20 4.20
C MET A 129 4.48 -4.73 2.92
N LEU A 130 4.74 -3.86 1.98
CA LEU A 130 5.34 -4.29 0.70
C LEU A 130 6.43 -3.30 0.28
N GLU A 131 7.66 -3.74 0.23
CA GLU A 131 8.77 -2.80 -0.11
C GLU A 131 8.43 -1.98 -1.36
N GLN A 132 8.83 -0.74 -1.37
CA GLN A 132 8.56 0.16 -2.54
C GLN A 132 7.17 0.78 -2.41
N ASP A 133 6.39 0.30 -1.49
CA ASP A 133 5.05 0.91 -1.27
C ASP A 133 5.20 2.30 -0.62
N ASN A 134 4.11 2.97 -0.39
CA ASN A 134 4.17 4.29 0.30
C ASN A 134 2.89 4.49 1.12
N ILE A 135 3.00 4.83 2.37
CA ILE A 135 1.75 4.89 3.19
C ILE A 135 1.77 6.09 4.14
N SER A 136 0.62 6.42 4.67
CA SER A 136 0.54 7.51 5.68
C SER A 136 -0.39 7.10 6.83
N VAL A 137 -0.14 7.59 8.01
CA VAL A 137 -1.01 7.24 9.16
C VAL A 137 -1.99 8.41 9.39
N PRO A 138 -2.72 8.36 10.48
CA PRO A 138 -3.69 9.44 10.77
C PRO A 138 -2.93 10.72 11.12
N GLY A 139 -2.11 11.18 10.24
CA GLY A 139 -1.42 12.47 10.45
C GLY A 139 -1.88 13.46 9.38
N LEU A 140 -2.66 14.42 9.76
CA LEU A 140 -3.19 15.39 8.75
C LEU A 140 -2.20 16.54 8.58
N THR A 141 -2.08 17.04 7.38
CA THR A 141 -1.00 18.03 7.10
C THR A 141 -1.23 19.33 7.88
N LEU A 142 -0.52 20.36 7.50
CA LEU A 142 -0.66 21.66 8.21
C LEU A 142 -0.62 22.80 7.18
N ALA A 143 0.44 23.56 7.18
CA ALA A 143 0.60 24.61 6.13
C ALA A 143 0.52 23.99 4.73
N GLY A 144 1.10 24.62 3.77
CA GLY A 144 1.11 24.04 2.39
C GLY A 144 2.24 23.01 2.28
N GLN A 145 2.24 22.03 3.14
CA GLN A 145 3.28 20.95 3.04
C GLN A 145 2.69 19.72 2.34
N THR A 146 3.53 18.84 1.87
CA THR A 146 3.03 17.62 1.17
C THR A 146 3.86 16.40 1.57
N GLY A 147 3.30 15.24 1.46
CA GLY A 147 4.07 14.00 1.82
C GLY A 147 3.45 13.38 3.07
N LEU A 148 3.86 13.81 4.23
CA LEU A 148 3.24 13.27 5.49
C LEU A 148 2.99 11.75 5.39
N LEU A 149 3.74 11.05 4.59
CA LEU A 149 3.61 9.57 4.51
C LEU A 149 5.00 8.95 4.39
N PHE A 150 5.13 7.67 4.58
CA PHE A 150 6.49 7.07 4.42
C PHE A 150 6.56 6.13 3.22
N LYS A 151 7.64 6.18 2.50
CA LYS A 151 7.79 5.29 1.31
C LYS A 151 8.66 4.09 1.67
N VAL A 152 8.08 2.91 1.66
CA VAL A 152 8.89 1.71 1.99
C VAL A 152 9.77 1.33 0.81
N VAL A 153 11.01 1.01 1.05
CA VAL A 153 11.92 0.69 -0.08
C VAL A 153 12.52 -0.70 0.09
N LYS A 154 12.64 -1.17 1.31
CA LYS A 154 13.29 -2.49 1.52
C LYS A 154 12.61 -3.24 2.67
N THR A 155 12.28 -4.48 2.46
CA THR A 155 11.64 -5.28 3.56
C THR A 155 12.37 -6.62 3.70
N LEU A 156 12.08 -7.34 4.75
CA LEU A 156 12.78 -8.63 4.97
C LEU A 156 12.02 -9.78 4.28
N PRO A 157 10.73 -9.74 4.35
CA PRO A 157 9.90 -10.80 3.72
C PRO A 157 10.13 -10.84 2.21
N SER A 158 9.40 -11.66 1.51
CA SER A 158 9.55 -11.74 0.03
C SER A 158 8.60 -10.76 -0.66
N LYS A 159 8.38 -10.94 -1.93
CA LYS A 159 7.53 -9.98 -2.68
C LYS A 159 6.07 -10.08 -2.23
N VAL A 160 5.77 -11.02 -1.39
CA VAL A 160 4.37 -11.19 -0.92
C VAL A 160 4.10 -10.30 0.29
N PRO A 161 2.93 -9.75 0.33
CA PRO A 161 2.52 -8.86 1.43
C PRO A 161 2.86 -9.50 2.78
N VAL A 162 3.24 -8.72 3.74
CA VAL A 162 3.46 -9.27 5.11
C VAL A 162 2.71 -8.42 6.13
N GLU A 163 2.45 -8.96 7.27
CA GLU A 163 1.76 -8.15 8.32
C GLU A 163 2.76 -7.81 9.42
N ILE A 164 2.84 -6.56 9.75
CA ILE A 164 3.81 -6.12 10.79
C ILE A 164 3.36 -6.62 12.15
N GLY A 165 4.27 -6.77 13.07
CA GLY A 165 3.88 -7.18 14.44
C GLY A 165 4.73 -6.42 15.45
N GLU A 166 4.35 -6.46 16.69
CA GLU A 166 5.10 -5.68 17.71
C GLU A 166 6.59 -6.08 17.72
N GLU A 167 6.89 -7.25 17.22
CA GLU A 167 8.30 -7.74 17.25
C GLU A 167 9.05 -7.31 15.98
N THR A 168 8.34 -6.95 14.96
CA THR A 168 9.00 -6.54 13.68
C THR A 168 9.96 -5.37 13.93
N LYS A 169 10.94 -5.18 13.09
CA LYS A 169 11.89 -4.05 13.28
C LYS A 169 11.58 -2.92 12.30
N ILE A 170 11.93 -1.72 12.63
CA ILE A 170 11.62 -0.57 11.73
C ILE A 170 12.90 0.13 11.29
N GLU A 171 13.07 0.34 10.02
CA GLU A 171 14.19 1.20 9.56
C GLU A 171 13.67 2.42 8.84
N ILE A 172 14.14 3.56 9.21
CA ILE A 172 13.63 4.82 8.61
C ILE A 172 14.78 5.76 8.26
N ARG A 173 14.76 6.34 7.09
CA ARG A 173 15.88 7.24 6.68
C ARG A 173 15.61 8.67 7.14
N GLU A 174 16.61 9.50 7.12
CA GLU A 174 16.44 10.90 7.61
C GLU A 174 16.23 11.85 6.44
N GLU A 175 16.00 11.33 5.26
CA GLU A 175 15.80 12.20 4.08
C GLU A 175 14.30 12.44 3.86
N PRO A 176 13.90 13.65 4.11
CA PRO A 176 12.47 14.04 3.95
C PRO A 176 12.09 14.10 2.48
N ALA A 177 11.12 14.89 2.16
CA ALA A 177 10.70 15.04 0.74
C ALA A 177 11.78 15.78 -0.06
N SER A 178 12.99 15.31 -0.01
CA SER A 178 14.09 15.97 -0.77
C SER A 178 14.09 15.48 -2.22
N GLU A 179 13.92 16.36 -3.16
CA GLU A 179 13.92 15.95 -4.59
C GLU A 179 12.81 14.94 -4.86
N VAL A 180 11.84 14.88 -4.00
CA VAL A 180 10.69 13.94 -4.22
C VAL A 180 9.56 14.66 -4.96
N LEU A 181 9.78 15.89 -5.34
CA LEU A 181 8.73 16.66 -6.06
C LEU A 181 9.29 17.22 -7.37
N GLU A 182 9.62 16.38 -8.30
CA GLU A 182 10.18 16.87 -9.59
C GLU A 182 9.78 15.93 -10.73
N GLU A 183 9.85 16.41 -11.95
CA GLU A 183 9.45 15.55 -13.11
C GLU A 183 10.32 14.30 -13.17
N GLY A 184 9.73 13.17 -13.48
CA GLY A 184 10.52 11.91 -13.56
C GLY A 184 10.54 11.22 -12.19
N GLY A 185 9.92 11.83 -11.21
CA GLY A 185 9.89 11.20 -9.85
C GLY A 185 9.10 9.89 -9.92
N MET A 1 3.65 -25.74 -9.69
CA MET A 1 3.25 -26.17 -8.33
C MET A 1 2.44 -25.08 -7.63
N GLU A 2 3.09 -24.07 -7.14
CA GLU A 2 2.37 -22.97 -6.45
C GLU A 2 1.37 -22.32 -7.43
N SER A 3 1.74 -22.15 -8.66
CA SER A 3 0.82 -21.53 -9.64
C SER A 3 0.25 -20.22 -9.11
N ASN A 4 1.10 -19.34 -8.63
CA ASN A 4 0.60 -18.06 -8.08
C ASN A 4 0.62 -16.97 -9.16
N ASN A 5 -0.52 -16.40 -9.46
CA ASN A 5 -0.58 -15.34 -10.50
C ASN A 5 -1.68 -14.33 -10.17
N GLY A 6 -1.99 -13.45 -11.08
CA GLY A 6 -3.07 -12.46 -10.81
C GLY A 6 -3.78 -12.12 -12.11
N ILE A 7 -4.46 -11.00 -12.15
CA ILE A 7 -5.18 -10.62 -13.41
C ILE A 7 -5.02 -9.11 -13.66
N ILE A 8 -5.06 -8.70 -14.90
CA ILE A 8 -4.94 -7.25 -15.19
C ILE A 8 -6.33 -6.64 -15.38
N LEU A 9 -6.68 -5.69 -14.56
CA LEU A 9 -8.02 -5.06 -14.69
C LEU A 9 -7.92 -3.54 -14.58
N ARG A 10 -9.03 -2.89 -14.43
CA ARG A 10 -9.00 -1.39 -14.45
C ARG A 10 -9.20 -0.82 -13.05
N VAL A 11 -8.36 0.09 -12.66
CA VAL A 11 -8.52 0.74 -11.32
C VAL A 11 -9.86 1.49 -11.25
N ALA A 12 -10.53 1.40 -10.14
CA ALA A 12 -11.84 2.10 -10.00
C ALA A 12 -11.80 3.11 -8.85
N GLU A 13 -12.61 4.12 -8.93
CA GLU A 13 -12.69 5.09 -7.79
C GLU A 13 -13.76 6.15 -8.06
N ALA A 14 -14.39 6.63 -7.03
CA ALA A 14 -15.48 7.63 -7.22
C ALA A 14 -15.26 8.84 -6.31
N ASN A 15 -15.87 9.96 -6.63
CA ASN A 15 -15.72 11.17 -5.78
C ASN A 15 -16.03 10.84 -4.32
N SER A 16 -16.84 9.85 -4.09
CA SER A 16 -17.22 9.51 -2.68
C SER A 16 -15.96 9.14 -1.88
N THR A 17 -16.04 9.22 -0.58
CA THR A 17 -14.83 8.93 0.26
C THR A 17 -14.33 7.51 0.01
N ASP A 18 -15.23 6.57 -0.12
CA ASP A 18 -14.80 5.15 -0.37
C ASP A 18 -13.53 4.84 0.40
N PRO A 19 -13.61 4.96 1.70
CA PRO A 19 -12.44 4.68 2.57
C PRO A 19 -12.00 3.22 2.45
N GLY A 20 -10.84 2.88 2.95
CA GLY A 20 -10.37 1.48 2.87
C GLY A 20 -9.44 1.30 1.67
N MET A 21 -8.19 1.63 1.82
CA MET A 21 -7.23 1.45 0.70
C MET A 21 -6.60 0.05 0.76
N SER A 22 -6.82 -0.66 1.84
CA SER A 22 -6.25 -2.03 1.95
C SER A 22 -7.31 -3.07 1.61
N ARG A 23 -8.48 -2.63 1.27
CA ARG A 23 -9.57 -3.58 0.90
C ARG A 23 -9.87 -3.49 -0.60
N VAL A 24 -9.89 -4.60 -1.29
CA VAL A 24 -10.22 -4.56 -2.73
C VAL A 24 -11.59 -5.19 -2.97
N ARG A 25 -12.54 -4.42 -3.41
CA ARG A 25 -13.87 -5.01 -3.69
C ARG A 25 -13.92 -5.55 -5.12
N LEU A 26 -14.10 -6.83 -5.25
CA LEU A 26 -14.10 -7.46 -6.60
C LEU A 26 -15.35 -8.33 -6.76
N ASP A 27 -15.60 -8.85 -7.93
CA ASP A 27 -16.79 -9.72 -8.11
C ASP A 27 -16.41 -11.19 -7.90
N GLU A 28 -17.36 -12.06 -7.96
CA GLU A 28 -17.06 -13.50 -7.69
C GLU A 28 -16.02 -14.00 -8.69
N SER A 29 -16.15 -13.59 -9.92
CA SER A 29 -15.21 -14.08 -10.97
C SER A 29 -13.82 -13.50 -10.75
N SER A 30 -13.71 -12.22 -10.47
CA SER A 30 -12.39 -11.64 -10.20
C SER A 30 -11.74 -12.33 -8.99
N ARG A 31 -12.54 -12.61 -8.00
CA ARG A 31 -12.03 -13.33 -6.80
C ARG A 31 -11.82 -14.82 -7.08
N ARG A 32 -12.73 -15.44 -7.77
CA ARG A 32 -12.68 -16.92 -7.88
C ARG A 32 -11.89 -17.35 -9.11
N LEU A 33 -11.59 -16.45 -10.00
CA LEU A 33 -10.85 -16.86 -11.23
C LEU A 33 -9.52 -17.50 -10.83
N LEU A 34 -8.93 -17.07 -9.76
CA LEU A 34 -7.70 -17.72 -9.27
C LEU A 34 -7.99 -18.57 -8.03
N ASP A 35 -8.21 -17.93 -6.92
CA ASP A 35 -8.50 -18.67 -5.67
C ASP A 35 -8.95 -17.69 -4.58
N ALA A 36 -8.57 -16.44 -4.69
CA ALA A 36 -8.92 -15.42 -3.65
C ALA A 36 -10.18 -15.81 -2.89
N GLU A 37 -10.04 -15.98 -1.60
CA GLU A 37 -11.24 -16.26 -0.76
C GLU A 37 -11.58 -15.00 0.04
N ILE A 38 -12.65 -15.01 0.77
CA ILE A 38 -13.02 -13.81 1.54
C ILE A 38 -11.89 -13.44 2.51
N GLY A 39 -11.34 -12.26 2.37
CA GLY A 39 -10.32 -11.79 3.35
C GLY A 39 -9.00 -12.50 3.11
N ASP A 40 -8.68 -12.80 1.88
CA ASP A 40 -7.31 -13.31 1.58
C ASP A 40 -6.37 -12.12 1.28
N VAL A 41 -5.12 -12.38 1.06
CA VAL A 41 -4.16 -11.25 0.85
C VAL A 41 -3.92 -11.04 -0.65
N VAL A 42 -4.20 -9.86 -1.14
CA VAL A 42 -4.05 -9.62 -2.60
C VAL A 42 -2.99 -8.56 -2.86
N GLU A 43 -2.18 -8.75 -3.86
CA GLU A 43 -1.15 -7.73 -4.20
C GLU A 43 -1.55 -6.99 -5.48
N ILE A 44 -1.31 -5.70 -5.55
CA ILE A 44 -1.71 -4.95 -6.78
C ILE A 44 -0.49 -4.30 -7.42
N GLU A 45 -0.47 -4.20 -8.72
CA GLU A 45 0.71 -3.61 -9.40
C GLU A 45 0.31 -2.94 -10.72
N LYS A 46 0.12 -1.66 -10.70
CA LYS A 46 -0.14 -0.91 -11.98
C LYS A 46 1.16 -0.26 -12.46
N VAL A 47 1.64 0.71 -11.73
CA VAL A 47 2.95 1.32 -12.06
C VAL A 47 4.02 0.76 -11.11
N ARG A 48 3.63 0.51 -9.90
CA ARG A 48 4.58 -0.08 -8.90
C ARG A 48 3.88 -1.19 -8.14
N LYS A 49 4.57 -1.80 -7.21
CA LYS A 49 3.95 -2.93 -6.46
C LYS A 49 3.21 -2.41 -5.23
N THR A 50 2.04 -2.94 -4.99
CA THR A 50 1.26 -2.53 -3.79
C THR A 50 0.58 -3.76 -3.18
N VAL A 51 0.09 -3.63 -1.99
CA VAL A 51 -0.59 -4.78 -1.33
C VAL A 51 -2.02 -4.41 -0.94
N GLY A 52 -2.82 -5.38 -0.61
CA GLY A 52 -4.20 -5.08 -0.15
C GLY A 52 -4.91 -6.39 0.19
N ARG A 53 -6.18 -6.33 0.42
CA ARG A 53 -6.92 -7.58 0.78
C ARG A 53 -8.16 -7.72 -0.10
N VAL A 54 -8.72 -8.90 -0.16
CA VAL A 54 -9.84 -9.13 -1.10
C VAL A 54 -11.18 -8.80 -0.44
N TYR A 55 -12.06 -8.17 -1.16
CA TYR A 55 -13.41 -7.85 -0.62
C TYR A 55 -14.49 -8.18 -1.65
N ARG A 56 -15.72 -8.22 -1.24
CA ARG A 56 -16.81 -8.51 -2.20
C ARG A 56 -17.35 -7.22 -2.81
N ALA A 57 -17.42 -7.15 -4.11
CA ALA A 57 -17.96 -5.93 -4.76
C ALA A 57 -19.45 -5.78 -4.43
N ARG A 58 -19.91 -4.59 -4.18
CA ARG A 58 -21.37 -4.40 -3.95
C ARG A 58 -22.13 -4.98 -5.14
N PRO A 59 -21.70 -4.60 -6.32
CA PRO A 59 -22.32 -5.10 -7.55
C PRO A 59 -21.55 -6.33 -8.02
N GLU A 60 -22.05 -7.48 -7.73
CA GLU A 60 -21.28 -8.73 -8.03
C GLU A 60 -21.31 -9.03 -9.53
N ASP A 61 -21.30 -8.02 -10.36
CA ASP A 61 -21.32 -8.25 -11.83
C ASP A 61 -20.52 -7.19 -12.57
N GLU A 62 -20.40 -6.01 -12.01
CA GLU A 62 -19.60 -4.94 -12.68
C GLU A 62 -18.14 -5.10 -12.26
N ASN A 63 -17.90 -5.63 -11.10
CA ASN A 63 -16.51 -5.84 -10.61
C ASN A 63 -15.93 -7.12 -11.21
N LYS A 64 -16.14 -7.34 -12.48
CA LYS A 64 -15.57 -8.55 -13.13
C LYS A 64 -14.27 -8.16 -13.85
N GLY A 65 -13.80 -6.97 -13.63
CA GLY A 65 -12.53 -6.53 -14.24
C GLY A 65 -12.23 -5.09 -13.81
N ILE A 66 -12.72 -4.70 -12.67
CA ILE A 66 -12.39 -3.35 -12.14
C ILE A 66 -12.17 -3.43 -10.63
N VAL A 67 -11.24 -2.69 -10.11
CA VAL A 67 -11.01 -2.74 -8.63
C VAL A 67 -11.22 -1.36 -8.01
N ARG A 68 -12.14 -1.25 -7.08
CA ARG A 68 -12.38 0.08 -6.46
C ARG A 68 -11.49 0.26 -5.24
N ILE A 69 -10.61 1.21 -5.29
CA ILE A 69 -9.67 1.46 -4.15
C ILE A 69 -9.74 2.92 -3.70
N ASP A 70 -9.10 3.22 -2.60
CA ASP A 70 -9.07 4.64 -2.14
C ASP A 70 -8.02 5.42 -2.92
N SER A 71 -8.04 6.72 -2.80
CA SER A 71 -7.06 7.56 -3.54
C SER A 71 -5.62 7.17 -3.15
N VAL A 72 -5.40 6.93 -1.88
CA VAL A 72 -4.02 6.61 -1.42
C VAL A 72 -3.52 5.32 -2.08
N MET A 73 -4.35 4.31 -2.14
CA MET A 73 -3.93 3.06 -2.81
C MET A 73 -3.58 3.35 -4.28
N ARG A 74 -4.42 4.08 -4.95
CA ARG A 74 -4.07 4.50 -6.35
C ARG A 74 -2.79 5.32 -6.33
N ASN A 75 -2.64 6.18 -5.35
CA ASN A 75 -1.40 7.01 -5.27
C ASN A 75 -0.20 6.15 -4.89
N ASN A 76 -0.43 5.02 -4.26
CA ASN A 76 0.71 4.16 -3.83
C ASN A 76 1.53 3.73 -5.05
N CYS A 77 0.90 3.41 -6.14
CA CYS A 77 1.65 2.90 -7.32
C CYS A 77 1.91 4.02 -8.32
N GLY A 78 0.99 4.94 -8.47
CA GLY A 78 1.23 6.10 -9.37
C GLY A 78 0.27 6.02 -10.56
N ALA A 79 -0.85 5.39 -10.39
CA ALA A 79 -1.78 5.18 -11.54
C ALA A 79 -2.95 6.16 -11.45
N SER A 80 -3.75 6.25 -12.48
CA SER A 80 -4.92 7.14 -12.45
C SER A 80 -6.20 6.30 -12.47
N ILE A 81 -7.34 6.93 -12.42
CA ILE A 81 -8.59 6.14 -12.49
C ILE A 81 -8.71 5.46 -13.85
N GLY A 82 -9.20 4.26 -13.86
CA GLY A 82 -9.51 3.59 -15.15
C GLY A 82 -8.22 3.05 -15.78
N ASP A 83 -7.09 3.31 -15.18
CA ASP A 83 -5.83 2.72 -15.69
C ASP A 83 -5.94 1.20 -15.73
N LYS A 84 -4.84 0.51 -15.92
CA LYS A 84 -4.89 -0.97 -15.92
C LYS A 84 -3.85 -1.51 -14.95
N VAL A 85 -4.30 -2.16 -13.91
CA VAL A 85 -3.34 -2.71 -12.90
C VAL A 85 -3.49 -4.23 -12.82
N LYS A 86 -2.46 -4.91 -12.39
CA LYS A 86 -2.54 -6.40 -12.26
C LYS A 86 -2.64 -6.79 -10.79
N VAL A 87 -3.65 -7.54 -10.44
CA VAL A 87 -3.80 -7.97 -9.01
C VAL A 87 -3.44 -9.45 -8.86
N ARG A 88 -2.47 -9.75 -8.04
CA ARG A 88 -2.09 -11.17 -7.84
C ARG A 88 -2.49 -11.60 -6.42
N LYS A 89 -3.07 -12.76 -6.29
CA LYS A 89 -3.51 -13.21 -4.94
C LYS A 89 -2.34 -13.85 -4.18
N VAL A 90 -2.23 -13.56 -2.92
CA VAL A 90 -1.14 -14.16 -2.11
C VAL A 90 -1.58 -14.30 -0.65
N ARG A 91 -0.68 -14.61 0.22
CA ARG A 91 -1.03 -14.73 1.66
C ARG A 91 -0.11 -13.84 2.50
N THR A 92 -0.43 -13.66 3.76
CA THR A 92 0.37 -12.71 4.59
C THR A 92 1.40 -13.47 5.44
N GLU A 93 2.37 -12.76 5.95
CA GLU A 93 3.37 -13.37 6.86
C GLU A 93 3.87 -12.31 7.84
N ILE A 94 4.59 -12.69 8.86
CA ILE A 94 5.05 -11.67 9.83
C ILE A 94 6.42 -11.10 9.41
N ALA A 95 6.42 -9.93 8.81
CA ALA A 95 7.71 -9.29 8.43
C ALA A 95 8.62 -9.13 9.65
N LYS A 96 9.88 -9.41 9.49
CA LYS A 96 10.80 -9.29 10.66
C LYS A 96 11.53 -7.94 10.66
N LYS A 97 11.75 -7.35 9.50
CA LYS A 97 12.43 -6.03 9.47
C LYS A 97 11.98 -5.22 8.25
N VAL A 98 11.49 -4.02 8.46
CA VAL A 98 11.08 -3.18 7.29
C VAL A 98 11.60 -1.74 7.46
N THR A 99 12.02 -1.13 6.39
CA THR A 99 12.57 0.26 6.47
C THR A 99 11.72 1.22 5.64
N LEU A 100 11.52 2.42 6.13
CA LEU A 100 10.66 3.39 5.38
C LEU A 100 11.26 4.79 5.42
N ALA A 101 10.72 5.69 4.63
CA ALA A 101 11.31 7.06 4.56
C ALA A 101 10.20 8.11 4.47
N PRO A 102 9.90 8.72 5.58
CA PRO A 102 8.86 9.77 5.63
C PRO A 102 9.23 10.93 4.70
N ILE A 103 8.34 11.29 3.80
CA ILE A 103 8.68 12.39 2.84
C ILE A 103 8.22 13.74 3.37
N ILE A 104 9.13 14.56 3.81
CA ILE A 104 8.78 15.95 4.22
C ILE A 104 9.95 16.89 3.99
N ARG A 105 9.82 18.10 4.42
CA ARG A 105 10.94 19.09 4.25
C ARG A 105 11.05 19.97 5.49
N LYS A 106 11.22 21.25 5.32
CA LYS A 106 11.23 22.16 6.51
C LYS A 106 9.91 22.05 7.26
N ASP A 107 8.94 21.45 6.63
CA ASP A 107 7.62 21.27 7.27
C ASP A 107 7.50 19.86 7.84
N GLN A 108 8.61 19.26 8.21
CA GLN A 108 8.56 17.87 8.72
C GLN A 108 8.18 17.85 10.20
N ARG A 109 7.00 17.39 10.50
CA ARG A 109 6.52 17.37 11.90
C ARG A 109 6.41 15.94 12.40
N LEU A 110 6.46 14.98 11.51
CA LEU A 110 6.33 13.56 11.93
C LEU A 110 7.71 12.91 12.03
N LYS A 111 8.60 13.53 12.76
CA LYS A 111 9.94 12.92 12.97
C LYS A 111 10.39 13.14 14.42
N PHE A 112 10.91 12.13 15.04
CA PHE A 112 11.32 12.27 16.47
C PHE A 112 12.60 11.49 16.74
N GLY A 113 12.73 10.32 16.18
CA GLY A 113 13.93 9.47 16.45
C GLY A 113 13.78 8.85 17.84
N GLU A 114 14.78 8.13 18.29
CA GLU A 114 14.69 7.53 19.65
C GLU A 114 13.29 6.96 19.90
N GLY A 115 13.10 5.70 19.64
CA GLY A 115 11.77 5.08 19.91
C GLY A 115 10.85 5.30 18.71
N ILE A 116 11.28 6.09 17.75
CA ILE A 116 10.45 6.30 16.53
C ILE A 116 10.23 4.96 15.82
N GLU A 117 11.20 4.09 15.83
CA GLU A 117 11.01 2.76 15.19
C GLU A 117 9.85 2.02 15.84
N GLU A 118 9.74 2.11 17.15
CA GLU A 118 8.55 1.56 17.84
C GLU A 118 7.31 2.39 17.50
N TYR A 119 7.47 3.69 17.42
CA TYR A 119 6.32 4.56 17.06
C TYR A 119 5.79 4.14 15.68
N VAL A 120 6.67 3.85 14.76
CA VAL A 120 6.22 3.33 13.43
C VAL A 120 5.60 1.94 13.61
N GLN A 121 6.24 1.09 14.36
CA GLN A 121 5.69 -0.27 14.58
C GLN A 121 4.32 -0.18 15.24
N ARG A 122 4.20 0.65 16.23
CA ARG A 122 2.89 0.80 16.93
C ARG A 122 1.82 1.26 15.94
N ALA A 123 2.12 2.27 15.17
CA ALA A 123 1.10 2.80 14.22
C ALA A 123 0.87 1.79 13.08
N LEU A 124 1.91 1.18 12.60
CA LEU A 124 1.77 0.27 11.44
C LEU A 124 1.67 -1.20 11.89
N ILE A 125 1.71 -1.44 13.18
CA ILE A 125 1.73 -2.85 13.66
C ILE A 125 0.63 -3.66 12.94
N ARG A 126 0.69 -4.96 13.05
CA ARG A 126 -0.33 -5.84 12.39
C ARG A 126 -0.83 -5.23 11.06
N ARG A 127 0.05 -4.76 10.23
CA ARG A 127 -0.40 -4.24 8.90
C ARG A 127 0.42 -4.85 7.75
N PRO A 128 -0.23 -4.96 6.62
CA PRO A 128 0.42 -5.53 5.41
C PRO A 128 1.53 -4.58 4.92
N MET A 129 2.72 -5.08 4.66
CA MET A 129 3.82 -4.17 4.24
C MET A 129 4.45 -4.64 2.94
N LEU A 130 4.73 -3.73 2.06
CA LEU A 130 5.36 -4.10 0.76
C LEU A 130 6.40 -3.04 0.38
N GLU A 131 7.65 -3.40 0.35
CA GLU A 131 8.71 -2.39 0.06
C GLU A 131 8.30 -1.53 -1.14
N GLN A 132 8.69 -0.29 -1.12
CA GLN A 132 8.35 0.64 -2.25
C GLN A 132 6.87 1.04 -2.18
N ASP A 133 6.15 0.53 -1.22
CA ASP A 133 4.73 0.99 -1.06
C ASP A 133 4.70 2.43 -0.55
N ASN A 134 3.54 2.94 -0.28
CA ASN A 134 3.44 4.34 0.25
C ASN A 134 2.26 4.43 1.23
N ILE A 135 2.35 5.30 2.20
CA ILE A 135 1.23 5.40 3.18
C ILE A 135 0.88 6.87 3.42
N SER A 136 -0.19 7.13 4.09
CA SER A 136 -0.63 8.54 4.30
C SER A 136 -1.08 8.76 5.75
N VAL A 137 -1.22 9.99 6.15
CA VAL A 137 -1.65 10.28 7.54
C VAL A 137 -3.06 10.91 7.53
N PRO A 138 -3.80 10.62 8.57
CA PRO A 138 -5.19 11.16 8.68
C PRO A 138 -5.21 12.66 8.35
N GLY A 139 -6.37 13.25 8.36
CA GLY A 139 -6.48 14.69 7.98
C GLY A 139 -5.68 15.55 8.95
N LEU A 140 -4.38 15.45 8.93
CA LEU A 140 -3.56 16.30 9.84
C LEU A 140 -2.43 17.01 9.08
N THR A 141 -1.96 18.12 9.59
CA THR A 141 -0.91 18.89 8.87
C THR A 141 -0.59 20.17 9.63
N LEU A 142 0.12 21.06 9.01
CA LEU A 142 0.44 22.35 9.67
C LEU A 142 0.50 23.47 8.62
N ALA A 143 1.60 24.16 8.52
CA ALA A 143 1.72 25.21 7.47
C ALA A 143 1.38 24.62 6.10
N GLY A 144 1.79 25.28 5.06
CA GLY A 144 1.61 24.69 3.71
C GLY A 144 2.70 23.64 3.46
N GLN A 145 2.52 22.46 3.99
CA GLN A 145 3.54 21.39 3.79
C GLN A 145 3.15 20.51 2.60
N THR A 146 4.07 19.72 2.11
CA THR A 146 3.75 18.84 0.96
C THR A 146 4.40 17.46 1.14
N GLY A 147 3.82 16.45 0.55
CA GLY A 147 4.37 15.07 0.71
C GLY A 147 3.91 14.51 2.04
N LEU A 148 4.69 14.71 3.07
CA LEU A 148 4.26 14.24 4.44
C LEU A 148 3.65 12.84 4.36
N LEU A 149 4.30 11.92 3.71
CA LEU A 149 3.78 10.53 3.65
C LEU A 149 4.95 9.56 3.84
N PHE A 150 4.66 8.32 4.14
CA PHE A 150 5.75 7.34 4.36
C PHE A 150 6.12 6.63 3.06
N LYS A 151 7.38 6.45 2.80
CA LYS A 151 7.79 5.76 1.55
C LYS A 151 8.64 4.54 1.89
N VAL A 152 8.07 3.36 1.85
CA VAL A 152 8.84 2.14 2.23
C VAL A 152 9.79 1.74 1.10
N VAL A 153 10.98 1.34 1.42
CA VAL A 153 11.95 1.00 0.33
C VAL A 153 12.59 -0.37 0.58
N LYS A 154 12.60 -0.84 1.80
CA LYS A 154 13.24 -2.16 2.06
C LYS A 154 12.42 -2.98 3.06
N THR A 155 12.13 -4.21 2.73
CA THR A 155 11.47 -5.11 3.70
C THR A 155 12.23 -6.44 3.75
N LEU A 156 11.98 -7.23 4.75
CA LEU A 156 12.75 -8.49 4.89
C LEU A 156 12.07 -9.64 4.14
N PRO A 157 10.76 -9.65 4.16
CA PRO A 157 10.02 -10.73 3.46
C PRO A 157 10.48 -10.82 2.00
N SER A 158 9.82 -11.64 1.22
CA SER A 158 10.22 -11.79 -0.21
C SER A 158 9.53 -10.74 -1.07
N LYS A 159 9.45 -9.53 -0.59
CA LYS A 159 8.73 -8.45 -1.32
C LYS A 159 7.26 -8.84 -1.49
N VAL A 160 6.79 -9.74 -0.68
CA VAL A 160 5.35 -10.11 -0.72
C VAL A 160 4.62 -9.44 0.45
N PRO A 161 3.33 -9.32 0.31
CA PRO A 161 2.50 -8.71 1.37
C PRO A 161 2.76 -9.39 2.71
N VAL A 162 3.22 -8.65 3.68
CA VAL A 162 3.42 -9.25 5.03
C VAL A 162 2.70 -8.40 6.07
N GLU A 163 2.39 -8.97 7.20
CA GLU A 163 1.74 -8.17 8.26
C GLU A 163 2.76 -7.84 9.36
N ILE A 164 2.85 -6.60 9.71
CA ILE A 164 3.80 -6.19 10.77
C ILE A 164 3.30 -6.69 12.12
N GLY A 165 4.19 -6.91 13.05
CA GLY A 165 3.75 -7.31 14.42
C GLY A 165 4.63 -6.60 15.44
N GLU A 166 4.24 -6.64 16.68
CA GLU A 166 5.03 -5.92 17.72
C GLU A 166 6.49 -6.41 17.70
N GLU A 167 6.72 -7.58 17.17
CA GLU A 167 8.11 -8.13 17.16
C GLU A 167 8.86 -7.72 15.89
N THR A 168 8.14 -7.30 14.88
CA THR A 168 8.82 -6.92 13.61
C THR A 168 9.83 -5.80 13.84
N LYS A 169 10.90 -5.77 13.08
CA LYS A 169 11.89 -4.67 13.26
C LYS A 169 11.62 -3.56 12.25
N ILE A 170 11.89 -2.33 12.62
CA ILE A 170 11.63 -1.22 11.66
C ILE A 170 12.86 -0.32 11.53
N GLU A 171 12.91 0.44 10.48
CA GLU A 171 14.02 1.41 10.30
C GLU A 171 13.49 2.73 9.76
N ILE A 172 13.91 3.82 10.33
CA ILE A 172 13.46 5.15 9.81
C ILE A 172 14.69 5.95 9.39
N ARG A 173 14.76 6.32 8.14
CA ARG A 173 15.96 7.10 7.68
C ARG A 173 15.69 8.60 7.77
N GLU A 174 16.72 9.40 7.72
CA GLU A 174 16.55 10.87 7.90
C GLU A 174 16.59 11.58 6.55
N GLU A 175 16.50 10.84 5.47
CA GLU A 175 16.53 11.48 4.13
C GLU A 175 15.11 11.76 3.66
N PRO A 176 14.78 13.02 3.61
CA PRO A 176 13.43 13.46 3.19
C PRO A 176 13.25 13.27 1.68
N ALA A 177 12.36 14.02 1.11
CA ALA A 177 12.10 13.88 -0.34
C ALA A 177 13.16 14.64 -1.14
N SER A 178 14.41 14.38 -0.88
CA SER A 178 15.49 15.04 -1.67
C SER A 178 15.68 14.32 -3.00
N GLU A 179 15.65 15.05 -4.08
CA GLU A 179 15.81 14.40 -5.42
C GLU A 179 14.70 13.38 -5.66
N VAL A 180 13.65 13.43 -4.88
CA VAL A 180 12.53 12.48 -5.09
C VAL A 180 11.25 13.23 -5.44
N LEU A 181 10.64 12.92 -6.55
CA LEU A 181 9.36 13.59 -6.93
C LEU A 181 8.42 12.58 -7.58
N GLU A 182 7.75 11.78 -6.79
CA GLU A 182 6.79 10.79 -7.37
C GLU A 182 5.68 11.50 -8.13
N GLU A 183 5.23 10.92 -9.21
CA GLU A 183 4.13 11.57 -9.99
C GLU A 183 2.88 11.74 -9.11
N GLY A 184 2.21 12.85 -9.24
CA GLY A 184 0.99 13.08 -8.41
C GLY A 184 0.86 14.57 -8.09
N GLY A 185 0.57 15.37 -9.08
CA GLY A 185 0.45 16.84 -8.84
C GLY A 185 1.58 17.57 -9.55
N MET A 1 11.85 -11.65 -17.64
CA MET A 1 10.58 -12.42 -17.45
C MET A 1 10.12 -12.33 -16.00
N GLU A 2 8.88 -11.99 -15.78
CA GLU A 2 8.36 -11.89 -14.39
C GLU A 2 7.19 -12.86 -14.18
N SER A 3 7.13 -13.50 -13.04
CA SER A 3 6.04 -14.49 -12.81
C SER A 3 4.67 -13.81 -12.90
N ASN A 4 3.64 -14.57 -13.18
CA ASN A 4 2.28 -13.95 -13.29
C ASN A 4 1.28 -14.74 -12.44
N ASN A 5 0.89 -14.20 -11.33
CA ASN A 5 -0.13 -14.89 -10.47
C ASN A 5 -1.27 -13.94 -10.15
N GLY A 6 -1.59 -13.10 -11.08
CA GLY A 6 -2.68 -12.12 -10.86
C GLY A 6 -3.36 -11.82 -12.19
N ILE A 7 -4.17 -10.80 -12.24
CA ILE A 7 -4.84 -10.44 -13.52
C ILE A 7 -4.67 -8.94 -13.79
N ILE A 8 -4.83 -8.51 -15.02
CA ILE A 8 -4.66 -7.07 -15.32
C ILE A 8 -6.02 -6.40 -15.52
N LEU A 9 -6.35 -5.47 -14.67
CA LEU A 9 -7.65 -4.75 -14.80
C LEU A 9 -7.44 -3.25 -14.51
N ARG A 10 -8.50 -2.49 -14.44
CA ARG A 10 -8.31 -1.02 -14.30
C ARG A 10 -8.74 -0.53 -12.92
N VAL A 11 -8.00 0.39 -12.37
CA VAL A 11 -8.34 0.91 -11.02
C VAL A 11 -9.71 1.59 -11.02
N ALA A 12 -10.50 1.36 -10.01
CA ALA A 12 -11.83 2.00 -9.93
C ALA A 12 -11.93 2.88 -8.69
N GLU A 13 -12.63 3.98 -8.77
CA GLU A 13 -12.85 4.81 -7.55
C GLU A 13 -13.71 6.04 -7.89
N ALA A 14 -14.98 5.98 -7.60
CA ALA A 14 -15.84 7.18 -7.82
C ALA A 14 -15.99 7.96 -6.51
N ASN A 15 -16.13 7.27 -5.41
CA ASN A 15 -16.20 7.96 -4.09
C ASN A 15 -15.78 6.99 -2.98
N SER A 16 -15.33 7.51 -1.87
CA SER A 16 -14.87 6.61 -0.77
C SER A 16 -14.81 7.37 0.56
N THR A 17 -14.71 6.66 1.65
CA THR A 17 -14.57 7.33 2.97
C THR A 17 -13.41 6.72 3.76
N ASP A 18 -12.83 7.46 4.67
CA ASP A 18 -11.66 6.93 5.45
C ASP A 18 -10.77 6.08 4.54
N PRO A 19 -10.08 6.76 3.66
CA PRO A 19 -9.18 6.08 2.70
C PRO A 19 -8.17 5.18 3.43
N GLY A 20 -7.73 4.14 2.79
CA GLY A 20 -6.75 3.22 3.44
C GLY A 20 -7.49 2.06 4.08
N MET A 21 -8.48 1.54 3.42
CA MET A 21 -9.18 0.34 3.95
C MET A 21 -8.50 -0.92 3.41
N SER A 22 -7.47 -0.74 2.62
CA SER A 22 -6.71 -1.93 2.11
C SER A 22 -7.67 -3.04 1.69
N ARG A 23 -8.71 -2.71 0.96
CA ARG A 23 -9.69 -3.76 0.55
C ARG A 23 -10.07 -3.57 -0.93
N VAL A 24 -10.24 -4.66 -1.64
CA VAL A 24 -10.62 -4.57 -3.08
C VAL A 24 -11.95 -5.27 -3.34
N ARG A 25 -12.93 -4.56 -3.82
CA ARG A 25 -14.22 -5.24 -4.14
C ARG A 25 -14.21 -5.73 -5.59
N LEU A 26 -14.36 -7.01 -5.79
CA LEU A 26 -14.29 -7.59 -7.16
C LEU A 26 -15.42 -8.58 -7.37
N ASP A 27 -15.65 -9.03 -8.58
CA ASP A 27 -16.81 -9.93 -8.84
C ASP A 27 -16.38 -11.40 -8.78
N GLU A 28 -17.25 -12.28 -9.19
CA GLU A 28 -16.94 -13.73 -9.11
C GLU A 28 -15.70 -14.06 -9.93
N SER A 29 -15.66 -13.58 -11.15
CA SER A 29 -14.50 -13.88 -12.03
C SER A 29 -13.23 -13.25 -11.46
N SER A 30 -13.33 -12.02 -11.01
CA SER A 30 -12.17 -11.36 -10.38
C SER A 30 -11.71 -12.17 -9.18
N ARG A 31 -12.63 -12.82 -8.51
CA ARG A 31 -12.27 -13.66 -7.34
C ARG A 31 -11.83 -15.06 -7.78
N ARG A 32 -12.54 -15.66 -8.69
CA ARG A 32 -12.18 -17.04 -9.15
C ARG A 32 -10.99 -16.98 -10.11
N LEU A 33 -10.64 -15.80 -10.54
CA LEU A 33 -9.48 -15.65 -11.47
C LEU A 33 -8.35 -16.57 -11.03
N LEU A 34 -8.27 -16.83 -9.75
CA LEU A 34 -7.26 -17.80 -9.24
C LEU A 34 -7.86 -18.64 -8.12
N ASP A 35 -8.28 -18.02 -7.06
CA ASP A 35 -8.93 -18.76 -5.95
C ASP A 35 -9.54 -17.77 -4.97
N ALA A 36 -8.87 -16.65 -4.76
CA ALA A 36 -9.37 -15.59 -3.83
C ALA A 36 -10.55 -16.06 -2.99
N GLU A 37 -10.37 -16.16 -1.71
CA GLU A 37 -11.53 -16.44 -0.82
C GLU A 37 -11.92 -15.13 -0.11
N ILE A 38 -12.99 -15.13 0.61
CA ILE A 38 -13.39 -13.88 1.31
C ILE A 38 -12.29 -13.44 2.27
N GLY A 39 -11.75 -12.26 2.08
CA GLY A 39 -10.77 -11.73 3.06
C GLY A 39 -9.42 -12.40 2.89
N ASP A 40 -9.05 -12.74 1.68
CA ASP A 40 -7.66 -13.23 1.45
C ASP A 40 -6.75 -12.04 1.14
N VAL A 41 -5.46 -12.26 1.01
CA VAL A 41 -4.53 -11.11 0.82
C VAL A 41 -4.19 -10.94 -0.65
N VAL A 42 -4.38 -9.75 -1.17
CA VAL A 42 -4.12 -9.53 -2.62
C VAL A 42 -3.04 -8.47 -2.82
N GLU A 43 -2.23 -8.62 -3.84
CA GLU A 43 -1.18 -7.60 -4.12
C GLU A 43 -1.52 -6.86 -5.42
N ILE A 44 -1.28 -5.58 -5.46
CA ILE A 44 -1.64 -4.82 -6.69
C ILE A 44 -0.43 -4.05 -7.23
N GLU A 45 -0.31 -3.95 -8.52
CA GLU A 45 0.88 -3.25 -9.09
C GLU A 45 0.54 -2.60 -10.44
N LYS A 46 0.26 -1.32 -10.43
CA LYS A 46 0.08 -0.59 -11.72
C LYS A 46 1.36 0.15 -12.09
N VAL A 47 1.73 1.13 -11.29
CA VAL A 47 3.02 1.83 -11.50
C VAL A 47 4.03 1.32 -10.47
N ARG A 48 3.57 1.05 -9.29
CA ARG A 48 4.47 0.49 -8.24
C ARG A 48 3.83 -0.74 -7.61
N LYS A 49 4.47 -1.33 -6.66
CA LYS A 49 3.89 -2.53 -6.00
C LYS A 49 3.08 -2.13 -4.77
N THR A 50 1.91 -2.68 -4.62
CA THR A 50 1.07 -2.34 -3.44
C THR A 50 0.38 -3.60 -2.90
N VAL A 51 -0.14 -3.53 -1.72
CA VAL A 51 -0.81 -4.71 -1.12
C VAL A 51 -2.26 -4.39 -0.74
N GLY A 52 -3.07 -5.39 -0.53
CA GLY A 52 -4.46 -5.12 -0.08
C GLY A 52 -5.17 -6.46 0.13
N ARG A 53 -6.46 -6.42 0.36
CA ARG A 53 -7.21 -7.69 0.63
C ARG A 53 -8.34 -7.87 -0.39
N VAL A 54 -9.05 -8.96 -0.31
CA VAL A 54 -10.11 -9.23 -1.34
C VAL A 54 -11.50 -8.95 -0.76
N TYR A 55 -12.30 -8.23 -1.50
CA TYR A 55 -13.70 -7.97 -1.05
C TYR A 55 -14.72 -8.41 -2.11
N ARG A 56 -15.96 -8.51 -1.74
CA ARG A 56 -17.01 -8.92 -2.72
C ARG A 56 -17.62 -7.70 -3.42
N ALA A 57 -17.61 -7.68 -4.72
CA ALA A 57 -18.26 -6.55 -5.45
C ALA A 57 -19.77 -6.59 -5.21
N ARG A 58 -20.38 -5.46 -4.99
CA ARG A 58 -21.87 -5.44 -4.91
C ARG A 58 -22.45 -5.99 -6.21
N PRO A 59 -21.95 -5.47 -7.30
CA PRO A 59 -22.40 -5.93 -8.62
C PRO A 59 -21.49 -7.05 -9.10
N GLU A 60 -21.91 -8.25 -8.92
CA GLU A 60 -21.06 -9.43 -9.28
C GLU A 60 -21.01 -9.62 -10.80
N ASP A 61 -20.99 -8.54 -11.54
CA ASP A 61 -20.97 -8.68 -13.03
C ASP A 61 -20.11 -7.57 -13.66
N GLU A 62 -20.12 -6.40 -13.09
CA GLU A 62 -19.30 -5.29 -13.65
C GLU A 62 -17.88 -5.38 -13.10
N ASN A 63 -17.75 -5.93 -11.92
CA ASN A 63 -16.40 -6.08 -11.30
C ASN A 63 -15.69 -7.31 -11.86
N LYS A 64 -15.80 -7.56 -13.13
CA LYS A 64 -15.07 -8.71 -13.74
C LYS A 64 -13.79 -8.20 -14.40
N GLY A 65 -13.42 -6.97 -14.14
CA GLY A 65 -12.17 -6.42 -14.68
C GLY A 65 -11.97 -4.99 -14.17
N ILE A 66 -12.53 -4.69 -13.03
CA ILE A 66 -12.28 -3.36 -12.40
C ILE A 66 -12.13 -3.52 -10.89
N VAL A 67 -11.25 -2.77 -10.28
CA VAL A 67 -11.09 -2.90 -8.80
C VAL A 67 -11.39 -1.55 -8.13
N ARG A 68 -12.33 -1.50 -7.25
CA ARG A 68 -12.61 -0.22 -6.54
C ARG A 68 -11.75 -0.10 -5.29
N ILE A 69 -10.90 0.89 -5.27
CA ILE A 69 -9.99 1.06 -4.10
C ILE A 69 -10.10 2.48 -3.55
N ASP A 70 -9.46 2.73 -2.43
CA ASP A 70 -9.48 4.11 -1.87
C ASP A 70 -8.50 5.00 -2.66
N SER A 71 -8.55 6.28 -2.44
CA SER A 71 -7.65 7.19 -3.19
C SER A 71 -6.19 6.95 -2.78
N VAL A 72 -5.97 6.50 -1.57
CA VAL A 72 -4.57 6.32 -1.09
C VAL A 72 -3.90 5.16 -1.81
N MET A 73 -4.59 4.07 -1.98
CA MET A 73 -3.99 2.93 -2.72
C MET A 73 -3.65 3.37 -4.14
N ARG A 74 -4.57 3.99 -4.82
CA ARG A 74 -4.27 4.53 -6.17
C ARG A 74 -3.13 5.55 -6.08
N ASN A 75 -3.13 6.37 -5.05
CA ASN A 75 -2.03 7.37 -4.90
C ASN A 75 -0.73 6.68 -4.50
N ASN A 76 -0.82 5.55 -3.86
CA ASN A 76 0.43 4.88 -3.37
C ASN A 76 1.26 4.35 -4.55
N CYS A 77 0.62 4.01 -5.64
CA CYS A 77 1.38 3.47 -6.80
C CYS A 77 1.64 4.56 -7.85
N GLY A 78 0.69 5.44 -8.05
CA GLY A 78 0.90 6.55 -9.01
C GLY A 78 -0.02 6.39 -10.21
N ALA A 79 -1.11 5.69 -10.04
CA ALA A 79 -2.02 5.42 -11.19
C ALA A 79 -3.25 6.33 -11.12
N SER A 80 -4.01 6.39 -12.18
CA SER A 80 -5.23 7.22 -12.18
C SER A 80 -6.46 6.32 -12.36
N ILE A 81 -7.63 6.85 -12.12
CA ILE A 81 -8.84 6.02 -12.33
C ILE A 81 -8.85 5.41 -13.72
N GLY A 82 -9.28 4.18 -13.82
CA GLY A 82 -9.47 3.57 -15.16
C GLY A 82 -8.12 3.15 -15.74
N ASP A 83 -7.06 3.38 -15.03
CA ASP A 83 -5.73 2.90 -15.49
C ASP A 83 -5.76 1.39 -15.71
N LYS A 84 -4.62 0.77 -15.74
CA LYS A 84 -4.57 -0.71 -15.86
C LYS A 84 -3.53 -1.27 -14.87
N VAL A 85 -3.98 -1.97 -13.88
CA VAL A 85 -3.03 -2.54 -12.87
C VAL A 85 -3.16 -4.06 -12.84
N LYS A 86 -2.15 -4.74 -12.37
CA LYS A 86 -2.24 -6.23 -12.27
C LYS A 86 -2.32 -6.65 -10.81
N VAL A 87 -3.35 -7.37 -10.44
CA VAL A 87 -3.51 -7.77 -9.01
C VAL A 87 -3.16 -9.25 -8.85
N ARG A 88 -2.23 -9.56 -7.99
CA ARG A 88 -1.84 -10.98 -7.79
C ARG A 88 -2.25 -11.45 -6.40
N LYS A 89 -2.75 -12.64 -6.28
CA LYS A 89 -3.22 -13.12 -4.95
C LYS A 89 -2.03 -13.56 -4.10
N VAL A 90 -2.08 -13.26 -2.84
CA VAL A 90 -0.97 -13.66 -1.93
C VAL A 90 -1.51 -13.91 -0.51
N ARG A 91 -0.63 -14.03 0.44
CA ARG A 91 -1.08 -14.24 1.84
C ARG A 91 -0.21 -13.42 2.79
N THR A 92 -0.57 -13.35 4.05
CA THR A 92 0.17 -12.44 4.97
C THR A 92 1.09 -13.23 5.90
N GLU A 93 2.07 -12.57 6.43
CA GLU A 93 3.02 -13.22 7.38
C GLU A 93 3.56 -12.16 8.36
N ILE A 94 4.33 -12.55 9.33
CA ILE A 94 4.82 -11.54 10.31
C ILE A 94 6.18 -10.98 9.87
N ALA A 95 6.20 -9.81 9.31
CA ALA A 95 7.49 -9.18 8.90
C ALA A 95 8.43 -9.06 10.10
N LYS A 96 9.68 -9.37 9.93
CA LYS A 96 10.65 -9.24 11.05
C LYS A 96 11.47 -7.95 10.92
N LYS A 97 11.65 -7.46 9.72
CA LYS A 97 12.48 -6.22 9.54
C LYS A 97 12.01 -5.42 8.33
N VAL A 98 11.58 -4.19 8.51
CA VAL A 98 11.13 -3.39 7.33
C VAL A 98 11.71 -1.96 7.39
N THR A 99 12.12 -1.44 6.28
CA THR A 99 12.67 -0.04 6.25
C THR A 99 11.72 0.89 5.48
N LEU A 100 11.59 2.11 5.90
CA LEU A 100 10.62 3.03 5.23
C LEU A 100 11.18 4.45 5.12
N ALA A 101 10.56 5.27 4.31
CA ALA A 101 11.08 6.66 4.12
C ALA A 101 9.92 7.66 4.04
N PRO A 102 9.56 8.17 5.19
CA PRO A 102 8.44 9.14 5.26
C PRO A 102 8.69 10.32 4.31
N ILE A 103 7.74 10.67 3.49
CA ILE A 103 7.91 11.84 2.59
C ILE A 103 7.42 13.12 3.28
N ILE A 104 8.28 13.78 4.01
CA ILE A 104 7.88 15.06 4.64
C ILE A 104 9.10 15.97 4.84
N ARG A 105 8.94 17.01 5.61
CA ARG A 105 10.10 17.88 5.94
C ARG A 105 10.75 17.42 7.24
N LYS A 106 11.94 17.89 7.52
CA LYS A 106 12.67 17.40 8.73
C LYS A 106 11.88 17.69 10.00
N ASP A 107 10.91 18.54 9.91
CA ASP A 107 10.13 18.91 11.11
C ASP A 107 8.64 18.63 10.90
N GLN A 108 8.31 17.71 10.03
CA GLN A 108 6.87 17.42 9.79
C GLN A 108 6.40 16.26 10.68
N ARG A 109 6.69 15.05 10.30
CA ARG A 109 6.19 13.88 11.09
C ARG A 109 7.37 13.22 11.81
N LEU A 110 8.54 13.35 11.26
CA LEU A 110 9.71 12.63 11.86
C LEU A 110 10.50 13.57 12.77
N LYS A 111 9.82 14.36 13.54
CA LYS A 111 10.53 15.22 14.54
C LYS A 111 10.52 14.56 15.92
N PHE A 112 10.78 13.28 15.97
CA PHE A 112 10.74 12.58 17.28
C PHE A 112 12.15 12.21 17.73
N GLY A 113 12.98 11.79 16.83
CA GLY A 113 14.36 11.39 17.22
C GLY A 113 14.31 9.99 17.85
N GLU A 114 15.34 9.64 18.57
CA GLU A 114 15.40 8.29 19.19
C GLU A 114 13.99 7.79 19.55
N GLY A 115 13.75 6.52 19.42
CA GLY A 115 12.42 5.96 19.80
C GLY A 115 11.45 6.12 18.62
N ILE A 116 11.84 6.87 17.63
CA ILE A 116 10.98 6.99 16.41
C ILE A 116 10.86 5.63 15.71
N GLU A 117 11.91 4.86 15.70
CA GLU A 117 11.83 3.51 15.08
C GLU A 117 10.77 2.67 15.80
N GLU A 118 10.75 2.73 17.10
CA GLU A 118 9.66 2.05 17.86
C GLU A 118 8.33 2.73 17.57
N TYR A 119 8.32 4.04 17.48
CA TYR A 119 7.06 4.76 17.20
C TYR A 119 6.49 4.31 15.85
N VAL A 120 7.34 4.11 14.88
CA VAL A 120 6.85 3.58 13.57
C VAL A 120 6.19 2.21 13.77
N GLN A 121 6.85 1.34 14.50
CA GLN A 121 6.26 0.01 14.78
C GLN A 121 4.92 0.15 15.51
N ARG A 122 4.89 1.01 16.48
CA ARG A 122 3.63 1.22 17.25
C ARG A 122 2.52 1.71 16.31
N ALA A 123 2.83 2.63 15.44
CA ALA A 123 1.79 3.18 14.51
C ALA A 123 1.48 2.16 13.40
N LEU A 124 2.49 1.53 12.86
CA LEU A 124 2.27 0.63 11.70
C LEU A 124 2.12 -0.83 12.16
N ILE A 125 2.19 -1.09 13.42
CA ILE A 125 2.13 -2.50 13.90
C ILE A 125 1.00 -3.26 13.19
N ARG A 126 0.98 -4.55 13.29
CA ARG A 126 -0.09 -5.37 12.60
C ARG A 126 -0.54 -4.72 11.30
N ARG A 127 0.39 -4.33 10.45
CA ARG A 127 0.01 -3.69 9.16
C ARG A 127 0.69 -4.38 7.97
N PRO A 128 -0.07 -4.62 6.94
CA PRO A 128 0.47 -5.28 5.72
C PRO A 128 1.58 -4.41 5.11
N MET A 129 2.76 -4.94 4.90
CA MET A 129 3.86 -4.07 4.37
C MET A 129 4.43 -4.64 3.07
N LEU A 130 4.73 -3.78 2.14
CA LEU A 130 5.25 -4.24 0.83
C LEU A 130 6.35 -3.28 0.35
N GLU A 131 7.57 -3.73 0.31
CA GLU A 131 8.68 -2.79 -0.01
C GLU A 131 8.34 -1.93 -1.22
N GLN A 132 8.65 -0.66 -1.15
CA GLN A 132 8.36 0.28 -2.28
C GLN A 132 6.89 0.71 -2.25
N ASP A 133 6.13 0.17 -1.34
CA ASP A 133 4.71 0.62 -1.21
C ASP A 133 4.65 2.06 -0.67
N ASN A 134 3.48 2.54 -0.38
CA ASN A 134 3.34 3.89 0.23
C ASN A 134 2.15 3.89 1.18
N ILE A 135 2.27 4.53 2.31
CA ILE A 135 1.15 4.50 3.30
C ILE A 135 0.97 5.87 3.94
N SER A 136 -0.13 6.08 4.59
CA SER A 136 -0.35 7.38 5.29
C SER A 136 -1.04 7.15 6.63
N VAL A 137 -0.62 7.83 7.66
CA VAL A 137 -1.27 7.64 8.99
C VAL A 137 -2.06 8.90 9.38
N PRO A 138 -1.37 9.99 9.63
CA PRO A 138 -2.07 11.25 10.00
C PRO A 138 -2.83 11.82 8.80
N GLY A 139 -4.04 12.26 9.01
CA GLY A 139 -4.83 12.80 7.86
C GLY A 139 -4.75 14.32 7.86
N LEU A 140 -3.57 14.86 8.01
CA LEU A 140 -3.42 16.35 8.02
C LEU A 140 -2.42 16.78 6.95
N THR A 141 -2.66 17.89 6.31
CA THR A 141 -1.71 18.38 5.26
C THR A 141 -1.13 19.73 5.65
N LEU A 142 -0.47 20.38 4.73
CA LEU A 142 0.14 21.70 5.02
C LEU A 142 0.00 22.62 3.79
N ALA A 143 1.03 23.36 3.48
CA ALA A 143 0.99 24.21 2.26
C ALA A 143 0.67 23.35 1.04
N GLY A 144 1.08 23.79 -0.11
CA GLY A 144 0.94 22.94 -1.33
C GLY A 144 2.02 21.86 -1.31
N GLN A 145 1.92 20.93 -0.39
CA GLN A 145 2.93 19.83 -0.32
C GLN A 145 2.43 18.62 -1.09
N THR A 146 3.28 17.65 -1.31
CA THR A 146 2.84 16.42 -2.04
C THR A 146 3.47 15.18 -1.40
N GLY A 147 2.90 14.04 -1.63
CA GLY A 147 3.45 12.79 -1.03
C GLY A 147 3.00 12.69 0.43
N LEU A 148 3.69 13.33 1.33
CA LEU A 148 3.27 13.31 2.76
C LEU A 148 2.82 11.89 3.18
N LEU A 149 3.53 10.88 2.78
CA LEU A 149 3.18 9.49 3.17
C LEU A 149 4.44 8.70 3.49
N PHE A 150 4.31 7.50 3.98
CA PHE A 150 5.50 6.69 4.30
C PHE A 150 5.92 5.86 3.08
N LYS A 151 7.12 6.07 2.58
CA LYS A 151 7.57 5.30 1.40
C LYS A 151 8.41 4.11 1.85
N VAL A 152 7.84 2.93 1.81
CA VAL A 152 8.61 1.72 2.22
C VAL A 152 9.60 1.35 1.12
N VAL A 153 10.82 1.07 1.47
CA VAL A 153 11.83 0.77 0.43
C VAL A 153 12.32 -0.68 0.53
N LYS A 154 12.32 -1.24 1.71
CA LYS A 154 12.81 -2.64 1.85
C LYS A 154 11.99 -3.40 2.89
N THR A 155 12.04 -4.70 2.82
CA THR A 155 11.34 -5.54 3.84
C THR A 155 12.09 -6.86 4.00
N LEU A 156 11.85 -7.56 5.06
CA LEU A 156 12.59 -8.85 5.28
C LEU A 156 11.84 -10.01 4.63
N PRO A 157 10.53 -9.99 4.71
CA PRO A 157 9.72 -11.07 4.11
C PRO A 157 10.02 -11.17 2.61
N SER A 158 9.21 -11.89 1.89
CA SER A 158 9.37 -11.93 0.41
C SER A 158 8.54 -10.83 -0.23
N LYS A 159 8.40 -10.85 -1.52
CA LYS A 159 7.65 -9.77 -2.22
C LYS A 159 6.18 -9.77 -1.79
N VAL A 160 5.79 -10.76 -1.04
CA VAL A 160 4.36 -10.89 -0.64
C VAL A 160 4.07 -10.02 0.59
N PRO A 161 2.84 -9.61 0.68
CA PRO A 161 2.38 -8.75 1.81
C PRO A 161 2.73 -9.38 3.15
N VAL A 162 3.10 -8.58 4.12
CA VAL A 162 3.28 -9.12 5.50
C VAL A 162 2.58 -8.21 6.50
N GLU A 163 2.25 -8.71 7.64
CA GLU A 163 1.66 -7.85 8.69
C GLU A 163 2.69 -7.56 9.78
N ILE A 164 2.90 -6.32 10.07
CA ILE A 164 3.93 -5.94 11.08
C ILE A 164 3.48 -6.36 12.48
N GLY A 165 4.40 -6.47 13.39
CA GLY A 165 4.01 -6.79 14.80
C GLY A 165 4.95 -6.05 15.76
N GLU A 166 4.61 -6.02 17.01
CA GLU A 166 5.45 -5.26 17.99
C GLU A 166 6.88 -5.79 17.99
N GLU A 167 7.08 -6.99 17.51
CA GLU A 167 8.45 -7.59 17.54
C GLU A 167 9.18 -7.27 16.23
N THR A 168 8.43 -6.98 15.20
CA THR A 168 9.06 -6.70 13.88
C THR A 168 10.10 -5.59 14.01
N LYS A 169 11.15 -5.64 13.23
CA LYS A 169 12.17 -4.56 13.28
C LYS A 169 11.89 -3.51 12.21
N ILE A 170 12.36 -2.32 12.40
CA ILE A 170 12.08 -1.25 11.40
C ILE A 170 13.33 -0.45 11.09
N GLU A 171 13.29 0.30 10.02
CA GLU A 171 14.44 1.20 9.70
C GLU A 171 13.92 2.54 9.17
N ILE A 172 14.50 3.61 9.62
CA ILE A 172 14.05 4.94 9.13
C ILE A 172 15.21 5.67 8.45
N ARG A 173 15.02 6.10 7.23
CA ARG A 173 16.12 6.80 6.51
C ARG A 173 16.08 8.30 6.80
N GLU A 174 17.22 8.95 6.74
CA GLU A 174 17.26 10.40 7.09
C GLU A 174 17.02 11.25 5.84
N GLU A 175 16.88 10.63 4.70
CA GLU A 175 16.62 11.40 3.46
C GLU A 175 15.13 11.38 3.12
N PRO A 176 14.52 12.53 3.28
CA PRO A 176 13.07 12.67 3.00
C PRO A 176 12.81 12.60 1.50
N ALA A 177 11.75 13.19 1.07
CA ALA A 177 11.40 13.17 -0.38
C ALA A 177 12.27 14.17 -1.13
N SER A 178 13.57 14.08 -0.97
CA SER A 178 14.48 15.02 -1.68
C SER A 178 14.66 14.59 -3.14
N GLU A 179 14.28 15.43 -4.06
CA GLU A 179 14.46 15.09 -5.51
C GLU A 179 13.69 13.82 -5.86
N VAL A 180 12.74 13.44 -5.04
CA VAL A 180 11.93 12.22 -5.36
C VAL A 180 10.51 12.63 -5.76
N LEU A 181 10.16 12.43 -7.00
CA LEU A 181 8.78 12.75 -7.46
C LEU A 181 8.71 12.73 -9.00
N GLU A 182 9.70 13.27 -9.65
CA GLU A 182 9.66 13.31 -11.14
C GLU A 182 9.61 11.89 -11.70
N GLU A 183 10.34 10.98 -11.13
CA GLU A 183 10.33 9.58 -11.66
C GLU A 183 8.92 9.00 -11.60
N GLY A 184 8.53 8.26 -12.60
CA GLY A 184 7.17 7.67 -12.60
C GLY A 184 7.18 6.36 -11.80
N GLY A 185 8.29 5.67 -11.80
CA GLY A 185 8.36 4.39 -11.05
C GLY A 185 8.79 3.26 -11.99
N MET A 1 3.79 -18.25 -16.58
CA MET A 1 4.90 -19.03 -15.97
C MET A 1 4.57 -19.37 -14.51
N GLU A 2 3.70 -18.62 -13.89
CA GLU A 2 3.37 -18.88 -12.46
C GLU A 2 1.99 -19.51 -12.35
N SER A 3 1.86 -20.52 -11.53
CA SER A 3 0.52 -21.17 -11.33
C SER A 3 -0.48 -20.15 -10.78
N ASN A 4 -0.05 -19.31 -9.87
CA ASN A 4 -1.00 -18.36 -9.22
C ASN A 4 -1.06 -17.05 -10.02
N ASN A 5 -0.10 -16.18 -9.85
CA ASN A 5 -0.11 -14.92 -10.64
C ASN A 5 -1.31 -14.05 -10.24
N GLY A 6 -1.67 -13.13 -11.09
CA GLY A 6 -2.86 -12.28 -10.80
C GLY A 6 -3.60 -11.98 -12.11
N ILE A 7 -4.41 -10.96 -12.12
CA ILE A 7 -5.16 -10.62 -13.37
C ILE A 7 -5.04 -9.12 -13.64
N ILE A 8 -5.04 -8.74 -14.89
CA ILE A 8 -4.92 -7.28 -15.22
C ILE A 8 -6.31 -6.70 -15.45
N LEU A 9 -6.70 -5.73 -14.66
CA LEU A 9 -8.04 -5.12 -14.82
C LEU A 9 -7.95 -3.60 -14.71
N ARG A 10 -9.06 -2.95 -14.59
CA ARG A 10 -9.06 -1.46 -14.58
C ARG A 10 -9.32 -0.92 -13.17
N VAL A 11 -8.48 -0.01 -12.74
CA VAL A 11 -8.71 0.63 -11.42
C VAL A 11 -10.05 1.36 -11.39
N ALA A 12 -10.76 1.28 -10.31
CA ALA A 12 -12.07 1.99 -10.21
C ALA A 12 -12.10 2.88 -8.97
N GLU A 13 -12.88 3.93 -8.99
CA GLU A 13 -13.03 4.78 -7.78
C GLU A 13 -14.01 5.93 -8.07
N ALA A 14 -15.23 5.79 -7.65
CA ALA A 14 -16.24 6.86 -7.93
C ALA A 14 -16.88 7.35 -6.63
N ASN A 15 -16.81 6.58 -5.58
CA ASN A 15 -17.45 6.98 -4.30
C ASN A 15 -16.41 7.08 -3.19
N SER A 16 -16.40 8.18 -2.48
CA SER A 16 -15.39 8.36 -1.40
C SER A 16 -15.96 7.87 -0.06
N THR A 17 -17.17 7.40 -0.06
CA THR A 17 -17.80 6.95 1.22
C THR A 17 -17.26 5.59 1.65
N ASP A 18 -17.49 5.20 2.88
CA ASP A 18 -16.95 3.90 3.37
C ASP A 18 -15.57 3.64 2.79
N PRO A 19 -14.63 4.42 3.25
CA PRO A 19 -13.23 4.29 2.77
C PRO A 19 -12.71 2.88 3.01
N GLY A 20 -11.60 2.53 2.40
CA GLY A 20 -11.05 1.16 2.59
C GLY A 20 -10.06 0.86 1.47
N MET A 21 -8.81 1.19 1.65
CA MET A 21 -7.81 0.92 0.57
C MET A 21 -7.19 -0.46 0.78
N SER A 22 -7.44 -1.08 1.90
CA SER A 22 -6.91 -2.45 2.12
C SER A 22 -7.94 -3.49 1.70
N ARG A 23 -9.05 -3.05 1.18
CA ARG A 23 -10.11 -4.00 0.75
C ARG A 23 -10.38 -3.84 -0.75
N VAL A 24 -10.49 -4.93 -1.47
CA VAL A 24 -10.77 -4.85 -2.93
C VAL A 24 -12.13 -5.46 -3.25
N ARG A 25 -13.02 -4.70 -3.80
CA ARG A 25 -14.35 -5.29 -4.15
C ARG A 25 -14.34 -5.77 -5.60
N LEU A 26 -14.56 -7.04 -5.80
CA LEU A 26 -14.49 -7.61 -7.18
C LEU A 26 -15.64 -8.60 -7.38
N ASP A 27 -15.75 -9.18 -8.54
CA ASP A 27 -16.89 -10.10 -8.79
C ASP A 27 -16.48 -11.55 -8.51
N GLU A 28 -17.41 -12.46 -8.64
CA GLU A 28 -17.09 -13.88 -8.34
C GLU A 28 -15.99 -14.35 -9.27
N SER A 29 -16.10 -14.03 -10.52
CA SER A 29 -15.07 -14.46 -11.50
C SER A 29 -13.70 -13.91 -11.12
N SER A 30 -13.64 -12.66 -10.73
CA SER A 30 -12.35 -12.10 -10.27
C SER A 30 -11.86 -12.89 -9.06
N ARG A 31 -12.75 -13.23 -8.18
CA ARG A 31 -12.38 -14.04 -6.98
C ARG A 31 -12.00 -15.47 -7.36
N ARG A 32 -12.76 -16.09 -8.23
CA ARG A 32 -12.56 -17.54 -8.48
C ARG A 32 -11.56 -17.80 -9.62
N LEU A 33 -11.33 -16.83 -10.47
CA LEU A 33 -10.40 -17.08 -11.60
C LEU A 33 -9.13 -17.74 -11.07
N LEU A 34 -8.77 -17.43 -9.85
CA LEU A 34 -7.61 -18.11 -9.22
C LEU A 34 -8.07 -18.94 -8.01
N ASP A 35 -8.31 -18.28 -6.91
CA ASP A 35 -8.76 -19.01 -5.70
C ASP A 35 -9.17 -18.02 -4.59
N ALA A 36 -9.29 -16.77 -4.92
CA ALA A 36 -9.60 -15.74 -3.89
C ALA A 36 -10.78 -16.20 -3.03
N GLU A 37 -10.61 -16.20 -1.74
CA GLU A 37 -11.75 -16.50 -0.85
C GLU A 37 -12.11 -15.23 -0.06
N ILE A 38 -13.13 -15.27 0.73
CA ILE A 38 -13.51 -14.05 1.49
C ILE A 38 -12.35 -13.62 2.38
N GLY A 39 -11.84 -12.44 2.16
CA GLY A 39 -10.80 -11.91 3.08
C GLY A 39 -9.46 -12.60 2.83
N ASP A 40 -9.14 -12.91 1.59
CA ASP A 40 -7.77 -13.38 1.28
C ASP A 40 -6.87 -12.19 1.00
N VAL A 41 -5.59 -12.38 0.93
CA VAL A 41 -4.67 -11.23 0.74
C VAL A 41 -4.28 -11.08 -0.73
N VAL A 42 -4.59 -9.96 -1.32
CA VAL A 42 -4.32 -9.79 -2.76
C VAL A 42 -3.31 -8.65 -2.97
N GLU A 43 -2.39 -8.83 -3.89
CA GLU A 43 -1.39 -7.76 -4.14
C GLU A 43 -1.70 -7.07 -5.47
N ILE A 44 -1.59 -5.77 -5.51
CA ILE A 44 -1.92 -5.04 -6.78
C ILE A 44 -0.67 -4.33 -7.32
N GLU A 45 -0.49 -4.33 -8.60
CA GLU A 45 0.74 -3.72 -9.16
C GLU A 45 0.50 -3.15 -10.55
N LYS A 46 0.25 -1.88 -10.64
CA LYS A 46 0.16 -1.21 -11.97
C LYS A 46 1.47 -0.48 -12.28
N VAL A 47 1.71 0.60 -11.57
CA VAL A 47 3.00 1.33 -11.74
C VAL A 47 3.97 0.88 -10.65
N ARG A 48 3.47 0.59 -9.49
CA ARG A 48 4.34 0.00 -8.42
C ARG A 48 3.58 -1.08 -7.67
N LYS A 49 4.21 -1.70 -6.70
CA LYS A 49 3.56 -2.83 -6.00
C LYS A 49 2.74 -2.33 -4.81
N THR A 50 1.54 -2.82 -4.68
CA THR A 50 0.72 -2.49 -3.48
C THR A 50 0.00 -3.74 -2.99
N VAL A 51 -0.64 -3.67 -1.87
CA VAL A 51 -1.35 -4.87 -1.33
C VAL A 51 -2.79 -4.53 -0.99
N GLY A 52 -3.57 -5.54 -0.72
CA GLY A 52 -4.97 -5.29 -0.29
C GLY A 52 -5.66 -6.62 0.00
N ARG A 53 -6.93 -6.59 0.32
CA ARG A 53 -7.66 -7.83 0.64
C ARG A 53 -8.85 -8.01 -0.31
N VAL A 54 -9.43 -9.18 -0.34
CA VAL A 54 -10.48 -9.44 -1.36
C VAL A 54 -11.87 -9.19 -0.77
N TYR A 55 -12.71 -8.52 -1.52
CA TYR A 55 -14.11 -8.28 -1.04
C TYR A 55 -15.12 -8.67 -2.13
N ARG A 56 -16.37 -8.76 -1.78
CA ARG A 56 -17.41 -9.09 -2.79
C ARG A 56 -17.95 -7.81 -3.44
N ALA A 57 -17.91 -7.74 -4.75
CA ALA A 57 -18.47 -6.56 -5.45
C ALA A 57 -19.98 -6.49 -5.23
N ARG A 58 -20.51 -5.32 -5.03
CA ARG A 58 -21.99 -5.22 -4.94
C ARG A 58 -22.62 -5.81 -6.21
N PRO A 59 -22.12 -5.38 -7.34
CA PRO A 59 -22.59 -5.89 -8.62
C PRO A 59 -21.71 -7.07 -9.04
N GLU A 60 -22.17 -8.25 -8.81
CA GLU A 60 -21.33 -9.46 -9.09
C GLU A 60 -21.25 -9.72 -10.59
N ASP A 61 -21.21 -8.70 -11.39
CA ASP A 61 -21.12 -8.89 -12.87
C ASP A 61 -20.28 -7.78 -13.51
N GLU A 62 -20.30 -6.60 -12.94
CA GLU A 62 -19.49 -5.49 -13.51
C GLU A 62 -18.07 -5.57 -12.97
N ASN A 63 -17.92 -6.14 -11.81
CA ASN A 63 -16.56 -6.30 -11.22
C ASN A 63 -15.85 -7.51 -11.81
N LYS A 64 -15.97 -7.72 -13.10
CA LYS A 64 -15.27 -8.85 -13.75
C LYS A 64 -13.98 -8.35 -14.40
N GLY A 65 -13.64 -7.12 -14.15
CA GLY A 65 -12.36 -6.57 -14.68
C GLY A 65 -12.20 -5.13 -14.20
N ILE A 66 -12.79 -4.80 -13.09
CA ILE A 66 -12.58 -3.44 -12.51
C ILE A 66 -12.46 -3.55 -10.99
N VAL A 67 -11.59 -2.79 -10.40
CA VAL A 67 -11.45 -2.87 -8.91
C VAL A 67 -11.71 -1.50 -8.29
N ARG A 68 -12.61 -1.42 -7.35
CA ARG A 68 -12.87 -0.09 -6.72
C ARG A 68 -11.96 0.09 -5.51
N ILE A 69 -11.11 1.07 -5.57
CA ILE A 69 -10.15 1.31 -4.45
C ILE A 69 -10.19 2.78 -4.04
N ASP A 70 -9.56 3.11 -2.94
CA ASP A 70 -9.45 4.55 -2.55
C ASP A 70 -8.33 5.21 -3.35
N SER A 71 -8.30 6.52 -3.36
CA SER A 71 -7.25 7.23 -4.13
C SER A 71 -5.88 7.01 -3.48
N VAL A 72 -5.85 6.61 -2.25
CA VAL A 72 -4.55 6.46 -1.54
C VAL A 72 -3.78 5.27 -2.10
N MET A 73 -4.42 4.13 -2.21
CA MET A 73 -3.72 2.96 -2.83
C MET A 73 -3.32 3.31 -4.26
N ARG A 74 -4.21 3.89 -5.01
CA ARG A 74 -3.84 4.38 -6.37
C ARG A 74 -2.72 5.41 -6.27
N ASN A 75 -2.77 6.27 -5.30
CA ASN A 75 -1.67 7.25 -5.11
C ASN A 75 -0.37 6.50 -4.81
N ASN A 76 -0.46 5.42 -4.07
CA ASN A 76 0.78 4.70 -3.64
C ASN A 76 1.48 4.06 -4.85
N CYS A 77 0.74 3.75 -5.88
CA CYS A 77 1.39 3.09 -7.07
C CYS A 77 1.66 4.13 -8.17
N GLY A 78 0.85 5.14 -8.26
CA GLY A 78 1.08 6.19 -9.30
C GLY A 78 0.03 6.04 -10.41
N ALA A 79 -1.06 5.38 -10.12
CA ALA A 79 -2.05 5.10 -11.20
C ALA A 79 -3.20 6.10 -11.14
N SER A 80 -4.03 6.11 -12.15
CA SER A 80 -5.22 7.00 -12.15
C SER A 80 -6.49 6.16 -12.25
N ILE A 81 -7.64 6.78 -12.23
CA ILE A 81 -8.89 6.01 -12.38
C ILE A 81 -8.97 5.40 -13.78
N GLY A 82 -9.48 4.20 -13.87
CA GLY A 82 -9.75 3.61 -15.19
C GLY A 82 -8.45 3.11 -15.81
N ASP A 83 -7.33 3.36 -15.17
CA ASP A 83 -6.06 2.78 -15.65
C ASP A 83 -6.15 1.25 -15.68
N LYS A 84 -5.04 0.60 -15.73
CA LYS A 84 -5.05 -0.89 -15.78
C LYS A 84 -3.98 -1.46 -14.85
N VAL A 85 -4.38 -2.17 -13.83
CA VAL A 85 -3.38 -2.77 -12.90
C VAL A 85 -3.52 -4.30 -12.90
N LYS A 86 -2.51 -4.99 -12.45
CA LYS A 86 -2.61 -6.48 -12.35
C LYS A 86 -2.67 -6.89 -10.88
N VAL A 87 -3.72 -7.55 -10.49
CA VAL A 87 -3.87 -7.95 -9.06
C VAL A 87 -3.51 -9.43 -8.88
N ARG A 88 -2.57 -9.73 -8.03
CA ARG A 88 -2.21 -11.15 -7.79
C ARG A 88 -2.73 -11.59 -6.42
N LYS A 89 -3.02 -12.84 -6.26
CA LYS A 89 -3.55 -13.30 -4.94
C LYS A 89 -2.42 -13.93 -4.11
N VAL A 90 -2.32 -13.54 -2.88
CA VAL A 90 -1.25 -14.09 -2.00
C VAL A 90 -1.72 -14.13 -0.55
N ARG A 91 -0.83 -14.38 0.37
CA ARG A 91 -1.21 -14.38 1.80
C ARG A 91 -0.26 -13.49 2.60
N THR A 92 -0.55 -13.25 3.84
CA THR A 92 0.30 -12.31 4.63
C THR A 92 1.31 -13.06 5.49
N GLU A 93 2.29 -12.37 5.98
CA GLU A 93 3.30 -12.99 6.89
C GLU A 93 3.84 -11.95 7.87
N ILE A 94 4.56 -12.35 8.87
CA ILE A 94 5.03 -11.35 9.88
C ILE A 94 6.39 -10.78 9.47
N ALA A 95 6.42 -9.61 8.89
CA ALA A 95 7.72 -8.97 8.55
C ALA A 95 8.59 -8.82 9.81
N LYS A 96 9.86 -9.07 9.70
CA LYS A 96 10.75 -8.92 10.88
C LYS A 96 11.53 -7.59 10.84
N LYS A 97 11.81 -7.09 9.65
CA LYS A 97 12.57 -5.80 9.58
C LYS A 97 12.18 -5.05 8.31
N VAL A 98 11.84 -3.78 8.43
CA VAL A 98 11.49 -3.00 7.21
C VAL A 98 12.06 -1.58 7.28
N THR A 99 12.56 -1.07 6.18
CA THR A 99 13.10 0.32 6.18
C THR A 99 12.11 1.28 5.54
N LEU A 100 11.95 2.45 6.09
CA LEU A 100 10.96 3.42 5.52
C LEU A 100 11.58 4.80 5.37
N ALA A 101 11.01 5.63 4.53
CA ALA A 101 11.57 6.99 4.32
C ALA A 101 10.46 8.04 4.32
N PRO A 102 10.07 8.44 5.50
CA PRO A 102 8.99 9.45 5.65
C PRO A 102 9.41 10.76 4.99
N ILE A 103 8.54 11.35 4.21
CA ILE A 103 8.89 12.65 3.56
C ILE A 103 8.43 13.81 4.43
N ILE A 104 9.32 14.33 5.24
CA ILE A 104 8.95 15.50 6.10
C ILE A 104 10.19 16.35 6.40
N ARG A 105 10.07 17.24 7.35
CA ARG A 105 11.27 18.03 7.77
C ARG A 105 12.01 17.29 8.88
N LYS A 106 13.27 17.57 9.05
CA LYS A 106 14.07 16.81 10.07
C LYS A 106 13.44 16.94 11.45
N ASP A 107 12.55 17.86 11.60
CA ASP A 107 11.89 18.04 12.92
C ASP A 107 10.37 18.03 12.76
N GLN A 108 9.85 17.28 11.82
CA GLN A 108 8.36 17.26 11.62
C GLN A 108 7.71 16.17 12.47
N ARG A 109 7.76 14.94 12.03
CA ARG A 109 7.08 13.86 12.80
C ARG A 109 8.09 13.02 13.58
N LEU A 110 9.27 12.87 13.06
CA LEU A 110 10.28 12.01 13.75
C LEU A 110 11.26 12.88 14.54
N LYS A 111 10.74 13.79 15.33
CA LYS A 111 11.63 14.63 16.18
C LYS A 111 11.62 14.13 17.62
N PHE A 112 11.80 12.86 17.81
CA PHE A 112 11.78 12.30 19.20
C PHE A 112 13.07 11.54 19.51
N GLY A 113 13.45 10.63 18.64
CA GLY A 113 14.66 9.82 18.91
C GLY A 113 14.34 8.76 19.97
N GLU A 114 15.27 7.90 20.27
CA GLU A 114 15.03 6.88 21.33
C GLU A 114 13.63 6.27 21.17
N GLY A 115 13.53 5.13 20.51
CA GLY A 115 12.22 4.43 20.43
C GLY A 115 11.41 4.98 19.25
N ILE A 116 11.94 5.97 18.57
CA ILE A 116 11.22 6.52 17.38
C ILE A 116 11.01 5.43 16.34
N GLU A 117 11.99 4.58 16.13
CA GLU A 117 11.82 3.47 15.15
C GLU A 117 10.69 2.55 15.59
N GLU A 118 10.61 2.24 16.86
CA GLU A 118 9.47 1.43 17.37
C GLU A 118 8.19 2.24 17.33
N TYR A 119 8.29 3.53 17.49
CA TYR A 119 7.07 4.37 17.44
C TYR A 119 6.37 4.17 16.09
N VAL A 120 7.13 4.09 15.03
CA VAL A 120 6.53 3.73 13.72
C VAL A 120 5.88 2.34 13.80
N GLN A 121 6.53 1.39 14.41
CA GLN A 121 5.87 0.06 14.60
C GLN A 121 4.59 0.23 15.40
N ARG A 122 4.65 0.99 16.45
CA ARG A 122 3.42 1.24 17.25
C ARG A 122 2.35 1.91 16.38
N ALA A 123 2.75 2.83 15.54
CA ALA A 123 1.74 3.60 14.76
C ALA A 123 1.26 2.80 13.54
N LEU A 124 2.04 1.86 13.08
CA LEU A 124 1.68 1.14 11.83
C LEU A 124 1.74 -0.38 12.02
N ILE A 125 1.94 -0.82 13.24
CA ILE A 125 2.04 -2.27 13.52
C ILE A 125 0.94 -3.05 12.76
N ARG A 126 1.00 -4.36 12.81
CA ARG A 126 -0.02 -5.20 12.10
C ARG A 126 -0.46 -4.54 10.78
N ARG A 127 0.47 -4.08 9.99
CA ARG A 127 0.09 -3.46 8.69
C ARG A 127 0.78 -4.17 7.51
N PRO A 128 0.00 -4.53 6.52
CA PRO A 128 0.54 -5.22 5.32
C PRO A 128 1.44 -4.24 4.54
N MET A 129 2.66 -4.59 4.25
CA MET A 129 3.56 -3.58 3.61
C MET A 129 4.44 -4.19 2.52
N LEU A 130 4.80 -3.40 1.55
CA LEU A 130 5.78 -3.83 0.51
C LEU A 130 6.93 -2.82 0.44
N GLU A 131 8.11 -3.28 0.16
CA GLU A 131 9.25 -2.36 -0.08
C GLU A 131 8.91 -1.41 -1.24
N GLN A 132 9.28 -0.16 -1.12
CA GLN A 132 9.04 0.81 -2.22
C GLN A 132 7.58 1.22 -2.26
N ASP A 133 6.78 0.67 -1.38
CA ASP A 133 5.35 1.09 -1.32
C ASP A 133 5.24 2.52 -0.81
N ASN A 134 4.06 2.99 -0.57
CA ASN A 134 3.90 4.37 0.00
C ASN A 134 2.76 4.36 1.02
N ILE A 135 2.84 5.19 2.02
CA ILE A 135 1.77 5.19 3.06
C ILE A 135 1.42 6.62 3.46
N SER A 136 0.31 6.77 4.14
CA SER A 136 -0.08 8.14 4.60
C SER A 136 -0.68 8.06 6.01
N VAL A 137 -0.52 9.11 6.78
CA VAL A 137 -1.11 9.12 8.15
C VAL A 137 -1.77 10.47 8.41
N PRO A 138 -2.80 10.46 9.23
CA PRO A 138 -3.51 11.71 9.57
C PRO A 138 -2.52 12.81 9.92
N GLY A 139 -1.99 13.47 8.93
CA GLY A 139 -1.03 14.57 9.18
C GLY A 139 -1.34 15.71 8.20
N LEU A 140 -1.99 16.73 8.67
CA LEU A 140 -2.38 17.84 7.76
C LEU A 140 -1.24 18.85 7.67
N THR A 141 -1.08 19.47 6.53
CA THR A 141 0.14 20.33 6.33
C THR A 141 0.16 21.47 7.33
N LEU A 142 1.05 22.39 7.14
CA LEU A 142 1.13 23.57 8.04
C LEU A 142 1.51 24.82 7.24
N ALA A 143 2.74 25.22 7.28
CA ALA A 143 3.17 26.41 6.51
C ALA A 143 3.35 26.07 5.03
N GLY A 144 2.37 25.43 4.45
CA GLY A 144 2.48 25.05 3.01
C GLY A 144 3.66 24.09 2.79
N GLN A 145 3.59 22.89 3.30
CA GLN A 145 4.66 21.90 3.01
C GLN A 145 4.17 20.87 1.99
N THR A 146 5.04 20.02 1.51
CA THR A 146 4.61 19.00 0.51
C THR A 146 5.23 17.64 0.85
N GLY A 147 4.58 16.59 0.44
CA GLY A 147 5.12 15.23 0.73
C GLY A 147 4.39 14.63 1.94
N LEU A 148 4.91 14.84 3.12
CA LEU A 148 4.21 14.33 4.34
C LEU A 148 3.68 12.90 4.12
N LEU A 149 4.49 12.02 3.58
CA LEU A 149 4.03 10.61 3.39
C LEU A 149 5.18 9.64 3.73
N PHE A 150 4.89 8.37 3.84
CA PHE A 150 5.97 7.40 4.16
C PHE A 150 6.41 6.64 2.90
N LYS A 151 7.69 6.52 2.69
CA LYS A 151 8.19 5.79 1.49
C LYS A 151 9.00 4.56 1.93
N VAL A 152 8.42 3.39 1.84
CA VAL A 152 9.17 2.17 2.23
C VAL A 152 10.18 1.82 1.14
N VAL A 153 11.38 1.48 1.52
CA VAL A 153 12.43 1.20 0.49
C VAL A 153 12.93 -0.23 0.62
N LYS A 154 12.96 -0.78 1.81
CA LYS A 154 13.51 -2.14 1.99
C LYS A 154 12.65 -2.95 2.97
N THR A 155 12.59 -4.23 2.77
CA THR A 155 11.79 -5.11 3.67
C THR A 155 12.48 -6.47 3.83
N LEU A 156 12.18 -7.19 4.86
CA LEU A 156 12.82 -8.51 5.08
C LEU A 156 12.00 -9.64 4.41
N PRO A 157 10.70 -9.52 4.48
CA PRO A 157 9.82 -10.56 3.88
C PRO A 157 10.08 -10.68 2.37
N SER A 158 9.27 -11.46 1.70
CA SER A 158 9.41 -11.58 0.21
C SER A 158 8.53 -10.53 -0.48
N LYS A 159 8.36 -10.65 -1.76
CA LYS A 159 7.57 -9.63 -2.52
C LYS A 159 6.10 -9.66 -2.09
N VAL A 160 5.74 -10.59 -1.27
CA VAL A 160 4.31 -10.72 -0.86
C VAL A 160 4.01 -9.82 0.34
N PRO A 161 2.77 -9.42 0.42
CA PRO A 161 2.31 -8.55 1.52
C PRO A 161 2.71 -9.13 2.87
N VAL A 162 3.28 -8.34 3.75
CA VAL A 162 3.51 -8.84 5.13
C VAL A 162 2.81 -7.95 6.13
N GLU A 163 2.46 -8.50 7.24
CA GLU A 163 1.83 -7.67 8.30
C GLU A 163 2.85 -7.38 9.41
N ILE A 164 3.01 -6.14 9.74
CA ILE A 164 4.00 -5.77 10.78
C ILE A 164 3.51 -6.23 12.16
N GLY A 165 4.40 -6.48 13.07
CA GLY A 165 3.97 -6.85 14.45
C GLY A 165 4.94 -6.24 15.45
N GLU A 166 4.59 -6.24 16.70
CA GLU A 166 5.45 -5.58 17.72
C GLU A 166 6.87 -6.17 17.69
N GLU A 167 7.01 -7.35 17.16
CA GLU A 167 8.35 -7.96 17.07
C GLU A 167 9.03 -7.56 15.76
N THR A 168 8.29 -6.95 14.87
CA THR A 168 8.92 -6.45 13.62
C THR A 168 9.95 -5.38 13.95
N LYS A 169 11.00 -5.29 13.20
CA LYS A 169 12.00 -4.22 13.44
C LYS A 169 11.74 -3.06 12.49
N ILE A 170 11.94 -1.85 12.94
CA ILE A 170 11.70 -0.69 12.06
C ILE A 170 13.01 -0.07 11.61
N GLU A 171 13.16 0.14 10.34
CA GLU A 171 14.36 0.88 9.85
C GLU A 171 13.93 2.18 9.19
N ILE A 172 14.61 3.25 9.50
CA ILE A 172 14.20 4.56 8.94
C ILE A 172 15.45 5.37 8.57
N ARG A 173 15.35 6.18 7.55
CA ARG A 173 16.55 6.92 7.08
C ARG A 173 16.71 8.24 7.84
N GLU A 174 17.66 9.04 7.47
CA GLU A 174 17.92 10.29 8.23
C GLU A 174 17.77 11.50 7.31
N GLU A 175 17.80 11.28 6.02
CA GLU A 175 17.59 12.40 5.07
C GLU A 175 16.12 12.48 4.67
N PRO A 176 15.48 13.51 5.13
CA PRO A 176 14.05 13.73 4.84
C PRO A 176 13.84 14.10 3.37
N ALA A 177 12.79 14.79 3.08
CA ALA A 177 12.49 15.15 1.67
C ALA A 177 13.40 16.30 1.22
N SER A 178 14.68 16.18 1.42
CA SER A 178 15.61 17.23 0.94
C SER A 178 16.45 16.69 -0.23
N GLU A 179 16.23 17.20 -1.41
CA GLU A 179 17.02 16.72 -2.58
C GLU A 179 16.80 15.22 -2.78
N VAL A 180 15.74 14.69 -2.25
CA VAL A 180 15.47 13.23 -2.39
C VAL A 180 14.42 12.99 -3.47
N LEU A 181 14.60 11.97 -4.27
CA LEU A 181 13.63 11.69 -5.38
C LEU A 181 13.18 13.00 -6.04
N GLU A 182 14.09 13.90 -6.28
CA GLU A 182 13.73 15.18 -6.94
C GLU A 182 13.14 14.91 -8.33
N GLU A 183 12.01 15.48 -8.63
CA GLU A 183 11.39 15.24 -9.97
C GLU A 183 12.33 15.70 -11.08
N GLY A 184 13.13 16.69 -10.82
CA GLY A 184 14.05 17.21 -11.88
C GLY A 184 13.23 17.76 -13.04
N GLY A 185 13.56 17.39 -14.24
CA GLY A 185 12.79 17.90 -15.42
C GLY A 185 12.27 16.71 -16.23
N MET A 1 6.57 -17.75 -12.21
CA MET A 1 6.31 -18.47 -10.93
C MET A 1 4.82 -18.77 -10.79
N GLU A 2 4.47 -20.03 -10.75
CA GLU A 2 3.03 -20.40 -10.59
C GLU A 2 2.48 -19.84 -9.28
N SER A 3 3.26 -19.88 -8.23
CA SER A 3 2.76 -19.39 -6.91
C SER A 3 2.38 -17.91 -7.02
N ASN A 4 3.15 -17.13 -7.72
CA ASN A 4 2.84 -15.67 -7.84
C ASN A 4 2.17 -15.39 -9.19
N ASN A 5 0.92 -15.01 -9.18
CA ASN A 5 0.23 -14.69 -10.46
C ASN A 5 -1.00 -13.83 -10.18
N GLY A 6 -1.44 -13.05 -11.14
CA GLY A 6 -2.62 -12.17 -10.93
C GLY A 6 -3.33 -11.92 -12.26
N ILE A 7 -4.11 -10.88 -12.34
CA ILE A 7 -4.82 -10.55 -13.62
C ILE A 7 -4.73 -9.06 -13.90
N ILE A 8 -5.10 -8.62 -15.07
CA ILE A 8 -5.03 -7.16 -15.37
C ILE A 8 -6.44 -6.58 -15.54
N LEU A 9 -6.78 -5.61 -14.73
CA LEU A 9 -8.13 -4.98 -14.82
C LEU A 9 -8.00 -3.46 -14.64
N ARG A 10 -9.09 -2.78 -14.45
CA ARG A 10 -8.99 -1.29 -14.34
C ARG A 10 -9.48 -0.81 -12.98
N VAL A 11 -8.81 0.15 -12.43
CA VAL A 11 -9.14 0.62 -11.05
C VAL A 11 -10.56 1.19 -11.01
N ALA A 12 -11.23 1.06 -9.90
CA ALA A 12 -12.59 1.64 -9.76
C ALA A 12 -12.66 2.61 -8.58
N GLU A 13 -13.46 3.63 -8.69
CA GLU A 13 -13.69 4.52 -7.52
C GLU A 13 -14.72 5.60 -7.87
N ALA A 14 -15.72 5.76 -7.04
CA ALA A 14 -16.76 6.81 -7.32
C ALA A 14 -17.02 7.65 -6.07
N ASN A 15 -17.33 7.00 -4.97
CA ASN A 15 -17.59 7.76 -3.71
C ASN A 15 -17.18 6.92 -2.49
N SER A 16 -16.03 7.17 -1.95
CA SER A 16 -15.58 6.40 -0.74
C SER A 16 -14.65 7.25 0.11
N THR A 17 -14.49 6.90 1.36
CA THR A 17 -13.57 7.68 2.24
C THR A 17 -12.13 7.32 1.91
N ASP A 18 -11.20 8.20 2.22
CA ASP A 18 -9.78 7.93 1.88
C ASP A 18 -9.28 6.64 2.55
N PRO A 19 -9.69 6.45 3.78
CA PRO A 19 -9.25 5.24 4.53
C PRO A 19 -9.88 3.99 3.91
N GLY A 20 -9.21 2.86 4.00
CA GLY A 20 -9.78 1.61 3.43
C GLY A 20 -9.21 1.38 2.03
N MET A 21 -7.94 1.57 1.86
CA MET A 21 -7.30 1.31 0.55
C MET A 21 -6.91 -0.17 0.45
N SER A 22 -7.17 -0.92 1.48
CA SER A 22 -6.86 -2.38 1.44
C SER A 22 -8.13 -3.18 1.17
N ARG A 23 -9.21 -2.49 0.90
CA ARG A 23 -10.49 -3.22 0.61
C ARG A 23 -10.73 -3.27 -0.90
N VAL A 24 -10.71 -4.45 -1.48
CA VAL A 24 -10.93 -4.56 -2.95
C VAL A 24 -12.25 -5.27 -3.22
N ARG A 25 -13.21 -4.58 -3.75
CA ARG A 25 -14.50 -5.26 -4.07
C ARG A 25 -14.39 -5.94 -5.44
N LEU A 26 -14.51 -7.24 -5.45
CA LEU A 26 -14.32 -7.99 -6.72
C LEU A 26 -15.43 -9.03 -6.89
N ASP A 27 -15.53 -9.64 -8.03
CA ASP A 27 -16.63 -10.63 -8.24
C ASP A 27 -16.08 -12.05 -8.19
N GLU A 28 -16.92 -13.02 -8.47
CA GLU A 28 -16.47 -14.44 -8.35
C GLU A 28 -15.31 -14.69 -9.29
N SER A 29 -15.39 -14.17 -10.48
CA SER A 29 -14.29 -14.39 -11.47
C SER A 29 -13.01 -13.69 -11.01
N SER A 30 -13.10 -12.43 -10.65
CA SER A 30 -11.90 -11.73 -10.14
C SER A 30 -11.35 -12.45 -8.92
N ARG A 31 -12.20 -13.14 -8.21
CA ARG A 31 -11.75 -13.91 -7.01
C ARG A 31 -11.26 -15.31 -7.40
N ARG A 32 -12.00 -16.00 -8.23
CA ARG A 32 -11.58 -17.39 -8.63
C ARG A 32 -10.50 -17.33 -9.71
N LEU A 33 -10.23 -16.17 -10.22
CA LEU A 33 -9.19 -16.03 -11.28
C LEU A 33 -7.95 -16.85 -10.90
N LEU A 34 -7.72 -17.02 -9.64
CA LEU A 34 -6.57 -17.85 -9.19
C LEU A 34 -6.97 -18.67 -7.96
N ASP A 35 -7.36 -18.02 -6.90
CA ASP A 35 -7.75 -18.74 -5.68
C ASP A 35 -8.38 -17.78 -4.67
N ALA A 36 -7.97 -16.54 -4.70
CA ALA A 36 -8.50 -15.50 -3.74
C ALA A 36 -9.77 -15.98 -3.06
N GLU A 37 -9.75 -16.06 -1.76
CA GLU A 37 -11.00 -16.41 -1.03
C GLU A 37 -11.54 -15.16 -0.34
N ILE A 38 -12.60 -15.28 0.40
CA ILE A 38 -13.15 -14.08 1.09
C ILE A 38 -12.14 -13.54 2.10
N GLY A 39 -11.70 -12.33 1.93
CA GLY A 39 -10.80 -11.71 2.93
C GLY A 39 -9.40 -12.32 2.83
N ASP A 40 -8.97 -12.64 1.64
CA ASP A 40 -7.57 -13.11 1.47
C ASP A 40 -6.65 -11.91 1.21
N VAL A 41 -5.38 -12.12 1.06
CA VAL A 41 -4.45 -10.97 0.84
C VAL A 41 -4.11 -10.84 -0.65
N VAL A 42 -4.30 -9.68 -1.20
CA VAL A 42 -4.05 -9.51 -2.67
C VAL A 42 -2.98 -8.45 -2.91
N GLU A 43 -2.25 -8.59 -3.98
CA GLU A 43 -1.20 -7.57 -4.31
C GLU A 43 -1.60 -6.81 -5.56
N ILE A 44 -1.35 -5.52 -5.61
CA ILE A 44 -1.77 -4.74 -6.82
C ILE A 44 -0.58 -3.99 -7.41
N GLU A 45 -0.52 -3.89 -8.70
CA GLU A 45 0.63 -3.19 -9.34
C GLU A 45 0.21 -2.53 -10.66
N LYS A 46 -0.06 -1.25 -10.64
CA LYS A 46 -0.35 -0.53 -11.90
C LYS A 46 0.91 0.20 -12.37
N VAL A 47 1.37 1.14 -11.61
CA VAL A 47 2.65 1.83 -11.93
C VAL A 47 3.74 1.34 -10.99
N ARG A 48 3.37 1.10 -9.77
CA ARG A 48 4.34 0.52 -8.79
C ARG A 48 3.70 -0.69 -8.12
N LYS A 49 4.35 -1.25 -7.14
CA LYS A 49 3.76 -2.43 -6.45
C LYS A 49 3.01 -2.01 -5.20
N THR A 50 1.91 -2.65 -4.94
CA THR A 50 1.12 -2.32 -3.72
C THR A 50 0.47 -3.59 -3.16
N VAL A 51 -0.04 -3.49 -1.97
CA VAL A 51 -0.69 -4.68 -1.33
C VAL A 51 -2.13 -4.33 -0.92
N GLY A 52 -2.95 -5.31 -0.67
CA GLY A 52 -4.31 -5.02 -0.16
C GLY A 52 -5.07 -6.32 0.11
N ARG A 53 -6.35 -6.21 0.40
CA ARG A 53 -7.14 -7.42 0.77
C ARG A 53 -8.32 -7.57 -0.20
N VAL A 54 -8.96 -8.72 -0.19
CA VAL A 54 -10.04 -8.96 -1.18
C VAL A 54 -11.41 -8.73 -0.52
N TYR A 55 -12.38 -8.31 -1.29
CA TYR A 55 -13.75 -8.12 -0.74
C TYR A 55 -14.80 -8.61 -1.74
N ARG A 56 -16.03 -8.73 -1.32
CA ARG A 56 -17.09 -9.21 -2.23
C ARG A 56 -17.72 -8.03 -2.98
N ALA A 57 -17.70 -8.04 -4.28
CA ALA A 57 -18.31 -6.92 -5.05
C ALA A 57 -19.82 -6.87 -4.80
N ARG A 58 -20.36 -5.70 -4.64
CA ARG A 58 -21.85 -5.62 -4.52
C ARG A 58 -22.49 -6.21 -5.77
N PRO A 59 -21.99 -5.80 -6.91
CA PRO A 59 -22.50 -6.32 -8.19
C PRO A 59 -21.64 -7.51 -8.60
N GLU A 60 -22.11 -8.69 -8.34
CA GLU A 60 -21.30 -9.91 -8.64
C GLU A 60 -21.25 -10.17 -10.15
N ASP A 61 -21.21 -9.13 -10.94
CA ASP A 61 -21.15 -9.33 -12.43
C ASP A 61 -20.31 -8.23 -13.08
N GLU A 62 -20.30 -7.06 -12.51
CA GLU A 62 -19.48 -5.96 -13.10
C GLU A 62 -18.04 -6.06 -12.60
N ASN A 63 -17.88 -6.60 -11.43
CA ASN A 63 -16.51 -6.73 -10.85
C ASN A 63 -15.79 -7.96 -11.43
N LYS A 64 -15.95 -8.20 -12.70
CA LYS A 64 -15.19 -9.31 -13.34
C LYS A 64 -13.97 -8.75 -14.07
N GLY A 65 -13.63 -7.51 -13.80
CA GLY A 65 -12.43 -6.91 -14.42
C GLY A 65 -12.27 -5.47 -13.93
N ILE A 66 -12.78 -5.17 -12.76
CA ILE A 66 -12.59 -3.82 -12.18
C ILE A 66 -12.37 -3.96 -10.68
N VAL A 67 -11.62 -3.10 -10.08
CA VAL A 67 -11.35 -3.23 -8.62
C VAL A 67 -11.71 -1.93 -7.89
N ARG A 68 -12.44 -2.01 -6.81
CA ARG A 68 -12.80 -0.78 -6.06
C ARG A 68 -11.74 -0.48 -5.00
N ILE A 69 -11.06 0.63 -5.13
CA ILE A 69 -10.01 0.99 -4.13
C ILE A 69 -10.11 2.46 -3.73
N ASP A 70 -9.41 2.84 -2.69
CA ASP A 70 -9.36 4.28 -2.32
C ASP A 70 -8.33 5.01 -3.19
N SER A 71 -8.49 6.30 -3.36
CA SER A 71 -7.52 7.08 -4.20
C SER A 71 -6.12 6.96 -3.61
N VAL A 72 -6.02 6.68 -2.35
CA VAL A 72 -4.67 6.62 -1.72
C VAL A 72 -3.89 5.41 -2.25
N MET A 73 -4.53 4.28 -2.38
CA MET A 73 -3.82 3.10 -2.94
C MET A 73 -3.34 3.41 -4.37
N ARG A 74 -4.22 3.88 -5.21
CA ARG A 74 -3.78 4.34 -6.55
C ARG A 74 -2.75 5.47 -6.41
N ASN A 75 -2.97 6.36 -5.48
CA ASN A 75 -1.96 7.43 -5.23
C ASN A 75 -0.62 6.80 -4.83
N ASN A 76 -0.66 5.74 -4.06
CA ASN A 76 0.61 5.10 -3.62
C ASN A 76 1.44 4.63 -4.83
N CYS A 77 0.78 4.17 -5.86
CA CYS A 77 1.53 3.63 -7.03
C CYS A 77 1.64 4.69 -8.14
N GLY A 78 0.59 5.44 -8.36
CA GLY A 78 0.66 6.55 -9.36
C GLY A 78 -0.34 6.32 -10.49
N ALA A 79 -1.50 5.78 -10.18
CA ALA A 79 -2.48 5.49 -11.25
C ALA A 79 -3.76 6.31 -11.05
N SER A 80 -4.64 6.32 -12.01
CA SER A 80 -5.89 7.11 -11.89
C SER A 80 -7.10 6.19 -12.02
N ILE A 81 -8.29 6.72 -12.00
CA ILE A 81 -9.48 5.86 -12.16
C ILE A 81 -9.52 5.27 -13.57
N GLY A 82 -9.96 4.05 -13.67
CA GLY A 82 -10.17 3.44 -15.01
C GLY A 82 -8.81 3.05 -15.62
N ASP A 83 -7.73 3.27 -14.91
CA ASP A 83 -6.41 2.85 -15.41
C ASP A 83 -6.37 1.33 -15.61
N LYS A 84 -5.20 0.78 -15.76
CA LYS A 84 -5.06 -0.70 -15.91
C LYS A 84 -3.99 -1.22 -14.95
N VAL A 85 -4.38 -1.98 -13.96
CA VAL A 85 -3.39 -2.51 -12.99
C VAL A 85 -3.45 -4.04 -12.96
N LYS A 86 -2.42 -4.67 -12.46
CA LYS A 86 -2.43 -6.16 -12.35
C LYS A 86 -2.65 -6.57 -10.89
N VAL A 87 -3.63 -7.38 -10.63
CA VAL A 87 -3.89 -7.81 -9.23
C VAL A 87 -3.49 -9.28 -9.05
N ARG A 88 -2.58 -9.55 -8.14
CA ARG A 88 -2.17 -10.96 -7.89
C ARG A 88 -2.65 -11.39 -6.52
N LYS A 89 -2.99 -12.63 -6.35
CA LYS A 89 -3.48 -13.09 -5.02
C LYS A 89 -2.32 -13.62 -4.18
N VAL A 90 -2.30 -13.30 -2.92
CA VAL A 90 -1.21 -13.79 -2.05
C VAL A 90 -1.71 -13.99 -0.62
N ARG A 91 -0.82 -14.18 0.30
CA ARG A 91 -1.23 -14.36 1.72
C ARG A 91 -0.35 -13.48 2.62
N THR A 92 -0.69 -13.39 3.88
CA THR A 92 0.07 -12.46 4.76
C THR A 92 0.99 -13.22 5.71
N GLU A 93 1.97 -12.53 6.24
CA GLU A 93 2.89 -13.16 7.22
C GLU A 93 3.41 -12.08 8.17
N ILE A 94 4.07 -12.46 9.22
CA ILE A 94 4.54 -11.42 10.18
C ILE A 94 5.93 -10.93 9.79
N ALA A 95 6.01 -9.80 9.13
CA ALA A 95 7.33 -9.24 8.74
C ALA A 95 8.23 -9.11 9.97
N LYS A 96 9.48 -9.46 9.83
CA LYS A 96 10.40 -9.40 10.99
C LYS A 96 11.23 -8.11 10.97
N LYS A 97 11.53 -7.58 9.81
CA LYS A 97 12.31 -6.31 9.76
C LYS A 97 11.96 -5.50 8.51
N VAL A 98 11.58 -4.26 8.67
CA VAL A 98 11.24 -3.44 7.46
C VAL A 98 11.81 -2.03 7.59
N THR A 99 12.17 -1.43 6.48
CA THR A 99 12.79 -0.06 6.52
C THR A 99 11.93 0.91 5.71
N LEU A 100 11.80 2.14 6.17
CA LEU A 100 10.96 3.12 5.43
C LEU A 100 11.63 4.50 5.39
N ALA A 101 11.11 5.38 4.58
CA ALA A 101 11.76 6.71 4.42
C ALA A 101 10.71 7.80 4.19
N PRO A 102 10.32 8.42 5.26
CA PRO A 102 9.32 9.51 5.20
C PRO A 102 9.87 10.71 4.42
N ILE A 103 9.14 11.19 3.46
CA ILE A 103 9.62 12.36 2.67
C ILE A 103 9.13 13.66 3.33
N ILE A 104 9.96 14.27 4.13
CA ILE A 104 9.60 15.59 4.74
C ILE A 104 10.85 16.43 4.98
N ARG A 105 10.69 17.58 5.57
CA ARG A 105 11.85 18.45 5.86
C ARG A 105 11.75 18.99 7.30
N LYS A 106 11.98 20.26 7.49
CA LYS A 106 11.83 20.84 8.86
C LYS A 106 10.40 20.65 9.34
N ASP A 107 9.51 20.39 8.43
CA ASP A 107 8.08 20.19 8.79
C ASP A 107 7.76 18.70 8.88
N GLN A 108 8.75 17.90 9.17
CA GLN A 108 8.54 16.43 9.22
C GLN A 108 8.00 16.03 10.59
N ARG A 109 7.24 14.96 10.63
CA ARG A 109 6.67 14.52 11.93
C ARG A 109 7.64 13.58 12.64
N LEU A 110 8.63 13.08 11.94
CA LEU A 110 9.60 12.16 12.56
C LEU A 110 10.88 12.91 12.95
N LYS A 111 10.76 13.93 13.75
CA LYS A 111 11.97 14.68 14.18
C LYS A 111 12.31 14.34 15.64
N PHE A 112 12.48 13.10 15.95
CA PHE A 112 12.78 12.72 17.36
C PHE A 112 13.97 11.76 17.40
N GLY A 113 13.92 10.68 16.68
CA GLY A 113 15.01 9.68 16.74
C GLY A 113 14.90 8.89 18.06
N GLU A 114 15.71 7.89 18.23
CA GLU A 114 15.64 7.11 19.51
C GLU A 114 14.18 6.75 19.83
N GLY A 115 13.80 5.53 19.58
CA GLY A 115 12.42 5.09 19.92
C GLY A 115 11.47 5.42 18.78
N ILE A 116 11.89 6.24 17.86
CA ILE A 116 11.06 6.52 16.66
C ILE A 116 10.81 5.22 15.88
N GLU A 117 11.77 4.34 15.83
CA GLU A 117 11.57 3.05 15.11
C GLU A 117 10.41 2.29 15.76
N GLU A 118 10.36 2.29 17.07
CA GLU A 118 9.21 1.67 17.76
C GLU A 118 7.94 2.49 17.50
N TYR A 119 8.07 3.79 17.45
CA TYR A 119 6.88 4.64 17.18
C TYR A 119 6.29 4.28 15.82
N VAL A 120 7.11 4.08 14.84
CA VAL A 120 6.58 3.63 13.52
C VAL A 120 5.86 2.30 13.68
N GLN A 121 6.46 1.38 14.40
CA GLN A 121 5.81 0.07 14.62
C GLN A 121 4.47 0.26 15.33
N ARG A 122 4.43 1.11 16.32
CA ARG A 122 3.16 1.36 17.03
C ARG A 122 2.11 1.91 16.04
N ALA A 123 2.49 2.85 15.24
CA ALA A 123 1.52 3.45 14.28
C ALA A 123 1.18 2.45 13.17
N LEU A 124 2.15 1.78 12.63
CA LEU A 124 1.88 0.90 11.46
C LEU A 124 1.75 -0.56 11.89
N ILE A 125 1.78 -0.84 13.16
CA ILE A 125 1.74 -2.26 13.61
C ILE A 125 0.60 -3.02 12.90
N ARG A 126 0.56 -4.31 13.04
CA ARG A 126 -0.51 -5.13 12.38
C ARG A 126 -0.91 -4.53 11.03
N ARG A 127 0.02 -4.21 10.19
CA ARG A 127 -0.36 -3.69 8.84
C ARG A 127 0.42 -4.41 7.72
N PRO A 128 -0.21 -4.51 6.58
CA PRO A 128 0.42 -5.15 5.39
C PRO A 128 1.57 -4.28 4.86
N MET A 129 2.75 -4.83 4.68
CA MET A 129 3.87 -3.96 4.20
C MET A 129 4.46 -4.49 2.91
N LEU A 130 4.81 -3.59 2.01
CA LEU A 130 5.35 -4.00 0.70
C LEU A 130 6.51 -3.07 0.32
N GLU A 131 7.72 -3.54 0.43
CA GLU A 131 8.90 -2.66 0.19
C GLU A 131 8.70 -1.83 -1.08
N GLN A 132 9.04 -0.56 -1.01
CA GLN A 132 8.88 0.35 -2.18
C GLN A 132 7.46 0.94 -2.19
N ASP A 133 6.62 0.48 -1.30
CA ASP A 133 5.24 1.05 -1.23
C ASP A 133 5.29 2.48 -0.69
N ASN A 134 4.15 3.10 -0.53
CA ASN A 134 4.11 4.50 0.00
C ASN A 134 2.84 4.70 0.82
N ILE A 135 2.86 5.58 1.78
CA ILE A 135 1.63 5.78 2.60
C ILE A 135 1.32 7.27 2.76
N SER A 136 0.11 7.58 3.11
CA SER A 136 -0.27 9.01 3.28
C SER A 136 -1.20 9.17 4.49
N VAL A 137 -1.26 10.34 5.05
CA VAL A 137 -2.16 10.58 6.22
C VAL A 137 -3.44 11.25 5.75
N PRO A 138 -4.51 10.95 6.44
CA PRO A 138 -5.84 11.52 6.09
C PRO A 138 -5.72 13.03 5.81
N GLY A 139 -5.43 13.38 4.60
CA GLY A 139 -5.44 14.82 4.22
C GLY A 139 -4.70 15.64 5.29
N LEU A 140 -3.44 15.36 5.49
CA LEU A 140 -2.66 16.18 6.47
C LEU A 140 -1.63 17.02 5.70
N THR A 141 -1.24 18.14 6.24
CA THR A 141 -0.18 18.95 5.58
C THR A 141 0.18 20.17 6.42
N LEU A 142 0.96 21.04 5.86
CA LEU A 142 1.33 22.30 6.59
C LEU A 142 1.49 23.45 5.57
N ALA A 143 2.60 24.14 5.62
CA ALA A 143 2.86 25.21 4.61
C ALA A 143 2.82 24.62 3.20
N GLY A 144 3.51 25.23 2.29
CA GLY A 144 3.61 24.65 0.92
C GLY A 144 4.66 23.54 0.91
N GLN A 145 4.32 22.40 1.45
CA GLN A 145 5.29 21.27 1.47
C GLN A 145 5.04 20.33 0.29
N THR A 146 5.93 19.40 0.06
CA THR A 146 5.74 18.46 -1.08
C THR A 146 6.06 17.03 -0.64
N GLY A 147 5.47 16.05 -1.29
CA GLY A 147 5.73 14.65 -0.89
C GLY A 147 5.07 14.37 0.45
N LEU A 148 5.75 14.69 1.52
CA LEU A 148 5.15 14.49 2.89
C LEU A 148 4.44 13.12 2.99
N LEU A 149 5.11 12.07 2.59
CA LEU A 149 4.50 10.71 2.73
C LEU A 149 5.58 9.71 3.17
N PHE A 150 5.19 8.56 3.65
CA PHE A 150 6.21 7.55 4.04
C PHE A 150 6.52 6.62 2.86
N LYS A 151 7.77 6.48 2.51
CA LYS A 151 8.12 5.59 1.37
C LYS A 151 8.91 4.38 1.89
N VAL A 152 8.32 3.21 1.82
CA VAL A 152 9.03 1.98 2.27
C VAL A 152 10.02 1.54 1.20
N VAL A 153 11.20 1.16 1.58
CA VAL A 153 12.21 0.78 0.57
C VAL A 153 12.63 -0.68 0.71
N LYS A 154 12.63 -1.22 1.90
CA LYS A 154 13.08 -2.63 2.04
C LYS A 154 12.26 -3.37 3.10
N THR A 155 12.07 -4.63 2.88
CA THR A 155 11.38 -5.48 3.89
C THR A 155 12.08 -6.84 3.96
N LEU A 156 11.88 -7.58 5.00
CA LEU A 156 12.59 -8.89 5.11
C LEU A 156 11.78 -10.02 4.46
N PRO A 157 10.48 -9.95 4.58
CA PRO A 157 9.62 -11.00 3.98
C PRO A 157 9.87 -11.06 2.47
N SER A 158 9.03 -11.74 1.75
CA SER A 158 9.16 -11.76 0.26
C SER A 158 8.40 -10.58 -0.34
N LYS A 159 8.31 -10.51 -1.63
CA LYS A 159 7.61 -9.38 -2.29
C LYS A 159 6.10 -9.44 -2.00
N VAL A 160 5.68 -10.45 -1.29
CA VAL A 160 4.24 -10.57 -0.96
C VAL A 160 3.92 -9.78 0.31
N PRO A 161 2.73 -9.26 0.34
CA PRO A 161 2.26 -8.47 1.50
C PRO A 161 2.58 -9.18 2.82
N VAL A 162 3.01 -8.44 3.80
CA VAL A 162 3.15 -9.03 5.18
C VAL A 162 2.46 -8.13 6.18
N GLU A 163 2.12 -8.65 7.32
CA GLU A 163 1.50 -7.79 8.35
C GLU A 163 2.49 -7.52 9.48
N ILE A 164 2.68 -6.27 9.80
CA ILE A 164 3.63 -5.90 10.88
C ILE A 164 3.06 -6.32 12.24
N GLY A 165 3.91 -6.55 13.19
CA GLY A 165 3.41 -6.89 14.56
C GLY A 165 4.33 -6.26 15.61
N GLU A 166 3.98 -6.38 16.85
CA GLU A 166 4.80 -5.75 17.93
C GLU A 166 6.23 -6.30 17.87
N GLU A 167 6.40 -7.49 17.36
CA GLU A 167 7.76 -8.11 17.35
C GLU A 167 8.52 -7.74 16.08
N THR A 168 7.82 -7.27 15.07
CA THR A 168 8.51 -6.90 13.80
C THR A 168 9.56 -5.82 14.08
N LYS A 169 10.64 -5.82 13.35
CA LYS A 169 11.66 -4.76 13.54
C LYS A 169 11.52 -3.71 12.45
N ILE A 170 11.91 -2.49 12.71
CA ILE A 170 11.77 -1.44 11.68
C ILE A 170 13.07 -0.68 11.48
N GLU A 171 13.20 -0.03 10.35
CA GLU A 171 14.39 0.82 10.10
C GLU A 171 13.96 2.19 9.61
N ILE A 172 14.47 3.23 10.18
CA ILE A 172 14.07 4.60 9.74
C ILE A 172 15.30 5.36 9.25
N ARG A 173 15.25 5.90 8.07
CA ARG A 173 16.44 6.65 7.57
C ARG A 173 16.37 8.13 7.99
N GLU A 174 17.50 8.71 8.27
CA GLU A 174 17.51 10.13 8.75
C GLU A 174 17.61 11.09 7.56
N GLU A 175 17.68 10.55 6.37
CA GLU A 175 17.79 11.42 5.16
C GLU A 175 16.39 11.67 4.59
N PRO A 176 15.93 12.87 4.78
CA PRO A 176 14.59 13.27 4.29
C PRO A 176 14.60 13.36 2.77
N ALA A 177 13.73 14.15 2.23
CA ALA A 177 13.66 14.27 0.74
C ALA A 177 14.67 15.30 0.24
N SER A 178 15.84 15.31 0.81
CA SER A 178 16.88 16.29 0.37
C SER A 178 17.89 15.63 -0.57
N GLU A 179 17.44 14.75 -1.44
CA GLU A 179 18.38 14.10 -2.39
C GLU A 179 17.62 13.15 -3.33
N VAL A 180 16.34 13.32 -3.45
CA VAL A 180 15.55 12.41 -4.31
C VAL A 180 15.47 12.97 -5.73
N LEU A 181 16.00 12.26 -6.69
CA LEU A 181 15.96 12.75 -8.08
C LEU A 181 14.84 12.05 -8.86
N GLU A 182 14.04 11.28 -8.18
CA GLU A 182 12.92 10.58 -8.87
C GLU A 182 13.44 9.89 -10.14
N GLU A 183 12.97 10.30 -11.29
CA GLU A 183 13.45 9.67 -12.56
C GLU A 183 14.96 9.86 -12.69
N GLY A 184 15.65 8.84 -13.14
CA GLY A 184 17.12 8.96 -13.31
C GLY A 184 17.65 7.73 -14.06
N GLY A 185 18.57 7.91 -14.96
CA GLY A 185 19.13 6.75 -15.70
C GLY A 185 20.16 7.25 -16.73
N MET A 1 2.65 -19.82 -14.81
CA MET A 1 2.67 -21.18 -14.21
C MET A 1 3.33 -21.13 -12.82
N GLU A 2 3.59 -19.96 -12.32
CA GLU A 2 4.21 -19.83 -10.97
C GLU A 2 3.13 -19.85 -9.88
N SER A 3 3.51 -20.12 -8.66
CA SER A 3 2.51 -20.17 -7.56
C SER A 3 1.82 -18.80 -7.42
N ASN A 4 2.49 -17.74 -7.79
CA ASN A 4 1.89 -16.38 -7.64
C ASN A 4 1.40 -15.87 -9.00
N ASN A 5 0.17 -15.46 -9.09
CA ASN A 5 -0.37 -14.94 -10.38
C ASN A 5 -1.45 -13.88 -10.12
N GLY A 6 -1.74 -13.06 -11.10
CA GLY A 6 -2.80 -12.04 -10.93
C GLY A 6 -3.50 -11.79 -12.28
N ILE A 7 -4.33 -10.78 -12.36
CA ILE A 7 -5.05 -10.50 -13.63
C ILE A 7 -4.99 -9.00 -13.95
N ILE A 8 -5.21 -8.64 -15.19
CA ILE A 8 -5.14 -7.20 -15.56
C ILE A 8 -6.54 -6.60 -15.63
N LEU A 9 -6.81 -5.65 -14.79
CA LEU A 9 -8.16 -5.00 -14.79
C LEU A 9 -8.01 -3.49 -14.60
N ARG A 10 -9.09 -2.78 -14.54
CA ARG A 10 -8.98 -1.29 -14.50
C ARG A 10 -9.30 -0.76 -13.10
N VAL A 11 -8.52 0.17 -12.64
CA VAL A 11 -8.74 0.74 -11.27
C VAL A 11 -10.08 1.46 -11.21
N ALA A 12 -10.84 1.23 -10.17
CA ALA A 12 -12.13 1.97 -10.01
C ALA A 12 -12.12 2.78 -8.71
N GLU A 13 -12.87 3.85 -8.66
CA GLU A 13 -12.94 4.65 -7.39
C GLU A 13 -14.00 5.75 -7.51
N ALA A 14 -14.48 6.25 -6.40
CA ALA A 14 -15.50 7.34 -6.44
C ALA A 14 -15.02 8.52 -5.60
N ASN A 15 -15.71 9.64 -5.69
CA ASN A 15 -15.28 10.83 -4.91
C ASN A 15 -15.53 10.60 -3.41
N SER A 16 -16.38 9.67 -3.08
CA SER A 16 -16.68 9.41 -1.64
C SER A 16 -17.28 8.01 -1.46
N THR A 17 -17.70 7.69 -0.27
CA THR A 17 -18.31 6.34 -0.02
C THR A 17 -17.33 5.23 -0.41
N ASP A 18 -17.82 4.02 -0.56
CA ASP A 18 -16.91 2.88 -0.92
C ASP A 18 -15.56 3.01 -0.22
N PRO A 19 -15.61 2.98 1.09
CA PRO A 19 -14.36 3.10 1.89
C PRO A 19 -13.47 1.88 1.67
N GLY A 20 -12.39 1.78 2.38
CA GLY A 20 -11.49 0.59 2.22
C GLY A 20 -10.36 0.93 1.24
N MET A 21 -9.30 1.51 1.73
CA MET A 21 -8.16 1.83 0.82
C MET A 21 -7.19 0.65 0.77
N SER A 22 -7.34 -0.31 1.66
CA SER A 22 -6.47 -1.51 1.62
C SER A 22 -7.28 -2.75 1.25
N ARG A 23 -8.44 -2.55 0.67
CA ARG A 23 -9.30 -3.71 0.33
C ARG A 23 -9.73 -3.63 -1.14
N VAL A 24 -9.93 -4.76 -1.77
CA VAL A 24 -10.32 -4.75 -3.21
C VAL A 24 -11.69 -5.37 -3.38
N ARG A 25 -12.62 -4.65 -3.94
CA ARG A 25 -13.96 -5.25 -4.18
C ARG A 25 -14.04 -5.79 -5.61
N LEU A 26 -14.26 -7.07 -5.73
CA LEU A 26 -14.29 -7.70 -7.08
C LEU A 26 -15.40 -8.75 -7.13
N ASP A 27 -15.66 -9.33 -8.27
CA ASP A 27 -16.78 -10.31 -8.35
C ASP A 27 -16.29 -11.73 -8.04
N GLU A 28 -17.19 -12.68 -8.03
CA GLU A 28 -16.79 -14.07 -7.68
C GLU A 28 -15.74 -14.55 -8.67
N SER A 29 -15.93 -14.23 -9.91
CA SER A 29 -14.93 -14.63 -10.93
C SER A 29 -13.58 -13.97 -10.65
N SER A 30 -13.54 -12.66 -10.61
CA SER A 30 -12.26 -11.98 -10.28
C SER A 30 -11.66 -12.60 -9.01
N ARG A 31 -12.48 -13.08 -8.13
CA ARG A 31 -11.97 -13.70 -6.89
C ARG A 31 -11.52 -15.15 -7.11
N ARG A 32 -12.32 -15.93 -7.79
CA ARG A 32 -11.99 -17.38 -7.89
C ARG A 32 -11.26 -17.70 -9.19
N LEU A 33 -11.22 -16.77 -10.12
CA LEU A 33 -10.51 -17.05 -11.39
C LEU A 33 -9.03 -17.37 -11.11
N LEU A 34 -8.51 -16.87 -10.02
CA LEU A 34 -7.11 -17.25 -9.65
C LEU A 34 -7.12 -18.14 -8.40
N ASP A 35 -7.34 -17.55 -7.26
CA ASP A 35 -7.36 -18.34 -6.00
C ASP A 35 -7.92 -17.48 -4.85
N ALA A 36 -7.88 -16.19 -5.01
CA ALA A 36 -8.39 -15.29 -3.94
C ALA A 36 -9.69 -15.85 -3.33
N GLU A 37 -9.71 -15.98 -2.04
CA GLU A 37 -10.98 -16.35 -1.36
C GLU A 37 -11.37 -15.22 -0.39
N ILE A 38 -12.46 -15.37 0.29
CA ILE A 38 -12.86 -14.30 1.25
C ILE A 38 -11.73 -14.05 2.25
N GLY A 39 -11.31 -12.82 2.39
CA GLY A 39 -10.31 -12.48 3.43
C GLY A 39 -8.92 -12.97 3.02
N ASP A 40 -8.67 -13.15 1.75
CA ASP A 40 -7.28 -13.50 1.31
C ASP A 40 -6.49 -12.23 1.05
N VAL A 41 -5.20 -12.34 0.86
CA VAL A 41 -4.37 -11.13 0.65
C VAL A 41 -4.10 -10.92 -0.83
N VAL A 42 -4.37 -9.76 -1.36
CA VAL A 42 -4.16 -9.51 -2.81
C VAL A 42 -3.08 -8.44 -3.02
N GLU A 43 -2.28 -8.59 -4.03
CA GLU A 43 -1.21 -7.59 -4.30
C GLU A 43 -1.51 -6.86 -5.61
N ILE A 44 -1.23 -5.59 -5.69
CA ILE A 44 -1.56 -4.83 -6.93
C ILE A 44 -0.29 -4.24 -7.54
N GLU A 45 -0.22 -4.17 -8.84
CA GLU A 45 1.02 -3.63 -9.47
C GLU A 45 0.72 -2.97 -10.82
N LYS A 46 0.40 -1.71 -10.82
CA LYS A 46 0.29 -0.96 -12.12
C LYS A 46 1.58 -0.17 -12.37
N VAL A 47 1.78 0.88 -11.62
CA VAL A 47 3.02 1.70 -11.78
C VAL A 47 4.04 1.24 -10.75
N ARG A 48 3.59 0.85 -9.58
CA ARG A 48 4.53 0.33 -8.56
C ARG A 48 3.88 -0.83 -7.81
N LYS A 49 4.51 -1.31 -6.78
CA LYS A 49 3.95 -2.49 -6.06
C LYS A 49 2.99 -2.05 -4.98
N THR A 50 1.85 -2.68 -4.92
CA THR A 50 0.83 -2.31 -3.91
C THR A 50 0.25 -3.56 -3.25
N VAL A 51 -0.32 -3.41 -2.09
CA VAL A 51 -0.95 -4.57 -1.40
C VAL A 51 -2.41 -4.28 -1.08
N GLY A 52 -3.18 -5.29 -0.81
CA GLY A 52 -4.59 -5.04 -0.39
C GLY A 52 -5.29 -6.36 -0.06
N ARG A 53 -6.53 -6.30 0.32
CA ARG A 53 -7.28 -7.52 0.71
C ARG A 53 -8.45 -7.77 -0.25
N VAL A 54 -9.08 -8.90 -0.17
CA VAL A 54 -10.16 -9.21 -1.15
C VAL A 54 -11.53 -8.86 -0.56
N TYR A 55 -12.33 -8.16 -1.31
CA TYR A 55 -13.71 -7.85 -0.85
C TYR A 55 -14.72 -8.39 -1.87
N ARG A 56 -15.96 -8.49 -1.48
CA ARG A 56 -17.01 -8.98 -2.42
C ARG A 56 -17.64 -7.79 -3.16
N ALA A 57 -17.60 -7.82 -4.47
CA ALA A 57 -18.21 -6.70 -5.25
C ALA A 57 -19.71 -6.63 -4.98
N ARG A 58 -20.24 -5.45 -4.85
CA ARG A 58 -21.72 -5.33 -4.70
C ARG A 58 -22.39 -5.94 -5.93
N PRO A 59 -21.93 -5.55 -7.08
CA PRO A 59 -22.46 -6.07 -8.34
C PRO A 59 -21.63 -7.30 -8.75
N GLU A 60 -22.14 -8.45 -8.46
CA GLU A 60 -21.38 -9.71 -8.73
C GLU A 60 -21.33 -10.00 -10.24
N ASP A 61 -21.25 -8.98 -11.06
CA ASP A 61 -21.21 -9.21 -12.53
C ASP A 61 -20.38 -8.12 -13.23
N GLU A 62 -20.41 -6.92 -12.71
CA GLU A 62 -19.61 -5.82 -13.33
C GLU A 62 -18.18 -5.89 -12.80
N ASN A 63 -18.02 -6.41 -11.62
CA ASN A 63 -16.66 -6.56 -11.03
C ASN A 63 -15.96 -7.79 -11.59
N LYS A 64 -16.08 -8.02 -12.87
CA LYS A 64 -15.37 -9.17 -13.49
C LYS A 64 -14.06 -8.68 -14.14
N GLY A 65 -13.69 -7.45 -13.87
CA GLY A 65 -12.43 -6.91 -14.43
C GLY A 65 -12.26 -5.45 -13.98
N ILE A 66 -12.79 -5.12 -12.84
CA ILE A 66 -12.57 -3.75 -12.28
C ILE A 66 -12.36 -3.84 -10.78
N VAL A 67 -11.51 -3.01 -10.23
CA VAL A 67 -11.28 -3.07 -8.76
C VAL A 67 -11.62 -1.71 -8.13
N ARG A 68 -12.45 -1.70 -7.13
CA ARG A 68 -12.81 -0.41 -6.49
C ARG A 68 -11.84 -0.10 -5.34
N ILE A 69 -11.06 0.95 -5.47
CA ILE A 69 -10.11 1.29 -4.39
C ILE A 69 -10.23 2.77 -4.02
N ASP A 70 -9.75 3.13 -2.86
CA ASP A 70 -9.79 4.56 -2.43
C ASP A 70 -8.65 5.34 -3.11
N SER A 71 -8.68 6.64 -3.00
CA SER A 71 -7.62 7.46 -3.64
C SER A 71 -6.24 7.09 -3.07
N VAL A 72 -6.17 6.79 -1.80
CA VAL A 72 -4.85 6.47 -1.19
C VAL A 72 -4.26 5.23 -1.86
N MET A 73 -5.05 4.21 -2.05
CA MET A 73 -4.54 3.00 -2.76
C MET A 73 -4.08 3.39 -4.17
N ARG A 74 -4.87 4.19 -4.84
CA ARG A 74 -4.44 4.70 -6.18
C ARG A 74 -3.14 5.50 -6.03
N ASN A 75 -3.02 6.27 -4.99
CA ASN A 75 -1.77 7.06 -4.78
C ASN A 75 -0.60 6.14 -4.44
N ASN A 76 -0.89 4.99 -3.87
CA ASN A 76 0.21 4.08 -3.45
C ASN A 76 1.08 3.67 -4.66
N CYS A 77 0.46 3.41 -5.78
CA CYS A 77 1.24 2.97 -6.98
C CYS A 77 1.48 4.14 -7.93
N GLY A 78 0.51 5.01 -8.08
CA GLY A 78 0.67 6.17 -9.00
C GLY A 78 -0.31 6.03 -10.18
N ALA A 79 -1.43 5.44 -9.95
CA ALA A 79 -2.38 5.17 -11.07
C ALA A 79 -3.50 6.22 -11.11
N SER A 80 -4.27 6.23 -12.15
CA SER A 80 -5.44 7.14 -12.22
C SER A 80 -6.72 6.30 -12.30
N ILE A 81 -7.86 6.91 -12.18
CA ILE A 81 -9.12 6.10 -12.27
C ILE A 81 -9.25 5.48 -13.65
N GLY A 82 -9.71 4.26 -13.69
CA GLY A 82 -10.03 3.62 -15.00
C GLY A 82 -8.74 3.15 -15.67
N ASP A 83 -7.60 3.42 -15.08
CA ASP A 83 -6.33 2.88 -15.63
C ASP A 83 -6.37 1.36 -15.67
N LYS A 84 -5.22 0.74 -15.72
CA LYS A 84 -5.18 -0.75 -15.76
C LYS A 84 -4.04 -1.25 -14.86
N VAL A 85 -4.37 -2.02 -13.87
CA VAL A 85 -3.32 -2.56 -12.95
C VAL A 85 -3.37 -4.08 -12.93
N LYS A 86 -2.32 -4.72 -12.50
CA LYS A 86 -2.33 -6.19 -12.37
C LYS A 86 -2.45 -6.61 -10.90
N VAL A 87 -3.49 -7.32 -10.55
CA VAL A 87 -3.67 -7.73 -9.14
C VAL A 87 -3.30 -9.20 -8.97
N ARG A 88 -2.35 -9.50 -8.13
CA ARG A 88 -1.96 -10.93 -7.93
C ARG A 88 -2.37 -11.39 -6.54
N LYS A 89 -2.99 -12.53 -6.44
CA LYS A 89 -3.41 -13.02 -5.11
C LYS A 89 -2.20 -13.56 -4.34
N VAL A 90 -2.12 -13.26 -3.08
CA VAL A 90 -1.00 -13.79 -2.25
C VAL A 90 -1.47 -13.98 -0.81
N ARG A 91 -0.55 -14.23 0.08
CA ARG A 91 -0.93 -14.40 1.52
C ARG A 91 -0.06 -13.49 2.38
N THR A 92 -0.38 -13.38 3.64
CA THR A 92 0.40 -12.45 4.51
C THR A 92 1.25 -13.23 5.51
N GLU A 93 2.25 -12.58 6.04
CA GLU A 93 3.12 -13.21 7.08
C GLU A 93 3.58 -12.13 8.05
N ILE A 94 4.24 -12.50 9.11
CA ILE A 94 4.63 -11.46 10.10
C ILE A 94 6.00 -10.85 9.73
N ALA A 95 6.00 -9.71 9.10
CA ALA A 95 7.28 -9.07 8.71
C ALA A 95 8.19 -8.91 9.94
N LYS A 96 9.46 -9.17 9.79
CA LYS A 96 10.38 -9.05 10.95
C LYS A 96 11.22 -7.77 10.87
N LYS A 97 11.49 -7.29 9.67
CA LYS A 97 12.34 -6.07 9.56
C LYS A 97 11.96 -5.26 8.32
N VAL A 98 11.60 -4.01 8.49
CA VAL A 98 11.17 -3.21 7.30
C VAL A 98 11.79 -1.81 7.36
N THR A 99 12.22 -1.30 6.24
CA THR A 99 12.84 0.06 6.22
C THR A 99 11.93 1.05 5.51
N LEU A 100 11.75 2.22 6.07
CA LEU A 100 10.89 3.24 5.41
C LEU A 100 11.61 4.58 5.36
N ALA A 101 11.20 5.46 4.48
CA ALA A 101 11.90 6.77 4.35
C ALA A 101 10.90 7.92 4.42
N PRO A 102 10.81 8.51 5.58
CA PRO A 102 9.89 9.66 5.78
C PRO A 102 10.17 10.75 4.75
N ILE A 103 9.20 11.12 3.96
CA ILE A 103 9.45 12.17 2.92
C ILE A 103 9.16 13.57 3.50
N ILE A 104 10.18 14.35 3.70
CA ILE A 104 9.98 15.74 4.22
C ILE A 104 11.07 16.67 3.71
N ARG A 105 11.23 17.77 4.38
CA ARG A 105 12.29 18.73 3.99
C ARG A 105 13.39 18.79 5.05
N LYS A 106 14.56 19.22 4.70
CA LYS A 106 15.67 19.31 5.70
C LYS A 106 15.26 20.25 6.83
N ASP A 107 14.28 21.06 6.57
CA ASP A 107 13.76 21.96 7.63
C ASP A 107 12.48 21.37 8.22
N GLN A 108 12.41 20.08 8.27
CA GLN A 108 11.15 19.42 8.72
C GLN A 108 11.07 19.42 10.25
N ARG A 109 9.88 19.45 10.78
CA ARG A 109 9.72 19.58 12.26
C ARG A 109 9.69 18.19 12.92
N LEU A 110 9.54 17.16 12.14
CA LEU A 110 9.43 15.80 12.74
C LEU A 110 10.78 15.09 12.68
N LYS A 111 11.68 15.44 13.57
CA LYS A 111 13.02 14.80 13.58
C LYS A 111 13.39 14.38 15.00
N PHE A 112 12.64 13.48 15.59
CA PHE A 112 12.92 13.09 16.99
C PHE A 112 13.88 11.89 17.04
N GLY A 113 13.54 10.82 16.38
CA GLY A 113 14.41 9.62 16.44
C GLY A 113 14.25 8.94 17.80
N GLU A 114 15.09 7.99 18.10
CA GLU A 114 15.01 7.33 19.44
C GLU A 114 13.55 6.96 19.76
N GLY A 115 13.19 5.73 19.55
CA GLY A 115 11.82 5.28 19.92
C GLY A 115 10.85 5.56 18.77
N ILE A 116 11.17 6.48 17.91
CA ILE A 116 10.31 6.74 16.73
C ILE A 116 10.20 5.48 15.87
N GLU A 117 11.24 4.69 15.79
CA GLU A 117 11.17 3.42 15.01
C GLU A 117 10.07 2.52 15.59
N GLU A 118 10.03 2.41 16.90
CA GLU A 118 8.92 1.65 17.53
C GLU A 118 7.60 2.37 17.30
N TYR A 119 7.62 3.68 17.33
CA TYR A 119 6.37 4.45 17.08
C TYR A 119 5.82 4.11 15.70
N VAL A 120 6.69 3.98 14.73
CA VAL A 120 6.22 3.55 13.37
C VAL A 120 5.57 2.17 13.48
N GLN A 121 6.21 1.25 14.16
CA GLN A 121 5.58 -0.08 14.39
C GLN A 121 4.26 0.08 15.14
N ARG A 122 4.22 0.96 16.11
CA ARG A 122 2.96 1.14 16.89
C ARG A 122 1.82 1.56 15.97
N ALA A 123 2.06 2.52 15.13
CA ALA A 123 0.99 2.99 14.20
C ALA A 123 0.73 1.94 13.10
N LEU A 124 1.77 1.37 12.58
CA LEU A 124 1.62 0.45 11.41
C LEU A 124 1.42 -0.99 11.87
N ILE A 125 1.59 -1.24 13.13
CA ILE A 125 1.53 -2.65 13.62
C ILE A 125 0.36 -3.40 12.96
N ARG A 126 0.35 -4.70 13.10
CA ARG A 126 -0.73 -5.53 12.46
C ARG A 126 -1.18 -4.93 11.12
N ARG A 127 -0.26 -4.52 10.28
CA ARG A 127 -0.68 -3.97 8.97
C ARG A 127 0.11 -4.60 7.82
N PRO A 128 -0.58 -4.81 6.72
CA PRO A 128 0.06 -5.41 5.51
C PRO A 128 1.13 -4.44 4.97
N MET A 129 2.34 -4.88 4.78
CA MET A 129 3.38 -3.92 4.31
C MET A 129 4.05 -4.42 3.03
N LEU A 130 4.41 -3.50 2.17
CA LEU A 130 5.00 -3.90 0.87
C LEU A 130 6.11 -2.90 0.49
N GLU A 131 7.33 -3.36 0.39
CA GLU A 131 8.45 -2.43 0.09
C GLU A 131 8.10 -1.52 -1.10
N GLN A 132 8.61 -0.32 -1.09
CA GLN A 132 8.35 0.64 -2.20
C GLN A 132 6.93 1.22 -2.10
N ASP A 133 6.17 0.77 -1.14
CA ASP A 133 4.81 1.36 -0.93
C ASP A 133 4.91 2.79 -0.42
N ASN A 134 3.81 3.37 -0.03
CA ASN A 134 3.85 4.76 0.53
C ASN A 134 2.72 4.93 1.55
N ILE A 135 3.02 5.46 2.70
CA ILE A 135 1.95 5.62 3.73
C ILE A 135 2.03 7.00 4.38
N SER A 136 0.99 7.41 5.03
CA SER A 136 0.99 8.73 5.70
C SER A 136 0.40 8.62 7.10
N VAL A 137 0.87 9.42 8.01
CA VAL A 137 0.35 9.33 9.41
C VAL A 137 0.02 10.74 9.97
N PRO A 138 1.03 11.56 10.13
CA PRO A 138 0.80 12.93 10.65
C PRO A 138 0.06 13.79 9.63
N GLY A 139 -1.08 14.32 9.97
CA GLY A 139 -1.84 15.15 9.01
C GLY A 139 -1.51 16.62 9.23
N LEU A 140 -0.26 16.94 9.41
CA LEU A 140 0.13 18.36 9.63
C LEU A 140 1.29 18.74 8.69
N THR A 141 1.42 19.99 8.35
CA THR A 141 2.52 20.40 7.44
C THR A 141 3.25 21.62 8.01
N LEU A 142 4.13 22.18 7.22
CA LEU A 142 4.89 23.38 7.68
C LEU A 142 5.02 24.39 6.53
N ALA A 143 6.22 24.75 6.18
CA ALA A 143 6.42 25.72 5.05
C ALA A 143 5.68 25.22 3.80
N GLY A 144 6.15 25.64 2.65
CA GLY A 144 5.55 25.15 1.38
C GLY A 144 6.12 23.76 1.07
N GLN A 145 5.95 22.83 1.96
CA GLN A 145 6.45 21.45 1.70
C GLN A 145 5.29 20.52 1.33
N THR A 146 5.57 19.44 0.67
CA THR A 146 4.49 18.49 0.30
C THR A 146 4.97 17.05 0.48
N GLY A 147 4.06 16.13 0.67
CA GLY A 147 4.46 14.71 0.85
C GLY A 147 4.34 14.33 2.33
N LEU A 148 5.38 14.48 3.09
CA LEU A 148 5.31 14.13 4.54
C LEU A 148 4.71 12.72 4.72
N LEU A 149 5.31 11.73 4.12
CA LEU A 149 4.77 10.35 4.24
C LEU A 149 5.94 9.37 4.38
N PHE A 150 5.67 8.16 4.77
CA PHE A 150 6.79 7.17 4.89
C PHE A 150 6.95 6.38 3.59
N LYS A 151 8.10 6.46 2.99
CA LYS A 151 8.33 5.69 1.73
C LYS A 151 9.06 4.38 2.04
N VAL A 152 8.37 3.28 1.99
CA VAL A 152 9.04 1.98 2.29
C VAL A 152 9.90 1.55 1.11
N VAL A 153 11.09 1.12 1.36
CA VAL A 153 11.99 0.73 0.24
C VAL A 153 12.59 -0.66 0.48
N LYS A 154 12.60 -1.11 1.70
CA LYS A 154 13.17 -2.45 1.96
C LYS A 154 12.34 -3.22 2.99
N THR A 155 12.16 -4.49 2.77
CA THR A 155 11.40 -5.33 3.74
C THR A 155 12.09 -6.68 3.89
N LEU A 156 11.79 -7.38 4.95
CA LEU A 156 12.46 -8.69 5.18
C LEU A 156 11.71 -9.82 4.50
N PRO A 157 10.40 -9.73 4.46
CA PRO A 157 9.60 -10.79 3.81
C PRO A 157 10.06 -10.99 2.36
N SER A 158 9.31 -11.73 1.58
CA SER A 158 9.72 -12.00 0.18
C SER A 158 9.18 -10.93 -0.76
N LYS A 159 9.20 -9.70 -0.35
CA LYS A 159 8.62 -8.61 -1.20
C LYS A 159 7.15 -8.89 -1.46
N VAL A 160 6.46 -9.31 -0.43
CA VAL A 160 5.01 -9.59 -0.56
C VAL A 160 4.27 -9.02 0.64
N PRO A 161 3.00 -8.84 0.47
CA PRO A 161 2.16 -8.29 1.56
C PRO A 161 2.41 -9.04 2.86
N VAL A 162 2.85 -8.35 3.88
CA VAL A 162 3.02 -9.02 5.20
C VAL A 162 2.30 -8.20 6.27
N GLU A 163 1.99 -8.80 7.37
CA GLU A 163 1.32 -8.06 8.45
C GLU A 163 2.31 -7.72 9.56
N ILE A 164 2.42 -6.47 9.87
CA ILE A 164 3.40 -6.04 10.90
C ILE A 164 2.93 -6.46 12.29
N GLY A 165 3.83 -6.64 13.21
CA GLY A 165 3.44 -6.93 14.61
C GLY A 165 4.36 -6.19 15.56
N GLU A 166 4.01 -6.11 16.81
CA GLU A 166 4.85 -5.36 17.79
C GLU A 166 6.27 -5.93 17.82
N GLU A 167 6.45 -7.14 17.34
CA GLU A 167 7.80 -7.76 17.36
C GLU A 167 8.56 -7.41 16.08
N THR A 168 7.86 -6.91 15.09
CA THR A 168 8.54 -6.52 13.81
C THR A 168 9.57 -5.43 14.07
N LYS A 169 10.62 -5.37 13.29
CA LYS A 169 11.64 -4.32 13.53
C LYS A 169 11.42 -3.14 12.57
N ILE A 170 11.84 -1.96 12.94
CA ILE A 170 11.63 -0.78 12.06
C ILE A 170 12.97 -0.15 11.66
N GLU A 171 13.13 0.18 10.42
CA GLU A 171 14.33 0.95 9.99
C GLU A 171 13.92 2.28 9.37
N ILE A 172 14.54 3.34 9.79
CA ILE A 172 14.18 4.69 9.24
C ILE A 172 15.44 5.39 8.73
N ARG A 173 15.46 5.77 7.48
CA ARG A 173 16.68 6.43 6.92
C ARG A 173 16.60 7.95 7.10
N GLU A 174 17.70 8.63 6.92
CA GLU A 174 17.72 10.10 7.14
C GLU A 174 17.60 10.86 5.81
N GLU A 175 17.31 10.17 4.74
CA GLU A 175 17.23 10.84 3.41
C GLU A 175 15.78 11.24 3.10
N PRO A 176 15.53 12.51 3.15
CA PRO A 176 14.19 13.06 2.87
C PRO A 176 13.86 12.97 1.38
N ALA A 177 12.97 13.80 0.93
CA ALA A 177 12.61 13.82 -0.51
C ALA A 177 13.70 14.53 -1.32
N SER A 178 14.93 14.10 -1.17
CA SER A 178 16.03 14.73 -1.96
C SER A 178 15.87 14.37 -3.44
N GLU A 179 15.88 15.34 -4.31
CA GLU A 179 15.74 15.05 -5.76
C GLU A 179 14.42 14.33 -6.05
N VAL A 180 13.51 14.32 -5.12
CA VAL A 180 12.19 13.67 -5.38
C VAL A 180 11.08 14.72 -5.49
N LEU A 181 10.41 14.79 -6.61
CA LEU A 181 9.31 15.79 -6.77
C LEU A 181 8.04 15.10 -7.27
N GLU A 182 8.07 13.81 -7.41
CA GLU A 182 6.86 13.05 -7.86
C GLU A 182 6.39 13.54 -9.23
N GLU A 183 7.19 14.29 -9.93
CA GLU A 183 6.80 14.73 -11.30
C GLU A 183 6.80 13.54 -12.25
N GLY A 184 5.97 13.56 -13.26
CA GLY A 184 5.94 12.44 -14.24
C GLY A 184 7.31 12.32 -14.91
N GLY A 185 7.92 13.42 -15.23
CA GLY A 185 9.26 13.37 -15.88
C GLY A 185 9.14 12.61 -17.21
N MET A 1 9.73 -21.23 -5.17
CA MET A 1 9.10 -22.58 -5.30
C MET A 1 7.63 -22.44 -5.69
N GLU A 2 6.88 -21.69 -4.94
CA GLU A 2 5.44 -21.52 -5.26
C GLU A 2 5.26 -20.49 -6.38
N SER A 3 4.14 -20.50 -7.05
CA SER A 3 3.94 -19.54 -8.17
C SER A 3 2.77 -18.59 -7.87
N ASN A 4 2.97 -17.32 -8.08
CA ASN A 4 1.87 -16.35 -7.79
C ASN A 4 1.50 -15.57 -9.06
N ASN A 5 0.23 -15.51 -9.38
CA ASN A 5 -0.20 -14.77 -10.60
C ASN A 5 -1.36 -13.81 -10.26
N GLY A 6 -1.71 -12.95 -11.18
CA GLY A 6 -2.85 -12.04 -10.94
C GLY A 6 -3.59 -11.78 -12.26
N ILE A 7 -4.44 -10.80 -12.29
CA ILE A 7 -5.18 -10.49 -13.56
C ILE A 7 -5.13 -8.99 -13.84
N ILE A 8 -5.35 -8.60 -15.06
CA ILE A 8 -5.30 -7.15 -15.39
C ILE A 8 -6.70 -6.56 -15.47
N LEU A 9 -6.99 -5.61 -14.60
CA LEU A 9 -8.32 -4.95 -14.65
C LEU A 9 -8.14 -3.44 -14.47
N ARG A 10 -9.20 -2.72 -14.25
CA ARG A 10 -9.07 -1.24 -14.19
C ARG A 10 -9.41 -0.71 -12.80
N VAL A 11 -8.65 0.24 -12.32
CA VAL A 11 -8.90 0.80 -10.97
C VAL A 11 -10.26 1.48 -10.91
N ALA A 12 -10.99 1.28 -9.84
CA ALA A 12 -12.31 1.96 -9.70
C ALA A 12 -12.26 3.00 -8.57
N GLU A 13 -13.00 4.06 -8.71
CA GLU A 13 -13.05 5.09 -7.62
C GLU A 13 -13.97 6.24 -8.01
N ALA A 14 -15.23 6.14 -7.67
CA ALA A 14 -16.20 7.22 -8.05
C ALA A 14 -15.77 8.55 -7.43
N ASN A 15 -15.30 8.53 -6.21
CA ASN A 15 -14.88 9.80 -5.55
C ASN A 15 -13.55 9.61 -4.83
N SER A 16 -12.99 10.67 -4.31
CA SER A 16 -11.67 10.55 -3.61
C SER A 16 -11.87 10.50 -2.10
N THR A 17 -11.43 9.44 -1.48
CA THR A 17 -11.61 9.33 0.00
C THR A 17 -10.26 9.49 0.71
N ASP A 18 -10.24 10.23 1.79
CA ASP A 18 -8.96 10.44 2.51
C ASP A 18 -8.42 9.12 3.10
N PRO A 19 -9.33 8.31 3.59
CA PRO A 19 -8.93 7.00 4.19
C PRO A 19 -8.17 6.15 3.16
N GLY A 20 -7.94 4.91 3.47
CA GLY A 20 -7.23 4.01 2.50
C GLY A 20 -6.74 2.76 3.22
N MET A 21 -7.57 1.76 3.35
CA MET A 21 -7.14 0.51 4.04
C MET A 21 -6.70 -0.54 3.01
N SER A 22 -6.40 -0.12 1.81
CA SER A 22 -5.98 -1.11 0.76
C SER A 22 -6.99 -2.25 0.68
N ARG A 23 -8.26 -1.95 0.62
CA ARG A 23 -9.27 -3.02 0.45
C ARG A 23 -9.65 -3.16 -1.03
N VAL A 24 -9.78 -4.37 -1.51
CA VAL A 24 -10.18 -4.55 -2.94
C VAL A 24 -11.51 -5.28 -3.02
N ARG A 25 -12.53 -4.62 -3.48
CA ARG A 25 -13.84 -5.33 -3.63
C ARG A 25 -13.95 -5.91 -5.04
N LEU A 26 -14.10 -7.20 -5.12
CA LEU A 26 -14.10 -7.87 -6.46
C LEU A 26 -15.23 -8.90 -6.53
N ASP A 27 -15.55 -9.36 -7.70
CA ASP A 27 -16.69 -10.31 -7.85
C ASP A 27 -16.19 -11.76 -7.70
N GLU A 28 -17.08 -12.70 -7.86
CA GLU A 28 -16.68 -14.13 -7.66
C GLU A 28 -15.58 -14.48 -8.64
N SER A 29 -15.73 -14.10 -9.87
CA SER A 29 -14.68 -14.38 -10.89
C SER A 29 -13.35 -13.72 -10.47
N SER A 30 -13.39 -12.47 -10.12
CA SER A 30 -12.15 -11.80 -9.62
C SER A 30 -11.60 -12.56 -8.42
N ARG A 31 -12.47 -13.19 -7.68
CA ARG A 31 -12.01 -13.98 -6.49
C ARG A 31 -11.51 -15.36 -6.92
N ARG A 32 -12.24 -16.04 -7.77
CA ARG A 32 -11.82 -17.40 -8.19
C ARG A 32 -10.89 -17.32 -9.40
N LEU A 33 -10.61 -16.13 -9.86
CA LEU A 33 -9.70 -15.97 -11.02
C LEU A 33 -8.38 -16.71 -10.75
N LEU A 34 -8.04 -16.88 -9.52
CA LEU A 34 -6.82 -17.65 -9.17
C LEU A 34 -7.05 -18.49 -7.91
N ASP A 35 -7.39 -17.85 -6.83
CA ASP A 35 -7.62 -18.60 -5.57
C ASP A 35 -8.22 -17.69 -4.50
N ALA A 36 -7.89 -16.42 -4.58
CA ALA A 36 -8.36 -15.43 -3.55
C ALA A 36 -9.62 -15.94 -2.83
N GLU A 37 -9.51 -16.12 -1.55
CA GLU A 37 -10.71 -16.46 -0.75
C GLU A 37 -11.10 -15.23 0.09
N ILE A 38 -12.18 -15.30 0.81
CA ILE A 38 -12.57 -14.13 1.64
C ILE A 38 -11.45 -13.79 2.62
N GLY A 39 -10.99 -12.56 2.60
CA GLY A 39 -9.99 -12.12 3.61
C GLY A 39 -8.60 -12.66 3.28
N ASP A 40 -8.33 -12.91 2.02
CA ASP A 40 -6.93 -13.25 1.63
C ASP A 40 -6.16 -11.96 1.30
N VAL A 41 -4.87 -12.06 1.06
CA VAL A 41 -4.08 -10.83 0.80
C VAL A 41 -3.86 -10.64 -0.70
N VAL A 42 -4.11 -9.46 -1.20
CA VAL A 42 -3.98 -9.24 -2.67
C VAL A 42 -2.88 -8.22 -2.95
N GLU A 43 -2.09 -8.44 -3.97
CA GLU A 43 -1.03 -7.45 -4.33
C GLU A 43 -1.42 -6.72 -5.62
N ILE A 44 -1.18 -5.44 -5.69
CA ILE A 44 -1.62 -4.70 -6.91
C ILE A 44 -0.43 -4.01 -7.59
N GLU A 45 -0.45 -3.93 -8.89
CA GLU A 45 0.69 -3.29 -9.60
C GLU A 45 0.22 -2.64 -10.90
N LYS A 46 -0.06 -1.37 -10.87
CA LYS A 46 -0.39 -0.64 -12.12
C LYS A 46 0.84 0.09 -12.64
N VAL A 47 1.31 1.06 -11.90
CA VAL A 47 2.57 1.76 -12.27
C VAL A 47 3.69 1.26 -11.36
N ARG A 48 3.38 1.01 -10.12
CA ARG A 48 4.40 0.44 -9.19
C ARG A 48 3.85 -0.79 -8.50
N LYS A 49 4.43 -1.17 -7.41
CA LYS A 49 3.94 -2.36 -6.65
C LYS A 49 3.21 -1.92 -5.39
N THR A 50 2.04 -2.46 -5.16
CA THR A 50 1.31 -2.12 -3.91
C THR A 50 0.67 -3.38 -3.33
N VAL A 51 0.25 -3.31 -2.11
CA VAL A 51 -0.39 -4.49 -1.46
C VAL A 51 -1.81 -4.12 -1.02
N GLY A 52 -2.61 -5.10 -0.67
CA GLY A 52 -3.96 -4.79 -0.14
C GLY A 52 -4.65 -6.10 0.24
N ARG A 53 -5.90 -6.02 0.62
CA ARG A 53 -6.63 -7.24 1.05
C ARG A 53 -7.87 -7.44 0.18
N VAL A 54 -8.46 -8.60 0.22
CA VAL A 54 -9.57 -8.90 -0.72
C VAL A 54 -10.92 -8.57 -0.08
N TYR A 55 -11.82 -8.01 -0.85
CA TYR A 55 -13.19 -7.76 -0.35
C TYR A 55 -14.22 -8.38 -1.30
N ARG A 56 -15.41 -8.56 -0.84
CA ARG A 56 -16.48 -9.12 -1.73
C ARG A 56 -17.20 -7.97 -2.46
N ALA A 57 -17.25 -8.01 -3.76
CA ALA A 57 -17.95 -6.93 -4.51
C ALA A 57 -19.44 -6.95 -4.17
N ARG A 58 -20.04 -5.82 -3.94
CA ARG A 58 -21.51 -5.81 -3.72
C ARG A 58 -22.20 -6.41 -4.94
N PRO A 59 -21.82 -5.93 -6.10
CA PRO A 59 -22.39 -6.45 -7.35
C PRO A 59 -21.47 -7.55 -7.88
N GLU A 60 -21.81 -8.76 -7.62
CA GLU A 60 -20.94 -9.90 -8.01
C GLU A 60 -21.00 -10.15 -9.51
N ASP A 61 -21.07 -9.11 -10.29
CA ASP A 61 -21.17 -9.29 -11.78
C ASP A 61 -20.39 -8.20 -12.50
N GLU A 62 -20.42 -6.99 -12.02
CA GLU A 62 -19.66 -5.90 -12.68
C GLU A 62 -18.22 -5.90 -12.15
N ASN A 63 -18.01 -6.45 -10.98
CA ASN A 63 -16.63 -6.54 -10.42
C ASN A 63 -15.87 -7.74 -11.03
N LYS A 64 -16.07 -8.01 -12.28
CA LYS A 64 -15.32 -9.13 -12.92
C LYS A 64 -14.12 -8.58 -13.69
N GLY A 65 -13.81 -7.33 -13.48
CA GLY A 65 -12.62 -6.72 -14.12
C GLY A 65 -12.49 -5.27 -13.66
N ILE A 66 -12.98 -4.97 -12.49
CA ILE A 66 -12.77 -3.62 -11.91
C ILE A 66 -12.50 -3.74 -10.41
N VAL A 67 -11.66 -2.91 -9.87
CA VAL A 67 -11.36 -3.01 -8.41
C VAL A 67 -11.62 -1.66 -7.72
N ARG A 68 -12.34 -1.66 -6.65
CA ARG A 68 -12.61 -0.38 -5.93
C ARG A 68 -11.53 -0.13 -4.88
N ILE A 69 -10.81 0.95 -5.00
CA ILE A 69 -9.75 1.25 -3.98
C ILE A 69 -9.88 2.69 -3.49
N ASP A 70 -9.19 3.01 -2.43
CA ASP A 70 -9.21 4.41 -1.93
C ASP A 70 -8.26 5.28 -2.75
N SER A 71 -8.36 6.58 -2.62
CA SER A 71 -7.48 7.49 -3.40
C SER A 71 -6.01 7.22 -3.07
N VAL A 72 -5.71 6.98 -1.83
CA VAL A 72 -4.29 6.78 -1.43
C VAL A 72 -3.71 5.54 -2.13
N MET A 73 -4.47 4.48 -2.18
CA MET A 73 -3.99 3.26 -2.87
C MET A 73 -3.71 3.59 -4.35
N ARG A 74 -4.64 4.25 -4.99
CA ARG A 74 -4.37 4.71 -6.38
C ARG A 74 -3.16 5.63 -6.41
N ASN A 75 -3.04 6.49 -5.42
CA ASN A 75 -1.87 7.42 -5.39
C ASN A 75 -0.59 6.65 -5.08
N ASN A 76 -0.69 5.54 -4.39
CA ASN A 76 0.54 4.79 -4.01
C ASN A 76 1.32 4.36 -5.27
N CYS A 77 0.63 3.93 -6.30
CA CYS A 77 1.36 3.43 -7.51
C CYS A 77 1.42 4.52 -8.59
N GLY A 78 0.36 5.27 -8.76
CA GLY A 78 0.40 6.39 -9.74
C GLY A 78 -0.61 6.13 -10.86
N ALA A 79 -1.77 5.63 -10.54
CA ALA A 79 -2.75 5.28 -11.61
C ALA A 79 -3.97 6.22 -11.54
N SER A 80 -4.72 6.30 -12.61
CA SER A 80 -5.96 7.13 -12.60
C SER A 80 -7.18 6.22 -12.68
N ILE A 81 -8.34 6.74 -12.45
CA ILE A 81 -9.55 5.89 -12.53
C ILE A 81 -9.60 5.14 -13.86
N GLY A 82 -9.98 3.89 -13.82
CA GLY A 82 -10.24 3.14 -15.07
C GLY A 82 -8.91 2.76 -15.73
N ASP A 83 -7.80 3.07 -15.12
CA ASP A 83 -6.50 2.65 -15.69
C ASP A 83 -6.45 1.13 -15.83
N LYS A 84 -5.28 0.58 -15.93
CA LYS A 84 -5.15 -0.90 -16.02
C LYS A 84 -4.08 -1.41 -15.05
N VAL A 85 -4.49 -2.08 -14.01
CA VAL A 85 -3.50 -2.61 -13.03
C VAL A 85 -3.60 -4.13 -12.95
N LYS A 86 -2.52 -4.80 -12.66
CA LYS A 86 -2.57 -6.28 -12.52
C LYS A 86 -2.64 -6.67 -11.04
N VAL A 87 -3.67 -7.34 -10.65
CA VAL A 87 -3.81 -7.71 -9.22
C VAL A 87 -3.45 -9.19 -9.01
N ARG A 88 -2.49 -9.46 -8.16
CA ARG A 88 -2.10 -10.87 -7.92
C ARG A 88 -2.55 -11.28 -6.51
N LYS A 89 -3.03 -12.48 -6.37
CA LYS A 89 -3.52 -12.91 -5.03
C LYS A 89 -2.39 -13.50 -4.22
N VAL A 90 -2.33 -13.17 -2.97
CA VAL A 90 -1.27 -13.75 -2.08
C VAL A 90 -1.79 -13.83 -0.64
N ARG A 91 -0.92 -14.15 0.29
CA ARG A 91 -1.33 -14.19 1.72
C ARG A 91 -0.41 -13.31 2.56
N THR A 92 -0.64 -13.24 3.84
CA THR A 92 0.19 -12.34 4.68
C THR A 92 1.14 -13.14 5.58
N GLU A 93 2.13 -12.48 6.10
CA GLU A 93 3.05 -13.13 7.08
C GLU A 93 3.59 -12.06 8.03
N ILE A 94 4.24 -12.44 9.09
CA ILE A 94 4.70 -11.41 10.05
C ILE A 94 6.10 -10.91 9.66
N ALA A 95 6.17 -9.79 8.98
CA ALA A 95 7.50 -9.25 8.58
C ALA A 95 8.39 -9.05 9.81
N LYS A 96 9.63 -9.38 9.71
CA LYS A 96 10.54 -9.24 10.89
C LYS A 96 11.34 -7.92 10.81
N LYS A 97 11.58 -7.41 9.65
CA LYS A 97 12.39 -6.15 9.54
C LYS A 97 11.96 -5.34 8.33
N VAL A 98 11.55 -4.12 8.53
CA VAL A 98 11.12 -3.26 7.38
C VAL A 98 11.69 -1.85 7.50
N THR A 99 12.08 -1.26 6.40
CA THR A 99 12.67 0.11 6.45
C THR A 99 11.77 1.10 5.70
N LEU A 100 11.56 2.26 6.27
CA LEU A 100 10.65 3.25 5.61
C LEU A 100 11.32 4.63 5.57
N ALA A 101 10.87 5.49 4.70
CA ALA A 101 11.51 6.84 4.59
C ALA A 101 10.48 7.91 4.24
N PRO A 102 10.10 8.66 5.25
CA PRO A 102 9.11 9.74 5.07
C PRO A 102 9.67 10.82 4.14
N ILE A 103 8.94 11.21 3.13
CA ILE A 103 9.47 12.23 2.18
C ILE A 103 9.03 13.63 2.60
N ILE A 104 9.93 14.42 3.12
CA ILE A 104 9.61 15.84 3.42
C ILE A 104 10.85 16.70 3.27
N ARG A 105 10.71 17.98 3.43
CA ARG A 105 11.88 18.90 3.29
C ARG A 105 11.92 19.89 4.45
N LYS A 106 12.09 21.15 4.18
CA LYS A 106 12.02 22.17 5.26
C LYS A 106 10.64 22.12 5.93
N ASP A 107 9.73 21.46 5.30
CA ASP A 107 8.35 21.34 5.86
C ASP A 107 8.18 19.98 6.56
N GLN A 108 9.25 19.38 6.99
CA GLN A 108 9.13 18.05 7.64
C GLN A 108 8.77 18.21 9.12
N ARG A 109 7.55 17.93 9.46
CA ARG A 109 7.09 18.12 10.85
C ARG A 109 7.08 16.77 11.60
N LEU A 110 7.22 15.70 10.89
CA LEU A 110 7.13 14.36 11.55
C LEU A 110 8.53 13.80 11.83
N LYS A 111 9.35 14.57 12.49
CA LYS A 111 10.70 14.06 12.87
C LYS A 111 10.72 13.70 14.36
N PHE A 112 10.46 12.46 14.69
CA PHE A 112 10.48 12.06 16.12
C PHE A 112 11.80 11.39 16.47
N GLY A 113 11.99 10.16 16.06
CA GLY A 113 13.27 9.46 16.39
C GLY A 113 13.20 8.92 17.82
N GLU A 114 14.27 8.32 18.29
CA GLU A 114 14.26 7.80 19.70
C GLU A 114 12.97 7.03 19.97
N GLY A 115 12.94 5.76 19.66
CA GLY A 115 11.74 4.94 19.96
C GLY A 115 10.72 5.11 18.84
N ILE A 116 11.01 5.90 17.86
CA ILE A 116 10.09 6.04 16.70
C ILE A 116 9.90 4.69 16.00
N GLU A 117 10.92 3.86 16.01
CA GLU A 117 10.77 2.52 15.39
C GLU A 117 9.64 1.74 16.07
N GLU A 118 9.61 1.78 17.38
CA GLU A 118 8.47 1.12 18.10
C GLU A 118 7.19 1.92 17.87
N TYR A 119 7.28 3.23 17.89
CA TYR A 119 6.08 4.05 17.62
C TYR A 119 5.51 3.73 16.23
N VAL A 120 6.38 3.56 15.27
CA VAL A 120 5.91 3.15 13.92
C VAL A 120 5.17 1.82 13.97
N GLN A 121 5.71 0.87 14.67
CA GLN A 121 4.99 -0.43 14.83
C GLN A 121 3.65 -0.20 15.51
N ARG A 122 3.65 0.54 16.58
CA ARG A 122 2.37 0.84 17.28
C ARG A 122 1.40 1.56 16.34
N ALA A 123 1.89 2.47 15.55
CA ALA A 123 0.99 3.26 14.66
C ALA A 123 0.40 2.38 13.57
N LEU A 124 1.18 1.50 13.00
CA LEU A 124 0.67 0.71 11.84
C LEU A 124 0.91 -0.79 12.04
N ILE A 125 1.04 -1.24 13.26
CA ILE A 125 1.24 -2.69 13.49
C ILE A 125 0.22 -3.51 12.68
N ARG A 126 0.31 -4.81 12.73
CA ARG A 126 -0.64 -5.68 11.95
C ARG A 126 -1.04 -5.01 10.63
N ARG A 127 -0.08 -4.54 9.88
CA ARG A 127 -0.41 -3.93 8.55
C ARG A 127 0.44 -4.55 7.43
N PRO A 128 -0.18 -4.73 6.29
CA PRO A 128 0.53 -5.31 5.11
C PRO A 128 1.69 -4.41 4.68
N MET A 129 2.87 -4.95 4.47
CA MET A 129 4.01 -4.06 4.11
C MET A 129 4.63 -4.51 2.77
N LEU A 130 4.99 -3.56 1.96
CA LEU A 130 5.57 -3.90 0.63
C LEU A 130 6.70 -2.91 0.29
N GLU A 131 7.93 -3.32 0.38
CA GLU A 131 9.05 -2.37 0.14
C GLU A 131 8.83 -1.58 -1.15
N GLN A 132 9.18 -0.32 -1.13
CA GLN A 132 8.99 0.58 -2.32
C GLN A 132 7.55 1.05 -2.41
N ASP A 133 6.71 0.61 -1.51
CA ASP A 133 5.30 1.12 -1.50
C ASP A 133 5.27 2.59 -1.05
N ASN A 134 4.10 3.13 -0.84
CA ASN A 134 4.00 4.55 -0.39
C ASN A 134 2.83 4.69 0.58
N ILE A 135 3.00 5.43 1.64
CA ILE A 135 1.90 5.58 2.64
C ILE A 135 1.84 7.01 3.14
N SER A 136 0.80 7.34 3.86
CA SER A 136 0.70 8.72 4.42
C SER A 136 0.15 8.68 5.85
N VAL A 137 0.59 9.59 6.68
CA VAL A 137 0.11 9.59 8.09
C VAL A 137 -0.72 10.84 8.39
N PRO A 138 -0.09 11.99 8.39
CA PRO A 138 -0.82 13.25 8.66
C PRO A 138 -1.75 13.59 7.49
N GLY A 139 -2.98 13.92 7.77
CA GLY A 139 -3.93 14.26 6.68
C GLY A 139 -4.03 15.79 6.54
N LEU A 140 -2.91 16.46 6.52
CA LEU A 140 -2.93 17.94 6.40
C LEU A 140 -1.69 18.42 5.61
N THR A 141 -1.74 19.61 5.07
CA THR A 141 -0.58 20.11 4.29
C THR A 141 -0.05 21.41 4.88
N LEU A 142 0.81 22.08 4.17
CA LEU A 142 1.38 23.36 4.67
C LEU A 142 1.57 24.34 3.52
N ALA A 143 2.64 25.07 3.51
CA ALA A 143 2.94 25.97 2.36
C ALA A 143 2.94 25.17 1.06
N GLY A 144 3.67 25.64 0.10
CA GLY A 144 3.86 24.82 -1.13
C GLY A 144 4.86 23.70 -0.84
N GLN A 145 4.43 22.71 -0.09
CA GLN A 145 5.34 21.56 0.22
C GLN A 145 5.09 20.41 -0.74
N THR A 146 5.99 19.46 -0.79
CA THR A 146 5.77 18.29 -1.68
C THR A 146 6.23 17.00 -0.99
N GLY A 147 5.61 15.91 -1.30
CA GLY A 147 6.01 14.60 -0.71
C GLY A 147 5.17 14.30 0.52
N LEU A 148 5.64 14.69 1.68
CA LEU A 148 4.82 14.48 2.92
C LEU A 148 4.19 13.07 2.94
N LEU A 149 4.92 12.07 2.56
CA LEU A 149 4.37 10.68 2.63
C LEU A 149 5.46 9.71 3.10
N PHE A 150 5.08 8.56 3.58
CA PHE A 150 6.11 7.58 4.02
C PHE A 150 6.48 6.66 2.87
N LYS A 151 7.73 6.64 2.49
CA LYS A 151 8.15 5.79 1.35
C LYS A 151 8.89 4.55 1.86
N VAL A 152 8.28 3.40 1.77
CA VAL A 152 8.96 2.15 2.22
C VAL A 152 9.99 1.73 1.18
N VAL A 153 11.19 1.41 1.60
CA VAL A 153 12.25 1.09 0.61
C VAL A 153 12.68 -0.38 0.72
N LYS A 154 12.61 -0.96 1.89
CA LYS A 154 13.09 -2.36 2.02
C LYS A 154 12.23 -3.15 3.01
N THR A 155 12.14 -4.43 2.80
CA THR A 155 11.42 -5.31 3.76
C THR A 155 12.18 -6.63 3.91
N LEU A 156 11.93 -7.35 4.96
CA LEU A 156 12.68 -8.62 5.17
C LEU A 156 11.97 -9.80 4.49
N PRO A 157 10.66 -9.80 4.54
CA PRO A 157 9.89 -10.88 3.91
C PRO A 157 10.21 -10.97 2.42
N SER A 158 9.42 -11.69 1.67
CA SER A 158 9.63 -11.75 0.19
C SER A 158 8.82 -10.64 -0.48
N LYS A 159 8.74 -10.66 -1.79
CA LYS A 159 8.01 -9.59 -2.52
C LYS A 159 6.51 -9.65 -2.18
N VAL A 160 6.11 -10.65 -1.45
CA VAL A 160 4.66 -10.79 -1.12
C VAL A 160 4.32 -9.96 0.12
N PRO A 161 3.13 -9.42 0.11
CA PRO A 161 2.65 -8.58 1.24
C PRO A 161 2.91 -9.27 2.58
N VAL A 162 3.28 -8.52 3.58
CA VAL A 162 3.39 -9.11 4.95
C VAL A 162 2.64 -8.23 5.94
N GLU A 163 2.29 -8.75 7.06
CA GLU A 163 1.59 -7.93 8.07
C GLU A 163 2.51 -7.61 9.25
N ILE A 164 2.58 -6.37 9.61
CA ILE A 164 3.49 -5.98 10.73
C ILE A 164 2.94 -6.52 12.06
N GLY A 165 3.80 -6.76 13.00
CA GLY A 165 3.33 -7.22 14.33
C GLY A 165 4.23 -6.62 15.41
N GLU A 166 3.85 -6.75 16.64
CA GLU A 166 4.66 -6.15 17.73
C GLU A 166 6.10 -6.68 17.67
N GLU A 167 6.29 -7.78 16.98
CA GLU A 167 7.66 -8.39 16.92
C GLU A 167 8.42 -7.85 15.70
N THR A 168 7.69 -7.44 14.70
CA THR A 168 8.36 -6.95 13.45
C THR A 168 9.31 -5.79 13.79
N LYS A 169 10.45 -5.73 13.14
CA LYS A 169 11.41 -4.65 13.46
C LYS A 169 11.16 -3.45 12.55
N ILE A 170 11.54 -2.29 13.00
CA ILE A 170 11.29 -1.07 12.18
C ILE A 170 12.60 -0.37 11.85
N GLU A 171 12.81 -0.05 10.60
CA GLU A 171 14.02 0.74 10.24
C GLU A 171 13.62 2.12 9.75
N ILE A 172 14.31 3.13 10.19
CA ILE A 172 13.94 4.51 9.81
C ILE A 172 15.15 5.21 9.18
N ARG A 173 14.95 5.89 8.08
CA ARG A 173 16.12 6.49 7.37
C ARG A 173 16.43 7.88 7.92
N GLU A 174 17.68 8.27 7.91
CA GLU A 174 18.05 9.61 8.45
C GLU A 174 18.07 10.63 7.31
N GLU A 175 18.08 10.17 6.08
CA GLU A 175 18.10 11.11 4.93
C GLU A 175 16.68 11.24 4.35
N PRO A 176 16.12 12.40 4.54
CA PRO A 176 14.75 12.68 4.05
C PRO A 176 14.74 12.71 2.53
N ALA A 177 13.79 13.38 1.96
CA ALA A 177 13.64 13.38 0.48
C ALA A 177 14.44 14.53 -0.14
N SER A 178 15.63 14.75 0.34
CA SER A 178 16.44 15.89 -0.18
C SER A 178 17.23 15.48 -1.43
N GLU A 179 16.81 14.48 -2.16
CA GLU A 179 17.52 14.09 -3.40
C GLU A 179 16.57 13.40 -4.37
N VAL A 180 15.28 13.47 -4.12
CA VAL A 180 14.31 12.77 -5.00
C VAL A 180 13.49 13.79 -5.79
N LEU A 181 13.55 13.74 -7.09
CA LEU A 181 12.77 14.71 -7.92
C LEU A 181 11.82 13.96 -8.85
N GLU A 182 11.36 12.80 -8.45
CA GLU A 182 10.45 12.02 -9.32
C GLU A 182 9.18 12.82 -9.62
N GLU A 183 8.63 13.47 -8.63
CA GLU A 183 7.42 14.30 -8.87
C GLU A 183 7.71 15.39 -9.89
N GLY A 184 6.79 15.66 -10.78
CA GLY A 184 7.01 16.73 -11.79
C GLY A 184 6.61 18.08 -11.21
N GLY A 185 7.32 19.12 -11.54
CA GLY A 185 6.98 20.47 -11.01
C GLY A 185 7.20 21.52 -12.10
N MET A 1 6.63 -16.62 -7.95
CA MET A 1 7.60 -17.71 -8.22
C MET A 1 6.87 -19.05 -8.40
N GLU A 2 5.95 -19.35 -7.53
CA GLU A 2 5.18 -20.62 -7.69
C GLU A 2 3.68 -20.35 -7.55
N SER A 3 2.90 -20.75 -8.51
CA SER A 3 1.44 -20.52 -8.44
C SER A 3 1.15 -19.04 -8.11
N ASN A 4 1.92 -18.15 -8.67
CA ASN A 4 1.69 -16.70 -8.40
C ASN A 4 1.20 -16.00 -9.68
N ASN A 5 -0.03 -15.60 -9.71
CA ASN A 5 -0.56 -14.91 -10.93
C ASN A 5 -1.69 -13.94 -10.55
N GLY A 6 -2.05 -13.07 -11.45
CA GLY A 6 -3.16 -12.12 -11.17
C GLY A 6 -3.89 -11.79 -12.47
N ILE A 7 -4.61 -10.71 -12.49
CA ILE A 7 -5.33 -10.31 -13.74
C ILE A 7 -5.22 -8.81 -13.97
N ILE A 8 -5.51 -8.35 -15.15
CA ILE A 8 -5.36 -6.89 -15.43
C ILE A 8 -6.72 -6.20 -15.39
N LEU A 9 -6.89 -5.23 -14.52
CA LEU A 9 -8.17 -4.49 -14.46
C LEU A 9 -7.90 -3.00 -14.21
N ARG A 10 -8.92 -2.21 -14.06
CA ARG A 10 -8.68 -0.74 -13.92
C ARG A 10 -9.15 -0.25 -12.54
N VAL A 11 -8.44 0.68 -11.99
CA VAL A 11 -8.81 1.20 -10.64
C VAL A 11 -10.20 1.83 -10.64
N ALA A 12 -10.96 1.61 -9.61
CA ALA A 12 -12.29 2.27 -9.51
C ALA A 12 -12.36 3.17 -8.28
N GLU A 13 -13.04 4.28 -8.39
CA GLU A 13 -13.27 5.13 -7.19
C GLU A 13 -14.12 6.36 -7.55
N ALA A 14 -15.14 6.64 -6.80
CA ALA A 14 -15.99 7.83 -7.09
C ALA A 14 -15.32 9.10 -6.58
N ASN A 15 -15.26 9.26 -5.28
CA ASN A 15 -14.61 10.48 -4.70
C ASN A 15 -14.33 10.27 -3.22
N SER A 16 -13.21 9.67 -2.90
CA SER A 16 -12.90 9.38 -1.47
C SER A 16 -13.99 8.49 -0.86
N THR A 17 -14.58 7.65 -1.66
CA THR A 17 -15.66 6.75 -1.13
C THR A 17 -15.09 5.37 -0.83
N ASP A 18 -15.88 4.52 -0.20
CA ASP A 18 -15.39 3.14 0.14
C ASP A 18 -13.91 3.18 0.53
N PRO A 19 -13.65 3.84 1.62
CA PRO A 19 -12.27 3.96 2.12
C PRO A 19 -11.66 2.56 2.32
N GLY A 20 -10.47 2.48 2.85
CA GLY A 20 -9.83 1.15 3.03
C GLY A 20 -8.93 0.84 1.85
N MET A 21 -7.66 1.14 1.96
CA MET A 21 -6.73 0.85 0.83
C MET A 21 -6.19 -0.56 0.96
N SER A 22 -6.50 -1.23 2.04
CA SER A 22 -6.04 -2.65 2.21
C SER A 22 -7.19 -3.59 1.86
N ARG A 23 -8.28 -3.08 1.37
CA ARG A 23 -9.44 -3.94 1.03
C ARG A 23 -9.76 -3.82 -0.46
N VAL A 24 -9.97 -4.92 -1.14
CA VAL A 24 -10.32 -4.83 -2.59
C VAL A 24 -11.68 -5.46 -2.84
N ARG A 25 -12.64 -4.69 -3.27
CA ARG A 25 -13.96 -5.30 -3.57
C ARG A 25 -13.99 -5.78 -5.03
N LEU A 26 -14.18 -7.05 -5.20
CA LEU A 26 -14.12 -7.64 -6.58
C LEU A 26 -15.26 -8.64 -6.76
N ASP A 27 -15.39 -9.21 -7.93
CA ASP A 27 -16.53 -10.15 -8.16
C ASP A 27 -16.07 -11.60 -8.11
N GLU A 28 -16.98 -12.52 -8.30
CA GLU A 28 -16.62 -13.96 -8.20
C GLU A 28 -15.55 -14.28 -9.24
N SER A 29 -15.74 -13.82 -10.44
CA SER A 29 -14.72 -14.07 -11.50
C SER A 29 -13.37 -13.49 -11.09
N SER A 30 -13.37 -12.33 -10.48
CA SER A 30 -12.10 -11.76 -9.95
C SER A 30 -11.59 -12.65 -8.83
N ARG A 31 -12.48 -13.31 -8.14
CA ARG A 31 -12.05 -14.25 -7.07
C ARG A 31 -11.60 -15.59 -7.65
N ARG A 32 -12.37 -16.13 -8.55
CA ARG A 32 -12.03 -17.45 -9.16
C ARG A 32 -10.97 -17.27 -10.26
N LEU A 33 -10.69 -16.05 -10.62
CA LEU A 33 -9.69 -15.80 -11.70
C LEU A 33 -8.44 -16.64 -11.44
N LEU A 34 -8.22 -17.00 -10.21
CA LEU A 34 -7.07 -17.89 -9.88
C LEU A 34 -7.47 -18.89 -8.79
N ASP A 35 -7.82 -18.40 -7.64
CA ASP A 35 -8.22 -19.29 -6.53
C ASP A 35 -8.74 -18.45 -5.36
N ALA A 36 -8.22 -17.27 -5.22
CA ALA A 36 -8.57 -16.38 -4.08
C ALA A 36 -10.01 -16.62 -3.61
N GLU A 37 -10.21 -16.58 -2.32
CA GLU A 37 -11.59 -16.64 -1.77
C GLU A 37 -11.77 -15.52 -0.75
N ILE A 38 -12.95 -15.27 -0.28
CA ILE A 38 -13.14 -14.17 0.69
C ILE A 38 -12.35 -14.45 1.97
N GLY A 39 -11.07 -14.22 1.93
CA GLY A 39 -10.21 -14.73 3.02
C GLY A 39 -8.72 -14.59 2.68
N ASP A 40 -8.40 -14.15 1.48
CA ASP A 40 -6.98 -14.21 1.05
C ASP A 40 -6.38 -12.79 0.92
N VAL A 41 -5.09 -12.70 0.77
CA VAL A 41 -4.46 -11.36 0.63
C VAL A 41 -4.08 -11.11 -0.83
N VAL A 42 -4.42 -9.96 -1.36
CA VAL A 42 -4.17 -9.71 -2.80
C VAL A 42 -3.06 -8.66 -2.98
N GLU A 43 -2.27 -8.79 -4.01
CA GLU A 43 -1.20 -7.79 -4.27
C GLU A 43 -1.54 -6.95 -5.50
N ILE A 44 -1.27 -5.67 -5.46
CA ILE A 44 -1.64 -4.82 -6.64
C ILE A 44 -0.39 -4.15 -7.22
N GLU A 45 -0.34 -4.01 -8.51
CA GLU A 45 0.85 -3.37 -9.14
C GLU A 45 0.46 -2.64 -10.42
N LYS A 46 0.26 -1.35 -10.34
CA LYS A 46 0.03 -0.55 -11.58
C LYS A 46 1.33 0.12 -12.01
N VAL A 47 1.86 0.97 -11.17
CA VAL A 47 3.18 1.60 -11.46
C VAL A 47 4.22 1.04 -10.49
N ARG A 48 3.81 0.79 -9.28
CA ARG A 48 4.72 0.14 -8.29
C ARG A 48 4.07 -1.11 -7.72
N LYS A 49 4.67 -1.71 -6.74
CA LYS A 49 4.05 -2.91 -6.13
C LYS A 49 3.36 -2.53 -4.82
N THR A 50 2.15 -3.00 -4.66
CA THR A 50 1.40 -2.72 -3.41
C THR A 50 0.64 -3.97 -2.98
N VAL A 51 0.13 -3.96 -1.78
CA VAL A 51 -0.64 -5.14 -1.31
C VAL A 51 -2.09 -4.75 -1.03
N GLY A 52 -2.90 -5.70 -0.68
CA GLY A 52 -4.30 -5.40 -0.29
C GLY A 52 -5.00 -6.69 0.09
N ARG A 53 -6.25 -6.62 0.45
CA ARG A 53 -6.99 -7.85 0.83
C ARG A 53 -8.21 -8.04 -0.08
N VAL A 54 -8.82 -9.20 -0.04
CA VAL A 54 -9.92 -9.47 -0.99
C VAL A 54 -11.28 -9.17 -0.35
N TYR A 55 -12.14 -8.51 -1.07
CA TYR A 55 -13.50 -8.21 -0.55
C TYR A 55 -14.57 -8.59 -1.58
N ARG A 56 -15.80 -8.64 -1.17
CA ARG A 56 -16.90 -8.99 -2.13
C ARG A 56 -17.43 -7.72 -2.80
N ALA A 57 -17.42 -7.66 -4.10
CA ALA A 57 -18.02 -6.50 -4.81
C ALA A 57 -19.53 -6.48 -4.57
N ARG A 58 -20.09 -5.32 -4.33
CA ARG A 58 -21.57 -5.25 -4.21
C ARG A 58 -22.20 -5.79 -5.50
N PRO A 59 -21.68 -5.34 -6.61
CA PRO A 59 -22.15 -5.80 -7.91
C PRO A 59 -21.32 -7.00 -8.34
N GLU A 60 -21.83 -8.17 -8.14
CA GLU A 60 -21.04 -9.41 -8.40
C GLU A 60 -20.94 -9.68 -9.91
N ASP A 61 -20.85 -8.66 -10.71
CA ASP A 61 -20.80 -8.88 -12.18
C ASP A 61 -19.92 -7.83 -12.86
N GLU A 62 -19.95 -6.61 -12.40
CA GLU A 62 -19.10 -5.56 -13.04
C GLU A 62 -17.69 -5.60 -12.45
N ASN A 63 -17.55 -6.17 -11.28
CA ASN A 63 -16.20 -6.29 -10.67
C ASN A 63 -15.44 -7.48 -11.25
N LYS A 64 -15.60 -7.76 -12.51
CA LYS A 64 -14.83 -8.87 -13.14
C LYS A 64 -13.60 -8.31 -13.85
N GLY A 65 -13.23 -7.11 -13.53
CA GLY A 65 -12.06 -6.47 -14.18
C GLY A 65 -11.91 -5.03 -13.67
N ILE A 66 -12.47 -4.75 -12.52
CA ILE A 66 -12.29 -3.39 -11.92
C ILE A 66 -12.13 -3.53 -10.41
N VAL A 67 -11.45 -2.62 -9.78
CA VAL A 67 -11.29 -2.72 -8.30
C VAL A 67 -11.66 -1.38 -7.64
N ARG A 68 -12.50 -1.42 -6.64
CA ARG A 68 -12.86 -0.16 -5.94
C ARG A 68 -11.91 0.09 -4.77
N ILE A 69 -11.09 1.09 -4.87
CA ILE A 69 -10.14 1.38 -3.75
C ILE A 69 -10.10 2.89 -3.45
N ASP A 70 -9.43 3.27 -2.41
CA ASP A 70 -9.28 4.73 -2.11
C ASP A 70 -8.16 5.33 -2.95
N SER A 71 -8.08 6.63 -3.00
CA SER A 71 -7.01 7.28 -3.81
C SER A 71 -5.64 7.07 -3.15
N VAL A 72 -5.62 6.73 -1.89
CA VAL A 72 -4.31 6.56 -1.20
C VAL A 72 -3.59 5.31 -1.71
N MET A 73 -4.27 4.21 -1.82
CA MET A 73 -3.62 3.00 -2.37
C MET A 73 -3.19 3.27 -3.81
N ARG A 74 -4.06 3.83 -4.60
CA ARG A 74 -3.65 4.25 -5.97
C ARG A 74 -2.52 5.28 -5.88
N ASN A 75 -2.59 6.19 -4.95
CA ASN A 75 -1.48 7.18 -4.79
C ASN A 75 -0.20 6.47 -4.40
N ASN A 76 -0.31 5.39 -3.67
CA ASN A 76 0.92 4.68 -3.21
C ASN A 76 1.74 4.21 -4.41
N CYS A 77 1.09 3.81 -5.48
CA CYS A 77 1.85 3.27 -6.65
C CYS A 77 2.03 4.36 -7.71
N GLY A 78 1.02 5.17 -7.94
CA GLY A 78 1.18 6.29 -8.90
C GLY A 78 0.17 6.16 -10.04
N ALA A 79 -1.04 5.76 -9.74
CA ALA A 79 -2.04 5.56 -10.83
C ALA A 79 -3.27 6.46 -10.59
N SER A 80 -4.10 6.61 -11.59
CA SER A 80 -5.32 7.44 -11.45
C SER A 80 -6.56 6.59 -11.66
N ILE A 81 -7.73 7.14 -11.49
CA ILE A 81 -8.97 6.35 -11.74
C ILE A 81 -8.95 5.77 -13.15
N GLY A 82 -9.44 4.58 -13.30
CA GLY A 82 -9.62 4.02 -14.66
C GLY A 82 -8.28 3.58 -15.24
N ASP A 83 -7.21 3.73 -14.49
CA ASP A 83 -5.90 3.22 -14.97
C ASP A 83 -5.97 1.72 -15.19
N LYS A 84 -4.85 1.08 -15.36
CA LYS A 84 -4.85 -0.40 -15.52
C LYS A 84 -3.78 -1.01 -14.60
N VAL A 85 -4.19 -1.78 -13.64
CA VAL A 85 -3.22 -2.41 -12.72
C VAL A 85 -3.44 -3.93 -12.69
N LYS A 86 -2.41 -4.69 -12.39
CA LYS A 86 -2.58 -6.16 -12.36
C LYS A 86 -2.73 -6.63 -10.91
N VAL A 87 -3.82 -7.29 -10.60
CA VAL A 87 -4.02 -7.75 -9.20
C VAL A 87 -3.65 -9.23 -9.09
N ARG A 88 -2.69 -9.54 -8.26
CA ARG A 88 -2.25 -10.96 -8.11
C ARG A 88 -2.55 -11.46 -6.69
N LYS A 89 -2.95 -12.68 -6.55
CA LYS A 89 -3.26 -13.18 -5.18
C LYS A 89 -1.98 -13.47 -4.40
N VAL A 90 -2.01 -13.26 -3.12
CA VAL A 90 -0.81 -13.54 -2.27
C VAL A 90 -1.24 -13.95 -0.87
N ARG A 91 -0.32 -14.01 0.05
CA ARG A 91 -0.68 -14.38 1.45
C ARG A 91 0.09 -13.50 2.43
N THR A 92 -0.27 -13.55 3.69
CA THR A 92 0.38 -12.63 4.67
C THR A 92 1.27 -13.40 5.65
N GLU A 93 2.22 -12.72 6.22
CA GLU A 93 3.08 -13.33 7.27
C GLU A 93 3.54 -12.24 8.25
N ILE A 94 4.13 -12.59 9.35
CA ILE A 94 4.52 -11.54 10.33
C ILE A 94 5.93 -11.01 10.03
N ALA A 95 6.01 -9.89 9.35
CA ALA A 95 7.35 -9.32 9.02
C ALA A 95 8.18 -9.12 10.29
N LYS A 96 9.46 -8.93 10.14
CA LYS A 96 10.34 -8.75 11.33
C LYS A 96 11.34 -7.62 11.10
N LYS A 97 11.55 -7.21 9.87
CA LYS A 97 12.48 -6.06 9.62
C LYS A 97 12.04 -5.30 8.37
N VAL A 98 11.73 -4.04 8.51
CA VAL A 98 11.26 -3.26 7.33
C VAL A 98 11.90 -1.87 7.30
N THR A 99 12.29 -1.40 6.15
CA THR A 99 12.93 -0.05 6.05
C THR A 99 11.98 0.94 5.38
N LEU A 100 11.85 2.13 5.92
CA LEU A 100 10.92 3.13 5.33
C LEU A 100 11.63 4.47 5.15
N ALA A 101 11.10 5.32 4.31
CA ALA A 101 11.76 6.63 4.04
C ALA A 101 10.75 7.78 4.11
N PRO A 102 10.56 8.29 5.29
CA PRO A 102 9.63 9.42 5.50
C PRO A 102 9.95 10.56 4.53
N ILE A 103 8.95 11.12 3.90
CA ILE A 103 9.22 12.19 2.90
C ILE A 103 8.93 13.57 3.49
N ILE A 104 9.96 14.30 3.84
CA ILE A 104 9.77 15.72 4.25
C ILE A 104 10.92 16.56 3.74
N ARG A 105 11.20 17.61 4.45
CA ARG A 105 12.38 18.46 4.11
C ARG A 105 13.13 18.84 5.39
N LYS A 106 14.37 19.23 5.26
CA LYS A 106 15.15 19.63 6.46
C LYS A 106 14.51 20.84 7.13
N ASP A 107 13.64 21.49 6.42
CA ASP A 107 12.93 22.67 7.00
C ASP A 107 11.43 22.54 6.80
N GLN A 108 10.92 21.33 6.79
CA GLN A 108 9.47 21.15 6.51
C GLN A 108 8.66 21.28 7.81
N ARG A 109 8.77 20.34 8.69
CA ARG A 109 8.01 20.43 9.97
C ARG A 109 8.88 19.95 11.14
N LEU A 110 8.87 18.67 11.43
CA LEU A 110 9.62 18.19 12.61
C LEU A 110 10.29 16.85 12.31
N LYS A 111 11.06 16.34 13.22
CA LYS A 111 11.69 15.00 13.03
C LYS A 111 11.45 14.13 14.27
N PHE A 112 11.48 12.84 14.12
CA PHE A 112 11.18 11.96 15.28
C PHE A 112 12.47 11.48 15.94
N GLY A 113 13.38 10.94 15.17
CA GLY A 113 14.64 10.43 15.78
C GLY A 113 14.36 9.13 16.53
N GLU A 114 15.15 8.85 17.52
CA GLU A 114 14.95 7.59 18.30
C GLU A 114 13.47 7.43 18.65
N GLY A 115 13.00 6.21 18.67
CA GLY A 115 11.57 5.98 19.03
C GLY A 115 10.69 6.13 17.78
N ILE A 116 11.22 6.74 16.75
CA ILE A 116 10.46 6.83 15.47
C ILE A 116 10.23 5.42 14.91
N GLU A 117 11.19 4.55 15.05
CA GLU A 117 11.00 3.15 14.57
C GLU A 117 9.80 2.50 15.27
N GLU A 118 9.70 2.67 16.56
CA GLU A 118 8.53 2.12 17.30
C GLU A 118 7.26 2.88 16.89
N TYR A 119 7.37 4.16 16.74
CA TYR A 119 6.17 4.97 16.35
C TYR A 119 5.63 4.48 15.00
N VAL A 120 6.50 4.17 14.08
CA VAL A 120 6.05 3.61 12.78
C VAL A 120 5.33 2.27 13.00
N GLN A 121 5.88 1.42 13.81
CA GLN A 121 5.18 0.14 14.13
C GLN A 121 3.84 0.43 14.78
N ARG A 122 3.80 1.33 15.71
CA ARG A 122 2.53 1.62 16.43
C ARG A 122 1.47 2.09 15.43
N ALA A 123 1.86 2.93 14.52
CA ALA A 123 0.88 3.45 13.52
C ALA A 123 0.45 2.33 12.55
N LEU A 124 1.37 1.60 12.02
CA LEU A 124 1.02 0.59 10.98
C LEU A 124 1.07 -0.84 11.54
N ILE A 125 1.13 -1.00 12.82
CA ILE A 125 1.26 -2.37 13.40
C ILE A 125 0.21 -3.31 12.77
N ARG A 126 0.34 -4.59 13.00
CA ARG A 126 -0.65 -5.58 12.45
C ARG A 126 -1.20 -5.13 11.10
N ARG A 127 -0.37 -4.69 10.20
CA ARG A 127 -0.88 -4.32 8.85
C ARG A 127 0.00 -4.89 7.73
N PRO A 128 -0.61 -5.12 6.59
CA PRO A 128 0.13 -5.65 5.42
C PRO A 128 1.20 -4.65 4.98
N MET A 129 2.45 -5.06 4.92
CA MET A 129 3.51 -4.09 4.54
C MET A 129 4.49 -4.73 3.56
N LEU A 130 4.88 -4.01 2.55
CA LEU A 130 5.88 -4.53 1.60
C LEU A 130 6.68 -3.37 0.98
N GLU A 131 7.93 -3.60 0.72
CA GLU A 131 8.84 -2.50 0.28
C GLU A 131 8.28 -1.79 -0.95
N GLN A 132 8.63 -0.54 -1.12
CA GLN A 132 8.17 0.25 -2.30
C GLN A 132 6.75 0.78 -2.08
N ASP A 133 6.09 0.28 -1.09
CA ASP A 133 4.72 0.79 -0.77
C ASP A 133 4.80 2.22 -0.24
N ASN A 134 3.68 2.75 0.18
CA ASN A 134 3.68 4.13 0.74
C ASN A 134 2.61 4.23 1.83
N ILE A 135 2.71 5.20 2.71
CA ILE A 135 1.70 5.29 3.80
C ILE A 135 1.28 6.75 4.01
N SER A 136 0.27 6.96 4.80
CA SER A 136 -0.24 8.34 4.98
C SER A 136 0.00 8.83 6.41
N VAL A 137 -0.13 10.10 6.64
CA VAL A 137 0.10 10.66 8.01
C VAL A 137 -1.25 10.90 8.70
N PRO A 138 -1.26 10.70 9.99
CA PRO A 138 -2.49 10.90 10.79
C PRO A 138 -3.02 12.33 10.63
N GLY A 139 -3.49 12.68 9.46
CA GLY A 139 -4.11 14.02 9.26
C GLY A 139 -3.30 15.09 10.00
N LEU A 140 -2.02 15.18 9.75
CA LEU A 140 -1.21 16.25 10.41
C LEU A 140 -0.34 16.96 9.36
N THR A 141 -0.34 18.26 9.36
CA THR A 141 0.48 19.02 8.36
C THR A 141 0.75 20.43 8.85
N LEU A 142 1.22 21.28 7.98
CA LEU A 142 1.50 22.69 8.37
C LEU A 142 1.21 23.63 7.20
N ALA A 143 2.14 24.46 6.84
CA ALA A 143 1.92 25.34 5.64
C ALA A 143 1.54 24.49 4.44
N GLY A 144 1.73 25.01 3.26
CA GLY A 144 1.52 24.18 2.05
C GLY A 144 2.74 23.28 1.83
N GLN A 145 2.79 22.17 2.52
CA GLN A 145 3.96 21.26 2.37
C GLN A 145 3.69 20.21 1.30
N THR A 146 4.68 19.46 0.91
CA THR A 146 4.47 18.42 -0.14
C THR A 146 5.16 17.12 0.26
N GLY A 147 4.62 16.01 -0.19
CA GLY A 147 5.21 14.70 0.17
C GLY A 147 4.67 14.27 1.54
N LEU A 148 5.35 14.62 2.59
CA LEU A 148 4.85 14.33 3.97
C LEU A 148 4.20 12.94 4.03
N LEU A 149 4.86 11.94 3.49
CA LEU A 149 4.32 10.56 3.58
C LEU A 149 5.46 9.57 3.83
N PHE A 150 5.14 8.34 4.16
CA PHE A 150 6.21 7.34 4.39
C PHE A 150 6.38 6.46 3.15
N LYS A 151 7.59 6.31 2.68
CA LYS A 151 7.83 5.43 1.51
C LYS A 151 8.69 4.23 1.91
N VAL A 152 8.14 3.05 1.87
CA VAL A 152 8.93 1.84 2.24
C VAL A 152 9.86 1.45 1.10
N VAL A 153 11.08 1.13 1.40
CA VAL A 153 12.03 0.76 0.32
C VAL A 153 12.41 -0.72 0.41
N LYS A 154 12.38 -1.29 1.58
CA LYS A 154 12.76 -2.73 1.70
C LYS A 154 12.03 -3.40 2.86
N THR A 155 12.02 -4.70 2.87
CA THR A 155 11.39 -5.45 3.99
C THR A 155 12.12 -6.77 4.20
N LEU A 156 11.84 -7.46 5.26
CA LEU A 156 12.53 -8.76 5.50
C LEU A 156 11.76 -9.91 4.83
N PRO A 157 10.46 -9.87 4.93
CA PRO A 157 9.62 -10.93 4.32
C PRO A 157 9.93 -11.02 2.82
N SER A 158 9.24 -11.88 2.12
CA SER A 158 9.41 -11.94 0.65
C SER A 158 8.71 -10.73 0.01
N LYS A 159 8.64 -10.70 -1.29
CA LYS A 159 8.00 -9.54 -1.97
C LYS A 159 6.48 -9.56 -1.72
N VAL A 160 6.01 -10.56 -1.04
CA VAL A 160 4.54 -10.68 -0.78
C VAL A 160 4.15 -9.90 0.48
N PRO A 161 2.94 -9.42 0.47
CA PRO A 161 2.41 -8.65 1.62
C PRO A 161 2.71 -9.35 2.94
N VAL A 162 3.05 -8.60 3.95
CA VAL A 162 3.18 -9.20 5.31
C VAL A 162 2.40 -8.37 6.31
N GLU A 163 2.06 -8.92 7.42
CA GLU A 163 1.37 -8.11 8.47
C GLU A 163 2.36 -7.72 9.56
N ILE A 164 2.49 -6.46 9.82
CA ILE A 164 3.46 -5.98 10.83
C ILE A 164 3.00 -6.36 12.24
N GLY A 165 3.91 -6.48 13.16
CA GLY A 165 3.49 -6.73 14.57
C GLY A 165 4.41 -5.95 15.51
N GLU A 166 4.00 -5.79 16.73
CA GLU A 166 4.80 -5.00 17.69
C GLU A 166 6.24 -5.51 17.74
N GLU A 167 6.46 -6.72 17.31
CA GLU A 167 7.82 -7.31 17.38
C GLU A 167 8.60 -6.98 16.12
N THR A 168 7.90 -6.71 15.06
CA THR A 168 8.59 -6.38 13.77
C THR A 168 9.56 -5.22 13.98
N LYS A 169 10.67 -5.22 13.29
CA LYS A 169 11.65 -4.11 13.49
C LYS A 169 11.45 -3.02 12.45
N ILE A 170 11.74 -1.79 12.80
CA ILE A 170 11.53 -0.68 11.83
C ILE A 170 12.85 0.00 11.48
N GLU A 171 13.12 0.16 10.21
CA GLU A 171 14.31 0.94 9.81
C GLU A 171 13.88 2.20 9.07
N ILE A 172 14.50 3.31 9.39
CA ILE A 172 14.12 4.57 8.72
C ILE A 172 15.36 5.35 8.30
N ARG A 173 15.38 5.85 7.10
CA ARG A 173 16.59 6.59 6.62
C ARG A 173 16.46 8.07 6.97
N GLU A 174 17.42 8.86 6.55
CA GLU A 174 17.42 10.31 6.93
C GLU A 174 17.31 11.18 5.68
N GLU A 175 17.06 10.59 4.54
CA GLU A 175 16.96 11.38 3.28
C GLU A 175 15.50 11.72 3.00
N PRO A 176 15.18 12.97 3.15
CA PRO A 176 13.80 13.46 2.92
C PRO A 176 13.47 13.45 1.44
N ALA A 177 12.56 14.28 1.03
CA ALA A 177 12.18 14.34 -0.41
C ALA A 177 13.26 15.07 -1.20
N SER A 178 14.49 14.65 -1.07
CA SER A 178 15.58 15.28 -1.86
C SER A 178 15.69 14.61 -3.23
N GLU A 179 15.57 15.37 -4.28
CA GLU A 179 15.70 14.78 -5.64
C GLU A 179 14.65 13.70 -5.86
N VAL A 180 13.60 13.71 -5.09
CA VAL A 180 12.53 12.68 -5.24
C VAL A 180 11.31 13.27 -5.94
N LEU A 181 10.85 12.62 -6.98
CA LEU A 181 9.69 13.16 -7.75
C LEU A 181 8.54 13.52 -6.80
N GLU A 182 8.56 14.69 -6.25
CA GLU A 182 7.47 15.10 -5.31
C GLU A 182 6.12 15.07 -6.02
N GLU A 183 6.07 15.52 -7.25
CA GLU A 183 4.78 15.49 -8.01
C GLU A 183 4.26 14.06 -8.13
N GLY A 184 2.98 13.87 -7.99
CA GLY A 184 2.41 12.50 -8.13
C GLY A 184 0.90 12.57 -7.95
N GLY A 185 0.24 11.43 -7.89
CA GLY A 185 -1.24 11.43 -7.73
C GLY A 185 -1.60 12.06 -6.38
N MET A 1 1.08 -20.70 -1.46
CA MET A 1 2.17 -20.85 -2.46
C MET A 1 2.88 -19.52 -2.67
N GLU A 2 3.83 -19.47 -3.58
CA GLU A 2 4.58 -18.20 -3.80
C GLU A 2 4.67 -17.88 -5.29
N SER A 3 4.84 -16.63 -5.63
CA SER A 3 4.92 -16.26 -7.07
C SER A 3 3.62 -16.63 -7.80
N ASN A 4 2.52 -16.11 -7.34
CA ASN A 4 1.21 -16.43 -8.00
C ASN A 4 0.93 -15.43 -9.11
N ASN A 5 -0.03 -15.71 -9.96
CA ASN A 5 -0.36 -14.77 -11.07
C ASN A 5 -1.50 -13.83 -10.65
N GLY A 6 -1.87 -12.92 -11.51
CA GLY A 6 -3.00 -11.99 -11.18
C GLY A 6 -3.76 -11.65 -12.47
N ILE A 7 -4.58 -10.62 -12.42
CA ILE A 7 -5.36 -10.25 -13.64
C ILE A 7 -5.22 -8.75 -13.92
N ILE A 8 -5.49 -8.33 -15.12
CA ILE A 8 -5.39 -6.87 -15.44
C ILE A 8 -6.77 -6.23 -15.46
N LEU A 9 -7.02 -5.34 -14.55
CA LEU A 9 -8.35 -4.65 -14.52
C LEU A 9 -8.16 -3.16 -14.24
N ARG A 10 -9.22 -2.42 -14.06
CA ARG A 10 -9.05 -0.94 -13.93
C ARG A 10 -9.37 -0.48 -12.51
N VAL A 11 -8.60 0.44 -12.01
CA VAL A 11 -8.84 0.96 -10.63
C VAL A 11 -10.20 1.66 -10.54
N ALA A 12 -10.94 1.38 -9.50
CA ALA A 12 -12.28 2.03 -9.34
C ALA A 12 -12.31 2.92 -8.10
N GLU A 13 -13.02 4.01 -8.15
CA GLU A 13 -13.22 4.84 -6.93
C GLU A 13 -14.10 6.05 -7.23
N ALA A 14 -15.40 5.91 -7.09
CA ALA A 14 -16.30 7.05 -7.39
C ALA A 14 -17.62 6.94 -6.59
N ASN A 15 -17.67 6.08 -5.61
CA ASN A 15 -18.93 5.95 -4.83
C ASN A 15 -19.03 7.07 -3.78
N SER A 16 -18.21 7.04 -2.78
CA SER A 16 -18.24 8.12 -1.75
C SER A 16 -17.05 8.00 -0.81
N THR A 17 -16.46 9.11 -0.42
CA THR A 17 -15.30 9.06 0.50
C THR A 17 -14.35 7.93 0.07
N ASP A 18 -13.48 7.50 0.95
CA ASP A 18 -12.51 6.42 0.58
C ASP A 18 -12.44 5.36 1.68
N PRO A 19 -13.53 4.67 1.87
CA PRO A 19 -13.61 3.60 2.89
C PRO A 19 -12.81 2.37 2.46
N GLY A 20 -11.73 2.07 3.12
CA GLY A 20 -10.96 0.84 2.79
C GLY A 20 -9.85 1.18 1.78
N MET A 21 -8.71 1.58 2.26
CA MET A 21 -7.57 1.86 1.33
C MET A 21 -6.75 0.59 1.12
N SER A 22 -6.97 -0.41 1.92
CA SER A 22 -6.26 -1.71 1.72
C SER A 22 -7.26 -2.83 1.43
N ARG A 23 -8.50 -2.47 1.21
CA ARG A 23 -9.53 -3.51 0.94
C ARG A 23 -9.96 -3.46 -0.53
N VAL A 24 -10.09 -4.59 -1.15
CA VAL A 24 -10.48 -4.60 -2.59
C VAL A 24 -11.84 -5.27 -2.78
N ARG A 25 -12.78 -4.56 -3.31
CA ARG A 25 -14.10 -5.21 -3.59
C ARG A 25 -14.06 -5.87 -4.96
N LEU A 26 -14.24 -7.16 -4.99
CA LEU A 26 -14.14 -7.90 -6.28
C LEU A 26 -15.35 -8.83 -6.43
N ASP A 27 -15.51 -9.46 -7.57
CA ASP A 27 -16.69 -10.34 -7.75
C ASP A 27 -16.30 -11.81 -7.63
N GLU A 28 -17.24 -12.71 -7.76
CA GLU A 28 -16.93 -14.15 -7.59
C GLU A 28 -15.88 -14.56 -8.62
N SER A 29 -16.03 -14.07 -9.80
CA SER A 29 -15.06 -14.43 -10.89
C SER A 29 -13.68 -13.88 -10.53
N SER A 30 -13.54 -12.60 -10.37
CA SER A 30 -12.21 -12.06 -9.98
C SER A 30 -11.69 -12.84 -8.78
N ARG A 31 -12.57 -13.31 -7.96
CA ARG A 31 -12.16 -14.11 -6.77
C ARG A 31 -11.67 -15.50 -7.18
N ARG A 32 -12.44 -16.23 -7.94
CA ARG A 32 -12.05 -17.66 -8.22
C ARG A 32 -11.37 -17.79 -9.58
N LEU A 33 -11.25 -16.72 -10.32
CA LEU A 33 -10.59 -16.83 -11.65
C LEU A 33 -9.11 -17.18 -11.46
N LEU A 34 -8.54 -16.88 -10.33
CA LEU A 34 -7.15 -17.30 -10.06
C LEU A 34 -7.09 -18.19 -8.82
N ASP A 35 -7.35 -17.63 -7.68
CA ASP A 35 -7.29 -18.43 -6.42
C ASP A 35 -7.86 -17.61 -5.26
N ALA A 36 -7.71 -16.31 -5.34
CA ALA A 36 -8.20 -15.42 -4.25
C ALA A 36 -9.49 -15.97 -3.64
N GLU A 37 -9.46 -16.29 -2.38
CA GLU A 37 -10.71 -16.66 -1.69
C GLU A 37 -11.12 -15.52 -0.77
N ILE A 38 -12.19 -15.66 -0.05
CA ILE A 38 -12.60 -14.56 0.87
C ILE A 38 -11.52 -14.34 1.92
N GLY A 39 -11.06 -13.13 2.06
CA GLY A 39 -10.11 -12.80 3.16
C GLY A 39 -8.70 -13.28 2.81
N ASP A 40 -8.40 -13.43 1.54
CA ASP A 40 -6.99 -13.71 1.14
C ASP A 40 -6.26 -12.38 0.89
N VAL A 41 -4.97 -12.41 0.71
CA VAL A 41 -4.22 -11.14 0.52
C VAL A 41 -3.94 -10.92 -0.97
N VAL A 42 -4.13 -9.73 -1.46
CA VAL A 42 -3.95 -9.48 -2.92
C VAL A 42 -2.87 -8.42 -3.15
N GLU A 43 -2.05 -8.62 -4.14
CA GLU A 43 -0.98 -7.60 -4.44
C GLU A 43 -1.36 -6.83 -5.72
N ILE A 44 -1.11 -5.55 -5.75
CA ILE A 44 -1.52 -4.76 -6.95
C ILE A 44 -0.32 -4.03 -7.55
N GLU A 45 -0.28 -3.94 -8.85
CA GLU A 45 0.87 -3.24 -9.49
C GLU A 45 0.45 -2.58 -10.81
N LYS A 46 0.14 -1.32 -10.78
CA LYS A 46 -0.16 -0.58 -12.04
C LYS A 46 1.10 0.18 -12.49
N VAL A 47 1.62 1.00 -11.63
CA VAL A 47 2.87 1.74 -11.95
C VAL A 47 3.97 1.28 -10.99
N ARG A 48 3.58 0.97 -9.79
CA ARG A 48 4.56 0.42 -8.81
C ARG A 48 3.95 -0.80 -8.13
N LYS A 49 4.68 -1.43 -7.25
CA LYS A 49 4.12 -2.62 -6.55
C LYS A 49 3.38 -2.20 -5.28
N THR A 50 2.19 -2.70 -5.10
CA THR A 50 1.42 -2.37 -3.87
C THR A 50 0.74 -3.62 -3.33
N VAL A 51 0.25 -3.55 -2.13
CA VAL A 51 -0.44 -4.73 -1.52
C VAL A 51 -1.87 -4.36 -1.16
N GLY A 52 -2.70 -5.33 -0.85
CA GLY A 52 -4.06 -5.01 -0.37
C GLY A 52 -4.79 -6.30 -0.01
N ARG A 53 -6.04 -6.20 0.34
CA ARG A 53 -6.79 -7.40 0.79
C ARG A 53 -8.02 -7.62 -0.09
N VAL A 54 -8.62 -8.77 -0.02
CA VAL A 54 -9.77 -9.08 -0.92
C VAL A 54 -11.10 -8.84 -0.21
N TYR A 55 -12.07 -8.36 -0.92
CA TYR A 55 -13.42 -8.16 -0.31
C TYR A 55 -14.51 -8.61 -1.27
N ARG A 56 -15.72 -8.72 -0.79
CA ARG A 56 -16.84 -9.14 -1.69
C ARG A 56 -17.47 -7.91 -2.35
N ALA A 57 -17.47 -7.87 -3.65
CA ALA A 57 -18.07 -6.70 -4.35
C ALA A 57 -19.56 -6.59 -4.02
N ARG A 58 -20.05 -5.41 -3.81
CA ARG A 58 -21.53 -5.28 -3.58
C ARG A 58 -22.26 -5.89 -4.77
N PRO A 59 -21.87 -5.49 -5.95
CA PRO A 59 -22.47 -6.02 -7.17
C PRO A 59 -21.64 -7.20 -7.66
N GLU A 60 -22.06 -8.37 -7.35
CA GLU A 60 -21.24 -9.58 -7.65
C GLU A 60 -21.27 -9.90 -9.16
N ASP A 61 -21.29 -8.89 -9.99
CA ASP A 61 -21.34 -9.15 -11.47
C ASP A 61 -20.55 -8.09 -12.24
N GLU A 62 -20.56 -6.87 -11.77
CA GLU A 62 -19.78 -5.82 -12.49
C GLU A 62 -18.34 -5.81 -12.00
N ASN A 63 -18.10 -6.36 -10.84
CA ASN A 63 -16.72 -6.47 -10.33
C ASN A 63 -15.98 -7.66 -10.95
N LYS A 64 -16.19 -7.89 -12.22
CA LYS A 64 -15.45 -8.99 -12.90
C LYS A 64 -14.24 -8.41 -13.65
N GLY A 65 -13.89 -7.20 -13.37
CA GLY A 65 -12.71 -6.58 -14.00
C GLY A 65 -12.51 -5.16 -13.49
N ILE A 66 -12.98 -4.88 -12.31
CA ILE A 66 -12.75 -3.54 -11.71
C ILE A 66 -12.46 -3.69 -10.21
N VAL A 67 -11.60 -2.87 -9.68
CA VAL A 67 -11.28 -2.99 -8.22
C VAL A 67 -11.60 -1.67 -7.52
N ARG A 68 -12.33 -1.73 -6.43
CA ARG A 68 -12.69 -0.47 -5.72
C ARG A 68 -11.66 -0.17 -4.63
N ILE A 69 -10.92 0.89 -4.77
CA ILE A 69 -9.89 1.22 -3.73
C ILE A 69 -9.95 2.71 -3.37
N ASP A 70 -9.29 3.10 -2.32
CA ASP A 70 -9.24 4.54 -1.95
C ASP A 70 -8.20 5.27 -2.81
N SER A 71 -8.22 6.56 -2.77
CA SER A 71 -7.22 7.34 -3.57
C SER A 71 -5.80 6.99 -3.13
N VAL A 72 -5.58 6.82 -1.86
CA VAL A 72 -4.20 6.54 -1.38
C VAL A 72 -3.69 5.23 -1.98
N MET A 73 -4.51 4.23 -2.05
CA MET A 73 -4.06 2.95 -2.67
C MET A 73 -3.69 3.18 -4.14
N ARG A 74 -4.52 3.85 -4.88
CA ARG A 74 -4.14 4.26 -6.26
C ARG A 74 -2.91 5.16 -6.19
N ASN A 75 -2.86 6.04 -5.23
CA ASN A 75 -1.67 6.92 -5.08
C ASN A 75 -0.43 6.09 -4.74
N ASN A 76 -0.60 5.01 -4.03
CA ASN A 76 0.58 4.18 -3.65
C ASN A 76 1.33 3.73 -4.90
N CYS A 77 0.63 3.47 -5.98
CA CYS A 77 1.33 3.04 -7.22
C CYS A 77 1.49 4.22 -8.19
N GLY A 78 0.49 5.05 -8.30
CA GLY A 78 0.62 6.26 -9.16
C GLY A 78 -0.33 6.14 -10.37
N ALA A 79 -1.52 5.66 -10.16
CA ALA A 79 -2.47 5.47 -11.30
C ALA A 79 -3.67 6.40 -11.16
N SER A 80 -4.50 6.46 -12.16
CA SER A 80 -5.72 7.30 -12.08
C SER A 80 -6.97 6.41 -12.13
N ILE A 81 -8.13 6.95 -11.88
CA ILE A 81 -9.35 6.11 -11.96
C ILE A 81 -9.45 5.45 -13.33
N GLY A 82 -9.85 4.21 -13.35
CA GLY A 82 -10.14 3.54 -14.66
C GLY A 82 -8.84 3.16 -15.35
N ASP A 83 -7.71 3.37 -14.71
CA ASP A 83 -6.42 2.92 -15.30
C ASP A 83 -6.42 1.41 -15.50
N LYS A 84 -5.26 0.84 -15.65
CA LYS A 84 -5.18 -0.65 -15.79
C LYS A 84 -4.06 -1.20 -14.89
N VAL A 85 -4.43 -1.92 -13.87
CA VAL A 85 -3.39 -2.49 -12.95
C VAL A 85 -3.49 -4.02 -12.93
N LYS A 86 -2.42 -4.70 -12.64
CA LYS A 86 -2.49 -6.18 -12.54
C LYS A 86 -2.54 -6.60 -11.07
N VAL A 87 -3.60 -7.25 -10.67
CA VAL A 87 -3.72 -7.67 -9.24
C VAL A 87 -3.40 -9.15 -9.12
N ARG A 88 -2.41 -9.49 -8.33
CA ARG A 88 -2.04 -10.92 -8.16
C ARG A 88 -2.40 -11.39 -6.75
N LYS A 89 -2.89 -12.59 -6.61
CA LYS A 89 -3.33 -13.03 -5.27
C LYS A 89 -2.14 -13.55 -4.45
N VAL A 90 -2.11 -13.23 -3.20
CA VAL A 90 -1.05 -13.73 -2.31
C VAL A 90 -1.58 -13.92 -0.90
N ARG A 91 -0.71 -14.07 0.06
CA ARG A 91 -1.16 -14.20 1.47
C ARG A 91 -0.29 -13.33 2.38
N THR A 92 -0.65 -13.24 3.63
CA THR A 92 0.11 -12.36 4.55
C THR A 92 1.04 -13.16 5.46
N GLU A 93 2.01 -12.50 6.02
CA GLU A 93 2.92 -13.17 6.99
C GLU A 93 3.40 -12.13 8.00
N ILE A 94 4.05 -12.52 9.05
CA ILE A 94 4.47 -11.51 10.06
C ILE A 94 5.85 -10.96 9.72
N ALA A 95 5.88 -9.82 9.08
CA ALA A 95 7.19 -9.17 8.78
C ALA A 95 8.00 -8.98 10.06
N LYS A 96 9.29 -9.20 10.00
CA LYS A 96 10.11 -9.03 11.22
C LYS A 96 10.96 -7.75 11.15
N LYS A 97 11.29 -7.27 9.98
CA LYS A 97 12.11 -6.02 9.92
C LYS A 97 11.80 -5.24 8.63
N VAL A 98 11.56 -3.95 8.74
CA VAL A 98 11.24 -3.15 7.52
C VAL A 98 11.84 -1.75 7.64
N THR A 99 12.24 -1.17 6.52
CA THR A 99 12.86 0.19 6.55
C THR A 99 12.03 1.17 5.71
N LEU A 100 11.82 2.36 6.20
CA LEU A 100 11.01 3.35 5.43
C LEU A 100 11.76 4.67 5.31
N ALA A 101 11.37 5.49 4.38
CA ALA A 101 12.05 6.81 4.19
C ALA A 101 11.01 7.91 3.92
N PRO A 102 10.54 8.51 4.96
CA PRO A 102 9.52 9.58 4.84
C PRO A 102 10.05 10.72 3.97
N ILE A 103 9.24 11.21 3.07
CA ILE A 103 9.69 12.37 2.22
C ILE A 103 9.32 13.69 2.90
N ILE A 104 10.23 14.25 3.64
CA ILE A 104 9.96 15.56 4.32
C ILE A 104 11.25 16.37 4.50
N ARG A 105 11.18 17.43 5.26
CA ARG A 105 12.42 18.20 5.59
C ARG A 105 13.05 17.66 6.86
N LYS A 106 14.26 18.08 7.16
CA LYS A 106 14.97 17.54 8.36
C LYS A 106 14.18 17.81 9.63
N ASP A 107 13.37 18.81 9.62
CA ASP A 107 12.63 19.17 10.86
C ASP A 107 11.12 19.02 10.65
N GLN A 108 10.70 18.11 9.82
CA GLN A 108 9.23 17.95 9.60
C GLN A 108 8.63 16.91 10.56
N ARG A 109 8.78 15.64 10.26
CA ARG A 109 8.15 14.61 11.13
C ARG A 109 9.23 13.77 11.80
N LEU A 110 10.43 13.88 11.34
CA LEU A 110 11.52 13.03 11.92
C LEU A 110 12.30 13.82 12.97
N LYS A 111 11.61 14.33 13.95
CA LYS A 111 12.28 15.06 15.06
C LYS A 111 11.72 14.62 16.41
N PHE A 112 11.90 13.37 16.77
CA PHE A 112 11.37 12.88 18.07
C PHE A 112 12.42 12.00 18.76
N GLY A 113 12.75 10.89 18.17
CA GLY A 113 13.74 9.98 18.81
C GLY A 113 13.06 9.22 19.95
N GLU A 114 13.80 8.44 20.68
CA GLU A 114 13.19 7.72 21.84
C GLU A 114 11.88 7.04 21.43
N GLY A 115 11.97 5.87 20.84
CA GLY A 115 10.74 5.11 20.50
C GLY A 115 10.20 5.55 19.14
N ILE A 116 10.91 6.41 18.46
CA ILE A 116 10.47 6.83 17.10
C ILE A 116 10.38 5.62 16.17
N GLU A 117 11.32 4.70 16.27
CA GLU A 117 11.23 3.47 15.42
C GLU A 117 10.07 2.59 15.87
N GLU A 118 9.89 2.46 17.16
CA GLU A 118 8.74 1.66 17.66
C GLU A 118 7.43 2.40 17.39
N TYR A 119 7.47 3.70 17.41
CA TYR A 119 6.25 4.48 17.10
C TYR A 119 5.78 4.15 15.68
N VAL A 120 6.71 4.00 14.76
CA VAL A 120 6.31 3.60 13.39
C VAL A 120 5.61 2.24 13.44
N GLN A 121 6.17 1.30 14.16
CA GLN A 121 5.48 0.00 14.36
C GLN A 121 4.13 0.22 15.04
N ARG A 122 4.08 1.12 15.99
CA ARG A 122 2.79 1.39 16.70
C ARG A 122 1.74 1.88 15.70
N ALA A 123 2.12 2.76 14.81
CA ALA A 123 1.14 3.28 13.81
C ALA A 123 0.91 2.25 12.70
N LEU A 124 1.94 1.60 12.27
CA LEU A 124 1.81 0.68 11.09
C LEU A 124 1.54 -0.76 11.55
N ILE A 125 1.60 -0.99 12.83
CA ILE A 125 1.48 -2.38 13.34
C ILE A 125 0.34 -3.11 12.60
N ARG A 126 0.28 -4.41 12.74
CA ARG A 126 -0.75 -5.23 12.02
C ARG A 126 -1.13 -4.58 10.68
N ARG A 127 -0.15 -4.27 9.86
CA ARG A 127 -0.47 -3.69 8.53
C ARG A 127 0.32 -4.39 7.42
N PRO A 128 -0.32 -4.55 6.29
CA PRO A 128 0.33 -5.20 5.12
C PRO A 128 1.49 -4.33 4.62
N MET A 129 2.69 -4.85 4.54
CA MET A 129 3.82 -3.98 4.11
C MET A 129 4.48 -4.51 2.84
N LEU A 130 4.85 -3.63 1.95
CA LEU A 130 5.46 -4.06 0.68
C LEU A 130 6.59 -3.09 0.30
N GLU A 131 7.82 -3.51 0.41
CA GLU A 131 8.97 -2.59 0.17
C GLU A 131 8.75 -1.78 -1.11
N GLN A 132 9.12 -0.52 -1.07
CA GLN A 132 8.96 0.37 -2.26
C GLN A 132 7.53 0.91 -2.32
N ASP A 133 6.69 0.49 -1.41
CA ASP A 133 5.31 1.05 -1.34
C ASP A 133 5.34 2.51 -0.89
N ASN A 134 4.20 3.08 -0.65
CA ASN A 134 4.13 4.49 -0.17
C ASN A 134 2.97 4.66 0.81
N ILE A 135 3.12 5.47 1.83
CA ILE A 135 2.00 5.62 2.80
C ILE A 135 1.86 7.07 3.23
N SER A 136 0.72 7.43 3.76
CA SER A 136 0.51 8.80 4.28
C SER A 136 -0.31 8.76 5.57
N VAL A 137 -0.02 9.61 6.52
CA VAL A 137 -0.76 9.58 7.80
C VAL A 137 -1.67 10.81 7.95
N PRO A 138 -1.07 11.98 8.04
CA PRO A 138 -1.87 13.23 8.18
C PRO A 138 -2.54 13.58 6.85
N GLY A 139 -3.63 14.29 6.90
CA GLY A 139 -4.32 14.70 5.64
C GLY A 139 -4.23 16.22 5.48
N LEU A 140 -3.04 16.75 5.51
CA LEU A 140 -2.88 18.23 5.39
C LEU A 140 -1.67 18.56 4.50
N THR A 141 -1.59 19.77 4.02
CA THR A 141 -0.48 20.11 3.09
C THR A 141 0.30 21.32 3.59
N LEU A 142 1.17 21.83 2.77
CA LEU A 142 1.99 23.02 3.17
C LEU A 142 2.16 23.96 1.98
N ALA A 143 3.25 24.67 1.93
CA ALA A 143 3.47 25.66 0.83
C ALA A 143 3.71 24.93 -0.49
N GLY A 144 2.73 24.24 -1.00
CA GLY A 144 2.93 23.46 -2.24
C GLY A 144 4.07 22.45 -2.05
N GLN A 145 3.89 21.47 -1.20
CA GLN A 145 4.96 20.46 -1.00
C GLN A 145 4.75 19.26 -1.92
N THR A 146 5.72 18.40 -2.03
CA THR A 146 5.57 17.21 -2.92
C THR A 146 6.04 15.95 -2.19
N GLY A 147 5.51 14.81 -2.57
CA GLY A 147 5.87 13.55 -1.87
C GLY A 147 5.16 13.51 -0.51
N LEU A 148 5.74 14.13 0.48
CA LEU A 148 5.07 14.19 1.82
C LEU A 148 4.43 12.84 2.18
N LEU A 149 5.09 11.75 1.87
CA LEU A 149 4.55 10.41 2.25
C LEU A 149 5.68 9.51 2.72
N PHE A 150 5.37 8.36 3.27
CA PHE A 150 6.44 7.44 3.70
C PHE A 150 6.82 6.51 2.56
N LYS A 151 8.06 6.52 2.16
CA LYS A 151 8.50 5.63 1.03
C LYS A 151 9.25 4.42 1.58
N VAL A 152 8.61 3.29 1.62
CA VAL A 152 9.31 2.05 2.12
C VAL A 152 10.29 1.54 1.07
N VAL A 153 11.44 1.09 1.47
CA VAL A 153 12.46 0.68 0.48
C VAL A 153 13.03 -0.70 0.80
N LYS A 154 12.99 -1.12 2.04
CA LYS A 154 13.58 -2.45 2.37
C LYS A 154 12.70 -3.20 3.38
N THR A 155 12.31 -4.39 3.04
CA THR A 155 11.56 -5.24 4.01
C THR A 155 12.24 -6.61 4.12
N LEU A 156 11.93 -7.36 5.13
CA LEU A 156 12.62 -8.67 5.31
C LEU A 156 11.86 -9.79 4.58
N PRO A 157 10.55 -9.72 4.63
CA PRO A 157 9.73 -10.76 3.96
C PRO A 157 10.02 -10.78 2.46
N SER A 158 9.31 -11.58 1.71
CA SER A 158 9.53 -11.63 0.24
C SER A 158 8.61 -10.63 -0.47
N LYS A 159 8.43 -10.78 -1.76
CA LYS A 159 7.61 -9.81 -2.51
C LYS A 159 6.13 -9.92 -2.12
N VAL A 160 5.81 -10.87 -1.30
CA VAL A 160 4.39 -11.06 -0.89
C VAL A 160 4.07 -10.16 0.30
N PRO A 161 2.89 -9.61 0.26
CA PRO A 161 2.41 -8.72 1.33
C PRO A 161 2.68 -9.35 2.70
N VAL A 162 3.07 -8.55 3.67
CA VAL A 162 3.20 -9.09 5.06
C VAL A 162 2.43 -8.20 6.02
N GLU A 163 2.07 -8.72 7.14
CA GLU A 163 1.38 -7.89 8.15
C GLU A 163 2.32 -7.55 9.29
N ILE A 164 2.50 -6.29 9.56
CA ILE A 164 3.43 -5.86 10.63
C ILE A 164 2.84 -6.24 11.99
N GLY A 165 3.67 -6.46 12.96
CA GLY A 165 3.14 -6.74 14.33
C GLY A 165 4.04 -6.08 15.36
N GLU A 166 3.59 -5.99 16.58
CA GLU A 166 4.40 -5.31 17.62
C GLU A 166 5.77 -5.98 17.76
N GLU A 167 5.93 -7.14 17.20
CA GLU A 167 7.24 -7.85 17.27
C GLU A 167 8.10 -7.45 16.08
N THR A 168 7.48 -6.92 15.06
CA THR A 168 8.24 -6.52 13.85
C THR A 168 9.26 -5.44 14.19
N LYS A 169 10.32 -5.34 13.44
CA LYS A 169 11.34 -4.31 13.75
C LYS A 169 11.23 -3.15 12.77
N ILE A 170 11.67 -1.99 13.14
CA ILE A 170 11.50 -0.80 12.27
C ILE A 170 12.85 -0.20 11.87
N GLU A 171 12.99 0.17 10.63
CA GLU A 171 14.23 0.90 10.23
C GLU A 171 13.87 2.28 9.67
N ILE A 172 14.48 3.30 10.20
CA ILE A 172 14.16 4.69 9.73
C ILE A 172 15.43 5.38 9.25
N ARG A 173 15.44 5.86 8.03
CA ARG A 173 16.67 6.52 7.51
C ARG A 173 16.59 8.03 7.73
N GLU A 174 17.72 8.70 7.76
CA GLU A 174 17.72 10.18 7.96
C GLU A 174 17.80 10.89 6.61
N GLU A 175 17.70 10.15 5.54
CA GLU A 175 17.77 10.77 4.19
C GLU A 175 16.37 10.95 3.62
N PRO A 176 15.96 12.18 3.54
CA PRO A 176 14.61 12.52 3.00
C PRO A 176 14.56 12.21 1.51
N ALA A 177 13.73 12.90 0.79
CA ALA A 177 13.59 12.62 -0.67
C ALA A 177 14.81 13.16 -1.43
N SER A 178 15.99 12.86 -0.95
CA SER A 178 17.22 13.39 -1.63
C SER A 178 17.52 12.60 -2.92
N GLU A 179 17.93 11.36 -2.80
CA GLU A 179 18.30 10.58 -4.02
C GLU A 179 17.10 10.44 -4.93
N VAL A 180 15.93 10.57 -4.38
CA VAL A 180 14.69 10.42 -5.20
C VAL A 180 14.62 11.52 -6.26
N LEU A 181 14.35 11.15 -7.48
CA LEU A 181 14.28 12.18 -8.57
C LEU A 181 12.84 12.33 -9.07
N GLU A 182 11.93 12.63 -8.20
CA GLU A 182 10.51 12.83 -8.62
C GLU A 182 10.42 13.99 -9.60
N GLU A 183 9.77 13.81 -10.72
CA GLU A 183 9.63 14.91 -11.70
C GLU A 183 8.91 16.11 -11.07
N GLY A 184 9.35 17.31 -11.37
CA GLY A 184 8.68 18.51 -10.79
C GLY A 184 8.98 18.59 -9.29
N GLY A 185 9.99 17.90 -8.84
CA GLY A 185 10.32 17.94 -7.39
C GLY A 185 9.87 16.63 -6.72
N MET A 1 0.93 -27.06 -6.41
CA MET A 1 0.89 -25.76 -5.70
C MET A 1 1.06 -24.60 -6.70
N GLU A 2 0.33 -23.53 -6.50
CA GLU A 2 0.45 -22.38 -7.46
C GLU A 2 1.34 -21.30 -6.86
N SER A 3 2.36 -20.90 -7.58
CA SER A 3 3.29 -19.87 -7.02
C SER A 3 2.56 -18.53 -6.88
N ASN A 4 2.43 -17.79 -7.95
CA ASN A 4 1.70 -16.49 -7.86
C ASN A 4 1.05 -16.16 -9.21
N ASN A 5 -0.15 -15.62 -9.18
CA ASN A 5 -0.82 -15.24 -10.46
C ASN A 5 -1.89 -14.17 -10.19
N GLY A 6 -2.25 -13.41 -11.18
CA GLY A 6 -3.26 -12.34 -10.98
C GLY A 6 -3.99 -12.05 -12.29
N ILE A 7 -4.73 -10.97 -12.33
CA ILE A 7 -5.46 -10.60 -13.59
C ILE A 7 -5.28 -9.11 -13.87
N ILE A 8 -5.48 -8.68 -15.08
CA ILE A 8 -5.32 -7.24 -15.40
C ILE A 8 -6.69 -6.55 -15.46
N LEU A 9 -6.92 -5.62 -14.56
CA LEU A 9 -8.20 -4.86 -14.58
C LEU A 9 -7.93 -3.38 -14.37
N ARG A 10 -8.94 -2.58 -14.16
CA ARG A 10 -8.70 -1.11 -14.07
C ARG A 10 -9.01 -0.59 -12.67
N VAL A 11 -8.21 0.30 -12.17
CA VAL A 11 -8.42 0.86 -10.81
C VAL A 11 -9.76 1.58 -10.73
N ALA A 12 -10.46 1.44 -9.64
CA ALA A 12 -11.77 2.15 -9.49
C ALA A 12 -11.72 3.11 -8.30
N GLU A 13 -12.36 4.23 -8.42
CA GLU A 13 -12.45 5.18 -7.28
C GLU A 13 -13.25 6.42 -7.67
N ALA A 14 -14.51 6.46 -7.32
CA ALA A 14 -15.35 7.64 -7.70
C ALA A 14 -15.66 8.48 -6.45
N ASN A 15 -15.66 7.88 -5.30
CA ASN A 15 -15.95 8.65 -4.06
C ASN A 15 -14.69 8.75 -3.20
N SER A 16 -14.32 9.93 -2.79
CA SER A 16 -13.07 10.11 -2.00
C SER A 16 -13.40 10.43 -0.55
N THR A 17 -14.45 9.86 -0.02
CA THR A 17 -14.84 10.15 1.39
C THR A 17 -14.63 8.92 2.27
N ASP A 18 -14.75 9.10 3.56
CA ASP A 18 -14.55 7.94 4.51
C ASP A 18 -13.42 7.03 4.03
N PRO A 19 -12.25 7.58 3.99
CA PRO A 19 -11.05 6.82 3.54
C PRO A 19 -10.87 5.56 4.39
N GLY A 20 -9.79 4.85 4.19
CA GLY A 20 -9.57 3.58 4.96
C GLY A 20 -10.14 2.39 4.19
N MET A 21 -10.34 2.54 2.92
CA MET A 21 -10.85 1.39 2.12
C MET A 21 -9.68 0.55 1.63
N SER A 22 -8.77 0.22 2.52
CA SER A 22 -7.60 -0.62 2.12
C SER A 22 -8.06 -2.01 1.68
N ARG A 23 -9.33 -2.28 1.76
CA ARG A 23 -9.85 -3.59 1.31
C ARG A 23 -10.20 -3.51 -0.19
N VAL A 24 -10.02 -4.59 -0.91
CA VAL A 24 -10.33 -4.55 -2.36
C VAL A 24 -11.67 -5.22 -2.63
N ARG A 25 -12.63 -4.48 -3.10
CA ARG A 25 -13.96 -5.10 -3.35
C ARG A 25 -14.06 -5.55 -4.80
N LEU A 26 -14.26 -6.82 -5.01
CA LEU A 26 -14.28 -7.38 -6.39
C LEU A 26 -15.42 -8.39 -6.54
N ASP A 27 -15.65 -8.86 -7.73
CA ASP A 27 -16.81 -9.78 -7.94
C ASP A 27 -16.38 -11.25 -7.86
N GLU A 28 -17.30 -12.15 -8.07
CA GLU A 28 -16.98 -13.60 -7.92
C GLU A 28 -15.86 -13.98 -8.88
N SER A 29 -15.99 -13.61 -10.11
CA SER A 29 -14.94 -13.94 -11.11
C SER A 29 -13.61 -13.32 -10.70
N SER A 30 -13.63 -12.10 -10.23
CA SER A 30 -12.39 -11.47 -9.71
C SER A 30 -11.85 -12.29 -8.54
N ARG A 31 -12.73 -12.92 -7.80
CA ARG A 31 -12.27 -13.77 -6.65
C ARG A 31 -11.86 -15.17 -7.12
N ARG A 32 -12.66 -15.80 -7.94
CA ARG A 32 -12.30 -17.17 -8.42
C ARG A 32 -11.30 -17.10 -9.57
N LEU A 33 -11.01 -15.92 -10.03
CA LEU A 33 -10.00 -15.76 -11.11
C LEU A 33 -8.79 -16.64 -10.81
N LEU A 34 -8.53 -16.88 -9.56
CA LEU A 34 -7.42 -17.79 -9.17
C LEU A 34 -7.81 -18.62 -7.94
N ASP A 35 -8.03 -17.98 -6.83
CA ASP A 35 -8.38 -18.73 -5.60
C ASP A 35 -8.76 -17.77 -4.46
N ALA A 36 -8.98 -16.52 -4.76
CA ALA A 36 -9.29 -15.55 -3.69
C ALA A 36 -10.36 -16.10 -2.76
N GLU A 37 -10.04 -16.25 -1.51
CA GLU A 37 -11.09 -16.64 -0.52
C GLU A 37 -11.43 -15.41 0.32
N ILE A 38 -12.40 -15.50 1.18
CA ILE A 38 -12.73 -14.32 2.02
C ILE A 38 -11.53 -13.97 2.90
N GLY A 39 -11.05 -12.77 2.80
CA GLY A 39 -9.96 -12.32 3.71
C GLY A 39 -8.62 -12.91 3.25
N ASP A 40 -8.44 -13.11 1.97
CA ASP A 40 -7.09 -13.49 1.47
C ASP A 40 -6.30 -12.22 1.16
N VAL A 41 -5.02 -12.35 0.88
CA VAL A 41 -4.19 -11.14 0.64
C VAL A 41 -4.03 -10.91 -0.86
N VAL A 42 -4.29 -9.72 -1.34
CA VAL A 42 -4.17 -9.48 -2.80
C VAL A 42 -3.05 -8.47 -3.09
N GLU A 43 -2.25 -8.74 -4.08
CA GLU A 43 -1.13 -7.82 -4.42
C GLU A 43 -1.42 -7.11 -5.74
N ILE A 44 -1.04 -5.86 -5.86
CA ILE A 44 -1.36 -5.11 -7.10
C ILE A 44 -0.09 -4.62 -7.77
N GLU A 45 -0.07 -4.57 -9.08
CA GLU A 45 1.18 -4.13 -9.77
C GLU A 45 0.86 -3.49 -11.13
N LYS A 46 0.59 -2.22 -11.16
CA LYS A 46 0.43 -1.50 -12.46
C LYS A 46 1.72 -0.77 -12.82
N VAL A 47 1.93 0.38 -12.24
CA VAL A 47 3.22 1.10 -12.46
C VAL A 47 4.27 0.59 -11.48
N ARG A 48 3.85 0.25 -10.29
CA ARG A 48 4.81 -0.29 -9.28
C ARG A 48 4.15 -1.43 -8.52
N LYS A 49 4.82 -1.96 -7.55
CA LYS A 49 4.23 -3.10 -6.79
C LYS A 49 3.43 -2.58 -5.60
N THR A 50 2.30 -3.19 -5.36
CA THR A 50 1.38 -2.69 -4.29
C THR A 50 0.74 -3.87 -3.57
N VAL A 51 0.14 -3.62 -2.44
CA VAL A 51 -0.51 -4.72 -1.66
C VAL A 51 -1.95 -4.33 -1.32
N GLY A 52 -2.76 -5.29 -0.94
CA GLY A 52 -4.12 -4.96 -0.45
C GLY A 52 -4.83 -6.23 0.02
N ARG A 53 -6.05 -6.10 0.48
CA ARG A 53 -6.77 -7.30 1.00
C ARG A 53 -8.04 -7.55 0.18
N VAL A 54 -8.70 -8.66 0.39
CA VAL A 54 -9.83 -9.03 -0.51
C VAL A 54 -11.19 -8.71 0.11
N TYR A 55 -12.04 -8.07 -0.64
CA TYR A 55 -13.45 -7.88 -0.19
C TYR A 55 -14.42 -8.30 -1.29
N ARG A 56 -15.66 -8.50 -0.95
CA ARG A 56 -16.68 -8.85 -1.96
C ARG A 56 -17.37 -7.59 -2.49
N ALA A 57 -17.41 -7.42 -3.78
CA ALA A 57 -18.08 -6.22 -4.38
C ALA A 57 -19.58 -6.24 -4.05
N ARG A 58 -20.15 -5.11 -3.74
CA ARG A 58 -21.62 -5.08 -3.53
C ARG A 58 -22.32 -5.63 -4.78
N PRO A 59 -21.93 -5.09 -5.91
CA PRO A 59 -22.49 -5.55 -7.19
C PRO A 59 -21.61 -6.66 -7.75
N GLU A 60 -21.98 -7.87 -7.53
CA GLU A 60 -21.13 -9.02 -7.96
C GLU A 60 -21.23 -9.22 -9.48
N ASP A 61 -21.23 -8.14 -10.22
CA ASP A 61 -21.35 -8.26 -11.71
C ASP A 61 -20.50 -7.21 -12.42
N GLU A 62 -20.43 -6.02 -11.88
CA GLU A 62 -19.58 -4.98 -12.51
C GLU A 62 -18.14 -5.10 -12.02
N ASN A 63 -17.96 -5.71 -10.87
CA ASN A 63 -16.57 -5.92 -10.35
C ASN A 63 -15.93 -7.15 -11.00
N LYS A 64 -16.15 -7.37 -12.27
CA LYS A 64 -15.48 -8.51 -12.95
C LYS A 64 -14.25 -8.01 -13.70
N GLY A 65 -13.84 -6.80 -13.43
CA GLY A 65 -12.61 -6.26 -14.06
C GLY A 65 -12.35 -4.85 -13.54
N ILE A 66 -12.83 -4.55 -12.37
CA ILE A 66 -12.53 -3.21 -11.76
C ILE A 66 -12.29 -3.38 -10.27
N VAL A 67 -11.34 -2.68 -9.73
CA VAL A 67 -11.06 -2.83 -8.27
C VAL A 67 -11.27 -1.49 -7.56
N ARG A 68 -12.05 -1.45 -6.53
CA ARG A 68 -12.29 -0.17 -5.82
C ARG A 68 -11.24 0.02 -4.73
N ILE A 69 -10.40 1.00 -4.88
CA ILE A 69 -9.34 1.22 -3.84
C ILE A 69 -9.34 2.68 -3.39
N ASP A 70 -8.60 2.98 -2.37
CA ASP A 70 -8.51 4.39 -1.90
C ASP A 70 -7.55 5.18 -2.79
N SER A 71 -7.59 6.47 -2.72
CA SER A 71 -6.67 7.31 -3.54
C SER A 71 -5.22 7.00 -3.19
N VAL A 72 -4.93 6.80 -1.93
CA VAL A 72 -3.52 6.58 -1.52
C VAL A 72 -2.99 5.28 -2.11
N MET A 73 -3.77 4.23 -2.06
CA MET A 73 -3.31 2.94 -2.66
C MET A 73 -3.08 3.13 -4.16
N ARG A 74 -3.99 3.77 -4.83
CA ARG A 74 -3.77 4.10 -6.26
C ARG A 74 -2.53 4.99 -6.40
N ASN A 75 -2.35 5.93 -5.51
CA ASN A 75 -1.15 6.81 -5.59
C ASN A 75 0.11 6.03 -5.22
N ASN A 76 -0.03 4.95 -4.50
CA ASN A 76 1.18 4.17 -4.08
C ASN A 76 1.96 3.69 -5.31
N CYS A 77 1.28 3.25 -6.33
CA CYS A 77 2.01 2.70 -7.52
C CYS A 77 2.14 3.77 -8.61
N GLY A 78 1.19 4.65 -8.69
CA GLY A 78 1.26 5.74 -9.72
C GLY A 78 0.16 5.55 -10.76
N ALA A 79 -0.94 4.96 -10.38
CA ALA A 79 -2.00 4.65 -11.37
C ALA A 79 -3.10 5.72 -11.32
N SER A 80 -3.83 5.88 -12.38
CA SER A 80 -4.97 6.81 -12.38
C SER A 80 -6.28 6.02 -12.49
N ILE A 81 -7.39 6.64 -12.22
CA ILE A 81 -8.67 5.89 -12.31
C ILE A 81 -8.82 5.24 -13.68
N GLY A 82 -9.30 4.03 -13.71
CA GLY A 82 -9.63 3.39 -15.00
C GLY A 82 -8.35 2.90 -15.68
N ASP A 83 -7.21 3.11 -15.07
CA ASP A 83 -5.95 2.56 -15.65
C ASP A 83 -6.03 1.05 -15.76
N LYS A 84 -4.90 0.39 -15.87
CA LYS A 84 -4.90 -1.09 -15.92
C LYS A 84 -3.81 -1.64 -14.99
N VAL A 85 -4.20 -2.30 -13.94
CA VAL A 85 -3.19 -2.90 -13.01
C VAL A 85 -3.36 -4.41 -12.95
N LYS A 86 -2.30 -5.13 -12.75
CA LYS A 86 -2.41 -6.62 -12.63
C LYS A 86 -2.51 -7.00 -11.14
N VAL A 87 -3.61 -7.57 -10.75
CA VAL A 87 -3.79 -7.92 -9.31
C VAL A 87 -3.58 -9.42 -9.11
N ARG A 88 -2.65 -9.78 -8.26
CA ARG A 88 -2.40 -11.23 -8.01
C ARG A 88 -2.87 -11.58 -6.60
N LYS A 89 -3.43 -12.75 -6.43
CA LYS A 89 -3.96 -13.11 -5.09
C LYS A 89 -2.93 -13.93 -4.31
N VAL A 90 -2.66 -13.54 -3.11
CA VAL A 90 -1.66 -14.27 -2.27
C VAL A 90 -2.08 -14.24 -0.81
N ARG A 91 -1.17 -14.53 0.06
CA ARG A 91 -1.48 -14.49 1.52
C ARG A 91 -0.46 -13.61 2.25
N THR A 92 -0.61 -13.47 3.54
CA THR A 92 0.30 -12.56 4.28
C THR A 92 1.26 -13.35 5.18
N GLU A 93 2.24 -12.67 5.70
CA GLU A 93 3.21 -13.31 6.63
C GLU A 93 3.69 -12.26 7.62
N ILE A 94 4.39 -12.63 8.66
CA ILE A 94 4.81 -11.62 9.66
C ILE A 94 6.16 -11.02 9.28
N ALA A 95 6.15 -9.85 8.68
CA ALA A 95 7.45 -9.20 8.32
C ALA A 95 8.34 -9.06 9.55
N LYS A 96 9.62 -9.30 9.40
CA LYS A 96 10.53 -9.20 10.58
C LYS A 96 11.31 -7.88 10.56
N LYS A 97 11.56 -7.33 9.41
CA LYS A 97 12.34 -6.05 9.36
C LYS A 97 11.92 -5.20 8.15
N VAL A 98 11.43 -4.00 8.37
CA VAL A 98 11.03 -3.16 7.21
C VAL A 98 11.60 -1.74 7.36
N THR A 99 12.06 -1.16 6.28
CA THR A 99 12.65 0.21 6.35
C THR A 99 11.76 1.20 5.58
N LEU A 100 11.65 2.42 6.07
CA LEU A 100 10.76 3.40 5.40
C LEU A 100 11.37 4.80 5.46
N ALA A 101 10.79 5.73 4.74
CA ALA A 101 11.41 7.09 4.66
C ALA A 101 10.32 8.17 4.65
N PRO A 102 10.08 8.72 5.80
CA PRO A 102 9.06 9.80 5.93
C PRO A 102 9.39 10.94 4.97
N ILE A 103 8.43 11.41 4.21
CA ILE A 103 8.72 12.48 3.23
C ILE A 103 8.31 13.84 3.80
N ILE A 104 9.27 14.65 4.18
CA ILE A 104 8.94 16.03 4.64
C ILE A 104 10.09 16.98 4.33
N ARG A 105 10.09 18.09 4.99
CA ARG A 105 11.20 19.07 4.80
C ARG A 105 12.07 19.13 6.05
N LYS A 106 13.32 19.48 5.90
CA LYS A 106 14.22 19.51 7.08
C LYS A 106 13.70 20.51 8.11
N ASP A 107 12.79 21.34 7.71
CA ASP A 107 12.23 22.35 8.66
C ASP A 107 10.82 21.94 9.12
N GLN A 108 10.49 20.68 9.05
CA GLN A 108 9.12 20.24 9.44
C GLN A 108 9.08 19.89 10.93
N ARG A 109 7.92 19.99 11.51
CA ARG A 109 7.79 19.77 12.99
C ARG A 109 7.51 18.29 13.28
N LEU A 110 7.26 17.51 12.27
CA LEU A 110 6.93 16.08 12.50
C LEU A 110 8.19 15.23 12.34
N LYS A 111 9.24 15.60 13.02
CA LYS A 111 10.48 14.78 13.02
C LYS A 111 10.95 14.57 14.45
N PHE A 112 11.30 13.38 14.82
CA PHE A 112 11.69 13.12 16.24
C PHE A 112 12.87 12.16 16.31
N GLY A 113 12.71 10.97 15.78
CA GLY A 113 13.82 9.98 15.87
C GLY A 113 13.83 9.37 17.27
N GLU A 114 14.74 8.48 17.55
CA GLU A 114 14.80 7.88 18.91
C GLU A 114 13.39 7.43 19.34
N GLY A 115 13.09 6.17 19.18
CA GLY A 115 11.76 5.66 19.63
C GLY A 115 10.73 5.85 18.53
N ILE A 116 11.04 6.63 17.53
CA ILE A 116 10.13 6.77 16.37
C ILE A 116 9.93 5.42 15.69
N GLU A 117 10.95 4.61 15.64
CA GLU A 117 10.80 3.26 15.01
C GLU A 117 9.74 2.46 15.76
N GLU A 118 9.76 2.52 17.06
CA GLU A 118 8.69 1.87 17.87
C GLU A 118 7.36 2.58 17.60
N TYR A 119 7.38 3.89 17.50
CA TYR A 119 6.14 4.64 17.16
C TYR A 119 5.61 4.19 15.79
N VAL A 120 6.49 3.99 14.85
CA VAL A 120 6.03 3.50 13.52
C VAL A 120 5.42 2.11 13.66
N GLN A 121 6.07 1.25 14.40
CA GLN A 121 5.55 -0.13 14.58
C GLN A 121 4.19 -0.11 15.25
N ARG A 122 4.03 0.69 16.26
CA ARG A 122 2.73 0.70 17.00
C ARG A 122 1.64 1.32 16.12
N ALA A 123 1.98 2.31 15.36
CA ALA A 123 0.96 2.95 14.46
C ALA A 123 0.62 2.01 13.29
N LEU A 124 1.61 1.40 12.70
CA LEU A 124 1.35 0.58 11.47
C LEU A 124 1.33 -0.92 11.81
N ILE A 125 1.51 -1.27 13.06
CA ILE A 125 1.52 -2.71 13.43
C ILE A 125 0.41 -3.49 12.70
N ARG A 126 0.42 -4.79 12.80
CA ARG A 126 -0.65 -5.62 12.14
C ARG A 126 -1.14 -4.98 10.84
N ARG A 127 -0.23 -4.68 9.95
CA ARG A 127 -0.66 -4.16 8.61
C ARG A 127 0.20 -4.76 7.49
N PRO A 128 -0.41 -4.87 6.33
CA PRO A 128 0.30 -5.43 5.15
C PRO A 128 1.41 -4.46 4.71
N MET A 129 2.62 -4.94 4.46
CA MET A 129 3.69 -3.98 4.06
C MET A 129 4.38 -4.43 2.78
N LEU A 130 4.81 -3.50 1.98
CA LEU A 130 5.44 -3.84 0.69
C LEU A 130 6.48 -2.77 0.32
N GLU A 131 7.74 -3.12 0.31
CA GLU A 131 8.80 -2.09 0.07
C GLU A 131 8.48 -1.25 -1.16
N GLN A 132 8.82 0.02 -1.10
CA GLN A 132 8.57 0.95 -2.25
C GLN A 132 7.13 1.48 -2.19
N ASP A 133 6.34 0.94 -1.31
CA ASP A 133 4.95 1.45 -1.16
C ASP A 133 4.94 2.86 -0.54
N ASN A 134 3.79 3.33 -0.17
CA ASN A 134 3.70 4.65 0.54
C ASN A 134 2.62 4.57 1.62
N ILE A 135 2.75 5.30 2.68
CA ILE A 135 1.74 5.19 3.76
C ILE A 135 1.35 6.58 4.27
N SER A 136 0.32 6.65 5.08
CA SER A 136 -0.10 7.96 5.64
C SER A 136 -0.34 7.85 7.14
N VAL A 137 0.00 8.87 7.87
CA VAL A 137 -0.20 8.86 9.34
C VAL A 137 -0.95 10.13 9.75
N PRO A 138 -1.71 10.04 10.80
CA PRO A 138 -2.47 11.23 11.29
C PRO A 138 -1.55 12.44 11.36
N GLY A 139 -1.36 13.09 10.26
CA GLY A 139 -0.49 14.29 10.24
C GLY A 139 -1.04 15.26 9.20
N LEU A 140 -1.74 16.26 9.66
CA LEU A 140 -2.38 17.20 8.72
C LEU A 140 -1.39 18.30 8.31
N THR A 141 -1.64 18.96 7.22
CA THR A 141 -0.59 19.88 6.68
C THR A 141 -0.68 21.26 7.33
N LEU A 142 0.13 22.15 6.86
CA LEU A 142 0.12 23.55 7.39
C LEU A 142 0.52 24.53 6.28
N ALA A 143 1.62 25.21 6.44
CA ALA A 143 2.09 26.14 5.37
C ALA A 143 2.20 25.39 4.04
N GLY A 144 3.03 25.88 3.17
CA GLY A 144 3.24 25.17 1.87
C GLY A 144 4.24 24.03 2.05
N GLN A 145 3.81 22.94 2.62
CA GLN A 145 4.71 21.77 2.79
C GLN A 145 4.39 20.71 1.74
N THR A 146 5.28 19.76 1.55
CA THR A 146 5.01 18.70 0.54
C THR A 146 5.48 17.34 1.08
N GLY A 147 4.84 16.28 0.65
CA GLY A 147 5.27 14.93 1.09
C GLY A 147 4.41 14.48 2.29
N LEU A 148 4.83 14.81 3.47
CA LEU A 148 4.04 14.43 4.70
C LEU A 148 3.49 12.99 4.58
N LEU A 149 4.27 12.07 4.05
CA LEU A 149 3.82 10.65 4.01
C LEU A 149 5.00 9.72 4.30
N PHE A 150 4.74 8.48 4.61
CA PHE A 150 5.86 7.53 4.84
C PHE A 150 6.12 6.72 3.56
N LYS A 151 7.35 6.69 3.11
CA LYS A 151 7.67 5.91 1.88
C LYS A 151 8.51 4.69 2.24
N VAL A 152 7.96 3.51 2.09
CA VAL A 152 8.75 2.29 2.42
C VAL A 152 9.71 1.96 1.29
N VAL A 153 10.93 1.64 1.60
CA VAL A 153 11.91 1.36 0.52
C VAL A 153 12.38 -0.10 0.55
N LYS A 154 12.41 -0.70 1.71
CA LYS A 154 12.90 -2.12 1.76
C LYS A 154 12.15 -2.90 2.84
N THR A 155 11.99 -4.18 2.62
CA THR A 155 11.36 -5.06 3.64
C THR A 155 12.11 -6.38 3.71
N LEU A 156 11.86 -7.16 4.72
CA LEU A 156 12.62 -8.44 4.87
C LEU A 156 11.93 -9.58 4.12
N PRO A 157 10.62 -9.60 4.19
CA PRO A 157 9.85 -10.66 3.49
C PRO A 157 10.15 -10.64 1.99
N SER A 158 9.43 -11.39 1.22
CA SER A 158 9.63 -11.37 -0.26
C SER A 158 8.73 -10.31 -0.89
N LYS A 159 8.57 -10.37 -2.18
CA LYS A 159 7.74 -9.35 -2.89
C LYS A 159 6.27 -9.51 -2.52
N VAL A 160 5.95 -10.51 -1.74
CA VAL A 160 4.53 -10.74 -1.37
C VAL A 160 4.17 -9.93 -0.11
N PRO A 161 2.96 -9.45 -0.09
CA PRO A 161 2.45 -8.65 1.05
C PRO A 161 2.75 -9.34 2.37
N VAL A 162 3.11 -8.59 3.38
CA VAL A 162 3.26 -9.19 4.75
C VAL A 162 2.49 -8.36 5.77
N GLU A 163 2.19 -8.92 6.89
CA GLU A 163 1.48 -8.14 7.95
C GLU A 163 2.44 -7.83 9.09
N ILE A 164 2.50 -6.59 9.49
CA ILE A 164 3.43 -6.19 10.57
C ILE A 164 2.92 -6.71 11.92
N GLY A 165 3.82 -6.91 12.86
CA GLY A 165 3.38 -7.33 14.22
C GLY A 165 4.28 -6.69 15.27
N GLU A 166 3.94 -6.82 16.52
CA GLU A 166 4.73 -6.17 17.59
C GLU A 166 6.20 -6.60 17.49
N GLU A 167 6.46 -7.74 16.91
CA GLU A 167 7.86 -8.25 16.86
C GLU A 167 8.57 -7.77 15.60
N THR A 168 7.83 -7.32 14.62
CA THR A 168 8.46 -6.85 13.35
C THR A 168 9.44 -5.71 13.64
N LYS A 169 10.56 -5.69 12.98
CA LYS A 169 11.54 -4.59 13.22
C LYS A 169 11.33 -3.48 12.20
N ILE A 170 11.85 -2.32 12.47
CA ILE A 170 11.64 -1.18 11.52
C ILE A 170 12.92 -0.35 11.36
N GLU A 171 13.00 0.39 10.29
CA GLU A 171 14.16 1.32 10.11
C GLU A 171 13.68 2.66 9.57
N ILE A 172 14.14 3.73 10.15
CA ILE A 172 13.70 5.08 9.68
C ILE A 172 14.92 5.89 9.22
N ARG A 173 14.92 6.35 8.01
CA ARG A 173 16.11 7.12 7.50
C ARG A 173 15.95 8.61 7.83
N GLU A 174 17.04 9.32 7.89
CA GLU A 174 16.98 10.77 8.26
C GLU A 174 16.99 11.63 6.99
N GLU A 175 16.86 11.02 5.85
CA GLU A 175 16.84 11.80 4.58
C GLU A 175 15.39 12.05 4.13
N PRO A 176 14.99 13.28 4.24
CA PRO A 176 13.62 13.69 3.86
C PRO A 176 13.45 13.67 2.35
N ALA A 177 12.53 14.43 1.85
CA ALA A 177 12.32 14.50 0.37
C ALA A 177 13.44 15.30 -0.28
N SER A 178 14.66 14.93 -0.04
CA SER A 178 15.80 15.65 -0.67
C SER A 178 15.76 15.46 -2.19
N GLU A 179 15.77 16.53 -2.93
CA GLU A 179 15.72 16.41 -4.41
C GLU A 179 14.44 15.68 -4.86
N VAL A 180 13.50 15.54 -3.97
CA VAL A 180 12.22 14.88 -4.38
C VAL A 180 11.11 15.93 -4.52
N LEU A 181 10.65 16.16 -5.71
CA LEU A 181 9.58 17.18 -5.92
C LEU A 181 8.47 16.63 -6.80
N GLU A 182 8.75 15.63 -7.60
CA GLU A 182 7.70 15.06 -8.49
C GLU A 182 7.38 13.62 -8.05
N GLU A 183 6.15 13.37 -7.69
CA GLU A 183 5.77 11.99 -7.27
C GLU A 183 6.01 11.00 -8.40
N GLY A 184 5.71 11.39 -9.62
CA GLY A 184 5.94 10.47 -10.76
C GLY A 184 5.58 11.19 -12.07
N GLY A 185 5.68 10.51 -13.18
CA GLY A 185 5.34 11.17 -14.48
C GLY A 185 4.44 10.24 -15.29
N MET A 1 1.82 -24.32 -10.74
CA MET A 1 1.74 -22.96 -11.35
C MET A 1 2.75 -22.02 -10.68
N GLU A 2 2.49 -20.74 -10.71
CA GLU A 2 3.44 -19.79 -10.07
C GLU A 2 2.93 -19.38 -8.69
N SER A 3 3.83 -19.28 -7.73
CA SER A 3 3.37 -18.95 -6.35
C SER A 3 2.66 -17.60 -6.32
N ASN A 4 3.15 -16.64 -7.06
CA ASN A 4 2.48 -15.32 -7.10
C ASN A 4 1.94 -15.04 -8.51
N ASN A 5 0.65 -14.92 -8.63
CA ASN A 5 0.06 -14.61 -9.98
C ASN A 5 -1.22 -13.78 -9.81
N GLY A 6 -1.63 -13.11 -10.84
CA GLY A 6 -2.81 -12.21 -10.71
C GLY A 6 -3.48 -12.00 -12.07
N ILE A 7 -4.35 -11.04 -12.17
CA ILE A 7 -5.00 -10.75 -13.47
C ILE A 7 -5.00 -9.25 -13.72
N ILE A 8 -5.16 -8.84 -14.96
CA ILE A 8 -5.08 -7.38 -15.26
C ILE A 8 -6.49 -6.78 -15.36
N LEU A 9 -6.76 -5.76 -14.60
CA LEU A 9 -8.11 -5.14 -14.65
C LEU A 9 -8.00 -3.62 -14.53
N ARG A 10 -9.11 -2.94 -14.43
CA ARG A 10 -9.09 -1.45 -14.45
C ARG A 10 -9.26 -0.88 -13.05
N VAL A 11 -8.38 0.00 -12.65
CA VAL A 11 -8.51 0.66 -11.32
C VAL A 11 -9.80 1.49 -11.26
N ALA A 12 -10.49 1.43 -10.16
CA ALA A 12 -11.73 2.23 -10.01
C ALA A 12 -11.68 3.05 -8.71
N GLU A 13 -12.47 4.09 -8.62
CA GLU A 13 -12.50 4.90 -7.36
C GLU A 13 -13.58 5.97 -7.44
N ALA A 14 -14.19 6.29 -6.33
CA ALA A 14 -15.24 7.35 -6.33
C ALA A 14 -15.02 8.33 -5.18
N ASN A 15 -15.37 9.57 -5.37
CA ASN A 15 -15.18 10.57 -4.28
C ASN A 15 -16.23 10.37 -3.19
N SER A 16 -17.23 9.57 -3.45
CA SER A 16 -18.32 9.38 -2.45
C SER A 16 -17.74 8.82 -1.14
N THR A 17 -16.81 7.91 -1.23
CA THR A 17 -16.22 7.34 0.01
C THR A 17 -14.69 7.41 -0.05
N ASP A 18 -14.06 7.78 1.03
CA ASP A 18 -12.58 7.91 1.04
C ASP A 18 -11.91 6.62 1.54
N PRO A 19 -12.52 5.97 2.50
CA PRO A 19 -11.95 4.72 3.06
C PRO A 19 -11.72 3.68 1.95
N GLY A 20 -11.27 2.51 2.32
CA GLY A 20 -10.99 1.47 1.29
C GLY A 20 -9.53 1.56 0.85
N MET A 21 -8.66 1.95 1.74
CA MET A 21 -7.21 2.00 1.39
C MET A 21 -6.58 0.64 1.68
N SER A 22 -7.36 -0.31 2.13
CA SER A 22 -6.78 -1.63 2.50
C SER A 22 -7.71 -2.77 2.05
N ARG A 23 -8.64 -2.49 1.18
CA ARG A 23 -9.56 -3.57 0.72
C ARG A 23 -9.82 -3.43 -0.79
N VAL A 24 -9.98 -4.54 -1.46
CA VAL A 24 -10.29 -4.48 -2.92
C VAL A 24 -11.63 -5.15 -3.20
N ARG A 25 -12.57 -4.42 -3.73
CA ARG A 25 -13.89 -5.06 -4.00
C ARG A 25 -13.89 -5.68 -5.40
N LEU A 26 -14.09 -6.97 -5.47
CA LEU A 26 -14.00 -7.68 -6.78
C LEU A 26 -15.13 -8.71 -6.88
N ASP A 27 -15.39 -9.21 -8.06
CA ASP A 27 -16.52 -10.16 -8.22
C ASP A 27 -16.05 -11.61 -8.00
N GLU A 28 -16.94 -12.55 -8.11
CA GLU A 28 -16.57 -13.96 -7.83
C GLU A 28 -15.46 -14.39 -8.77
N SER A 29 -15.55 -13.98 -10.00
CA SER A 29 -14.48 -14.34 -10.99
C SER A 29 -13.17 -13.64 -10.62
N SER A 30 -13.24 -12.42 -10.19
CA SER A 30 -12.01 -11.72 -9.72
C SER A 30 -11.46 -12.41 -8.48
N ARG A 31 -12.32 -13.05 -7.73
CA ARG A 31 -11.87 -13.81 -6.53
C ARG A 31 -11.42 -15.22 -6.91
N ARG A 32 -12.18 -15.90 -7.73
CA ARG A 32 -11.81 -17.29 -8.12
C ARG A 32 -10.74 -17.24 -9.22
N LEU A 33 -10.49 -16.08 -9.75
CA LEU A 33 -9.45 -15.94 -10.81
C LEU A 33 -8.24 -16.79 -10.47
N LEU A 34 -7.99 -16.97 -9.21
CA LEU A 34 -6.87 -17.85 -8.78
C LEU A 34 -7.28 -18.67 -7.55
N ASP A 35 -7.61 -18.02 -6.47
CA ASP A 35 -8.00 -18.76 -5.25
C ASP A 35 -8.56 -17.81 -4.20
N ALA A 36 -8.09 -16.58 -4.20
CA ALA A 36 -8.52 -15.59 -3.16
C ALA A 36 -9.83 -15.99 -2.50
N GLU A 37 -9.83 -16.11 -1.20
CA GLU A 37 -11.11 -16.35 -0.48
C GLU A 37 -11.58 -15.03 0.13
N ILE A 38 -12.70 -15.02 0.79
CA ILE A 38 -13.16 -13.76 1.41
C ILE A 38 -12.13 -13.26 2.43
N GLY A 39 -11.65 -12.05 2.25
CA GLY A 39 -10.72 -11.47 3.26
C GLY A 39 -9.34 -12.12 3.14
N ASP A 40 -8.96 -12.54 1.96
CA ASP A 40 -7.57 -13.04 1.77
C ASP A 40 -6.66 -11.86 1.39
N VAL A 41 -5.39 -12.11 1.18
CA VAL A 41 -4.46 -10.99 0.90
C VAL A 41 -4.21 -10.85 -0.60
N VAL A 42 -4.39 -9.68 -1.12
CA VAL A 42 -4.22 -9.48 -2.59
C VAL A 42 -3.11 -8.45 -2.86
N GLU A 43 -2.35 -8.66 -3.90
CA GLU A 43 -1.26 -7.69 -4.24
C GLU A 43 -1.62 -6.96 -5.54
N ILE A 44 -1.31 -5.71 -5.64
CA ILE A 44 -1.65 -4.95 -6.88
C ILE A 44 -0.39 -4.41 -7.54
N GLU A 45 -0.38 -4.28 -8.83
CA GLU A 45 0.81 -3.71 -9.51
C GLU A 45 0.41 -3.01 -10.83
N LYS A 46 0.20 -1.73 -10.78
CA LYS A 46 -0.05 -0.96 -12.04
C LYS A 46 1.25 -0.29 -12.49
N VAL A 47 1.71 0.67 -11.73
CA VAL A 47 3.02 1.31 -12.02
C VAL A 47 4.08 0.78 -11.06
N ARG A 48 3.69 0.52 -9.85
CA ARG A 48 4.64 -0.05 -8.86
C ARG A 48 3.98 -1.20 -8.12
N LYS A 49 4.58 -1.64 -7.06
CA LYS A 49 3.96 -2.76 -6.28
C LYS A 49 3.03 -2.22 -5.21
N THR A 50 1.90 -2.85 -5.06
CA THR A 50 0.94 -2.43 -4.01
C THR A 50 0.37 -3.65 -3.30
N VAL A 51 -0.13 -3.48 -2.10
CA VAL A 51 -0.74 -4.62 -1.38
C VAL A 51 -2.17 -4.27 -0.95
N GLY A 52 -2.97 -5.26 -0.66
CA GLY A 52 -4.35 -4.96 -0.17
C GLY A 52 -5.07 -6.26 0.14
N ARG A 53 -6.32 -6.17 0.56
CA ARG A 53 -7.07 -7.39 0.94
C ARG A 53 -8.26 -7.59 0.00
N VAL A 54 -8.75 -8.80 -0.11
CA VAL A 54 -9.83 -9.06 -1.10
C VAL A 54 -11.20 -8.72 -0.50
N TYR A 55 -12.02 -8.05 -1.24
CA TYR A 55 -13.41 -7.76 -0.77
C TYR A 55 -14.42 -8.21 -1.82
N ARG A 56 -15.66 -8.34 -1.43
CA ARG A 56 -16.70 -8.78 -2.40
C ARG A 56 -17.33 -7.55 -3.07
N ALA A 57 -17.26 -7.48 -4.37
CA ALA A 57 -17.87 -6.33 -5.10
C ALA A 57 -19.39 -6.33 -4.88
N ARG A 58 -19.97 -5.17 -4.73
CA ARG A 58 -21.46 -5.12 -4.64
C ARG A 58 -22.05 -5.78 -5.90
N PRO A 59 -21.50 -5.42 -7.03
CA PRO A 59 -21.95 -5.99 -8.31
C PRO A 59 -21.08 -7.19 -8.64
N GLU A 60 -21.56 -8.35 -8.33
CA GLU A 60 -20.75 -9.59 -8.53
C GLU A 60 -20.70 -9.96 -10.01
N ASP A 61 -20.64 -8.99 -10.89
CA ASP A 61 -20.65 -9.29 -12.34
C ASP A 61 -19.81 -8.26 -13.11
N GLU A 62 -19.88 -7.02 -12.71
CA GLU A 62 -19.07 -5.98 -13.41
C GLU A 62 -17.67 -5.95 -12.81
N ASN A 63 -17.54 -6.40 -11.60
CA ASN A 63 -16.20 -6.46 -10.96
C ASN A 63 -15.44 -7.71 -11.42
N LYS A 64 -15.56 -8.07 -12.67
CA LYS A 64 -14.79 -9.24 -13.19
C LYS A 64 -13.53 -8.74 -13.92
N GLY A 65 -13.19 -7.49 -13.71
CA GLY A 65 -11.99 -6.92 -14.35
C GLY A 65 -11.85 -5.45 -13.96
N ILE A 66 -12.40 -5.07 -12.84
CA ILE A 66 -12.20 -3.69 -12.31
C ILE A 66 -12.03 -3.76 -10.80
N VAL A 67 -11.38 -2.80 -10.20
CA VAL A 67 -11.24 -2.83 -8.72
C VAL A 67 -11.52 -1.44 -8.13
N ARG A 68 -12.34 -1.36 -7.11
CA ARG A 68 -12.62 -0.03 -6.52
C ARG A 68 -11.66 0.23 -5.35
N ILE A 69 -10.87 1.27 -5.46
CA ILE A 69 -9.93 1.61 -4.35
C ILE A 69 -10.02 3.10 -4.03
N ASP A 70 -9.47 3.50 -2.91
CA ASP A 70 -9.48 4.96 -2.58
C ASP A 70 -8.30 5.66 -3.26
N SER A 71 -8.19 6.95 -3.10
CA SER A 71 -7.10 7.71 -3.77
C SER A 71 -5.73 7.25 -3.27
N VAL A 72 -5.62 6.91 -2.02
CA VAL A 72 -4.28 6.57 -1.46
C VAL A 72 -3.73 5.33 -2.14
N MET A 73 -4.53 4.30 -2.28
CA MET A 73 -4.05 3.08 -2.99
C MET A 73 -3.66 3.45 -4.42
N ARG A 74 -4.46 4.23 -5.08
CA ARG A 74 -4.08 4.71 -6.44
C ARG A 74 -2.77 5.51 -6.36
N ASN A 75 -2.62 6.32 -5.34
CA ASN A 75 -1.36 7.12 -5.20
C ASN A 75 -0.19 6.19 -4.85
N ASN A 76 -0.48 5.07 -4.23
CA ASN A 76 0.63 4.18 -3.77
C ASN A 76 1.48 3.72 -4.97
N CYS A 77 0.87 3.41 -6.08
CA CYS A 77 1.64 2.90 -7.24
C CYS A 77 1.91 4.03 -8.25
N GLY A 78 0.96 4.91 -8.43
CA GLY A 78 1.18 6.06 -9.35
C GLY A 78 0.21 5.97 -10.53
N ALA A 79 -0.88 5.26 -10.35
CA ALA A 79 -1.82 5.05 -11.49
C ALA A 79 -2.99 6.03 -11.40
N SER A 80 -3.79 6.10 -12.44
CA SER A 80 -4.96 7.01 -12.41
C SER A 80 -6.24 6.18 -12.43
N ILE A 81 -7.37 6.78 -12.24
CA ILE A 81 -8.63 6.02 -12.30
C ILE A 81 -8.79 5.38 -13.68
N GLY A 82 -9.27 4.17 -13.72
CA GLY A 82 -9.62 3.55 -15.02
C GLY A 82 -8.36 3.03 -15.70
N ASP A 83 -7.20 3.28 -15.13
CA ASP A 83 -5.96 2.69 -15.70
C ASP A 83 -6.08 1.16 -15.73
N LYS A 84 -4.99 0.48 -15.94
CA LYS A 84 -5.02 -1.00 -15.95
C LYS A 84 -3.96 -1.56 -15.00
N VAL A 85 -4.38 -2.18 -13.93
CA VAL A 85 -3.39 -2.75 -12.96
C VAL A 85 -3.60 -4.26 -12.83
N LYS A 86 -2.56 -4.99 -12.53
CA LYS A 86 -2.71 -6.46 -12.38
C LYS A 86 -2.78 -6.83 -10.90
N VAL A 87 -3.79 -7.56 -10.51
CA VAL A 87 -3.94 -7.92 -9.07
C VAL A 87 -3.51 -9.38 -8.85
N ARG A 88 -2.55 -9.60 -8.01
CA ARG A 88 -2.11 -11.00 -7.75
C ARG A 88 -2.59 -11.45 -6.38
N LYS A 89 -3.24 -12.58 -6.31
CA LYS A 89 -3.74 -13.07 -5.01
C LYS A 89 -2.60 -13.70 -4.21
N VAL A 90 -2.52 -13.40 -2.95
CA VAL A 90 -1.43 -13.99 -2.11
C VAL A 90 -1.91 -14.13 -0.66
N ARG A 91 -1.00 -14.42 0.23
CA ARG A 91 -1.38 -14.54 1.66
C ARG A 91 -0.46 -13.64 2.50
N THR A 92 -0.74 -13.52 3.77
CA THR A 92 0.08 -12.58 4.61
C THR A 92 1.10 -13.36 5.44
N GLU A 93 2.08 -12.65 5.93
CA GLU A 93 3.10 -13.29 6.82
C GLU A 93 3.63 -12.23 7.79
N ILE A 94 4.37 -12.63 8.77
CA ILE A 94 4.84 -11.63 9.78
C ILE A 94 6.18 -11.03 9.35
N ALA A 95 6.17 -9.87 8.76
CA ALA A 95 7.45 -9.21 8.35
C ALA A 95 8.36 -9.03 9.57
N LYS A 96 9.63 -9.26 9.42
CA LYS A 96 10.54 -9.14 10.59
C LYS A 96 11.41 -7.88 10.49
N LYS A 97 11.65 -7.37 9.31
CA LYS A 97 12.47 -6.13 9.20
C LYS A 97 12.04 -5.30 7.97
N VAL A 98 11.60 -4.09 8.18
CA VAL A 98 11.21 -3.24 7.02
C VAL A 98 11.75 -1.81 7.18
N THR A 99 12.21 -1.22 6.11
CA THR A 99 12.76 0.16 6.19
C THR A 99 11.84 1.14 5.45
N LEU A 100 11.68 2.33 5.96
CA LEU A 100 10.76 3.31 5.31
C LEU A 100 11.41 4.68 5.21
N ALA A 101 10.85 5.55 4.41
CA ALA A 101 11.45 6.91 4.25
C ALA A 101 10.34 7.97 4.19
N PRO A 102 9.97 8.46 5.34
CA PRO A 102 8.91 9.50 5.42
C PRO A 102 9.29 10.74 4.60
N ILE A 103 8.39 11.22 3.78
CA ILE A 103 8.68 12.45 3.00
C ILE A 103 8.25 13.69 3.80
N ILE A 104 9.14 14.24 4.57
CA ILE A 104 8.81 15.46 5.37
C ILE A 104 10.08 16.29 5.62
N ARG A 105 9.99 17.23 6.51
CA ARG A 105 11.20 18.01 6.90
C ARG A 105 11.88 17.37 8.12
N LYS A 106 13.10 17.74 8.38
CA LYS A 106 13.85 17.07 9.48
C LYS A 106 13.12 17.27 10.81
N ASP A 107 12.21 18.17 10.85
CA ASP A 107 11.49 18.46 12.13
C ASP A 107 9.99 18.16 12.00
N GLN A 108 9.62 17.28 11.10
CA GLN A 108 8.17 16.95 10.95
C GLN A 108 7.85 15.58 11.57
N ARG A 109 8.09 14.53 10.85
CA ARG A 109 7.77 13.17 11.37
C ARG A 109 8.99 12.56 12.05
N LEU A 110 10.15 12.97 11.62
CA LEU A 110 11.39 12.40 12.23
C LEU A 110 11.95 13.37 13.28
N LYS A 111 11.13 13.77 14.20
CA LYS A 111 11.60 14.69 15.29
C LYS A 111 11.16 14.15 16.65
N PHE A 112 11.59 12.97 17.01
CA PHE A 112 11.19 12.40 18.33
C PHE A 112 12.36 11.66 18.96
N GLY A 113 12.85 10.64 18.31
CA GLY A 113 13.98 9.86 18.90
C GLY A 113 13.45 8.94 20.01
N GLU A 114 14.31 8.19 20.63
CA GLU A 114 13.86 7.35 21.78
C GLU A 114 12.52 6.66 21.46
N GLY A 115 12.57 5.50 20.88
CA GLY A 115 11.32 4.75 20.59
C GLY A 115 10.70 5.24 19.28
N ILE A 116 11.38 6.11 18.59
CA ILE A 116 10.86 6.59 17.28
C ILE A 116 10.73 5.41 16.31
N GLU A 117 11.68 4.50 16.33
CA GLU A 117 11.55 3.29 15.46
C GLU A 117 10.32 2.47 15.88
N GLU A 118 10.08 2.38 17.16
CA GLU A 118 8.85 1.70 17.64
C GLU A 118 7.63 2.54 17.31
N TYR A 119 7.79 3.83 17.24
CA TYR A 119 6.64 4.71 16.89
C TYR A 119 6.10 4.33 15.51
N VAL A 120 6.99 4.04 14.59
CA VAL A 120 6.53 3.55 13.25
C VAL A 120 5.85 2.19 13.39
N GLN A 121 6.49 1.27 14.07
CA GLN A 121 5.89 -0.07 14.24
C GLN A 121 4.56 0.03 14.97
N ARG A 122 4.51 0.81 16.00
CA ARG A 122 3.24 0.98 16.76
C ARG A 122 2.14 1.52 15.85
N ALA A 123 2.46 2.50 15.05
CA ALA A 123 1.43 3.11 14.16
C ALA A 123 1.04 2.12 13.05
N LEU A 124 2.01 1.48 12.45
CA LEU A 124 1.71 0.58 11.30
C LEU A 124 1.65 -0.88 11.75
N ILE A 125 1.80 -1.14 13.02
CA ILE A 125 1.82 -2.55 13.48
C ILE A 125 0.69 -3.36 12.82
N ARG A 126 0.73 -4.66 12.96
CA ARG A 126 -0.35 -5.51 12.36
C ARG A 126 -0.87 -4.92 11.04
N ARG A 127 0.01 -4.49 10.17
CA ARG A 127 -0.48 -3.97 8.85
C ARG A 127 0.33 -4.58 7.70
N PRO A 128 -0.33 -4.72 6.57
CA PRO A 128 0.32 -5.29 5.35
C PRO A 128 1.46 -4.37 4.88
N MET A 129 2.61 -4.92 4.57
CA MET A 129 3.73 -4.03 4.13
C MET A 129 4.31 -4.51 2.80
N LEU A 130 4.69 -3.57 1.96
CA LEU A 130 5.24 -3.94 0.63
C LEU A 130 6.26 -2.88 0.21
N GLU A 131 7.52 -3.24 0.16
CA GLU A 131 8.58 -2.23 -0.13
C GLU A 131 8.13 -1.32 -1.29
N GLN A 132 8.48 -0.07 -1.20
CA GLN A 132 8.10 0.91 -2.27
C GLN A 132 6.65 1.34 -2.11
N ASP A 133 5.96 0.77 -1.16
CA ASP A 133 4.55 1.22 -0.90
C ASP A 133 4.56 2.63 -0.29
N ASN A 134 3.42 3.25 -0.19
CA ASN A 134 3.34 4.61 0.39
C ASN A 134 2.27 4.63 1.47
N ILE A 135 2.47 5.39 2.52
CA ILE A 135 1.44 5.41 3.59
C ILE A 135 1.24 6.85 4.10
N SER A 136 0.19 7.08 4.83
CA SER A 136 -0.10 8.46 5.29
C SER A 136 -0.62 8.45 6.73
N VAL A 137 -0.35 9.50 7.47
CA VAL A 137 -0.87 9.59 8.87
C VAL A 137 -1.32 11.03 9.14
N PRO A 138 -2.27 11.17 10.03
CA PRO A 138 -2.79 12.51 10.37
C PRO A 138 -1.64 13.50 10.55
N GLY A 139 -1.20 14.09 9.47
CA GLY A 139 -0.12 15.09 9.55
C GLY A 139 -0.38 16.16 8.50
N LEU A 140 -0.86 17.29 8.92
CA LEU A 140 -1.23 18.36 7.95
C LEU A 140 0.00 19.22 7.63
N THR A 141 0.20 19.52 6.38
CA THR A 141 1.47 20.18 5.97
C THR A 141 1.51 21.62 6.49
N LEU A 142 2.50 22.35 6.05
CA LEU A 142 2.66 23.76 6.50
C LEU A 142 2.78 24.68 5.28
N ALA A 143 3.96 25.13 4.98
CA ALA A 143 4.16 25.98 3.77
C ALA A 143 3.62 25.26 2.53
N GLY A 144 4.08 25.64 1.38
CA GLY A 144 3.63 24.97 0.13
C GLY A 144 4.45 23.70 -0.10
N GLN A 145 4.53 22.84 0.88
CA GLN A 145 5.24 21.54 0.68
C GLN A 145 4.25 20.44 0.30
N THR A 146 4.71 19.43 -0.36
CA THR A 146 3.79 18.33 -0.78
C THR A 146 4.40 16.96 -0.46
N GLY A 147 3.57 16.00 -0.21
CA GLY A 147 4.10 14.64 0.12
C GLY A 147 3.72 14.27 1.56
N LEU A 148 4.57 14.58 2.51
CA LEU A 148 4.23 14.29 3.93
C LEU A 148 3.67 12.87 4.07
N LEU A 149 4.35 11.88 3.53
CA LEU A 149 3.86 10.48 3.65
C LEU A 149 5.03 9.53 3.88
N PHE A 150 4.75 8.30 4.26
CA PHE A 150 5.86 7.35 4.50
C PHE A 150 6.18 6.58 3.23
N LYS A 151 7.40 6.66 2.76
CA LYS A 151 7.78 5.92 1.53
C LYS A 151 8.58 4.67 1.88
N VAL A 152 7.97 3.52 1.81
CA VAL A 152 8.71 2.26 2.14
C VAL A 152 9.65 1.89 1.00
N VAL A 153 10.84 1.44 1.30
CA VAL A 153 11.80 1.13 0.22
C VAL A 153 12.29 -0.31 0.33
N LYS A 154 12.35 -0.87 1.51
CA LYS A 154 12.89 -2.24 1.64
C LYS A 154 12.08 -3.07 2.63
N THR A 155 11.94 -4.34 2.37
CA THR A 155 11.26 -5.25 3.33
C THR A 155 12.01 -6.58 3.37
N LEU A 156 11.92 -7.27 4.46
CA LEU A 156 12.68 -8.55 4.57
C LEU A 156 11.85 -9.74 4.07
N PRO A 157 10.55 -9.66 4.23
CA PRO A 157 9.68 -10.77 3.77
C PRO A 157 9.89 -11.00 2.27
N SER A 158 9.00 -11.73 1.65
CA SER A 158 9.09 -11.92 0.17
C SER A 158 8.31 -10.82 -0.53
N LYS A 159 8.26 -10.85 -1.84
CA LYS A 159 7.53 -9.79 -2.59
C LYS A 159 6.05 -9.80 -2.22
N VAL A 160 5.63 -10.79 -1.48
CA VAL A 160 4.18 -10.90 -1.13
C VAL A 160 3.88 -10.06 0.12
N PRO A 161 2.70 -9.52 0.13
CA PRO A 161 2.25 -8.68 1.27
C PRO A 161 2.56 -9.35 2.60
N VAL A 162 2.98 -8.59 3.59
CA VAL A 162 3.18 -9.17 4.94
C VAL A 162 2.46 -8.30 5.97
N GLU A 163 2.18 -8.84 7.12
CA GLU A 163 1.56 -8.01 8.18
C GLU A 163 2.56 -7.72 9.28
N ILE A 164 2.72 -6.47 9.63
CA ILE A 164 3.71 -6.09 10.66
C ILE A 164 3.22 -6.56 12.03
N GLY A 165 4.11 -6.77 12.95
CA GLY A 165 3.69 -7.14 14.33
C GLY A 165 4.62 -6.46 15.34
N GLU A 166 4.28 -6.55 16.60
CA GLU A 166 5.12 -5.88 17.63
C GLU A 166 6.56 -6.40 17.55
N GLU A 167 6.74 -7.60 17.07
CA GLU A 167 8.11 -8.20 17.04
C GLU A 167 8.83 -7.81 15.74
N THR A 168 8.11 -7.36 14.76
CA THR A 168 8.77 -6.95 13.48
C THR A 168 9.78 -5.84 13.74
N LYS A 169 10.79 -5.73 12.92
CA LYS A 169 11.78 -4.63 13.10
C LYS A 169 11.57 -3.57 12.03
N ILE A 170 12.03 -2.37 12.27
CA ILE A 170 11.82 -1.28 11.28
C ILE A 170 13.09 -0.46 11.08
N GLU A 171 13.14 0.27 10.00
CA GLU A 171 14.30 1.18 9.77
C GLU A 171 13.82 2.50 9.19
N ILE A 172 14.26 3.59 9.74
CA ILE A 172 13.87 4.92 9.17
C ILE A 172 15.11 5.69 8.73
N ARG A 173 15.11 6.18 7.52
CA ARG A 173 16.30 6.90 7.01
C ARG A 173 16.20 8.40 7.37
N GLU A 174 17.32 9.07 7.47
CA GLU A 174 17.30 10.50 7.87
C GLU A 174 17.19 11.40 6.63
N GLU A 175 17.13 10.81 5.46
CA GLU A 175 16.99 11.62 4.22
C GLU A 175 15.52 11.65 3.79
N PRO A 176 14.93 12.80 3.96
CA PRO A 176 13.49 12.99 3.60
C PRO A 176 13.35 13.04 2.08
N ALA A 177 12.31 13.67 1.62
CA ALA A 177 12.12 13.82 0.15
C ALA A 177 12.99 14.95 -0.38
N SER A 178 14.27 14.89 -0.13
CA SER A 178 15.18 15.94 -0.66
C SER A 178 16.08 15.35 -1.75
N GLU A 179 16.04 15.92 -2.92
CA GLU A 179 16.85 15.36 -4.04
C GLU A 179 16.41 13.93 -4.33
N VAL A 180 15.24 13.55 -3.89
CA VAL A 180 14.75 12.17 -4.12
C VAL A 180 14.65 11.89 -5.63
N LEU A 181 15.05 10.71 -6.05
CA LEU A 181 14.99 10.38 -7.51
C LEU A 181 14.16 9.12 -7.73
N GLU A 182 12.86 9.20 -7.56
CA GLU A 182 12.02 8.00 -7.77
C GLU A 182 12.10 7.55 -9.23
N GLU A 183 12.15 6.28 -9.48
CA GLU A 183 12.23 5.78 -10.88
C GLU A 183 10.99 6.23 -11.67
N GLY A 184 9.84 6.20 -11.06
CA GLY A 184 8.61 6.60 -11.79
C GLY A 184 8.35 5.59 -12.91
N GLY A 185 8.55 5.98 -14.14
CA GLY A 185 8.33 5.04 -15.27
C GLY A 185 7.06 5.47 -16.03
N MET A 1 1.83 -26.83 -8.44
CA MET A 1 3.13 -26.58 -9.12
C MET A 1 3.01 -25.43 -10.11
N GLU A 2 2.15 -24.49 -9.84
CA GLU A 2 1.98 -23.34 -10.77
C GLU A 2 2.02 -22.02 -9.99
N SER A 3 2.29 -20.93 -10.66
CA SER A 3 2.35 -19.62 -9.95
C SER A 3 0.93 -19.09 -9.70
N ASN A 4 0.79 -18.13 -8.83
CA ASN A 4 -0.57 -17.58 -8.53
C ASN A 4 -0.88 -16.44 -9.49
N ASN A 5 0.11 -15.69 -9.90
CA ASN A 5 -0.13 -14.59 -10.87
C ASN A 5 -1.36 -13.78 -10.46
N GLY A 6 -1.90 -13.01 -11.36
CA GLY A 6 -3.08 -12.17 -11.03
C GLY A 6 -3.93 -11.96 -12.28
N ILE A 7 -4.67 -10.89 -12.33
CA ILE A 7 -5.48 -10.59 -13.54
C ILE A 7 -5.39 -9.10 -13.86
N ILE A 8 -5.84 -8.70 -15.01
CA ILE A 8 -5.72 -7.25 -15.37
C ILE A 8 -7.09 -6.59 -15.39
N LEU A 9 -7.24 -5.51 -14.70
CA LEU A 9 -8.55 -4.79 -14.67
C LEU A 9 -8.31 -3.29 -14.51
N ARG A 10 -9.36 -2.51 -14.46
CA ARG A 10 -9.19 -1.04 -14.44
C ARG A 10 -9.42 -0.48 -13.03
N VAL A 11 -8.60 0.45 -12.62
CA VAL A 11 -8.76 1.02 -11.25
C VAL A 11 -10.11 1.72 -11.11
N ALA A 12 -10.85 1.42 -10.08
CA ALA A 12 -12.12 2.14 -9.84
C ALA A 12 -12.00 3.03 -8.61
N GLU A 13 -12.77 4.09 -8.54
CA GLU A 13 -12.71 4.97 -7.34
C GLU A 13 -13.75 6.08 -7.47
N ALA A 14 -14.48 6.34 -6.41
CA ALA A 14 -15.51 7.41 -6.47
C ALA A 14 -15.18 8.52 -5.48
N ASN A 15 -15.20 9.75 -5.92
CA ASN A 15 -14.91 10.88 -5.01
C ASN A 15 -15.91 10.90 -3.84
N SER A 16 -17.15 10.60 -4.13
CA SER A 16 -18.19 10.65 -3.06
C SER A 16 -17.83 9.67 -1.93
N THR A 17 -17.33 8.51 -2.26
CA THR A 17 -16.93 7.54 -1.20
C THR A 17 -15.43 7.29 -1.25
N ASP A 18 -14.70 7.81 -0.30
CA ASP A 18 -13.22 7.61 -0.30
C ASP A 18 -12.78 6.45 0.61
N PRO A 19 -13.58 6.10 1.59
CA PRO A 19 -13.21 5.00 2.51
C PRO A 19 -12.71 3.77 1.73
N GLY A 20 -11.75 3.07 2.27
CA GLY A 20 -11.24 1.85 1.58
C GLY A 20 -9.99 2.19 0.78
N MET A 21 -8.95 2.64 1.44
CA MET A 21 -7.69 2.94 0.70
C MET A 21 -6.79 1.69 0.67
N SER A 22 -7.23 0.62 1.27
CA SER A 22 -6.43 -0.64 1.23
C SER A 22 -7.36 -1.84 1.01
N ARG A 23 -8.61 -1.59 0.70
CA ARG A 23 -9.58 -2.70 0.53
C ARG A 23 -9.92 -2.87 -0.95
N VAL A 24 -9.87 -4.07 -1.46
CA VAL A 24 -10.22 -4.27 -2.89
C VAL A 24 -11.59 -4.90 -3.01
N ARG A 25 -12.55 -4.21 -3.54
CA ARG A 25 -13.89 -4.82 -3.72
C ARG A 25 -14.00 -5.45 -5.11
N LEU A 26 -14.22 -6.72 -5.17
CA LEU A 26 -14.26 -7.41 -6.50
C LEU A 26 -15.40 -8.45 -6.50
N ASP A 27 -15.69 -9.03 -7.63
CA ASP A 27 -16.84 -9.97 -7.70
C ASP A 27 -16.38 -11.42 -7.51
N GLU A 28 -17.27 -12.36 -7.70
CA GLU A 28 -16.90 -13.79 -7.49
C GLU A 28 -15.77 -14.17 -8.44
N SER A 29 -15.91 -13.81 -9.68
CA SER A 29 -14.89 -14.22 -10.69
C SER A 29 -13.54 -13.57 -10.37
N SER A 30 -13.55 -12.32 -10.00
CA SER A 30 -12.28 -11.67 -9.58
C SER A 30 -11.70 -12.41 -8.38
N ARG A 31 -12.54 -12.82 -7.46
CA ARG A 31 -12.06 -13.58 -6.28
C ARG A 31 -11.65 -15.01 -6.66
N ARG A 32 -12.44 -15.67 -7.46
CA ARG A 32 -12.19 -17.11 -7.73
C ARG A 32 -11.31 -17.30 -8.96
N LEU A 33 -11.04 -16.25 -9.69
CA LEU A 33 -10.19 -16.42 -10.90
C LEU A 33 -8.89 -17.15 -10.53
N LEU A 34 -8.49 -17.02 -9.30
CA LEU A 34 -7.25 -17.72 -8.85
C LEU A 34 -7.49 -18.44 -7.52
N ASP A 35 -7.73 -17.73 -6.46
CA ASP A 35 -7.97 -18.41 -5.15
C ASP A 35 -8.43 -17.41 -4.08
N ALA A 36 -8.50 -16.15 -4.40
CA ALA A 36 -8.84 -15.14 -3.36
C ALA A 36 -10.02 -15.63 -2.52
N GLU A 37 -9.86 -15.61 -1.22
CA GLU A 37 -11.00 -15.93 -0.31
C GLU A 37 -11.31 -14.69 0.53
N ILE A 38 -12.33 -14.72 1.34
CA ILE A 38 -12.64 -13.54 2.17
C ILE A 38 -11.43 -13.19 3.05
N GLY A 39 -10.93 -11.99 2.91
CA GLY A 39 -9.83 -11.54 3.80
C GLY A 39 -8.51 -12.22 3.42
N ASP A 40 -8.29 -12.50 2.16
CA ASP A 40 -6.97 -13.02 1.73
C ASP A 40 -6.05 -11.84 1.39
N VAL A 41 -4.81 -12.11 1.07
CA VAL A 41 -3.86 -11.00 0.78
C VAL A 41 -3.73 -10.80 -0.74
N VAL A 42 -3.92 -9.61 -1.21
CA VAL A 42 -3.87 -9.36 -2.68
C VAL A 42 -2.77 -8.35 -3.00
N GLU A 43 -2.22 -8.45 -4.18
CA GLU A 43 -1.14 -7.50 -4.58
C GLU A 43 -1.55 -6.78 -5.87
N ILE A 44 -1.23 -5.52 -5.99
CA ILE A 44 -1.62 -4.76 -7.20
C ILE A 44 -0.39 -4.24 -7.92
N GLU A 45 -0.43 -4.13 -9.21
CA GLU A 45 0.75 -3.60 -9.94
C GLU A 45 0.33 -2.92 -11.25
N LYS A 46 0.12 -1.62 -11.20
CA LYS A 46 -0.16 -0.86 -12.45
C LYS A 46 1.12 -0.21 -12.97
N VAL A 47 1.71 0.63 -12.16
CA VAL A 47 3.01 1.26 -12.52
C VAL A 47 4.09 0.80 -11.56
N ARG A 48 3.71 0.52 -10.34
CA ARG A 48 4.68 -0.01 -9.34
C ARG A 48 4.01 -1.09 -8.50
N LYS A 49 4.68 -1.55 -7.48
CA LYS A 49 4.12 -2.68 -6.69
C LYS A 49 3.23 -2.15 -5.57
N THR A 50 2.05 -2.68 -5.47
CA THR A 50 1.12 -2.24 -4.39
C THR A 50 0.54 -3.46 -3.66
N VAL A 51 0.14 -3.28 -2.43
CA VAL A 51 -0.53 -4.41 -1.70
C VAL A 51 -1.95 -4.01 -1.32
N GLY A 52 -2.75 -4.98 -0.97
CA GLY A 52 -4.10 -4.68 -0.45
C GLY A 52 -4.79 -5.98 -0.04
N ARG A 53 -5.98 -5.90 0.46
CA ARG A 53 -6.72 -7.13 0.86
C ARG A 53 -7.91 -7.34 -0.09
N VAL A 54 -8.75 -8.29 0.21
CA VAL A 54 -9.86 -8.60 -0.73
C VAL A 54 -11.22 -8.29 -0.10
N TYR A 55 -12.10 -7.69 -0.84
CA TYR A 55 -13.47 -7.41 -0.33
C TYR A 55 -14.52 -7.95 -1.30
N ARG A 56 -15.73 -8.07 -0.86
CA ARG A 56 -16.82 -8.53 -1.78
C ARG A 56 -17.45 -7.32 -2.48
N ALA A 57 -17.46 -7.32 -3.78
CA ALA A 57 -18.06 -6.16 -4.52
C ALA A 57 -19.56 -6.07 -4.21
N ARG A 58 -20.07 -4.88 -4.04
CA ARG A 58 -21.53 -4.75 -3.85
C ARG A 58 -22.25 -5.39 -5.05
N PRO A 59 -21.82 -5.03 -6.22
CA PRO A 59 -22.39 -5.61 -7.44
C PRO A 59 -21.57 -6.83 -7.85
N GLU A 60 -22.04 -7.98 -7.50
CA GLU A 60 -21.24 -9.23 -7.72
C GLU A 60 -21.24 -9.62 -9.21
N ASP A 61 -21.23 -8.66 -10.09
CA ASP A 61 -21.28 -9.00 -11.55
C ASP A 61 -20.45 -7.99 -12.36
N GLU A 62 -20.40 -6.77 -11.93
CA GLU A 62 -19.61 -5.75 -12.68
C GLU A 62 -18.16 -5.77 -12.19
N ASN A 63 -17.96 -6.21 -10.99
CA ASN A 63 -16.57 -6.31 -10.44
C ASN A 63 -15.90 -7.60 -10.94
N LYS A 64 -16.11 -7.96 -12.17
CA LYS A 64 -15.44 -9.17 -12.71
C LYS A 64 -14.21 -8.75 -13.53
N GLY A 65 -13.76 -7.55 -13.34
CA GLY A 65 -12.59 -7.05 -14.09
C GLY A 65 -12.31 -5.60 -13.72
N ILE A 66 -12.75 -5.20 -12.56
CA ILE A 66 -12.41 -3.83 -12.06
C ILE A 66 -12.12 -3.89 -10.56
N VAL A 67 -11.42 -2.93 -10.03
CA VAL A 67 -11.15 -2.94 -8.56
C VAL A 67 -11.49 -1.57 -7.96
N ARG A 68 -12.14 -1.55 -6.83
CA ARG A 68 -12.49 -0.25 -6.20
C ARG A 68 -11.45 0.12 -5.15
N ILE A 69 -10.76 1.21 -5.32
CA ILE A 69 -9.75 1.64 -4.31
C ILE A 69 -9.89 3.13 -4.01
N ASP A 70 -9.16 3.60 -3.03
CA ASP A 70 -9.17 5.06 -2.73
C ASP A 70 -8.05 5.76 -3.51
N SER A 71 -7.99 7.06 -3.46
CA SER A 71 -6.94 7.79 -4.23
C SER A 71 -5.55 7.41 -3.71
N VAL A 72 -5.45 6.99 -2.48
CA VAL A 72 -4.11 6.65 -1.92
C VAL A 72 -3.55 5.41 -2.59
N MET A 73 -4.35 4.38 -2.72
CA MET A 73 -3.87 3.16 -3.43
C MET A 73 -3.51 3.52 -4.87
N ARG A 74 -4.33 4.31 -5.51
CA ARG A 74 -3.98 4.79 -6.87
C ARG A 74 -2.67 5.59 -6.84
N ASN A 75 -2.48 6.38 -5.82
CA ASN A 75 -1.22 7.18 -5.71
C ASN A 75 -0.03 6.26 -5.40
N ASN A 76 -0.28 5.16 -4.75
CA ASN A 76 0.85 4.27 -4.35
C ASN A 76 1.63 3.78 -5.58
N CYS A 77 0.94 3.46 -6.64
CA CYS A 77 1.65 2.91 -7.84
C CYS A 77 1.89 4.00 -8.88
N GLY A 78 0.98 4.92 -9.03
CA GLY A 78 1.21 6.04 -9.99
C GLY A 78 0.17 5.99 -11.11
N ALA A 79 -0.95 5.36 -10.87
CA ALA A 79 -1.98 5.23 -11.94
C ALA A 79 -3.12 6.23 -11.70
N SER A 80 -4.01 6.35 -12.64
CA SER A 80 -5.16 7.29 -12.48
C SER A 80 -6.46 6.49 -12.37
N ILE A 81 -7.56 7.16 -12.19
CA ILE A 81 -8.85 6.42 -12.14
C ILE A 81 -9.15 5.76 -13.48
N GLY A 82 -9.65 4.57 -13.44
CA GLY A 82 -10.11 3.90 -14.69
C GLY A 82 -8.91 3.40 -15.49
N ASP A 83 -7.71 3.67 -15.02
CA ASP A 83 -6.52 3.10 -15.69
C ASP A 83 -6.62 1.57 -15.74
N LYS A 84 -5.52 0.90 -15.90
CA LYS A 84 -5.54 -0.58 -15.97
C LYS A 84 -4.40 -1.16 -15.14
N VAL A 85 -4.72 -1.91 -14.11
CA VAL A 85 -3.66 -2.50 -13.26
C VAL A 85 -3.86 -4.02 -13.16
N LYS A 86 -2.84 -4.75 -12.80
CA LYS A 86 -2.99 -6.23 -12.67
C LYS A 86 -3.07 -6.63 -11.20
N VAL A 87 -4.11 -7.32 -10.82
CA VAL A 87 -4.24 -7.72 -9.38
C VAL A 87 -3.80 -9.19 -9.21
N ARG A 88 -2.87 -9.43 -8.34
CA ARG A 88 -2.39 -10.82 -8.12
C ARG A 88 -2.69 -11.24 -6.68
N LYS A 89 -2.93 -12.49 -6.44
CA LYS A 89 -3.23 -12.92 -5.05
C LYS A 89 -1.95 -13.32 -4.33
N VAL A 90 -1.85 -12.95 -3.08
CA VAL A 90 -0.67 -13.37 -2.26
C VAL A 90 -1.14 -13.75 -0.86
N ARG A 91 -0.22 -13.93 0.05
CA ARG A 91 -0.61 -14.26 1.44
C ARG A 91 0.26 -13.46 2.41
N THR A 92 -0.06 -13.49 3.67
CA THR A 92 0.70 -12.64 4.62
C THR A 92 1.60 -13.48 5.53
N GLU A 93 2.59 -12.85 6.10
CA GLU A 93 3.49 -13.54 7.06
C GLU A 93 4.01 -12.52 8.07
N ILE A 94 4.67 -12.94 9.10
CA ILE A 94 5.11 -11.94 10.11
C ILE A 94 6.48 -11.38 9.73
N ALA A 95 6.51 -10.21 9.12
CA ALA A 95 7.81 -9.59 8.75
C ALA A 95 8.68 -9.38 9.99
N LYS A 96 9.95 -9.62 9.89
CA LYS A 96 10.83 -9.43 11.07
C LYS A 96 11.53 -8.06 11.03
N LYS A 97 11.79 -7.51 9.85
CA LYS A 97 12.50 -6.21 9.80
C LYS A 97 12.11 -5.42 8.54
N VAL A 98 11.58 -4.23 8.69
CA VAL A 98 11.22 -3.43 7.48
C VAL A 98 11.74 -1.99 7.60
N THR A 99 12.17 -1.41 6.51
CA THR A 99 12.72 -0.02 6.55
C THR A 99 11.82 0.92 5.75
N LEU A 100 11.61 2.13 6.23
CA LEU A 100 10.70 3.06 5.50
C LEU A 100 11.31 4.46 5.45
N ALA A 101 10.78 5.30 4.61
CA ALA A 101 11.38 6.66 4.45
C ALA A 101 10.30 7.75 4.39
N PRO A 102 9.84 8.14 5.56
CA PRO A 102 8.80 9.18 5.64
C PRO A 102 9.30 10.47 4.96
N ILE A 103 8.53 11.02 4.06
CA ILE A 103 9.01 12.24 3.33
C ILE A 103 8.47 13.51 4.00
N ILE A 104 9.30 14.19 4.74
CA ILE A 104 8.88 15.50 5.31
C ILE A 104 10.07 16.42 5.48
N ARG A 105 9.96 17.30 6.42
CA ARG A 105 11.10 18.20 6.74
C ARG A 105 11.36 18.20 8.26
N LYS A 106 12.55 18.54 8.66
CA LYS A 106 12.87 18.54 10.12
C LYS A 106 11.95 19.53 10.85
N ASP A 107 11.36 20.42 10.10
CA ASP A 107 10.47 21.44 10.72
C ASP A 107 8.99 21.09 10.47
N GLN A 108 8.70 19.84 10.24
CA GLN A 108 7.29 19.46 9.96
C GLN A 108 6.56 19.10 11.26
N ARG A 109 5.27 18.87 11.18
CA ARG A 109 4.49 18.65 12.42
C ARG A 109 4.50 17.17 12.82
N LEU A 110 4.76 16.30 11.89
CA LEU A 110 4.78 14.85 12.21
C LEU A 110 6.22 14.39 12.44
N LYS A 111 6.98 15.16 13.19
CA LYS A 111 8.38 14.76 13.53
C LYS A 111 8.44 14.29 14.98
N PHE A 112 9.19 13.26 15.25
CA PHE A 112 9.24 12.76 16.66
C PHE A 112 10.67 12.38 17.05
N GLY A 113 11.42 11.82 16.15
CA GLY A 113 12.82 11.42 16.48
C GLY A 113 12.79 10.12 17.27
N GLU A 114 13.83 9.88 18.03
CA GLU A 114 13.92 8.62 18.82
C GLU A 114 12.54 8.12 19.23
N GLY A 115 12.33 6.83 19.22
CA GLY A 115 11.01 6.28 19.64
C GLY A 115 10.05 6.30 18.46
N ILE A 116 10.40 6.98 17.41
CA ILE A 116 9.56 6.97 16.18
C ILE A 116 9.49 5.55 15.60
N GLU A 117 10.56 4.81 15.70
CA GLU A 117 10.53 3.41 15.20
C GLU A 117 9.45 2.63 15.95
N GLU A 118 9.41 2.75 17.24
CA GLU A 118 8.30 2.12 18.01
C GLU A 118 6.97 2.73 17.56
N TYR A 119 6.95 4.02 17.34
CA TYR A 119 5.69 4.68 16.88
C TYR A 119 5.29 4.14 15.51
N VAL A 120 6.23 3.93 14.63
CA VAL A 120 5.91 3.34 13.30
C VAL A 120 5.29 1.95 13.49
N GLN A 121 5.93 1.13 14.27
CA GLN A 121 5.42 -0.25 14.48
C GLN A 121 4.03 -0.20 15.12
N ARG A 122 3.84 0.66 16.07
CA ARG A 122 2.51 0.76 16.73
C ARG A 122 1.44 1.12 15.69
N ALA A 123 1.70 2.12 14.90
CA ALA A 123 0.69 2.55 13.89
C ALA A 123 0.55 1.50 12.78
N LEU A 124 1.65 0.94 12.35
CA LEU A 124 1.59 -0.02 11.21
C LEU A 124 1.49 -1.46 11.69
N ILE A 125 1.51 -1.67 12.97
CA ILE A 125 1.53 -3.08 13.48
C ILE A 125 0.47 -3.91 12.76
N ARG A 126 0.53 -5.21 12.89
CA ARG A 126 -0.47 -6.10 12.21
C ARG A 126 -0.93 -5.52 10.87
N ARG A 127 -0.01 -5.12 10.02
CA ARG A 127 -0.41 -4.58 8.69
C ARG A 127 0.45 -5.17 7.56
N PRO A 128 -0.20 -5.45 6.46
CA PRO A 128 0.50 -6.01 5.27
C PRO A 128 1.59 -5.03 4.80
N MET A 129 2.80 -5.48 4.57
CA MET A 129 3.85 -4.53 4.17
C MET A 129 4.67 -5.07 3.00
N LEU A 130 5.04 -4.23 2.09
CA LEU A 130 5.84 -4.66 0.92
C LEU A 130 6.79 -3.54 0.51
N GLU A 131 8.04 -3.84 0.34
CA GLU A 131 9.04 -2.78 0.04
C GLU A 131 8.57 -1.92 -1.13
N GLN A 132 8.88 -0.65 -1.10
CA GLN A 132 8.49 0.26 -2.21
C GLN A 132 7.01 0.61 -2.12
N ASP A 133 6.32 0.06 -1.17
CA ASP A 133 4.90 0.48 -0.95
C ASP A 133 4.85 1.92 -0.45
N ASN A 134 3.70 2.38 -0.05
CA ASN A 134 3.59 3.79 0.44
C ASN A 134 2.47 3.87 1.47
N ILE A 135 2.49 4.88 2.30
CA ILE A 135 1.40 5.01 3.31
C ILE A 135 0.93 6.46 3.40
N SER A 136 -0.16 6.69 4.06
CA SER A 136 -0.73 8.07 4.13
C SER A 136 -0.75 8.57 5.58
N VAL A 137 -0.89 9.85 5.77
CA VAL A 137 -0.93 10.41 7.16
C VAL A 137 -2.39 10.66 7.57
N PRO A 138 -2.64 10.46 8.84
CA PRO A 138 -4.02 10.67 9.37
C PRO A 138 -4.47 12.11 9.15
N GLY A 139 -4.63 12.51 7.92
CA GLY A 139 -5.13 13.88 7.63
C GLY A 139 -4.41 14.91 8.50
N LEU A 140 -3.10 14.98 8.39
CA LEU A 140 -2.37 16.04 9.15
C LEU A 140 -1.43 16.81 8.22
N THR A 141 -1.51 18.11 8.22
CA THR A 141 -0.61 18.92 7.36
C THR A 141 -0.59 20.37 7.84
N LEU A 142 -0.01 21.24 7.06
CA LEU A 142 0.03 22.68 7.45
C LEU A 142 -0.01 23.56 6.20
N ALA A 143 0.96 24.40 6.01
CA ALA A 143 0.99 25.24 4.78
C ALA A 143 0.89 24.35 3.54
N GLY A 144 1.29 24.85 2.41
CA GLY A 144 1.35 23.99 1.21
C GLY A 144 2.61 23.13 1.25
N GLN A 145 2.58 22.04 1.98
CA GLN A 145 3.78 21.17 2.08
C GLN A 145 3.72 20.08 1.00
N THR A 146 4.79 19.34 0.81
CA THR A 146 4.78 18.27 -0.22
C THR A 146 5.43 17.00 0.33
N GLY A 147 4.99 15.86 -0.14
CA GLY A 147 5.54 14.58 0.35
C GLY A 147 4.70 14.11 1.54
N LEU A 148 5.10 14.46 2.73
CA LEU A 148 4.29 14.09 3.94
C LEU A 148 3.73 12.67 3.81
N LEU A 149 4.50 11.74 3.32
CA LEU A 149 4.00 10.34 3.19
C LEU A 149 5.12 9.36 3.54
N PHE A 150 4.79 8.12 3.78
CA PHE A 150 5.84 7.12 4.10
C PHE A 150 6.09 6.22 2.90
N LYS A 151 7.33 6.07 2.50
CA LYS A 151 7.63 5.17 1.35
C LYS A 151 8.57 4.05 1.80
N VAL A 152 8.09 2.84 1.87
CA VAL A 152 8.95 1.71 2.31
C VAL A 152 9.93 1.32 1.21
N VAL A 153 11.15 1.03 1.57
CA VAL A 153 12.16 0.74 0.52
C VAL A 153 12.77 -0.66 0.73
N LYS A 154 12.75 -1.18 1.93
CA LYS A 154 13.39 -2.50 2.14
C LYS A 154 12.64 -3.30 3.20
N THR A 155 12.43 -4.56 2.95
CA THR A 155 11.77 -5.43 3.96
C THR A 155 12.53 -6.75 4.07
N LEU A 156 12.23 -7.54 5.05
CA LEU A 156 12.98 -8.82 5.23
C LEU A 156 12.30 -9.95 4.45
N PRO A 157 11.00 -9.93 4.41
CA PRO A 157 10.25 -10.99 3.68
C PRO A 157 10.68 -11.02 2.21
N SER A 158 10.02 -11.82 1.41
CA SER A 158 10.34 -11.87 -0.04
C SER A 158 9.49 -10.85 -0.80
N LYS A 159 9.28 -11.07 -2.07
CA LYS A 159 8.49 -10.11 -2.88
C LYS A 159 7.04 -10.10 -2.42
N VAL A 160 6.67 -11.04 -1.61
CA VAL A 160 5.27 -11.11 -1.11
C VAL A 160 5.11 -10.25 0.14
N PRO A 161 4.00 -9.56 0.21
CA PRO A 161 3.71 -8.68 1.35
C PRO A 161 3.69 -9.47 2.66
N VAL A 162 3.76 -8.78 3.77
CA VAL A 162 3.74 -9.48 5.09
C VAL A 162 2.91 -8.69 6.08
N GLU A 163 2.57 -9.28 7.20
CA GLU A 163 1.84 -8.51 8.22
C GLU A 163 2.78 -8.11 9.35
N ILE A 164 2.83 -6.84 9.65
CA ILE A 164 3.72 -6.38 10.75
C ILE A 164 3.17 -6.86 12.09
N GLY A 165 4.03 -7.00 13.06
CA GLY A 165 3.55 -7.39 14.42
C GLY A 165 4.38 -6.65 15.46
N GLU A 166 3.95 -6.68 16.68
CA GLU A 166 4.69 -5.95 17.74
C GLU A 166 6.15 -6.42 17.79
N GLU A 167 6.41 -7.59 17.27
CA GLU A 167 7.81 -8.13 17.32
C GLU A 167 8.58 -7.73 16.06
N THR A 168 7.90 -7.34 15.02
CA THR A 168 8.60 -6.97 13.76
C THR A 168 9.59 -5.83 14.01
N LYS A 169 10.70 -5.83 13.34
CA LYS A 169 11.67 -4.72 13.53
C LYS A 169 11.46 -3.66 12.44
N ILE A 170 11.75 -2.43 12.74
CA ILE A 170 11.52 -1.37 11.72
C ILE A 170 12.77 -0.51 11.56
N GLU A 171 12.85 0.18 10.46
CA GLU A 171 13.96 1.16 10.28
C GLU A 171 13.43 2.46 9.68
N ILE A 172 14.00 3.56 10.08
CA ILE A 172 13.51 4.87 9.58
C ILE A 172 14.65 5.62 8.89
N ARG A 173 14.36 6.29 7.82
CA ARG A 173 15.45 6.97 7.05
C ARG A 173 15.71 8.37 7.63
N GLU A 174 16.94 8.80 7.64
CA GLU A 174 17.27 10.11 8.27
C GLU A 174 17.17 11.24 7.25
N GLU A 175 17.02 10.92 5.99
CA GLU A 175 16.93 11.98 4.95
C GLU A 175 15.46 12.23 4.59
N PRO A 176 14.98 13.37 5.01
CA PRO A 176 13.58 13.76 4.74
C PRO A 176 13.40 14.11 3.27
N ALA A 177 12.43 14.92 2.97
CA ALA A 177 12.18 15.31 1.56
C ALA A 177 13.04 16.51 1.18
N SER A 178 14.32 16.44 1.44
CA SER A 178 15.21 17.60 1.10
C SER A 178 15.76 17.47 -0.33
N GLU A 179 16.79 16.67 -0.52
CA GLU A 179 17.35 16.51 -1.88
C GLU A 179 16.53 15.48 -2.66
N VAL A 180 15.42 15.06 -2.11
CA VAL A 180 14.58 14.04 -2.81
C VAL A 180 13.56 14.72 -3.73
N LEU A 181 13.63 14.46 -5.00
CA LEU A 181 12.66 15.08 -5.94
C LEU A 181 12.44 14.18 -7.16
N GLU A 182 13.46 13.48 -7.60
CA GLU A 182 13.29 12.57 -8.75
C GLU A 182 14.24 11.38 -8.63
N GLU A 183 13.69 10.20 -8.43
CA GLU A 183 14.56 8.99 -8.32
C GLU A 183 15.19 8.65 -9.68
N GLY A 184 16.35 8.07 -9.69
CA GLY A 184 17.00 7.71 -10.98
C GLY A 184 18.30 6.96 -10.69
N GLY A 185 19.01 6.56 -11.72
CA GLY A 185 20.28 5.82 -11.51
C GLY A 185 19.99 4.48 -10.82
N MET A 1 3.44 -16.32 -19.51
CA MET A 1 2.51 -16.93 -18.51
C MET A 1 3.27 -17.91 -17.61
N GLU A 2 4.57 -17.83 -17.59
CA GLU A 2 5.36 -18.74 -16.71
C GLU A 2 4.97 -18.50 -15.25
N SER A 3 4.79 -17.26 -14.88
CA SER A 3 4.35 -16.95 -13.48
C SER A 3 3.30 -15.85 -13.48
N ASN A 4 2.06 -16.19 -13.33
CA ASN A 4 0.99 -15.16 -13.32
C ASN A 4 -0.13 -15.56 -12.35
N ASN A 5 -0.23 -14.88 -11.24
CA ASN A 5 -1.28 -15.23 -10.24
C ASN A 5 -2.21 -14.05 -10.03
N GLY A 6 -2.37 -13.26 -11.04
CA GLY A 6 -3.25 -12.07 -10.94
C GLY A 6 -3.81 -11.73 -12.32
N ILE A 7 -4.61 -10.70 -12.41
CA ILE A 7 -5.16 -10.29 -13.73
C ILE A 7 -5.04 -8.78 -13.90
N ILE A 8 -5.08 -8.31 -15.12
CA ILE A 8 -5.00 -6.84 -15.34
C ILE A 8 -6.41 -6.25 -15.48
N LEU A 9 -6.78 -5.36 -14.60
CA LEU A 9 -8.14 -4.77 -14.66
C LEU A 9 -8.09 -3.26 -14.47
N ARG A 10 -9.21 -2.63 -14.29
CA ARG A 10 -9.22 -1.14 -14.20
C ARG A 10 -9.40 -0.69 -12.75
N VAL A 11 -8.57 0.20 -12.30
CA VAL A 11 -8.73 0.78 -10.94
C VAL A 11 -10.08 1.50 -10.83
N ALA A 12 -10.76 1.31 -9.73
CA ALA A 12 -12.09 1.97 -9.55
C ALA A 12 -12.08 2.84 -8.30
N GLU A 13 -12.85 3.90 -8.29
CA GLU A 13 -12.93 4.74 -7.06
C GLU A 13 -13.94 5.87 -7.26
N ALA A 14 -14.42 6.43 -6.19
CA ALA A 14 -15.42 7.54 -6.30
C ALA A 14 -15.23 8.53 -5.14
N ASN A 15 -15.86 9.67 -5.22
CA ASN A 15 -15.70 10.68 -4.13
C ASN A 15 -16.19 10.09 -2.80
N SER A 16 -15.39 10.19 -1.78
CA SER A 16 -15.80 9.62 -0.46
C SER A 16 -15.02 10.29 0.68
N THR A 17 -15.53 10.21 1.88
CA THR A 17 -14.81 10.82 3.03
C THR A 17 -14.02 9.75 3.79
N ASP A 18 -14.70 8.81 4.39
CA ASP A 18 -13.99 7.78 5.21
C ASP A 18 -13.69 6.50 4.38
N PRO A 19 -14.57 6.18 3.45
CA PRO A 19 -14.35 4.97 2.62
C PRO A 19 -12.94 4.96 2.03
N GLY A 20 -12.53 3.83 1.50
CA GLY A 20 -11.15 3.74 0.93
C GLY A 20 -10.18 3.19 1.99
N MET A 21 -10.44 2.01 2.46
CA MET A 21 -9.56 1.42 3.52
C MET A 21 -8.55 0.46 2.90
N SER A 22 -8.24 0.63 1.63
CA SER A 22 -7.28 -0.31 0.97
C SER A 22 -7.91 -1.69 0.82
N ARG A 23 -9.21 -1.73 0.63
CA ARG A 23 -9.88 -3.04 0.39
C ARG A 23 -10.18 -3.21 -1.10
N VAL A 24 -9.95 -4.38 -1.64
CA VAL A 24 -10.23 -4.59 -3.09
C VAL A 24 -11.56 -5.30 -3.26
N ARG A 25 -12.55 -4.62 -3.75
CA ARG A 25 -13.87 -5.30 -3.92
C ARG A 25 -14.04 -5.74 -5.38
N LEU A 26 -14.22 -7.02 -5.59
CA LEU A 26 -14.34 -7.53 -6.98
C LEU A 26 -15.52 -8.51 -7.08
N ASP A 27 -15.63 -9.21 -8.17
CA ASP A 27 -16.82 -10.10 -8.34
C ASP A 27 -16.41 -11.57 -8.19
N GLU A 28 -17.35 -12.47 -8.34
CA GLU A 28 -17.03 -13.92 -8.18
C GLU A 28 -15.98 -14.32 -9.21
N SER A 29 -16.10 -13.80 -10.39
CA SER A 29 -15.11 -14.16 -11.45
C SER A 29 -13.71 -13.73 -11.02
N SER A 30 -13.55 -12.51 -10.58
CA SER A 30 -12.21 -12.08 -10.09
C SER A 30 -11.78 -12.95 -8.93
N ARG A 31 -12.69 -13.29 -8.07
CA ARG A 31 -12.38 -14.27 -6.99
C ARG A 31 -11.98 -15.62 -7.60
N ARG A 32 -12.73 -16.09 -8.57
CA ARG A 32 -12.45 -17.43 -9.14
C ARG A 32 -11.11 -17.44 -9.88
N LEU A 33 -10.82 -16.39 -10.60
CA LEU A 33 -9.56 -16.39 -11.41
C LEU A 33 -8.33 -16.18 -10.51
N LEU A 34 -8.48 -15.51 -9.39
CA LEU A 34 -7.34 -15.37 -8.45
C LEU A 34 -7.46 -16.38 -7.31
N ASP A 35 -8.57 -17.05 -7.24
CA ASP A 35 -8.82 -17.97 -6.09
C ASP A 35 -8.78 -17.18 -4.77
N ALA A 36 -8.85 -15.88 -4.86
CA ALA A 36 -8.90 -15.05 -3.63
C ALA A 36 -10.12 -15.44 -2.79
N GLU A 37 -9.90 -15.87 -1.59
CA GLU A 37 -11.04 -16.15 -0.68
C GLU A 37 -11.23 -14.96 0.25
N ILE A 38 -12.27 -14.96 1.03
CA ILE A 38 -12.46 -13.82 1.96
C ILE A 38 -11.25 -13.71 2.88
N GLY A 39 -10.66 -12.55 2.96
CA GLY A 39 -9.55 -12.33 3.92
C GLY A 39 -8.26 -12.97 3.41
N ASP A 40 -8.14 -13.19 2.12
CA ASP A 40 -6.82 -13.57 1.56
C ASP A 40 -6.04 -12.29 1.22
N VAL A 41 -4.77 -12.39 0.97
CA VAL A 41 -3.98 -11.15 0.75
C VAL A 41 -3.80 -10.91 -0.75
N VAL A 42 -4.10 -9.73 -1.21
CA VAL A 42 -3.99 -9.47 -2.68
C VAL A 42 -2.92 -8.42 -2.95
N GLU A 43 -2.12 -8.62 -3.96
CA GLU A 43 -1.07 -7.63 -4.31
C GLU A 43 -1.47 -6.92 -5.60
N ILE A 44 -1.25 -5.63 -5.69
CA ILE A 44 -1.69 -4.89 -6.90
C ILE A 44 -0.49 -4.24 -7.59
N GLU A 45 -0.50 -4.17 -8.89
CA GLU A 45 0.66 -3.56 -9.59
C GLU A 45 0.20 -2.85 -10.87
N LYS A 46 0.06 -1.55 -10.82
CA LYS A 46 -0.25 -0.77 -12.06
C LYS A 46 1.04 -0.16 -12.61
N VAL A 47 1.62 0.74 -11.88
CA VAL A 47 2.95 1.30 -12.29
C VAL A 47 4.04 0.71 -11.39
N ARG A 48 3.70 0.46 -10.17
CA ARG A 48 4.67 -0.19 -9.23
C ARG A 48 3.95 -1.29 -8.44
N LYS A 49 4.64 -1.95 -7.55
CA LYS A 49 4.00 -3.06 -6.80
C LYS A 49 3.34 -2.53 -5.52
N THR A 50 2.16 -3.00 -5.24
CA THR A 50 1.48 -2.58 -3.98
C THR A 50 0.74 -3.77 -3.36
N VAL A 51 0.28 -3.61 -2.14
CA VAL A 51 -0.44 -4.72 -1.46
C VAL A 51 -1.82 -4.27 -1.01
N GLY A 52 -2.68 -5.20 -0.69
CA GLY A 52 -4.02 -4.83 -0.14
C GLY A 52 -4.78 -6.11 0.20
N ARG A 53 -6.02 -5.99 0.56
CA ARG A 53 -6.80 -7.20 0.95
C ARG A 53 -7.91 -7.47 -0.05
N VAL A 54 -8.74 -8.46 0.22
CA VAL A 54 -9.76 -8.85 -0.78
C VAL A 54 -11.17 -8.54 -0.27
N TYR A 55 -12.02 -8.07 -1.13
CA TYR A 55 -13.42 -7.78 -0.72
C TYR A 55 -14.41 -8.34 -1.73
N ARG A 56 -15.66 -8.44 -1.36
CA ARG A 56 -16.71 -8.91 -2.32
C ARG A 56 -17.46 -7.71 -2.89
N ALA A 57 -17.54 -7.62 -4.21
CA ALA A 57 -18.23 -6.45 -4.83
C ALA A 57 -19.73 -6.50 -4.50
N ARG A 58 -20.32 -5.37 -4.24
CA ARG A 58 -21.80 -5.36 -4.09
C ARG A 58 -22.44 -5.93 -5.36
N PRO A 59 -22.00 -5.42 -6.48
CA PRO A 59 -22.49 -5.90 -7.77
C PRO A 59 -21.58 -7.02 -8.26
N GLU A 60 -21.98 -8.23 -8.04
CA GLU A 60 -21.09 -9.39 -8.34
C GLU A 60 -21.06 -9.67 -9.85
N ASP A 61 -21.11 -8.66 -10.67
CA ASP A 61 -21.12 -8.89 -12.15
C ASP A 61 -20.30 -7.81 -12.87
N GLU A 62 -20.35 -6.59 -12.41
CA GLU A 62 -19.54 -5.52 -13.06
C GLU A 62 -18.11 -5.56 -12.50
N ASN A 63 -17.94 -6.12 -11.34
CA ASN A 63 -16.57 -6.24 -10.76
C ASN A 63 -15.83 -7.44 -11.37
N LYS A 64 -16.00 -7.68 -12.64
CA LYS A 64 -15.26 -8.80 -13.30
C LYS A 64 -14.02 -8.25 -14.01
N GLY A 65 -13.69 -7.02 -13.76
CA GLY A 65 -12.46 -6.44 -14.35
C GLY A 65 -12.28 -5.00 -13.83
N ILE A 66 -12.81 -4.72 -12.67
CA ILE A 66 -12.58 -3.39 -12.05
C ILE A 66 -12.35 -3.55 -10.55
N VAL A 67 -11.49 -2.78 -9.97
CA VAL A 67 -11.24 -2.93 -8.51
C VAL A 67 -11.50 -1.61 -7.78
N ARG A 68 -12.27 -1.64 -6.73
CA ARG A 68 -12.57 -0.38 -5.99
C ARG A 68 -11.52 -0.15 -4.89
N ILE A 69 -10.77 0.90 -5.01
CA ILE A 69 -9.73 1.19 -3.97
C ILE A 69 -9.73 2.68 -3.61
N ASP A 70 -9.04 3.04 -2.57
CA ASP A 70 -8.93 4.48 -2.21
C ASP A 70 -7.91 5.19 -3.11
N SER A 71 -7.86 6.49 -3.06
CA SER A 71 -6.91 7.23 -3.94
C SER A 71 -5.46 7.01 -3.49
N VAL A 72 -5.26 6.66 -2.25
CA VAL A 72 -3.88 6.43 -1.77
C VAL A 72 -3.31 5.16 -2.39
N MET A 73 -4.07 4.11 -2.44
CA MET A 73 -3.57 2.85 -3.05
C MET A 73 -3.20 3.09 -4.52
N ARG A 74 -4.08 3.69 -5.27
CA ARG A 74 -3.72 4.04 -6.67
C ARG A 74 -2.55 5.02 -6.66
N ASN A 75 -2.49 5.91 -5.70
CA ASN A 75 -1.35 6.87 -5.64
C ASN A 75 -0.07 6.15 -5.20
N ASN A 76 -0.20 5.07 -4.48
CA ASN A 76 1.02 4.33 -4.02
C ASN A 76 1.84 3.85 -5.21
N CYS A 77 1.19 3.48 -6.28
CA CYS A 77 1.93 2.94 -7.46
C CYS A 77 2.14 4.05 -8.51
N GLY A 78 1.17 4.91 -8.68
CA GLY A 78 1.32 6.02 -9.64
C GLY A 78 0.18 5.96 -10.68
N ALA A 79 -0.94 5.42 -10.30
CA ALA A 79 -2.05 5.23 -11.28
C ALA A 79 -3.21 6.17 -10.97
N SER A 80 -4.07 6.40 -11.92
CA SER A 80 -5.24 7.27 -11.68
C SER A 80 -6.53 6.44 -11.74
N ILE A 81 -7.66 7.05 -11.53
CA ILE A 81 -8.93 6.28 -11.63
C ILE A 81 -9.10 5.69 -13.03
N GLY A 82 -9.57 4.49 -13.10
CA GLY A 82 -9.95 3.90 -14.40
C GLY A 82 -8.69 3.44 -15.14
N ASP A 83 -7.53 3.69 -14.59
CA ASP A 83 -6.30 3.15 -15.20
C ASP A 83 -6.39 1.63 -15.34
N LYS A 84 -5.28 0.98 -15.57
CA LYS A 84 -5.30 -0.49 -15.71
C LYS A 84 -4.18 -1.11 -14.87
N VAL A 85 -4.53 -1.84 -13.85
CA VAL A 85 -3.48 -2.45 -12.97
C VAL A 85 -3.61 -3.97 -12.98
N LYS A 86 -2.62 -4.67 -12.49
CA LYS A 86 -2.73 -6.16 -12.38
C LYS A 86 -2.75 -6.57 -10.91
N VAL A 87 -3.73 -7.34 -10.51
CA VAL A 87 -3.80 -7.77 -9.08
C VAL A 87 -3.43 -9.25 -8.96
N ARG A 88 -2.45 -9.56 -8.17
CA ARG A 88 -2.09 -11.00 -7.97
C ARG A 88 -2.47 -11.43 -6.55
N LYS A 89 -2.96 -12.62 -6.39
CA LYS A 89 -3.36 -13.08 -5.04
C LYS A 89 -2.15 -13.59 -4.26
N VAL A 90 -2.10 -13.29 -3.00
CA VAL A 90 -0.99 -13.80 -2.13
C VAL A 90 -1.50 -13.96 -0.70
N ARG A 91 -0.62 -14.22 0.22
CA ARG A 91 -1.03 -14.34 1.65
C ARG A 91 -0.11 -13.54 2.55
N THR A 92 -0.54 -13.28 3.76
CA THR A 92 0.26 -12.39 4.65
C THR A 92 1.18 -13.18 5.56
N GLU A 93 2.18 -12.53 6.10
CA GLU A 93 3.09 -13.16 7.08
C GLU A 93 3.60 -12.09 8.04
N ILE A 94 4.27 -12.46 9.10
CA ILE A 94 4.71 -11.43 10.08
C ILE A 94 6.10 -10.90 9.69
N ALA A 95 6.15 -9.74 9.09
CA ALA A 95 7.46 -9.13 8.74
C ALA A 95 8.31 -8.93 10.00
N LYS A 96 9.59 -9.19 9.93
CA LYS A 96 10.44 -9.03 11.13
C LYS A 96 11.25 -7.72 11.05
N LYS A 97 11.52 -7.23 9.87
CA LYS A 97 12.30 -5.95 9.76
C LYS A 97 11.88 -5.20 8.50
N VAL A 98 11.54 -3.95 8.61
CA VAL A 98 11.13 -3.18 7.40
C VAL A 98 11.69 -1.76 7.44
N THR A 99 12.05 -1.20 6.31
CA THR A 99 12.60 0.18 6.29
C THR A 99 11.67 1.10 5.49
N LEU A 100 11.37 2.26 6.01
CA LEU A 100 10.40 3.15 5.31
C LEU A 100 10.96 4.58 5.22
N ALA A 101 10.43 5.38 4.34
CA ALA A 101 10.99 6.75 4.15
C ALA A 101 9.87 7.78 4.10
N PRO A 102 9.40 8.17 5.25
CA PRO A 102 8.30 9.17 5.33
C PRO A 102 8.78 10.50 4.73
N ILE A 103 8.03 11.06 3.82
CA ILE A 103 8.46 12.34 3.19
C ILE A 103 7.93 13.54 3.98
N ILE A 104 8.74 14.11 4.83
CA ILE A 104 8.32 15.31 5.60
C ILE A 104 9.52 16.18 5.95
N ARG A 105 9.35 17.11 6.84
CA ARG A 105 10.51 17.91 7.33
C ARG A 105 11.16 17.21 8.52
N LYS A 106 12.40 17.49 8.78
CA LYS A 106 13.12 16.77 9.87
C LYS A 106 12.42 16.94 11.21
N ASP A 107 11.50 17.84 11.27
CA ASP A 107 10.77 18.08 12.54
C ASP A 107 9.26 18.07 12.30
N GLN A 108 8.79 17.32 11.33
CA GLN A 108 7.34 17.36 11.01
C GLN A 108 6.59 16.23 11.72
N ARG A 109 6.39 15.11 11.09
CA ARG A 109 5.51 14.07 11.68
C ARG A 109 6.32 13.12 12.56
N LEU A 110 7.47 12.71 12.11
CA LEU A 110 8.29 11.77 12.92
C LEU A 110 9.45 12.52 13.59
N LYS A 111 9.15 13.59 14.27
CA LYS A 111 10.22 14.35 14.97
C LYS A 111 10.25 13.99 16.45
N PHE A 112 10.20 12.73 16.76
CA PHE A 112 10.25 12.31 18.19
C PHE A 112 11.65 11.79 18.54
N GLY A 113 12.14 10.84 17.81
CA GLY A 113 13.46 10.25 18.14
C GLY A 113 13.30 9.33 19.35
N GLU A 114 14.37 8.71 19.79
CA GLU A 114 14.27 7.85 21.00
C GLU A 114 12.99 7.01 20.96
N GLY A 115 13.07 5.81 20.43
CA GLY A 115 11.86 4.93 20.39
C GLY A 115 10.99 5.31 19.20
N ILE A 116 11.42 6.25 18.40
CA ILE A 116 10.64 6.63 17.19
C ILE A 116 10.49 5.43 16.25
N GLU A 117 11.52 4.64 16.11
CA GLU A 117 11.43 3.43 15.24
C GLU A 117 10.34 2.49 15.76
N GLU A 118 10.26 2.34 17.06
CA GLU A 118 9.15 1.53 17.64
C GLU A 118 7.83 2.28 17.48
N TYR A 119 7.86 3.58 17.58
CA TYR A 119 6.61 4.37 17.40
C TYR A 119 6.05 4.14 16.00
N VAL A 120 6.90 4.06 15.01
CA VAL A 120 6.42 3.73 13.64
C VAL A 120 5.75 2.35 13.66
N GLN A 121 6.36 1.39 14.28
CA GLN A 121 5.68 0.08 14.47
C GLN A 121 4.38 0.26 15.25
N ARG A 122 4.41 1.09 16.26
CA ARG A 122 3.18 1.30 17.07
C ARG A 122 2.06 1.86 16.18
N ALA A 123 2.40 2.74 15.29
CA ALA A 123 1.35 3.34 14.40
C ALA A 123 1.02 2.42 13.22
N LEU A 124 2.03 1.84 12.61
CA LEU A 124 1.78 1.00 11.40
C LEU A 124 1.66 -0.47 11.76
N ILE A 125 1.75 -0.81 13.01
CA ILE A 125 1.69 -2.24 13.42
C ILE A 125 0.56 -2.97 12.65
N ARG A 126 0.52 -4.27 12.76
CA ARG A 126 -0.55 -5.06 12.07
C ARG A 126 -0.94 -4.43 10.73
N ARG A 127 0.01 -4.16 9.87
CA ARG A 127 -0.33 -3.65 8.51
C ARG A 127 0.46 -4.39 7.42
N PRO A 128 -0.13 -4.49 6.27
CA PRO A 128 0.53 -5.16 5.10
C PRO A 128 1.76 -4.35 4.66
N MET A 129 2.89 -4.98 4.46
CA MET A 129 4.07 -4.20 4.03
C MET A 129 4.67 -4.77 2.75
N LEU A 130 4.94 -3.92 1.80
CA LEU A 130 5.51 -4.37 0.52
C LEU A 130 6.69 -3.46 0.13
N GLU A 131 7.89 -3.95 0.22
CA GLU A 131 9.06 -3.06 -0.01
C GLU A 131 8.84 -2.21 -1.27
N GLN A 132 9.16 -0.95 -1.18
CA GLN A 132 8.97 -0.01 -2.33
C GLN A 132 7.50 0.43 -2.42
N ASP A 133 6.67 -0.09 -1.56
CA ASP A 133 5.24 0.38 -1.54
C ASP A 133 5.16 1.83 -1.03
N ASN A 134 3.97 2.30 -0.78
CA ASN A 134 3.80 3.66 -0.22
C ASN A 134 2.62 3.67 0.74
N ILE A 135 2.55 4.61 1.63
CA ILE A 135 1.46 4.58 2.63
C ILE A 135 0.90 5.99 2.87
N SER A 136 -0.19 6.08 3.57
CA SER A 136 -0.78 7.42 3.87
C SER A 136 -1.15 7.53 5.34
N VAL A 137 -1.05 8.69 5.90
CA VAL A 137 -1.39 8.88 7.33
C VAL A 137 -2.40 10.03 7.48
N PRO A 138 -3.23 9.93 8.48
CA PRO A 138 -4.24 10.99 8.73
C PRO A 138 -3.57 12.35 8.80
N GLY A 139 -4.29 13.36 9.23
CA GLY A 139 -3.72 14.72 9.23
C GLY A 139 -3.34 15.09 7.79
N LEU A 140 -4.23 15.74 7.08
CA LEU A 140 -3.97 15.97 5.63
C LEU A 140 -3.16 17.26 5.42
N THR A 141 -2.59 17.41 4.26
CA THR A 141 -1.56 18.48 4.07
C THR A 141 -2.11 19.85 4.46
N LEU A 142 -1.41 20.88 4.10
CA LEU A 142 -1.81 22.26 4.51
C LEU A 142 -1.40 23.26 3.43
N ALA A 143 -0.34 23.98 3.67
CA ALA A 143 0.16 24.94 2.64
C ALA A 143 0.40 24.22 1.32
N GLY A 144 1.21 24.79 0.48
CA GLY A 144 1.54 24.12 -0.81
C GLY A 144 2.69 23.12 -0.59
N GLN A 145 2.46 22.13 0.22
CA GLN A 145 3.50 21.08 0.45
C GLN A 145 3.24 19.88 -0.47
N THR A 146 4.23 19.04 -0.65
CA THR A 146 4.01 17.84 -1.52
C THR A 146 4.71 16.62 -0.91
N GLY A 147 4.19 15.46 -1.17
CA GLY A 147 4.81 14.23 -0.62
C GLY A 147 4.08 13.82 0.66
N LEU A 148 4.57 14.25 1.79
CA LEU A 148 3.85 13.98 3.07
C LEU A 148 3.31 12.54 3.09
N LEU A 149 4.07 11.58 2.63
CA LEU A 149 3.58 10.18 2.63
C LEU A 149 4.72 9.23 3.01
N PHE A 150 4.40 8.00 3.33
CA PHE A 150 5.47 7.04 3.72
C PHE A 150 5.81 6.13 2.54
N LYS A 151 7.07 5.99 2.23
CA LYS A 151 7.46 5.09 1.11
C LYS A 151 8.38 3.98 1.62
N VAL A 152 7.89 2.77 1.66
CA VAL A 152 8.74 1.64 2.14
C VAL A 152 9.74 1.24 1.05
N VAL A 153 10.97 1.01 1.41
CA VAL A 153 11.98 0.66 0.38
C VAL A 153 12.52 -0.75 0.60
N LYS A 154 12.57 -1.20 1.83
CA LYS A 154 13.14 -2.56 2.09
C LYS A 154 12.33 -3.30 3.16
N THR A 155 12.05 -4.55 2.92
CA THR A 155 11.38 -5.37 3.96
C THR A 155 12.14 -6.68 4.14
N LEU A 156 11.87 -7.40 5.18
CA LEU A 156 12.62 -8.67 5.42
C LEU A 156 11.93 -9.85 4.72
N PRO A 157 10.62 -9.85 4.75
CA PRO A 157 9.86 -10.94 4.09
C PRO A 157 10.23 -11.04 2.61
N SER A 158 9.51 -11.85 1.87
CA SER A 158 9.76 -11.95 0.41
C SER A 158 8.91 -10.92 -0.34
N LYS A 159 8.82 -11.03 -1.63
CA LYS A 159 8.05 -10.04 -2.42
C LYS A 159 6.58 -10.06 -2.03
N VAL A 160 6.19 -11.02 -1.25
CA VAL A 160 4.74 -11.16 -0.90
C VAL A 160 4.39 -10.27 0.30
N PRO A 161 3.19 -9.75 0.26
CA PRO A 161 2.68 -8.87 1.32
C PRO A 161 2.93 -9.47 2.72
N VAL A 162 3.28 -8.65 3.68
CA VAL A 162 3.38 -9.15 5.08
C VAL A 162 2.61 -8.22 6.02
N GLU A 163 2.25 -8.69 7.17
CA GLU A 163 1.56 -7.79 8.13
C GLU A 163 2.49 -7.45 9.30
N ILE A 164 2.59 -6.20 9.62
CA ILE A 164 3.53 -5.77 10.70
C ILE A 164 2.99 -6.20 12.06
N GLY A 165 3.87 -6.41 13.01
CA GLY A 165 3.40 -6.71 14.39
C GLY A 165 4.34 -6.04 15.39
N GLU A 166 3.98 -6.03 16.65
CA GLU A 166 4.85 -5.36 17.66
C GLU A 166 6.26 -5.94 17.63
N GLU A 167 6.39 -7.16 17.17
CA GLU A 167 7.74 -7.80 17.15
C GLU A 167 8.48 -7.44 15.87
N THR A 168 7.79 -6.88 14.91
CA THR A 168 8.47 -6.44 13.66
C THR A 168 9.50 -5.35 13.97
N LYS A 169 10.59 -5.34 13.28
CA LYS A 169 11.60 -4.26 13.52
C LYS A 169 11.37 -3.11 12.56
N ILE A 170 11.78 -1.92 12.93
CA ILE A 170 11.52 -0.74 12.05
C ILE A 170 12.84 -0.13 11.56
N GLU A 171 12.89 0.20 10.31
CA GLU A 171 14.08 0.95 9.78
C GLU A 171 13.63 2.29 9.20
N ILE A 172 14.27 3.34 9.59
CA ILE A 172 13.85 4.69 9.11
C ILE A 172 14.97 5.37 8.35
N ARG A 173 14.65 6.05 7.28
CA ARG A 173 15.72 6.68 6.45
C ARG A 173 16.07 8.06 6.98
N GLU A 174 17.25 8.54 6.68
CA GLU A 174 17.70 9.84 7.27
C GLU A 174 17.39 11.00 6.32
N GLU A 175 17.03 10.71 5.09
CA GLU A 175 16.74 11.79 4.12
C GLU A 175 15.23 12.05 4.07
N PRO A 176 14.83 13.17 4.60
CA PRO A 176 13.40 13.56 4.62
C PRO A 176 12.93 13.96 3.23
N ALA A 177 11.90 14.75 3.17
CA ALA A 177 11.39 15.22 1.85
C ALA A 177 12.24 16.39 1.35
N SER A 178 13.52 16.19 1.26
CA SER A 178 14.40 17.27 0.73
C SER A 178 14.85 16.92 -0.69
N GLU A 179 14.55 17.78 -1.64
CA GLU A 179 14.94 17.48 -3.05
C GLU A 179 14.27 16.19 -3.52
N VAL A 180 13.23 15.79 -2.84
CA VAL A 180 12.55 14.51 -3.20
C VAL A 180 11.23 14.80 -3.91
N LEU A 181 11.09 14.33 -5.13
CA LEU A 181 9.83 14.59 -5.88
C LEU A 181 9.93 13.98 -7.29
N GLU A 182 10.24 12.72 -7.37
CA GLU A 182 10.35 12.08 -8.72
C GLU A 182 8.98 11.55 -9.17
N GLU A 183 8.69 11.66 -10.44
CA GLU A 183 7.37 11.17 -10.94
C GLU A 183 6.23 11.73 -10.09
N GLY A 184 6.30 12.97 -9.74
CA GLY A 184 5.21 13.57 -8.91
C GLY A 184 3.93 13.66 -9.73
N GLY A 185 2.79 13.57 -9.09
CA GLY A 185 1.50 13.65 -9.84
C GLY A 185 0.38 14.06 -8.88
N MET A 1 7.63 -11.89 -18.18
CA MET A 1 6.29 -12.36 -17.74
C MET A 1 6.43 -13.54 -16.76
N GLU A 2 7.47 -14.32 -16.91
CA GLU A 2 7.67 -15.49 -16.01
C GLU A 2 6.33 -16.17 -15.69
N SER A 3 5.67 -15.76 -14.65
CA SER A 3 4.36 -16.39 -14.30
C SER A 3 3.37 -15.31 -13.84
N ASN A 4 2.09 -15.55 -14.02
CA ASN A 4 1.07 -14.56 -13.58
C ASN A 4 0.17 -15.16 -12.50
N ASN A 5 0.15 -14.59 -11.32
CA ASN A 5 -0.75 -15.10 -10.25
C ASN A 5 -1.86 -14.10 -9.97
N GLY A 6 -2.23 -13.38 -10.97
CA GLY A 6 -3.26 -12.32 -10.80
C GLY A 6 -3.94 -12.04 -12.15
N ILE A 7 -4.72 -11.00 -12.22
CA ILE A 7 -5.36 -10.65 -13.51
C ILE A 7 -5.20 -9.15 -13.77
N ILE A 8 -5.39 -8.72 -14.99
CA ILE A 8 -5.21 -7.27 -15.29
C ILE A 8 -6.55 -6.59 -15.52
N LEU A 9 -6.81 -5.53 -14.80
CA LEU A 9 -8.08 -4.78 -14.98
C LEU A 9 -7.82 -3.28 -14.82
N ARG A 10 -8.85 -2.50 -14.64
CA ARG A 10 -8.62 -1.03 -14.55
C ARG A 10 -9.00 -0.53 -13.16
N VAL A 11 -8.23 0.38 -12.63
CA VAL A 11 -8.50 0.89 -11.25
C VAL A 11 -9.88 1.55 -11.18
N ALA A 12 -10.62 1.30 -10.13
CA ALA A 12 -11.95 1.96 -9.98
C ALA A 12 -11.96 2.89 -8.78
N GLU A 13 -12.59 4.02 -8.92
CA GLU A 13 -12.77 4.92 -7.74
C GLU A 13 -13.53 6.19 -8.17
N ALA A 14 -14.81 6.25 -7.92
CA ALA A 14 -15.58 7.46 -8.33
C ALA A 14 -16.86 7.59 -7.48
N ASN A 15 -17.43 8.76 -7.43
CA ASN A 15 -18.68 8.95 -6.64
C ASN A 15 -18.52 8.37 -5.23
N SER A 16 -17.38 8.57 -4.63
CA SER A 16 -17.16 8.05 -3.25
C SER A 16 -15.93 8.73 -2.64
N THR A 17 -15.84 8.74 -1.33
CA THR A 17 -14.66 9.39 -0.68
C THR A 17 -13.44 8.46 -0.74
N ASP A 18 -13.60 7.22 -0.36
CA ASP A 18 -12.44 6.30 -0.34
C ASP A 18 -12.88 4.87 0.00
N PRO A 19 -13.74 4.31 -0.81
CA PRO A 19 -14.23 2.94 -0.57
C PRO A 19 -13.08 1.94 -0.69
N GLY A 20 -12.68 1.38 0.42
CA GLY A 20 -11.54 0.42 0.40
C GLY A 20 -10.22 1.17 0.62
N MET A 21 -9.81 1.30 1.84
CA MET A 21 -8.49 1.95 2.12
C MET A 21 -7.39 0.89 2.10
N SER A 22 -7.76 -0.34 2.23
CA SER A 22 -6.76 -1.45 2.14
C SER A 22 -7.47 -2.73 1.70
N ARG A 23 -8.62 -2.61 1.10
CA ARG A 23 -9.39 -3.81 0.70
C ARG A 23 -9.79 -3.72 -0.77
N VAL A 24 -9.89 -4.84 -1.44
CA VAL A 24 -10.31 -4.81 -2.86
C VAL A 24 -11.68 -5.45 -3.01
N ARG A 25 -12.63 -4.72 -3.52
CA ARG A 25 -13.96 -5.34 -3.76
C ARG A 25 -14.06 -5.81 -5.22
N LEU A 26 -14.26 -7.08 -5.41
CA LEU A 26 -14.27 -7.64 -6.80
C LEU A 26 -15.43 -8.62 -6.95
N ASP A 27 -15.67 -9.12 -8.12
CA ASP A 27 -16.83 -10.01 -8.32
C ASP A 27 -16.42 -11.49 -8.22
N GLU A 28 -17.32 -12.38 -8.52
CA GLU A 28 -17.02 -13.83 -8.36
C GLU A 28 -15.83 -14.21 -9.23
N SER A 29 -15.87 -13.84 -10.48
CA SER A 29 -14.74 -14.19 -11.39
C SER A 29 -13.46 -13.49 -10.93
N SER A 30 -13.56 -12.26 -10.52
CA SER A 30 -12.36 -11.56 -9.97
C SER A 30 -11.83 -12.31 -8.76
N ARG A 31 -12.70 -12.98 -8.05
CA ARG A 31 -12.27 -13.75 -6.85
C ARG A 31 -11.83 -15.17 -7.23
N ARG A 32 -12.60 -15.85 -8.04
CA ARG A 32 -12.21 -17.23 -8.44
C ARG A 32 -11.17 -17.17 -9.55
N LEU A 33 -10.90 -15.99 -10.06
CA LEU A 33 -9.85 -15.84 -11.09
C LEU A 33 -8.64 -16.69 -10.74
N LEU A 34 -8.40 -16.88 -9.48
CA LEU A 34 -7.28 -17.76 -9.05
C LEU A 34 -7.68 -18.59 -7.83
N ASP A 35 -7.99 -17.93 -6.74
CA ASP A 35 -8.38 -18.68 -5.51
C ASP A 35 -8.87 -17.70 -4.45
N ALA A 36 -8.36 -16.50 -4.46
CA ALA A 36 -8.71 -15.49 -3.41
C ALA A 36 -10.05 -15.82 -2.76
N GLU A 37 -10.04 -16.10 -1.49
CA GLU A 37 -11.31 -16.32 -0.76
C GLU A 37 -11.55 -15.13 0.19
N ILE A 38 -12.71 -15.02 0.75
CA ILE A 38 -12.98 -13.89 1.68
C ILE A 38 -11.81 -13.76 2.67
N GLY A 39 -11.23 -12.59 2.74
CA GLY A 39 -10.22 -12.33 3.82
C GLY A 39 -8.86 -12.94 3.44
N ASP A 40 -8.62 -13.17 2.18
CA ASP A 40 -7.26 -13.59 1.77
C ASP A 40 -6.43 -12.34 1.44
N VAL A 41 -5.16 -12.51 1.18
CA VAL A 41 -4.29 -11.31 0.96
C VAL A 41 -4.10 -11.09 -0.54
N VAL A 42 -4.23 -9.86 -0.98
CA VAL A 42 -4.11 -9.59 -2.44
C VAL A 42 -3.02 -8.55 -2.70
N GLU A 43 -2.34 -8.68 -3.82
CA GLU A 43 -1.29 -7.69 -4.18
C GLU A 43 -1.70 -6.93 -5.42
N ILE A 44 -1.45 -5.65 -5.48
CA ILE A 44 -1.91 -4.86 -6.67
C ILE A 44 -0.74 -4.13 -7.32
N GLU A 45 -0.70 -4.12 -8.62
CA GLU A 45 0.41 -3.43 -9.33
C GLU A 45 -0.12 -2.70 -10.57
N LYS A 46 -0.32 -1.41 -10.45
CA LYS A 46 -0.78 -0.61 -11.61
C LYS A 46 0.42 0.09 -12.25
N VAL A 47 1.02 1.00 -11.54
CA VAL A 47 2.30 1.60 -12.00
C VAL A 47 3.44 1.14 -11.07
N ARG A 48 3.11 0.91 -9.83
CA ARG A 48 4.10 0.33 -8.89
C ARG A 48 3.47 -0.83 -8.13
N LYS A 49 4.22 -1.45 -7.26
CA LYS A 49 3.65 -2.61 -6.52
C LYS A 49 2.96 -2.17 -5.24
N THR A 50 1.84 -2.75 -4.96
CA THR A 50 1.10 -2.41 -3.70
C THR A 50 0.46 -3.68 -3.13
N VAL A 51 0.00 -3.60 -1.92
CA VAL A 51 -0.66 -4.78 -1.29
C VAL A 51 -2.09 -4.43 -0.89
N GLY A 52 -2.89 -5.41 -0.55
CA GLY A 52 -4.27 -5.10 -0.09
C GLY A 52 -4.99 -6.39 0.27
N ARG A 53 -6.28 -6.31 0.45
CA ARG A 53 -7.04 -7.50 0.91
C ARG A 53 -8.21 -7.79 -0.04
N VAL A 54 -8.79 -8.95 0.06
CA VAL A 54 -9.86 -9.32 -0.91
C VAL A 54 -11.23 -8.99 -0.33
N TYR A 55 -12.10 -8.42 -1.12
CA TYR A 55 -13.49 -8.17 -0.65
C TYR A 55 -14.49 -8.59 -1.71
N ARG A 56 -15.73 -8.74 -1.32
CA ARG A 56 -16.79 -9.10 -2.30
C ARG A 56 -17.44 -7.84 -2.86
N ALA A 57 -17.47 -7.70 -4.16
CA ALA A 57 -18.15 -6.51 -4.75
C ALA A 57 -19.63 -6.55 -4.40
N ARG A 58 -20.22 -5.43 -4.07
CA ARG A 58 -21.69 -5.43 -3.86
C ARG A 58 -22.37 -5.96 -5.11
N PRO A 59 -21.97 -5.42 -6.23
CA PRO A 59 -22.51 -5.86 -7.53
C PRO A 59 -21.63 -6.97 -8.08
N GLU A 60 -22.03 -8.19 -7.88
CA GLU A 60 -21.19 -9.35 -8.28
C GLU A 60 -21.23 -9.55 -9.80
N ASP A 61 -21.30 -8.49 -10.55
CA ASP A 61 -21.38 -8.62 -12.03
C ASP A 61 -20.59 -7.50 -12.72
N GLU A 62 -20.52 -6.35 -12.11
CA GLU A 62 -19.73 -5.23 -12.72
C GLU A 62 -18.28 -5.36 -12.30
N ASN A 63 -18.05 -5.94 -11.16
CA ASN A 63 -16.65 -6.12 -10.66
C ASN A 63 -16.01 -7.35 -11.31
N LYS A 64 -16.26 -7.56 -12.58
CA LYS A 64 -15.63 -8.72 -13.27
C LYS A 64 -14.40 -8.24 -14.06
N GLY A 65 -14.01 -7.02 -13.84
CA GLY A 65 -12.78 -6.51 -14.49
C GLY A 65 -12.50 -5.08 -13.99
N ILE A 66 -12.94 -4.77 -12.80
CA ILE A 66 -12.62 -3.44 -12.22
C ILE A 66 -12.33 -3.61 -10.73
N VAL A 67 -11.40 -2.88 -10.20
CA VAL A 67 -11.11 -2.98 -8.75
C VAL A 67 -11.35 -1.64 -8.07
N ARG A 68 -12.18 -1.61 -7.07
CA ARG A 68 -12.47 -0.31 -6.39
C ARG A 68 -11.50 -0.10 -5.22
N ILE A 69 -10.71 0.92 -5.29
CA ILE A 69 -9.74 1.20 -4.19
C ILE A 69 -9.84 2.65 -3.76
N ASP A 70 -9.32 2.97 -2.61
CA ASP A 70 -9.32 4.40 -2.16
C ASP A 70 -8.21 5.17 -2.90
N SER A 71 -8.11 6.44 -2.67
CA SER A 71 -7.08 7.25 -3.38
C SER A 71 -5.68 6.87 -2.91
N VAL A 72 -5.56 6.24 -1.78
CA VAL A 72 -4.21 5.94 -1.23
C VAL A 72 -3.51 4.88 -2.09
N MET A 73 -4.18 3.80 -2.38
CA MET A 73 -3.57 2.80 -3.30
C MET A 73 -3.34 3.44 -4.68
N ARG A 74 -4.29 4.23 -5.13
CA ARG A 74 -4.07 4.98 -6.39
C ARG A 74 -2.85 5.90 -6.26
N ASN A 75 -2.70 6.54 -5.13
CA ASN A 75 -1.56 7.49 -4.96
C ASN A 75 -0.26 6.73 -4.68
N ASN A 76 -0.35 5.62 -4.01
CA ASN A 76 0.90 4.89 -3.64
C ASN A 76 1.56 4.28 -4.87
N CYS A 77 0.81 4.10 -5.93
CA CYS A 77 1.40 3.46 -7.14
C CYS A 77 1.78 4.52 -8.19
N GLY A 78 0.98 5.54 -8.33
CA GLY A 78 1.35 6.64 -9.29
C GLY A 78 0.40 6.63 -10.49
N ALA A 79 -0.78 6.09 -10.32
CA ALA A 79 -1.68 5.87 -11.48
C ALA A 79 -2.89 6.79 -11.42
N SER A 80 -3.78 6.67 -12.38
CA SER A 80 -5.05 7.43 -12.34
C SER A 80 -6.21 6.46 -12.54
N ILE A 81 -7.41 6.90 -12.34
CA ILE A 81 -8.56 5.99 -12.57
C ILE A 81 -8.53 5.44 -13.99
N GLY A 82 -9.12 4.29 -14.20
CA GLY A 82 -9.21 3.73 -15.57
C GLY A 82 -7.85 3.20 -16.02
N ASP A 83 -6.83 3.39 -15.22
CA ASP A 83 -5.51 2.82 -15.58
C ASP A 83 -5.61 1.31 -15.77
N LYS A 84 -4.50 0.64 -15.78
CA LYS A 84 -4.51 -0.84 -15.94
C LYS A 84 -3.57 -1.47 -14.92
N VAL A 85 -4.10 -2.25 -14.02
CA VAL A 85 -3.24 -2.85 -12.96
C VAL A 85 -3.41 -4.37 -12.94
N LYS A 86 -2.46 -5.06 -12.38
CA LYS A 86 -2.60 -6.55 -12.27
C LYS A 86 -2.75 -6.93 -10.80
N VAL A 87 -3.83 -7.57 -10.47
CA VAL A 87 -4.06 -7.96 -9.04
C VAL A 87 -3.68 -9.42 -8.84
N ARG A 88 -2.74 -9.69 -7.97
CA ARG A 88 -2.33 -11.10 -7.73
C ARG A 88 -2.74 -11.52 -6.32
N LYS A 89 -3.23 -12.71 -6.17
CA LYS A 89 -3.63 -13.17 -4.81
C LYS A 89 -2.43 -13.75 -4.06
N VAL A 90 -2.31 -13.44 -2.80
CA VAL A 90 -1.17 -13.98 -2.01
C VAL A 90 -1.60 -14.21 -0.56
N ARG A 91 -0.66 -14.46 0.31
CA ARG A 91 -1.00 -14.66 1.75
C ARG A 91 -0.14 -13.74 2.62
N THR A 92 -0.48 -13.58 3.86
CA THR A 92 0.29 -12.64 4.72
C THR A 92 1.30 -13.38 5.59
N GLU A 93 2.26 -12.67 6.10
CA GLU A 93 3.23 -13.27 7.06
C GLU A 93 3.72 -12.19 8.01
N ILE A 94 4.42 -12.54 9.06
CA ILE A 94 4.85 -11.50 10.03
C ILE A 94 6.22 -10.93 9.63
N ALA A 95 6.23 -9.80 8.97
CA ALA A 95 7.54 -9.16 8.61
C ALA A 95 8.37 -8.92 9.86
N LYS A 96 9.66 -9.13 9.79
CA LYS A 96 10.51 -8.93 10.98
C LYS A 96 11.37 -7.67 10.86
N LYS A 97 11.62 -7.20 9.66
CA LYS A 97 12.47 -5.97 9.52
C LYS A 97 12.07 -5.19 8.26
N VAL A 98 11.59 -3.98 8.41
CA VAL A 98 11.20 -3.18 7.22
C VAL A 98 11.72 -1.75 7.32
N THR A 99 12.19 -1.21 6.22
CA THR A 99 12.74 0.19 6.25
C THR A 99 11.78 1.14 5.53
N LEU A 100 11.60 2.32 6.06
CA LEU A 100 10.66 3.29 5.42
C LEU A 100 11.29 4.67 5.33
N ALA A 101 10.74 5.55 4.54
CA ALA A 101 11.37 6.89 4.36
C ALA A 101 10.31 7.99 4.22
N PRO A 102 9.82 8.44 5.35
CA PRO A 102 8.79 9.51 5.35
C PRO A 102 9.23 10.69 4.47
N ILE A 103 8.32 11.31 3.79
CA ILE A 103 8.71 12.45 2.91
C ILE A 103 8.26 13.78 3.51
N ILE A 104 9.12 14.42 4.27
CA ILE A 104 8.82 15.79 4.77
C ILE A 104 10.12 16.57 4.97
N ARG A 105 10.02 17.82 5.35
CA ARG A 105 11.23 18.63 5.61
C ARG A 105 11.27 19.05 7.08
N LYS A 106 11.80 20.20 7.38
CA LYS A 106 11.80 20.68 8.79
C LYS A 106 10.37 20.80 9.31
N ASP A 107 9.41 20.73 8.43
CA ASP A 107 7.99 20.82 8.84
C ASP A 107 7.38 19.41 8.92
N GLN A 108 8.19 18.43 9.22
CA GLN A 108 7.70 17.03 9.19
C GLN A 108 6.94 16.70 10.48
N ARG A 109 6.20 15.64 10.46
CA ARG A 109 5.41 15.26 11.67
C ARG A 109 6.19 14.24 12.51
N LEU A 110 7.21 13.65 11.95
CA LEU A 110 7.94 12.57 12.68
C LEU A 110 9.21 13.14 13.32
N LYS A 111 9.07 14.05 14.25
CA LYS A 111 10.28 14.62 14.94
C LYS A 111 10.33 14.13 16.39
N PHE A 112 10.21 12.84 16.61
CA PHE A 112 10.24 12.32 18.00
C PHE A 112 11.63 11.81 18.36
N GLY A 113 12.15 10.89 17.60
CA GLY A 113 13.50 10.33 17.93
C GLY A 113 13.36 9.34 19.08
N GLU A 114 14.45 8.79 19.53
CA GLU A 114 14.40 7.83 20.69
C GLU A 114 13.09 7.04 20.68
N GLY A 115 13.12 5.84 20.16
CA GLY A 115 11.90 4.99 20.20
C GLY A 115 11.00 5.30 18.99
N ILE A 116 11.38 6.28 18.21
CA ILE A 116 10.60 6.56 16.96
C ILE A 116 10.59 5.30 16.07
N GLU A 117 11.61 4.51 16.15
CA GLU A 117 11.62 3.24 15.36
C GLU A 117 10.43 2.36 15.79
N GLU A 118 10.21 2.24 17.07
CA GLU A 118 9.00 1.52 17.55
C GLU A 118 7.74 2.30 17.26
N TYR A 119 7.82 3.60 17.28
CA TYR A 119 6.60 4.42 17.04
C TYR A 119 6.06 4.10 15.64
N VAL A 120 6.94 3.94 14.69
CA VAL A 120 6.49 3.51 13.34
C VAL A 120 5.82 2.13 13.44
N GLN A 121 6.46 1.21 14.09
CA GLN A 121 5.84 -0.14 14.28
C GLN A 121 4.51 -0.01 15.03
N ARG A 122 4.49 0.81 16.05
CA ARG A 122 3.23 0.99 16.83
C ARG A 122 2.12 1.51 15.92
N ALA A 123 2.43 2.49 15.11
CA ALA A 123 1.38 3.07 14.21
C ALA A 123 1.02 2.06 13.11
N LEU A 124 2.00 1.43 12.53
CA LEU A 124 1.72 0.52 11.39
C LEU A 124 1.69 -0.94 11.85
N ILE A 125 1.77 -1.18 13.13
CA ILE A 125 1.82 -2.60 13.60
C ILE A 125 0.71 -3.40 12.92
N ARG A 126 0.77 -4.71 13.00
CA ARG A 126 -0.27 -5.56 12.35
C ARG A 126 -0.77 -4.94 11.03
N ARG A 127 0.12 -4.52 10.18
CA ARG A 127 -0.32 -3.98 8.86
C ARG A 127 0.46 -4.64 7.71
N PRO A 128 -0.20 -4.73 6.58
CA PRO A 128 0.42 -5.34 5.38
C PRO A 128 1.55 -4.44 4.86
N MET A 129 2.73 -4.96 4.64
CA MET A 129 3.83 -4.06 4.19
C MET A 129 4.45 -4.56 2.88
N LEU A 130 4.76 -3.65 1.99
CA LEU A 130 5.34 -4.05 0.69
C LEU A 130 6.42 -3.04 0.28
N GLU A 131 7.66 -3.41 0.41
CA GLU A 131 8.77 -2.44 0.14
C GLU A 131 8.47 -1.64 -1.14
N GLN A 132 8.76 -0.36 -1.10
CA GLN A 132 8.47 0.54 -2.26
C GLN A 132 7.02 1.04 -2.19
N ASP A 133 6.25 0.52 -1.28
CA ASP A 133 4.86 1.04 -1.11
C ASP A 133 4.91 2.45 -0.51
N ASN A 134 3.77 3.09 -0.39
CA ASN A 134 3.74 4.45 0.21
C ASN A 134 2.49 4.59 1.09
N ILE A 135 2.56 5.38 2.12
CA ILE A 135 1.38 5.55 3.00
C ILE A 135 1.22 7.00 3.42
N SER A 136 0.12 7.34 4.01
CA SER A 136 -0.08 8.74 4.49
C SER A 136 -0.60 8.75 5.92
N VAL A 137 -0.07 9.59 6.74
CA VAL A 137 -0.53 9.66 8.17
C VAL A 137 -1.20 11.01 8.46
N PRO A 138 -0.41 12.07 8.44
CA PRO A 138 -0.97 13.42 8.71
C PRO A 138 -1.84 13.90 7.55
N GLY A 139 -3.11 14.08 7.77
CA GLY A 139 -4.01 14.53 6.67
C GLY A 139 -4.03 16.05 6.61
N LEU A 140 -2.89 16.67 6.78
CA LEU A 140 -2.83 18.16 6.78
C LEU A 140 -1.61 18.64 6.00
N THR A 141 -1.60 19.87 5.58
CA THR A 141 -0.43 20.39 4.80
C THR A 141 -0.04 21.78 5.29
N LEU A 142 0.82 22.43 4.56
CA LEU A 142 1.25 23.80 4.96
C LEU A 142 1.44 24.67 3.71
N ALA A 143 2.58 25.31 3.58
CA ALA A 143 2.86 26.12 2.37
C ALA A 143 2.66 25.27 1.11
N GLY A 144 3.31 25.63 0.04
CA GLY A 144 3.26 24.79 -1.18
C GLY A 144 4.22 23.62 -1.03
N GLN A 145 3.99 22.78 -0.05
CA GLN A 145 4.86 21.59 0.13
C GLN A 145 4.22 20.36 -0.51
N THR A 146 4.99 19.35 -0.80
CA THR A 146 4.41 18.10 -1.37
C THR A 146 5.07 16.88 -0.73
N GLY A 147 4.42 15.75 -0.81
CA GLY A 147 5.03 14.52 -0.20
C GLY A 147 4.29 14.18 1.10
N LEU A 148 4.80 14.65 2.21
CA LEU A 148 4.10 14.41 3.52
C LEU A 148 3.52 12.99 3.57
N LEU A 149 4.22 12.02 3.06
CA LEU A 149 3.71 10.61 3.11
C LEU A 149 4.86 9.65 3.42
N PHE A 150 4.57 8.44 3.79
CA PHE A 150 5.66 7.47 4.10
C PHE A 150 6.00 6.65 2.86
N LYS A 151 7.26 6.52 2.56
CA LYS A 151 7.66 5.71 1.37
C LYS A 151 8.52 4.53 1.82
N VAL A 152 7.99 3.34 1.74
CA VAL A 152 8.76 2.14 2.15
C VAL A 152 9.75 1.77 1.04
N VAL A 153 10.93 1.37 1.40
CA VAL A 153 11.94 1.04 0.36
C VAL A 153 12.40 -0.41 0.49
N LYS A 154 12.42 -0.94 1.69
CA LYS A 154 12.91 -2.34 1.82
C LYS A 154 12.13 -3.12 2.87
N THR A 155 12.01 -4.39 2.68
CA THR A 155 11.35 -5.27 3.70
C THR A 155 12.12 -6.59 3.81
N LEU A 156 11.88 -7.33 4.85
CA LEU A 156 12.63 -8.61 5.03
C LEU A 156 11.89 -9.76 4.34
N PRO A 157 10.59 -9.75 4.42
CA PRO A 157 9.79 -10.83 3.78
C PRO A 157 10.08 -10.87 2.28
N SER A 158 9.34 -11.67 1.57
CA SER A 158 9.52 -11.72 0.08
C SER A 158 8.59 -10.69 -0.58
N LYS A 159 8.44 -10.76 -1.87
CA LYS A 159 7.61 -9.76 -2.59
C LYS A 159 6.14 -9.86 -2.18
N VAL A 160 5.81 -10.83 -1.37
CA VAL A 160 4.39 -11.01 -0.95
C VAL A 160 4.07 -10.14 0.26
N PRO A 161 2.86 -9.65 0.29
CA PRO A 161 2.40 -8.80 1.41
C PRO A 161 2.73 -9.43 2.75
N VAL A 162 3.13 -8.65 3.71
CA VAL A 162 3.31 -9.21 5.08
C VAL A 162 2.58 -8.32 6.09
N GLU A 163 2.26 -8.86 7.22
CA GLU A 163 1.63 -8.03 8.28
C GLU A 163 2.61 -7.76 9.40
N ILE A 164 2.77 -6.52 9.76
CA ILE A 164 3.76 -6.16 10.82
C ILE A 164 3.26 -6.63 12.19
N GLY A 165 4.14 -6.82 13.11
CA GLY A 165 3.69 -7.21 14.48
C GLY A 165 4.60 -6.55 15.51
N GLU A 166 4.22 -6.62 16.76
CA GLU A 166 5.04 -5.96 17.82
C GLU A 166 6.47 -6.51 17.82
N GLU A 167 6.66 -7.67 17.26
CA GLU A 167 8.02 -8.29 17.28
C GLU A 167 8.80 -7.83 16.06
N THR A 168 8.12 -7.39 15.05
CA THR A 168 8.80 -6.93 13.81
C THR A 168 9.81 -5.82 14.14
N LYS A 169 10.73 -5.58 13.26
CA LYS A 169 11.70 -4.45 13.47
C LYS A 169 11.59 -3.46 12.33
N ILE A 170 11.85 -2.21 12.58
CA ILE A 170 11.65 -1.20 11.51
C ILE A 170 12.91 -0.35 11.33
N GLU A 171 12.98 0.33 10.22
CA GLU A 171 14.14 1.22 9.98
C GLU A 171 13.68 2.53 9.35
N ILE A 172 14.21 3.63 9.79
CA ILE A 172 13.80 4.94 9.22
C ILE A 172 15.02 5.66 8.65
N ARG A 173 14.88 6.26 7.51
CA ARG A 173 16.07 6.87 6.85
C ARG A 173 16.26 8.32 7.35
N GLU A 174 17.48 8.79 7.39
CA GLU A 174 17.74 10.14 7.95
C GLU A 174 17.67 11.19 6.84
N GLU A 175 17.66 10.77 5.61
CA GLU A 175 17.53 11.74 4.49
C GLU A 175 16.07 11.88 4.08
N PRO A 176 15.52 13.03 4.39
CA PRO A 176 14.09 13.31 4.08
C PRO A 176 13.91 13.49 2.57
N ALA A 177 12.90 14.22 2.20
CA ALA A 177 12.63 14.42 0.75
C ALA A 177 13.57 15.48 0.17
N SER A 178 14.85 15.33 0.40
CA SER A 178 15.82 16.34 -0.11
C SER A 178 15.84 16.36 -1.64
N GLU A 179 16.41 15.35 -2.24
CA GLU A 179 16.52 15.33 -3.73
C GLU A 179 15.15 15.36 -4.37
N VAL A 180 14.13 15.18 -3.60
CA VAL A 180 12.75 15.15 -4.17
C VAL A 180 12.18 16.56 -4.27
N LEU A 181 11.88 17.01 -5.46
CA LEU A 181 11.32 18.38 -5.63
C LEU A 181 10.83 18.60 -7.07
N GLU A 182 11.32 17.82 -8.00
CA GLU A 182 10.86 18.00 -9.42
C GLU A 182 10.37 16.67 -9.99
N GLU A 183 9.51 15.99 -9.30
CA GLU A 183 9.01 14.68 -9.81
C GLU A 183 8.31 14.87 -11.16
N GLY A 184 7.56 15.93 -11.30
CA GLY A 184 6.87 16.18 -12.60
C GLY A 184 7.75 17.09 -13.46
N GLY A 185 7.47 17.16 -14.73
CA GLY A 185 8.28 18.04 -15.63
C GLY A 185 7.76 19.48 -15.52
N MET A 1 7.00 -23.06 -11.56
CA MET A 1 8.27 -22.27 -11.69
C MET A 1 8.17 -20.97 -10.90
N GLU A 2 7.30 -20.08 -11.31
CA GLU A 2 7.15 -18.79 -10.58
C GLU A 2 5.72 -18.64 -10.06
N SER A 3 5.55 -18.13 -8.87
CA SER A 3 4.19 -17.93 -8.33
C SER A 3 3.70 -16.52 -8.66
N ASN A 4 3.03 -16.36 -9.77
CA ASN A 4 2.53 -15.01 -10.15
C ASN A 4 1.25 -15.13 -10.97
N ASN A 5 0.12 -14.97 -10.36
CA ASN A 5 -1.17 -15.06 -11.12
C ASN A 5 -2.12 -13.95 -10.69
N GLY A 6 -2.55 -13.14 -11.61
CA GLY A 6 -3.50 -12.04 -11.25
C GLY A 6 -4.36 -11.71 -12.47
N ILE A 7 -4.99 -10.56 -12.48
CA ILE A 7 -5.80 -10.16 -13.65
C ILE A 7 -5.53 -8.70 -14.01
N ILE A 8 -5.80 -8.31 -15.22
CA ILE A 8 -5.55 -6.90 -15.62
C ILE A 8 -6.87 -6.12 -15.64
N LEU A 9 -7.02 -5.17 -14.75
CA LEU A 9 -8.30 -4.41 -14.70
C LEU A 9 -7.99 -2.93 -14.44
N ARG A 10 -9.01 -2.12 -14.24
CA ARG A 10 -8.77 -0.66 -14.09
C ARG A 10 -9.15 -0.19 -12.69
N VAL A 11 -8.36 0.67 -12.13
CA VAL A 11 -8.62 1.14 -10.74
C VAL A 11 -9.98 1.84 -10.64
N ALA A 12 -10.77 1.50 -9.67
CA ALA A 12 -12.13 2.13 -9.56
C ALA A 12 -12.17 3.09 -8.37
N GLU A 13 -12.92 4.16 -8.50
CA GLU A 13 -13.10 5.08 -7.35
C GLU A 13 -14.04 6.22 -7.75
N ALA A 14 -15.31 6.08 -7.46
CA ALA A 14 -16.27 7.14 -7.85
C ALA A 14 -17.17 7.51 -6.66
N ASN A 15 -16.58 7.64 -5.50
CA ASN A 15 -17.39 8.00 -4.30
C ASN A 15 -16.63 9.00 -3.43
N SER A 16 -17.32 9.91 -2.80
CA SER A 16 -16.63 10.93 -1.95
C SER A 16 -15.86 10.23 -0.83
N THR A 17 -16.46 9.27 -0.18
CA THR A 17 -15.76 8.56 0.92
C THR A 17 -15.03 7.33 0.37
N ASP A 18 -14.03 6.86 1.06
CA ASP A 18 -13.26 5.68 0.55
C ASP A 18 -13.02 4.68 1.67
N PRO A 19 -14.09 4.02 2.06
CA PRO A 19 -13.99 3.00 3.14
C PRO A 19 -13.17 1.79 2.70
N GLY A 20 -12.02 1.60 3.27
CA GLY A 20 -11.21 0.39 2.95
C GLY A 20 -10.16 0.73 1.89
N MET A 21 -9.05 1.26 2.31
CA MET A 21 -7.96 1.58 1.33
C MET A 21 -7.03 0.38 1.17
N SER A 22 -7.17 -0.61 2.01
CA SER A 22 -6.28 -1.80 1.92
C SER A 22 -7.07 -3.04 1.51
N ARG A 23 -8.31 -2.86 1.14
CA ARG A 23 -9.14 -4.03 0.76
C ARG A 23 -9.62 -3.89 -0.69
N VAL A 24 -9.71 -4.96 -1.42
CA VAL A 24 -10.18 -4.86 -2.84
C VAL A 24 -11.56 -5.50 -2.97
N ARG A 25 -12.54 -4.75 -3.37
CA ARG A 25 -13.87 -5.39 -3.60
C ARG A 25 -13.97 -5.88 -5.04
N LEU A 26 -14.11 -7.15 -5.21
CA LEU A 26 -14.14 -7.74 -6.58
C LEU A 26 -15.37 -8.64 -6.72
N ASP A 27 -15.62 -9.16 -7.88
CA ASP A 27 -16.83 -10.02 -8.03
C ASP A 27 -16.47 -11.49 -7.78
N GLU A 28 -17.44 -12.37 -7.84
CA GLU A 28 -17.16 -13.79 -7.51
C GLU A 28 -16.12 -14.32 -8.48
N SER A 29 -16.22 -13.95 -9.72
CA SER A 29 -15.24 -14.41 -10.73
C SER A 29 -13.86 -13.81 -10.44
N SER A 30 -13.74 -12.51 -10.41
CA SER A 30 -12.43 -11.90 -10.12
C SER A 30 -11.83 -12.55 -8.88
N ARG A 31 -12.66 -12.98 -7.97
CA ARG A 31 -12.14 -13.63 -6.74
C ARG A 31 -11.82 -15.10 -6.98
N ARG A 32 -12.71 -15.83 -7.61
CA ARG A 32 -12.51 -17.31 -7.72
C ARG A 32 -11.81 -17.69 -9.03
N LEU A 33 -11.80 -16.80 -9.99
CA LEU A 33 -11.21 -17.15 -11.31
C LEU A 33 -9.74 -17.53 -11.15
N LEU A 34 -9.08 -16.97 -10.17
CA LEU A 34 -7.68 -17.39 -9.89
C LEU A 34 -7.64 -18.36 -8.71
N ASP A 35 -7.83 -17.83 -7.53
CA ASP A 35 -7.85 -18.67 -6.32
C ASP A 35 -8.35 -17.84 -5.14
N ALA A 36 -8.13 -16.55 -5.21
CA ALA A 36 -8.53 -15.64 -4.10
C ALA A 36 -9.85 -16.08 -3.49
N GLU A 37 -9.84 -16.33 -2.21
CA GLU A 37 -11.12 -16.61 -1.50
C GLU A 37 -11.36 -15.50 -0.48
N ILE A 38 -12.44 -15.54 0.25
CA ILE A 38 -12.69 -14.48 1.25
C ILE A 38 -11.49 -14.37 2.20
N GLY A 39 -10.98 -13.19 2.37
CA GLY A 39 -9.93 -12.98 3.40
C GLY A 39 -8.56 -13.47 2.90
N ASP A 40 -8.41 -13.63 1.60
CA ASP A 40 -7.06 -13.93 1.07
C ASP A 40 -6.33 -12.63 0.75
N VAL A 41 -5.03 -12.68 0.61
CA VAL A 41 -4.25 -11.42 0.43
C VAL A 41 -3.91 -11.20 -1.05
N VAL A 42 -4.08 -10.00 -1.54
CA VAL A 42 -3.82 -9.75 -2.99
C VAL A 42 -2.72 -8.71 -3.16
N GLU A 43 -2.02 -8.74 -4.26
CA GLU A 43 -0.95 -7.74 -4.51
C GLU A 43 -1.28 -6.94 -5.77
N ILE A 44 -1.04 -5.66 -5.77
CA ILE A 44 -1.40 -4.83 -6.96
C ILE A 44 -0.16 -4.16 -7.54
N GLU A 45 -0.11 -4.01 -8.84
CA GLU A 45 1.07 -3.35 -9.46
C GLU A 45 0.68 -2.63 -10.76
N LYS A 46 0.39 -1.36 -10.70
CA LYS A 46 0.14 -0.59 -11.95
C LYS A 46 1.40 0.17 -12.36
N VAL A 47 1.89 1.01 -11.50
CA VAL A 47 3.18 1.72 -11.76
C VAL A 47 4.23 1.25 -10.77
N ARG A 48 3.81 0.93 -9.58
CA ARG A 48 4.74 0.33 -8.59
C ARG A 48 4.05 -0.84 -7.87
N LYS A 49 4.75 -1.49 -6.99
CA LYS A 49 4.15 -2.69 -6.33
C LYS A 49 3.39 -2.26 -5.07
N THR A 50 2.20 -2.75 -4.93
CA THR A 50 1.41 -2.48 -3.69
C THR A 50 0.66 -3.74 -3.26
N VAL A 51 0.13 -3.73 -2.08
CA VAL A 51 -0.59 -4.93 -1.59
C VAL A 51 -2.08 -4.62 -1.39
N GLY A 52 -2.84 -5.62 -1.05
CA GLY A 52 -4.27 -5.37 -0.71
C GLY A 52 -4.91 -6.69 -0.31
N ARG A 53 -6.16 -6.67 0.03
CA ARG A 53 -6.85 -7.94 0.42
C ARG A 53 -8.09 -8.14 -0.43
N VAL A 54 -8.77 -9.25 -0.27
CA VAL A 54 -9.93 -9.53 -1.15
C VAL A 54 -11.24 -9.17 -0.44
N TYR A 55 -12.05 -8.38 -1.07
CA TYR A 55 -13.39 -8.07 -0.50
C TYR A 55 -14.49 -8.56 -1.44
N ARG A 56 -15.69 -8.64 -0.96
CA ARG A 56 -16.82 -9.10 -1.82
C ARG A 56 -17.45 -7.90 -2.52
N ALA A 57 -17.48 -7.89 -3.83
CA ALA A 57 -18.09 -6.73 -4.55
C ALA A 57 -19.57 -6.64 -4.20
N ARG A 58 -20.05 -5.49 -3.87
CA ARG A 58 -21.52 -5.35 -3.65
C ARG A 58 -22.25 -5.79 -4.92
N PRO A 59 -21.77 -5.28 -6.03
CA PRO A 59 -22.34 -5.65 -7.33
C PRO A 59 -21.57 -6.83 -7.90
N GLU A 60 -22.07 -8.00 -7.73
CA GLU A 60 -21.31 -9.22 -8.14
C GLU A 60 -21.35 -9.40 -9.66
N ASP A 61 -21.37 -8.33 -10.40
CA ASP A 61 -21.42 -8.45 -11.89
C ASP A 61 -20.63 -7.32 -12.54
N GLU A 62 -20.54 -6.19 -11.90
CA GLU A 62 -19.76 -5.06 -12.48
C GLU A 62 -18.30 -5.20 -12.05
N ASN A 63 -18.08 -5.84 -10.94
CA ASN A 63 -16.69 -6.10 -10.47
C ASN A 63 -16.09 -7.30 -11.20
N LYS A 64 -16.31 -7.40 -12.49
CA LYS A 64 -15.69 -8.50 -13.27
C LYS A 64 -14.44 -8.00 -13.97
N GLY A 65 -14.01 -6.81 -13.65
CA GLY A 65 -12.76 -6.26 -14.25
C GLY A 65 -12.51 -4.86 -13.70
N ILE A 66 -12.97 -4.59 -12.50
CA ILE A 66 -12.67 -3.28 -11.87
C ILE A 66 -12.41 -3.47 -10.38
N VAL A 67 -11.48 -2.76 -9.83
CA VAL A 67 -11.22 -2.89 -8.37
C VAL A 67 -11.51 -1.57 -7.66
N ARG A 68 -12.29 -1.59 -6.62
CA ARG A 68 -12.59 -0.33 -5.90
C ARG A 68 -11.58 -0.12 -4.78
N ILE A 69 -10.85 0.94 -4.83
CA ILE A 69 -9.82 1.21 -3.78
C ILE A 69 -9.92 2.65 -3.30
N ASP A 70 -9.31 2.95 -2.18
CA ASP A 70 -9.30 4.36 -1.70
C ASP A 70 -8.24 5.17 -2.45
N SER A 71 -8.26 6.46 -2.29
CA SER A 71 -7.27 7.31 -3.03
C SER A 71 -5.84 6.91 -2.64
N VAL A 72 -5.60 6.65 -1.39
CA VAL A 72 -4.22 6.32 -0.95
C VAL A 72 -3.71 5.09 -1.68
N MET A 73 -4.50 4.05 -1.77
CA MET A 73 -4.06 2.84 -2.51
C MET A 73 -3.77 3.20 -3.97
N ARG A 74 -4.63 3.99 -4.56
CA ARG A 74 -4.35 4.50 -5.93
C ARG A 74 -3.06 5.34 -5.92
N ASN A 75 -2.88 6.14 -4.90
CA ASN A 75 -1.63 6.96 -4.81
C ASN A 75 -0.43 6.06 -4.53
N ASN A 76 -0.64 4.89 -3.97
CA ASN A 76 0.52 4.03 -3.59
C ASN A 76 1.35 3.67 -4.83
N CYS A 77 0.73 3.40 -5.94
CA CYS A 77 1.51 2.98 -7.14
C CYS A 77 1.72 4.16 -8.09
N GLY A 78 0.74 5.02 -8.23
CA GLY A 78 0.91 6.21 -9.10
C GLY A 78 -0.07 6.12 -10.28
N ALA A 79 -1.22 5.55 -10.07
CA ALA A 79 -2.18 5.37 -11.20
C ALA A 79 -3.39 6.30 -11.02
N SER A 80 -4.13 6.51 -12.06
CA SER A 80 -5.36 7.35 -11.95
C SER A 80 -6.59 6.47 -12.10
N ILE A 81 -7.75 6.98 -11.84
CA ILE A 81 -8.97 6.16 -12.04
C ILE A 81 -8.98 5.58 -13.46
N GLY A 82 -9.48 4.39 -13.60
CA GLY A 82 -9.68 3.82 -14.94
C GLY A 82 -8.33 3.40 -15.53
N ASP A 83 -7.26 3.57 -14.81
CA ASP A 83 -5.94 3.09 -15.32
C ASP A 83 -6.00 1.58 -15.57
N LYS A 84 -4.85 0.98 -15.68
CA LYS A 84 -4.81 -0.51 -15.84
C LYS A 84 -3.74 -1.10 -14.93
N VAL A 85 -4.14 -1.85 -13.95
CA VAL A 85 -3.14 -2.46 -13.02
C VAL A 85 -3.31 -3.98 -13.00
N LYS A 86 -2.29 -4.70 -12.65
CA LYS A 86 -2.42 -6.17 -12.54
C LYS A 86 -2.53 -6.58 -11.06
N VAL A 87 -3.60 -7.19 -10.68
CA VAL A 87 -3.74 -7.64 -9.27
C VAL A 87 -3.47 -9.13 -9.18
N ARG A 88 -2.48 -9.53 -8.42
CA ARG A 88 -2.16 -10.98 -8.31
C ARG A 88 -2.37 -11.46 -6.88
N LYS A 89 -2.90 -12.63 -6.71
CA LYS A 89 -3.17 -13.12 -5.33
C LYS A 89 -1.87 -13.49 -4.62
N VAL A 90 -1.83 -13.26 -3.33
CA VAL A 90 -0.66 -13.69 -2.53
C VAL A 90 -1.12 -14.06 -1.12
N ARG A 91 -0.20 -14.22 -0.22
CA ARG A 91 -0.59 -14.52 1.19
C ARG A 91 0.22 -13.64 2.15
N THR A 92 -0.15 -13.61 3.40
CA THR A 92 0.52 -12.67 4.33
C THR A 92 1.34 -13.44 5.38
N GLU A 93 2.28 -12.76 5.97
CA GLU A 93 3.11 -13.39 7.03
C GLU A 93 3.55 -12.31 8.02
N ILE A 94 4.14 -12.67 9.12
CA ILE A 94 4.46 -11.63 10.14
C ILE A 94 5.84 -11.03 9.87
N ALA A 95 5.87 -9.91 9.19
CA ALA A 95 7.18 -9.26 8.87
C ALA A 95 7.97 -8.99 10.14
N LYS A 96 9.27 -9.05 10.06
CA LYS A 96 10.11 -8.83 11.26
C LYS A 96 10.98 -7.57 11.11
N LYS A 97 11.27 -7.16 9.91
CA LYS A 97 12.15 -5.97 9.74
C LYS A 97 11.80 -5.23 8.43
N VAL A 98 11.51 -3.96 8.51
CA VAL A 98 11.24 -3.18 7.27
C VAL A 98 11.90 -1.79 7.35
N THR A 99 12.33 -1.26 6.25
CA THR A 99 13.01 0.07 6.25
C THR A 99 12.23 1.06 5.39
N LEU A 100 12.09 2.28 5.84
CA LEU A 100 11.31 3.27 5.06
C LEU A 100 11.99 4.65 5.11
N ALA A 101 11.48 5.59 4.36
CA ALA A 101 12.15 6.92 4.31
C ALA A 101 11.12 8.04 4.20
N PRO A 102 10.87 8.70 5.31
CA PRO A 102 9.90 9.81 5.34
C PRO A 102 10.29 10.88 4.31
N ILE A 103 9.37 11.27 3.47
CA ILE A 103 9.71 12.26 2.42
C ILE A 103 9.34 13.68 2.89
N ILE A 104 10.32 14.46 3.25
CA ILE A 104 10.05 15.88 3.63
C ILE A 104 11.17 16.77 3.10
N ARG A 105 11.28 17.93 3.66
CA ARG A 105 12.36 18.86 3.22
C ARG A 105 13.41 19.00 4.33
N LYS A 106 14.61 19.34 3.97
CA LYS A 106 15.68 19.51 5.00
C LYS A 106 15.26 20.56 6.02
N ASP A 107 14.28 21.33 5.67
CA ASP A 107 13.73 22.34 6.62
C ASP A 107 12.40 21.85 7.18
N GLN A 108 12.27 20.56 7.38
CA GLN A 108 10.95 20.00 7.77
C GLN A 108 10.74 20.17 9.29
N ARG A 109 9.53 20.42 9.69
CA ARG A 109 9.26 20.70 11.13
C ARG A 109 8.80 19.44 11.86
N LEU A 110 8.50 18.39 11.15
CA LEU A 110 7.94 17.18 11.81
C LEU A 110 9.05 16.16 12.04
N LYS A 111 10.11 16.57 12.68
CA LYS A 111 11.20 15.61 13.01
C LYS A 111 11.09 15.19 14.48
N PHE A 112 11.33 13.93 14.76
CA PHE A 112 11.19 13.46 16.17
C PHE A 112 12.37 12.54 16.53
N GLY A 113 12.40 11.36 15.97
CA GLY A 113 13.49 10.41 16.32
C GLY A 113 13.21 9.79 17.69
N GLU A 114 14.14 9.07 18.24
CA GLU A 114 13.94 8.48 19.60
C GLU A 114 12.52 7.91 19.72
N GLY A 115 12.36 6.65 19.46
CA GLY A 115 11.03 6.01 19.66
C GLY A 115 10.18 6.19 18.39
N ILE A 116 10.64 6.99 17.47
CA ILE A 116 9.89 7.15 16.19
C ILE A 116 9.89 5.82 15.42
N GLU A 117 10.98 5.11 15.43
CA GLU A 117 11.01 3.80 14.73
C GLU A 117 9.96 2.86 15.35
N GLU A 118 9.86 2.85 16.65
CA GLU A 118 8.79 2.05 17.31
C GLU A 118 7.43 2.65 17.00
N TYR A 119 7.35 3.95 16.93
CA TYR A 119 6.04 4.61 16.65
C TYR A 119 5.53 4.15 15.29
N VAL A 120 6.39 4.02 14.33
CA VAL A 120 5.95 3.50 13.00
C VAL A 120 5.35 2.10 13.17
N GLN A 121 6.03 1.24 13.89
CA GLN A 121 5.45 -0.09 14.19
C GLN A 121 4.14 0.07 14.95
N ARG A 122 4.11 0.98 15.89
CA ARG A 122 2.86 1.21 16.67
C ARG A 122 1.72 1.62 15.75
N ALA A 123 2.00 2.46 14.79
CA ALA A 123 0.92 2.96 13.89
C ALA A 123 0.52 1.90 12.87
N LEU A 124 1.48 1.29 12.22
CA LEU A 124 1.15 0.36 11.10
C LEU A 124 1.14 -1.10 11.59
N ILE A 125 1.33 -1.31 12.86
CA ILE A 125 1.37 -2.71 13.38
C ILE A 125 0.27 -3.57 12.71
N ARG A 126 0.36 -4.87 12.84
CA ARG A 126 -0.66 -5.76 12.21
C ARG A 126 -1.17 -5.19 10.88
N ARG A 127 -0.28 -4.75 10.02
CA ARG A 127 -0.73 -4.19 8.71
C ARG A 127 0.11 -4.76 7.56
N PRO A 128 -0.57 -5.14 6.51
CA PRO A 128 0.11 -5.69 5.30
C PRO A 128 1.17 -4.68 4.82
N MET A 129 2.42 -5.06 4.78
CA MET A 129 3.47 -4.07 4.39
C MET A 129 4.43 -4.67 3.36
N LEU A 130 4.83 -3.89 2.41
CA LEU A 130 5.84 -4.37 1.43
C LEU A 130 6.67 -3.21 0.88
N GLU A 131 7.92 -3.46 0.61
CA GLU A 131 8.86 -2.37 0.20
C GLU A 131 8.30 -1.58 -0.99
N GLN A 132 8.76 -0.38 -1.17
CA GLN A 132 8.33 0.45 -2.33
C GLN A 132 6.90 0.96 -2.13
N ASP A 133 6.24 0.53 -1.09
CA ASP A 133 4.90 1.09 -0.78
C ASP A 133 5.06 2.53 -0.28
N ASN A 134 3.97 3.24 -0.16
CA ASN A 134 4.05 4.65 0.32
C ASN A 134 2.94 4.91 1.33
N ILE A 135 3.23 5.61 2.39
CA ILE A 135 2.19 5.84 3.43
C ILE A 135 2.27 7.27 3.96
N SER A 136 1.30 7.68 4.72
CA SER A 136 1.35 9.05 5.32
C SER A 136 0.83 9.02 6.76
N VAL A 137 1.41 9.80 7.62
CA VAL A 137 0.96 9.81 9.03
C VAL A 137 0.46 11.20 9.44
N PRO A 138 1.35 12.17 9.54
CA PRO A 138 0.94 13.54 9.92
C PRO A 138 0.19 14.21 8.75
N GLY A 139 -0.94 14.78 9.03
CA GLY A 139 -1.71 15.46 7.94
C GLY A 139 -1.41 16.96 7.97
N LEU A 140 -0.16 17.32 8.06
CA LEU A 140 0.21 18.76 8.13
C LEU A 140 1.27 19.09 7.07
N THR A 141 1.40 20.35 6.72
CA THR A 141 2.42 20.72 5.70
C THR A 141 3.21 21.94 6.17
N LEU A 142 3.98 22.52 5.29
CA LEU A 142 4.82 23.68 5.67
C LEU A 142 4.89 24.68 4.51
N ALA A 143 6.06 25.14 4.17
CA ALA A 143 6.21 26.05 3.01
C ALA A 143 5.64 25.41 1.75
N GLY A 144 6.17 25.76 0.62
CA GLY A 144 5.76 25.09 -0.65
C GLY A 144 6.45 23.73 -0.75
N GLN A 145 6.22 22.86 0.20
CA GLN A 145 6.86 21.52 0.16
C GLN A 145 5.87 20.48 -0.39
N THR A 146 6.36 19.36 -0.84
CA THR A 146 5.44 18.32 -1.38
C THR A 146 5.91 16.93 -0.95
N GLY A 147 5.02 15.97 -0.91
CA GLY A 147 5.42 14.59 -0.51
C GLY A 147 5.00 14.33 0.93
N LEU A 148 5.83 14.67 1.88
CA LEU A 148 5.48 14.47 3.33
C LEU A 148 4.83 13.09 3.55
N LEU A 149 5.42 12.03 3.04
CA LEU A 149 4.87 10.68 3.30
C LEU A 149 6.03 9.70 3.54
N PHE A 150 5.73 8.50 3.99
CA PHE A 150 6.83 7.52 4.25
C PHE A 150 7.07 6.66 3.01
N LYS A 151 8.30 6.55 2.57
CA LYS A 151 8.59 5.72 1.37
C LYS A 151 9.32 4.43 1.79
N VAL A 152 8.66 3.32 1.72
CA VAL A 152 9.32 2.03 2.12
C VAL A 152 10.21 1.53 0.97
N VAL A 153 11.39 1.07 1.29
CA VAL A 153 12.31 0.64 0.20
C VAL A 153 12.72 -0.82 0.40
N LYS A 154 12.64 -1.34 1.60
CA LYS A 154 13.08 -2.74 1.83
C LYS A 154 12.28 -3.39 2.96
N THR A 155 12.13 -4.68 2.90
CA THR A 155 11.43 -5.42 3.99
C THR A 155 12.14 -6.76 4.23
N LEU A 156 11.80 -7.44 5.28
CA LEU A 156 12.49 -8.72 5.58
C LEU A 156 11.77 -9.89 4.89
N PRO A 157 10.47 -9.84 4.90
CA PRO A 157 9.67 -10.91 4.27
C PRO A 157 10.01 -11.02 2.77
N SER A 158 9.19 -11.70 2.02
CA SER A 158 9.42 -11.78 0.54
C SER A 158 8.70 -10.62 -0.14
N LYS A 159 8.65 -10.63 -1.45
CA LYS A 159 8.00 -9.51 -2.18
C LYS A 159 6.49 -9.50 -1.92
N VAL A 160 6.00 -10.48 -1.23
CA VAL A 160 4.54 -10.56 -0.97
C VAL A 160 4.18 -9.79 0.30
N PRO A 161 3.00 -9.25 0.29
CA PRO A 161 2.49 -8.48 1.45
C PRO A 161 2.75 -9.22 2.75
N VAL A 162 3.07 -8.52 3.80
CA VAL A 162 3.18 -9.18 5.13
C VAL A 162 2.37 -8.40 6.16
N GLU A 163 2.00 -9.00 7.24
CA GLU A 163 1.30 -8.24 8.29
C GLU A 163 2.26 -7.94 9.44
N ILE A 164 2.42 -6.68 9.75
CA ILE A 164 3.39 -6.29 10.81
C ILE A 164 2.88 -6.73 12.18
N GLY A 165 3.76 -6.86 13.14
CA GLY A 165 3.30 -7.19 14.51
C GLY A 165 4.14 -6.45 15.53
N GLU A 166 3.73 -6.43 16.76
CA GLU A 166 4.46 -5.67 17.80
C GLU A 166 5.91 -6.19 17.90
N GLU A 167 6.15 -7.40 17.48
CA GLU A 167 7.52 -7.96 17.59
C GLU A 167 8.32 -7.65 16.32
N THR A 168 7.66 -7.19 15.29
CA THR A 168 8.39 -6.82 14.04
C THR A 168 9.44 -5.75 14.36
N LYS A 169 10.18 -5.33 13.37
CA LYS A 169 11.17 -4.23 13.60
C LYS A 169 11.17 -3.29 12.40
N ILE A 170 11.64 -2.09 12.57
CA ILE A 170 11.58 -1.11 11.46
C ILE A 170 12.85 -0.28 11.39
N GLU A 171 13.03 0.44 10.32
CA GLU A 171 14.19 1.35 10.21
C GLU A 171 13.77 2.67 9.58
N ILE A 172 14.16 3.76 10.16
CA ILE A 172 13.81 5.08 9.59
C ILE A 172 15.07 5.87 9.25
N ARG A 173 15.26 6.21 8.00
CA ARG A 173 16.50 6.98 7.63
C ARG A 173 16.25 8.48 7.76
N GLU A 174 17.29 9.26 7.80
CA GLU A 174 17.12 10.73 7.97
C GLU A 174 17.25 11.44 6.62
N GLU A 175 17.22 10.71 5.54
CA GLU A 175 17.33 11.35 4.20
C GLU A 175 15.93 11.61 3.64
N PRO A 176 15.58 12.87 3.59
CA PRO A 176 14.25 13.28 3.08
C PRO A 176 14.20 13.12 1.57
N ALA A 177 13.35 13.86 0.93
CA ALA A 177 13.22 13.76 -0.56
C ALA A 177 14.27 14.65 -1.23
N SER A 178 15.48 14.59 -0.76
CA SER A 178 16.55 15.46 -1.36
C SER A 178 16.64 15.26 -2.88
N GLU A 179 16.90 14.06 -3.31
CA GLU A 179 17.01 13.81 -4.77
C GLU A 179 15.62 13.56 -5.36
N VAL A 180 14.61 13.67 -4.56
CA VAL A 180 13.22 13.43 -5.07
C VAL A 180 12.43 14.75 -5.10
N LEU A 181 11.82 15.06 -6.21
CA LEU A 181 11.04 16.34 -6.30
C LEU A 181 9.56 16.05 -6.57
N GLU A 182 9.27 15.17 -7.49
CA GLU A 182 7.85 14.87 -7.82
C GLU A 182 7.71 13.45 -8.34
N GLU A 183 6.51 12.92 -8.31
CA GLU A 183 6.30 11.51 -8.77
C GLU A 183 6.72 11.37 -10.23
N GLY A 184 6.58 12.42 -11.00
CA GLY A 184 6.96 12.34 -12.44
C GLY A 184 5.84 11.65 -13.22
N GLY A 185 6.11 11.26 -14.44
CA GLY A 185 5.06 10.58 -15.25
C GLY A 185 3.94 11.57 -15.58
N MET A 1 5.03 -23.52 -11.04
CA MET A 1 5.11 -22.98 -9.65
C MET A 1 3.92 -22.06 -9.38
N GLU A 2 3.71 -21.09 -10.21
CA GLU A 2 2.58 -20.14 -9.98
C GLU A 2 2.68 -19.53 -8.58
N SER A 3 3.88 -19.21 -8.15
CA SER A 3 4.04 -18.62 -6.79
C SER A 3 3.24 -17.32 -6.67
N ASN A 4 3.25 -16.52 -7.71
CA ASN A 4 2.50 -15.23 -7.65
C ASN A 4 1.85 -14.94 -9.01
N ASN A 5 0.55 -14.89 -9.07
CA ASN A 5 -0.13 -14.60 -10.36
C ASN A 5 -1.32 -13.67 -10.13
N GLY A 6 -1.68 -12.90 -11.13
CA GLY A 6 -2.82 -11.96 -10.96
C GLY A 6 -3.49 -11.71 -12.30
N ILE A 7 -4.32 -10.71 -12.39
CA ILE A 7 -4.98 -10.40 -13.70
C ILE A 7 -4.94 -8.89 -13.95
N ILE A 8 -5.10 -8.48 -15.18
CA ILE A 8 -5.04 -7.02 -15.49
C ILE A 8 -6.44 -6.46 -15.65
N LEU A 9 -6.81 -5.51 -14.82
CA LEU A 9 -8.15 -4.88 -14.96
C LEU A 9 -8.02 -3.37 -14.71
N ARG A 10 -9.11 -2.67 -14.61
CA ARG A 10 -9.01 -1.20 -14.51
C ARG A 10 -9.35 -0.72 -13.09
N VAL A 11 -8.56 0.18 -12.57
CA VAL A 11 -8.79 0.68 -11.19
C VAL A 11 -10.14 1.39 -11.08
N ALA A 12 -10.93 1.05 -10.09
CA ALA A 12 -12.22 1.77 -9.88
C ALA A 12 -12.18 2.56 -8.58
N GLU A 13 -12.94 3.62 -8.50
CA GLU A 13 -13.01 4.39 -7.22
C GLU A 13 -14.06 5.51 -7.34
N ALA A 14 -15.16 5.37 -6.65
CA ALA A 14 -16.22 6.41 -6.73
C ALA A 14 -16.37 7.14 -5.39
N ASN A 15 -16.78 6.45 -4.36
CA ASN A 15 -16.94 7.10 -3.04
C ASN A 15 -15.95 6.51 -2.03
N SER A 16 -15.19 7.34 -1.37
CA SER A 16 -14.21 6.82 -0.37
C SER A 16 -14.19 7.73 0.86
N THR A 17 -14.84 7.33 1.92
CA THR A 17 -14.82 8.14 3.17
C THR A 17 -13.69 7.66 4.09
N ASP A 18 -13.15 6.51 3.83
CA ASP A 18 -12.02 6.00 4.65
C ASP A 18 -10.96 5.34 3.75
N PRO A 19 -10.29 6.16 3.00
CA PRO A 19 -9.24 5.66 2.08
C PRO A 19 -8.16 4.90 2.86
N GLY A 20 -7.66 3.82 2.31
CA GLY A 20 -6.64 3.03 3.02
C GLY A 20 -7.31 1.94 3.85
N MET A 21 -8.43 1.45 3.41
CA MET A 21 -9.08 0.31 4.11
C MET A 21 -8.52 -1.00 3.54
N SER A 22 -7.62 -0.91 2.60
CA SER A 22 -7.00 -2.15 2.04
C SER A 22 -8.08 -3.17 1.66
N ARG A 23 -9.17 -2.72 1.10
CA ARG A 23 -10.24 -3.68 0.68
C ARG A 23 -10.45 -3.61 -0.84
N VAL A 24 -10.57 -4.75 -1.48
CA VAL A 24 -10.85 -4.75 -2.94
C VAL A 24 -12.17 -5.47 -3.21
N ARG A 25 -13.10 -4.83 -3.87
CA ARG A 25 -14.37 -5.54 -4.19
C ARG A 25 -14.26 -6.19 -5.57
N LEU A 26 -14.40 -7.48 -5.62
CA LEU A 26 -14.24 -8.21 -6.92
C LEU A 26 -15.37 -9.21 -7.10
N ASP A 27 -15.57 -9.71 -8.29
CA ASP A 27 -16.67 -10.69 -8.50
C ASP A 27 -16.15 -12.12 -8.37
N GLU A 28 -17.00 -13.09 -8.59
CA GLU A 28 -16.58 -14.51 -8.39
C GLU A 28 -15.41 -14.83 -9.32
N SER A 29 -15.52 -14.46 -10.57
CA SER A 29 -14.43 -14.75 -11.53
C SER A 29 -13.17 -13.96 -11.18
N SER A 30 -13.33 -12.70 -10.85
CA SER A 30 -12.15 -11.90 -10.44
C SER A 30 -11.50 -12.51 -9.20
N ARG A 31 -12.28 -13.20 -8.41
CA ARG A 31 -11.71 -13.89 -7.21
C ARG A 31 -11.22 -15.29 -7.56
N ARG A 32 -11.99 -16.05 -8.28
CA ARG A 32 -11.57 -17.44 -8.65
C ARG A 32 -10.53 -17.38 -9.78
N LEU A 33 -10.35 -16.22 -10.35
CA LEU A 33 -9.34 -16.06 -11.43
C LEU A 33 -8.07 -16.83 -11.08
N LEU A 34 -7.79 -16.95 -9.81
CA LEU A 34 -6.60 -17.72 -9.38
C LEU A 34 -6.92 -18.55 -8.13
N ASP A 35 -7.28 -17.91 -7.06
CA ASP A 35 -7.59 -18.67 -5.82
C ASP A 35 -8.24 -17.77 -4.77
N ALA A 36 -7.90 -16.49 -4.81
CA ALA A 36 -8.39 -15.54 -3.76
C ALA A 36 -9.67 -16.05 -3.10
N GLU A 37 -9.61 -16.28 -1.82
CA GLU A 37 -10.85 -16.66 -1.07
C GLU A 37 -11.33 -15.47 -0.26
N ILE A 38 -12.42 -15.59 0.42
CA ILE A 38 -12.92 -14.44 1.22
C ILE A 38 -11.85 -14.00 2.23
N GLY A 39 -11.45 -12.77 2.18
CA GLY A 39 -10.51 -12.24 3.20
C GLY A 39 -9.10 -12.79 2.97
N ASP A 40 -8.75 -13.06 1.73
CA ASP A 40 -7.33 -13.39 1.43
C ASP A 40 -6.56 -12.11 1.12
N VAL A 41 -5.27 -12.21 0.94
CA VAL A 41 -4.47 -10.96 0.72
C VAL A 41 -4.21 -10.76 -0.77
N VAL A 42 -4.57 -9.64 -1.30
CA VAL A 42 -4.36 -9.41 -2.77
C VAL A 42 -3.29 -8.34 -2.99
N GLU A 43 -2.45 -8.54 -3.97
CA GLU A 43 -1.39 -7.53 -4.27
C GLU A 43 -1.72 -6.80 -5.57
N ILE A 44 -1.43 -5.54 -5.65
CA ILE A 44 -1.79 -4.77 -6.89
C ILE A 44 -0.53 -4.21 -7.54
N GLU A 45 -0.48 -4.16 -8.84
CA GLU A 45 0.77 -3.66 -9.49
C GLU A 45 0.46 -3.02 -10.85
N LYS A 46 0.16 -1.76 -10.87
CA LYS A 46 0.05 -1.02 -12.17
C LYS A 46 1.34 -0.25 -12.45
N VAL A 47 1.54 0.85 -11.77
CA VAL A 47 2.80 1.63 -11.95
C VAL A 47 3.83 1.17 -10.93
N ARG A 48 3.38 0.79 -9.76
CA ARG A 48 4.34 0.25 -8.74
C ARG A 48 3.65 -0.86 -7.94
N LYS A 49 4.30 -1.33 -6.91
CA LYS A 49 3.74 -2.49 -6.16
C LYS A 49 2.79 -2.01 -5.06
N THR A 50 1.64 -2.61 -5.00
CA THR A 50 0.63 -2.20 -3.98
C THR A 50 0.05 -3.43 -3.29
N VAL A 51 -0.50 -3.25 -2.11
CA VAL A 51 -1.12 -4.41 -1.40
C VAL A 51 -2.59 -4.12 -1.11
N GLY A 52 -3.36 -5.15 -0.82
CA GLY A 52 -4.76 -4.92 -0.40
C GLY A 52 -5.39 -6.26 -0.07
N ARG A 53 -6.64 -6.26 0.34
CA ARG A 53 -7.30 -7.54 0.68
C ARG A 53 -8.42 -7.83 -0.33
N VAL A 54 -9.12 -8.91 -0.15
CA VAL A 54 -10.17 -9.28 -1.15
C VAL A 54 -11.57 -9.11 -0.54
N TYR A 55 -12.46 -8.52 -1.29
CA TYR A 55 -13.87 -8.39 -0.80
C TYR A 55 -14.84 -8.92 -1.85
N ARG A 56 -16.08 -9.11 -1.47
CA ARG A 56 -17.08 -9.61 -2.45
C ARG A 56 -17.75 -8.43 -3.18
N ALA A 57 -17.70 -8.44 -4.49
CA ALA A 57 -18.32 -7.32 -5.25
C ALA A 57 -19.82 -7.28 -4.98
N ARG A 58 -20.34 -6.11 -4.68
CA ARG A 58 -21.82 -6.00 -4.50
C ARG A 58 -22.51 -6.41 -5.80
N PRO A 59 -21.96 -5.98 -6.91
CA PRO A 59 -22.51 -6.33 -8.21
C PRO A 59 -21.77 -7.55 -8.75
N GLU A 60 -22.36 -8.70 -8.62
CA GLU A 60 -21.67 -9.95 -9.03
C GLU A 60 -21.60 -10.07 -10.56
N ASP A 61 -21.49 -8.97 -11.25
CA ASP A 61 -21.42 -9.01 -12.73
C ASP A 61 -20.56 -7.86 -13.28
N GLU A 62 -20.47 -6.78 -12.56
CA GLU A 62 -19.66 -5.62 -13.05
C GLU A 62 -18.21 -5.82 -12.63
N ASN A 63 -18.01 -6.51 -11.54
CA ASN A 63 -16.63 -6.79 -11.07
C ASN A 63 -16.03 -7.97 -11.82
N LYS A 64 -16.23 -8.02 -13.11
CA LYS A 64 -15.63 -9.12 -13.92
C LYS A 64 -14.33 -8.61 -14.56
N GLY A 65 -13.92 -7.43 -14.20
CA GLY A 65 -12.66 -6.87 -14.73
C GLY A 65 -12.45 -5.46 -14.17
N ILE A 66 -12.95 -5.21 -13.00
CA ILE A 66 -12.73 -3.88 -12.36
C ILE A 66 -12.47 -4.06 -10.87
N VAL A 67 -11.63 -3.24 -10.30
CA VAL A 67 -11.37 -3.36 -8.84
C VAL A 67 -11.68 -2.03 -8.15
N ARG A 68 -12.45 -2.05 -7.09
CA ARG A 68 -12.77 -0.78 -6.40
C ARG A 68 -11.76 -0.51 -5.29
N ILE A 69 -10.98 0.54 -5.43
CA ILE A 69 -9.97 0.87 -4.38
C ILE A 69 -10.08 2.34 -3.97
N ASP A 70 -9.57 2.67 -2.82
CA ASP A 70 -9.57 4.10 -2.39
C ASP A 70 -8.41 4.85 -3.04
N SER A 71 -8.39 6.15 -2.94
CA SER A 71 -7.30 6.94 -3.56
C SER A 71 -5.94 6.48 -3.02
N VAL A 72 -5.92 5.88 -1.87
CA VAL A 72 -4.61 5.46 -1.27
C VAL A 72 -3.96 4.38 -2.14
N MET A 73 -4.69 3.38 -2.51
CA MET A 73 -4.13 2.34 -3.43
C MET A 73 -3.70 3.00 -4.73
N ARG A 74 -4.53 3.86 -5.27
CA ARG A 74 -4.13 4.62 -6.48
C ARG A 74 -2.88 5.47 -6.17
N ASN A 75 -2.82 6.06 -5.01
CA ASN A 75 -1.61 6.85 -4.64
C ASN A 75 -0.41 5.93 -4.44
N ASN A 76 -0.64 4.77 -3.89
CA ASN A 76 0.49 3.84 -3.59
C ASN A 76 1.24 3.49 -4.87
N CYS A 77 0.54 3.28 -5.95
CA CYS A 77 1.22 2.84 -7.21
C CYS A 77 1.44 4.04 -8.13
N GLY A 78 0.52 4.97 -8.17
CA GLY A 78 0.70 6.17 -9.02
C GLY A 78 -0.28 6.13 -10.19
N ALA A 79 -1.40 5.49 -10.01
CA ALA A 79 -2.33 5.28 -11.15
C ALA A 79 -3.48 6.29 -11.10
N SER A 80 -4.35 6.25 -12.07
CA SER A 80 -5.56 7.13 -12.05
C SER A 80 -6.80 6.25 -12.15
N ILE A 81 -7.98 6.82 -11.99
CA ILE A 81 -9.21 5.98 -12.10
C ILE A 81 -9.32 5.38 -13.49
N GLY A 82 -9.80 4.15 -13.56
CA GLY A 82 -10.08 3.54 -14.87
C GLY A 82 -8.78 3.16 -15.58
N ASP A 83 -7.66 3.42 -14.95
CA ASP A 83 -6.36 2.98 -15.53
C ASP A 83 -6.34 1.46 -15.69
N LYS A 84 -5.17 0.89 -15.77
CA LYS A 84 -5.06 -0.58 -15.87
C LYS A 84 -4.01 -1.10 -14.89
N VAL A 85 -4.42 -1.89 -13.93
CA VAL A 85 -3.44 -2.45 -12.96
C VAL A 85 -3.50 -3.98 -12.99
N LYS A 86 -2.47 -4.63 -12.51
CA LYS A 86 -2.49 -6.11 -12.44
C LYS A 86 -2.63 -6.54 -10.97
N VAL A 87 -3.67 -7.26 -10.66
CA VAL A 87 -3.87 -7.66 -9.24
C VAL A 87 -3.49 -9.14 -9.04
N ARG A 88 -2.58 -9.40 -8.15
CA ARG A 88 -2.17 -10.81 -7.92
C ARG A 88 -2.66 -11.28 -6.56
N LYS A 89 -2.98 -12.53 -6.42
CA LYS A 89 -3.52 -13.02 -5.11
C LYS A 89 -2.39 -13.56 -4.23
N VAL A 90 -2.40 -13.20 -2.98
CA VAL A 90 -1.36 -13.69 -2.03
C VAL A 90 -1.94 -13.80 -0.63
N ARG A 91 -1.10 -14.03 0.34
CA ARG A 91 -1.60 -14.12 1.75
C ARG A 91 -0.70 -13.28 2.68
N THR A 92 -1.17 -13.01 3.86
CA THR A 92 -0.39 -12.12 4.78
C THR A 92 0.59 -12.93 5.63
N GLU A 93 1.58 -12.27 6.14
CA GLU A 93 2.55 -12.95 7.06
C GLU A 93 3.11 -11.91 8.04
N ILE A 94 3.82 -12.35 9.04
CA ILE A 94 4.34 -11.36 10.04
C ILE A 94 5.70 -10.83 9.60
N ALA A 95 5.75 -9.65 9.04
CA ALA A 95 7.06 -9.06 8.62
C ALA A 95 8.01 -9.00 9.82
N LYS A 96 9.24 -9.39 9.62
CA LYS A 96 10.21 -9.35 10.75
C LYS A 96 11.06 -8.07 10.71
N LYS A 97 11.31 -7.52 9.55
CA LYS A 97 12.16 -6.29 9.49
C LYS A 97 11.77 -5.43 8.27
N VAL A 98 11.47 -4.17 8.47
CA VAL A 98 11.11 -3.29 7.32
C VAL A 98 11.80 -1.93 7.43
N THR A 99 12.16 -1.35 6.31
CA THR A 99 12.85 -0.02 6.34
C THR A 99 12.01 1.02 5.57
N LEU A 100 11.92 2.22 6.07
CA LEU A 100 11.08 3.25 5.39
C LEU A 100 11.83 4.57 5.30
N ALA A 101 11.34 5.48 4.48
CA ALA A 101 12.04 6.78 4.32
C ALA A 101 11.03 7.93 4.25
N PRO A 102 10.71 8.46 5.40
CA PRO A 102 9.74 9.58 5.48
C PRO A 102 10.24 10.78 4.67
N ILE A 103 9.43 11.31 3.81
CA ILE A 103 9.85 12.51 3.02
C ILE A 103 9.47 13.79 3.76
N ILE A 104 10.37 14.33 4.54
CA ILE A 104 10.07 15.60 5.25
C ILE A 104 11.36 16.40 5.47
N ARG A 105 11.29 17.39 6.31
CA ARG A 105 12.52 18.14 6.69
C ARG A 105 13.11 17.54 7.96
N LYS A 106 14.40 17.66 8.15
CA LYS A 106 15.04 17.02 9.33
C LYS A 106 14.42 17.56 10.62
N ASP A 107 13.76 18.68 10.54
CA ASP A 107 13.20 19.32 11.75
C ASP A 107 11.69 19.11 11.85
N GLN A 108 11.13 18.28 11.01
CA GLN A 108 9.65 18.08 11.06
C GLN A 108 9.29 16.91 11.98
N ARG A 109 9.40 15.70 11.50
CA ARG A 109 8.97 14.53 12.33
C ARG A 109 10.15 13.60 12.61
N LEU A 110 11.21 13.72 11.87
CA LEU A 110 12.36 12.78 12.05
C LEU A 110 13.42 13.44 12.93
N LYS A 111 13.01 14.03 14.02
CA LYS A 111 13.99 14.67 14.94
C LYS A 111 13.63 14.35 16.41
N PHE A 112 13.69 13.10 16.78
CA PHE A 112 13.32 12.73 18.19
C PHE A 112 14.26 11.66 18.73
N GLY A 113 14.29 10.51 18.08
CA GLY A 113 15.15 9.41 18.59
C GLY A 113 14.47 8.75 19.79
N GLU A 114 15.14 7.84 20.45
CA GLU A 114 14.53 7.21 21.66
C GLU A 114 13.09 6.78 21.39
N GLY A 115 12.91 5.59 20.89
CA GLY A 115 11.52 5.07 20.70
C GLY A 115 10.97 5.52 19.35
N ILE A 116 11.72 6.29 18.62
CA ILE A 116 11.26 6.73 17.28
C ILE A 116 11.11 5.52 16.34
N GLU A 117 12.03 4.60 16.41
CA GLU A 117 11.91 3.37 15.57
C GLU A 117 10.72 2.53 16.06
N GLU A 118 10.55 2.45 17.35
CA GLU A 118 9.36 1.71 17.89
C GLU A 118 8.09 2.52 17.59
N TYR A 119 8.19 3.82 17.56
CA TYR A 119 7.00 4.65 17.24
C TYR A 119 6.47 4.30 15.85
N VAL A 120 7.35 4.10 14.90
CA VAL A 120 6.90 3.63 13.56
C VAL A 120 6.20 2.29 13.69
N GLN A 121 6.77 1.38 14.44
CA GLN A 121 6.13 0.06 14.65
C GLN A 121 4.76 0.24 15.32
N ARG A 122 4.68 1.11 16.29
CA ARG A 122 3.39 1.30 17.01
C ARG A 122 2.33 1.80 16.03
N ALA A 123 2.65 2.78 15.25
CA ALA A 123 1.64 3.37 14.33
C ALA A 123 1.32 2.38 13.20
N LEU A 124 2.31 1.70 12.70
CA LEU A 124 2.08 0.78 11.55
C LEU A 124 1.83 -0.64 12.04
N ILE A 125 1.95 -0.86 13.32
CA ILE A 125 1.87 -2.26 13.82
C ILE A 125 0.67 -2.98 13.19
N ARG A 126 0.61 -4.27 13.33
CA ARG A 126 -0.53 -5.07 12.77
C ARG A 126 -1.05 -4.47 11.46
N ARG A 127 -0.17 -4.14 10.52
CA ARG A 127 -0.68 -3.65 9.21
C ARG A 127 0.07 -4.28 8.03
N PRO A 128 -0.64 -4.44 6.94
CA PRO A 128 -0.05 -5.01 5.69
C PRO A 128 1.02 -4.06 5.14
N MET A 129 2.19 -4.54 4.83
CA MET A 129 3.22 -3.60 4.28
C MET A 129 3.85 -4.15 3.00
N LEU A 130 4.26 -3.27 2.13
CA LEU A 130 4.81 -3.71 0.83
C LEU A 130 5.94 -2.77 0.41
N GLU A 131 7.16 -3.23 0.47
CA GLU A 131 8.31 -2.33 0.16
C GLU A 131 8.02 -1.51 -1.09
N GLN A 132 8.45 -0.27 -1.10
CA GLN A 132 8.21 0.63 -2.27
C GLN A 132 6.80 1.20 -2.20
N ASP A 133 6.03 0.82 -1.20
CA ASP A 133 4.70 1.46 -1.01
C ASP A 133 4.88 2.90 -0.56
N ASN A 134 3.80 3.62 -0.36
CA ASN A 134 3.90 5.04 0.05
C ASN A 134 2.70 5.42 0.91
N ILE A 135 2.91 6.14 1.97
CA ILE A 135 1.75 6.52 2.84
C ILE A 135 1.92 7.96 3.33
N SER A 136 0.85 8.54 3.79
CA SER A 136 0.96 9.93 4.33
C SER A 136 0.05 10.08 5.57
N VAL A 137 0.48 10.84 6.54
CA VAL A 137 -0.36 11.03 7.76
C VAL A 137 -0.55 12.53 8.06
N PRO A 138 0.50 13.20 8.46
CA PRO A 138 0.39 14.65 8.77
C PRO A 138 0.19 15.46 7.48
N GLY A 139 -0.85 16.23 7.41
CA GLY A 139 -1.08 17.07 6.19
C GLY A 139 -0.53 18.47 6.43
N LEU A 140 0.67 18.57 6.94
CA LEU A 140 1.25 19.91 7.24
C LEU A 140 2.64 20.04 6.58
N THR A 141 3.04 21.25 6.27
CA THR A 141 4.37 21.43 5.63
C THR A 141 5.05 22.69 6.16
N LEU A 142 6.10 23.11 5.51
CA LEU A 142 6.83 24.33 5.97
C LEU A 142 7.16 25.21 4.76
N ALA A 143 8.41 25.30 4.42
CA ALA A 143 8.81 26.11 3.22
C ALA A 143 8.01 25.66 2.00
N GLY A 144 8.50 25.96 0.83
CA GLY A 144 7.83 25.47 -0.40
C GLY A 144 8.23 24.02 -0.67
N GLN A 145 8.01 23.16 0.30
CA GLN A 145 8.36 21.72 0.11
C GLN A 145 7.11 20.90 -0.23
N THR A 146 7.30 19.75 -0.81
CA THR A 146 6.12 18.88 -1.12
C THR A 146 6.47 17.41 -0.84
N GLY A 147 5.49 16.60 -0.59
CA GLY A 147 5.77 15.17 -0.30
C GLY A 147 5.27 14.81 1.10
N LEU A 148 6.06 15.07 2.11
CA LEU A 148 5.60 14.79 3.52
C LEU A 148 4.88 13.43 3.60
N LEU A 149 5.49 12.39 3.08
CA LEU A 149 4.86 11.05 3.17
C LEU A 149 5.92 9.99 3.45
N PHE A 150 5.53 8.80 3.83
CA PHE A 150 6.53 7.74 4.13
C PHE A 150 6.80 6.91 2.88
N LYS A 151 8.05 6.73 2.54
CA LYS A 151 8.38 5.91 1.33
C LYS A 151 9.07 4.62 1.77
N VAL A 152 8.36 3.51 1.74
CA VAL A 152 8.99 2.22 2.14
C VAL A 152 9.86 1.70 1.01
N VAL A 153 10.99 1.14 1.33
CA VAL A 153 11.91 0.70 0.24
C VAL A 153 12.41 -0.74 0.48
N LYS A 154 12.44 -1.19 1.71
CA LYS A 154 12.98 -2.55 1.95
C LYS A 154 12.16 -3.28 3.02
N THR A 155 11.74 -4.47 2.74
CA THR A 155 11.05 -5.30 3.76
C THR A 155 11.69 -6.68 3.81
N LEU A 156 11.40 -7.44 4.83
CA LEU A 156 12.07 -8.77 4.96
C LEU A 156 11.27 -9.86 4.24
N PRO A 157 9.96 -9.74 4.28
CA PRO A 157 9.11 -10.76 3.59
C PRO A 157 9.54 -10.93 2.13
N SER A 158 8.87 -11.77 1.41
CA SER A 158 9.25 -12.00 -0.02
C SER A 158 8.59 -10.96 -0.91
N LYS A 159 8.71 -9.72 -0.57
CA LYS A 159 8.08 -8.63 -1.38
C LYS A 159 6.57 -8.84 -1.43
N VAL A 160 6.04 -9.58 -0.51
CA VAL A 160 4.56 -9.82 -0.49
C VAL A 160 3.92 -9.09 0.69
N PRO A 161 2.65 -8.88 0.58
CA PRO A 161 1.88 -8.19 1.65
C PRO A 161 2.12 -8.89 2.99
N VAL A 162 2.59 -8.16 3.97
CA VAL A 162 2.74 -8.77 5.32
C VAL A 162 2.09 -7.88 6.36
N GLU A 163 1.76 -8.43 7.49
CA GLU A 163 1.19 -7.59 8.57
C GLU A 163 2.23 -7.32 9.64
N ILE A 164 2.43 -6.08 9.97
CA ILE A 164 3.45 -5.72 10.98
C ILE A 164 3.00 -6.19 12.37
N GLY A 165 3.92 -6.43 13.26
CA GLY A 165 3.54 -6.80 14.64
C GLY A 165 4.51 -6.16 15.61
N GLU A 166 4.23 -6.22 16.89
CA GLU A 166 5.11 -5.57 17.89
C GLU A 166 6.54 -6.11 17.75
N GLU A 167 6.70 -7.27 17.17
CA GLU A 167 8.05 -7.90 17.08
C GLU A 167 8.74 -7.47 15.79
N THR A 168 7.97 -7.03 14.83
CA THR A 168 8.58 -6.66 13.52
C THR A 168 9.68 -5.62 13.72
N LYS A 169 10.77 -5.77 13.01
CA LYS A 169 11.88 -4.79 13.16
C LYS A 169 11.74 -3.69 12.13
N ILE A 170 12.19 -2.51 12.44
CA ILE A 170 12.00 -1.38 11.49
C ILE A 170 13.32 -0.64 11.26
N GLU A 171 13.39 0.09 10.19
CA GLU A 171 14.59 0.93 9.93
C GLU A 171 14.17 2.31 9.47
N ILE A 172 14.80 3.33 9.99
CA ILE A 172 14.46 4.71 9.56
C ILE A 172 15.69 5.39 8.96
N ARG A 173 15.62 5.82 7.75
CA ARG A 173 16.82 6.47 7.13
C ARG A 173 16.83 7.97 7.43
N GLU A 174 17.99 8.55 7.52
CA GLU A 174 18.07 10.00 7.89
C GLU A 174 18.03 10.88 6.65
N GLU A 175 17.95 10.28 5.49
CA GLU A 175 17.89 11.09 4.24
C GLU A 175 16.44 11.22 3.76
N PRO A 176 15.93 12.42 3.90
CA PRO A 176 14.54 12.71 3.50
C PRO A 176 14.41 12.72 1.99
N ALA A 177 13.46 13.44 1.49
CA ALA A 177 13.30 13.57 0.01
C ALA A 177 14.40 14.44 -0.56
N SER A 178 15.64 14.11 -0.29
CA SER A 178 16.77 14.94 -0.81
C SER A 178 17.30 14.32 -2.11
N GLU A 179 17.26 15.07 -3.18
CA GLU A 179 17.71 14.51 -4.49
C GLU A 179 16.88 13.28 -4.86
N VAL A 180 15.72 13.15 -4.27
CA VAL A 180 14.86 11.97 -4.55
C VAL A 180 14.20 12.10 -5.92
N LEU A 181 14.13 11.03 -6.66
CA LEU A 181 13.54 11.11 -8.04
C LEU A 181 12.30 10.21 -8.13
N GLU A 182 11.23 10.59 -7.49
CA GLU A 182 9.97 9.79 -7.59
C GLU A 182 9.51 9.73 -9.05
N GLU A 183 9.63 10.82 -9.76
CA GLU A 183 9.17 10.85 -11.18
C GLU A 183 7.68 10.50 -11.26
N GLY A 184 6.89 11.00 -10.34
CA GLY A 184 5.42 10.74 -10.39
C GLY A 184 4.84 11.36 -11.66
N GLY A 185 5.29 12.53 -12.03
CA GLY A 185 4.75 13.19 -13.24
C GLY A 185 3.59 14.10 -12.85
N MET A 1 -0.75 -21.98 -8.80
CA MET A 1 0.62 -22.44 -9.18
C MET A 1 1.65 -21.90 -8.18
N GLU A 2 2.83 -22.48 -8.16
CA GLU A 2 3.88 -21.99 -7.22
C GLU A 2 4.22 -20.53 -7.53
N SER A 3 4.27 -20.17 -8.78
CA SER A 3 4.61 -18.77 -9.15
C SER A 3 3.47 -17.82 -8.78
N ASN A 4 3.78 -16.59 -8.48
CA ASN A 4 2.72 -15.61 -8.10
C ASN A 4 2.18 -14.91 -9.35
N ASN A 5 0.88 -14.91 -9.53
CA ASN A 5 0.30 -14.25 -10.73
C ASN A 5 -1.07 -13.64 -10.39
N GLY A 6 -1.60 -12.84 -11.28
CA GLY A 6 -2.91 -12.18 -11.02
C GLY A 6 -3.64 -11.93 -12.33
N ILE A 7 -4.51 -10.96 -12.36
CA ILE A 7 -5.23 -10.63 -13.63
C ILE A 7 -5.15 -9.12 -13.87
N ILE A 8 -5.35 -8.69 -15.09
CA ILE A 8 -5.23 -7.23 -15.38
C ILE A 8 -6.61 -6.57 -15.44
N LEU A 9 -6.83 -5.57 -14.63
CA LEU A 9 -8.13 -4.84 -14.68
C LEU A 9 -7.88 -3.34 -14.50
N ARG A 10 -8.91 -2.56 -14.44
CA ARG A 10 -8.69 -1.08 -14.38
C ARG A 10 -9.08 -0.53 -13.00
N VAL A 11 -8.30 0.38 -12.50
CA VAL A 11 -8.57 0.96 -11.16
C VAL A 11 -9.93 1.68 -11.14
N ALA A 12 -10.75 1.39 -10.18
CA ALA A 12 -12.07 2.10 -10.08
C ALA A 12 -12.06 3.08 -8.91
N GLU A 13 -12.83 4.13 -9.00
CA GLU A 13 -12.92 5.10 -7.87
C GLU A 13 -13.93 6.19 -8.19
N ALA A 14 -14.48 6.81 -7.18
CA ALA A 14 -15.49 7.89 -7.44
C ALA A 14 -15.76 8.67 -6.15
N ASN A 15 -16.45 8.08 -5.22
CA ASN A 15 -16.76 8.80 -3.95
C ASN A 15 -16.69 7.83 -2.76
N SER A 16 -15.75 8.03 -1.88
CA SER A 16 -15.63 7.13 -0.70
C SER A 16 -14.83 7.81 0.41
N THR A 17 -14.90 7.30 1.61
CA THR A 17 -14.11 7.91 2.72
C THR A 17 -12.62 7.64 2.52
N ASP A 18 -11.78 8.41 3.15
CA ASP A 18 -10.32 8.25 2.94
C ASP A 18 -9.88 6.80 3.22
N PRO A 19 -10.44 6.23 4.25
CA PRO A 19 -10.09 4.83 4.62
C PRO A 19 -10.58 3.85 3.55
N GLY A 20 -10.20 2.60 3.65
CA GLY A 20 -10.63 1.61 2.62
C GLY A 20 -9.59 1.52 1.51
N MET A 21 -8.39 1.95 1.78
CA MET A 21 -7.31 1.81 0.77
C MET A 21 -6.65 0.44 0.92
N SER A 22 -7.15 -0.37 1.80
CA SER A 22 -6.56 -1.74 1.99
C SER A 22 -7.59 -2.81 1.66
N ARG A 23 -8.69 -2.44 1.03
CA ARG A 23 -9.73 -3.45 0.70
C ARG A 23 -10.01 -3.43 -0.81
N VAL A 24 -10.20 -4.57 -1.42
CA VAL A 24 -10.51 -4.60 -2.87
C VAL A 24 -11.87 -5.25 -3.09
N ARG A 25 -12.81 -4.54 -3.64
CA ARG A 25 -14.13 -5.17 -3.92
C ARG A 25 -14.10 -5.81 -5.31
N LEU A 26 -14.25 -7.09 -5.36
CA LEU A 26 -14.18 -7.80 -6.67
C LEU A 26 -15.31 -8.83 -6.75
N ASP A 27 -15.54 -9.41 -7.90
CA ASP A 27 -16.69 -10.36 -8.02
C ASP A 27 -16.23 -11.81 -7.88
N GLU A 28 -17.10 -12.75 -8.13
CA GLU A 28 -16.74 -14.18 -7.97
C GLU A 28 -15.57 -14.52 -8.90
N SER A 29 -15.68 -14.14 -10.13
CA SER A 29 -14.59 -14.44 -11.11
C SER A 29 -13.29 -13.74 -10.69
N SER A 30 -13.36 -12.49 -10.35
CA SER A 30 -12.14 -11.77 -9.91
C SER A 30 -11.54 -12.50 -8.69
N ARG A 31 -12.37 -13.14 -7.91
CA ARG A 31 -11.85 -13.91 -6.74
C ARG A 31 -11.43 -15.33 -7.15
N ARG A 32 -12.25 -16.00 -7.91
CA ARG A 32 -11.90 -17.40 -8.33
C ARG A 32 -10.90 -17.37 -9.50
N LEU A 33 -10.60 -16.20 -9.99
CA LEU A 33 -9.64 -16.08 -11.12
C LEU A 33 -8.39 -16.91 -10.84
N LEU A 34 -8.07 -17.10 -9.59
CA LEU A 34 -6.90 -17.93 -9.22
C LEU A 34 -7.22 -18.81 -8.01
N ASP A 35 -7.55 -18.19 -6.91
CA ASP A 35 -7.88 -18.97 -5.69
C ASP A 35 -8.45 -18.04 -4.61
N ALA A 36 -8.01 -16.81 -4.60
CA ALA A 36 -8.47 -15.83 -3.58
C ALA A 36 -9.78 -16.25 -2.93
N GLU A 37 -9.80 -16.33 -1.64
CA GLU A 37 -11.07 -16.57 -0.92
C GLU A 37 -11.36 -15.36 -0.03
N ILE A 38 -12.43 -15.37 0.69
CA ILE A 38 -12.72 -14.21 1.57
C ILE A 38 -11.58 -14.04 2.58
N GLY A 39 -11.07 -12.84 2.70
CA GLY A 39 -10.05 -12.56 3.75
C GLY A 39 -8.67 -13.06 3.33
N ASP A 40 -8.45 -13.30 2.05
CA ASP A 40 -7.07 -13.65 1.61
C ASP A 40 -6.32 -12.37 1.22
N VAL A 41 -5.04 -12.46 0.95
CA VAL A 41 -4.25 -11.22 0.66
C VAL A 41 -4.08 -11.04 -0.84
N VAL A 42 -4.21 -9.83 -1.32
CA VAL A 42 -4.05 -9.59 -2.77
C VAL A 42 -3.01 -8.48 -3.01
N GLU A 43 -2.18 -8.65 -4.01
CA GLU A 43 -1.16 -7.62 -4.31
C GLU A 43 -1.54 -6.87 -5.58
N ILE A 44 -1.25 -5.60 -5.65
CA ILE A 44 -1.64 -4.82 -6.87
C ILE A 44 -0.41 -4.24 -7.54
N GLU A 45 -0.42 -4.10 -8.84
CA GLU A 45 0.76 -3.55 -9.54
C GLU A 45 0.34 -2.84 -10.83
N LYS A 46 0.14 -1.56 -10.78
CA LYS A 46 -0.13 -0.78 -12.04
C LYS A 46 1.16 -0.11 -12.52
N VAL A 47 1.64 0.83 -11.76
CA VAL A 47 2.94 1.47 -12.09
C VAL A 47 4.02 0.99 -11.11
N ARG A 48 3.62 0.71 -9.90
CA ARG A 48 4.59 0.17 -8.91
C ARG A 48 3.91 -0.96 -8.13
N LYS A 49 4.54 -1.46 -7.12
CA LYS A 49 3.93 -2.59 -6.36
C LYS A 49 3.02 -2.09 -5.24
N THR A 50 1.90 -2.73 -5.08
CA THR A 50 0.95 -2.32 -4.01
C THR A 50 0.39 -3.57 -3.31
N VAL A 51 -0.14 -3.39 -2.12
CA VAL A 51 -0.75 -4.54 -1.39
C VAL A 51 -2.21 -4.23 -1.03
N GLY A 52 -2.99 -5.24 -0.74
CA GLY A 52 -4.37 -4.96 -0.28
C GLY A 52 -5.06 -6.29 0.05
N ARG A 53 -6.29 -6.23 0.47
CA ARG A 53 -7.01 -7.47 0.88
C ARG A 53 -8.28 -7.63 0.03
N VAL A 54 -8.90 -8.78 0.11
CA VAL A 54 -10.04 -9.07 -0.80
C VAL A 54 -11.37 -8.65 -0.17
N TYR A 55 -12.23 -8.06 -0.96
CA TYR A 55 -13.60 -7.74 -0.47
C TYR A 55 -14.64 -8.28 -1.45
N ARG A 56 -15.86 -8.39 -1.03
CA ARG A 56 -16.93 -8.90 -1.94
C ARG A 56 -17.56 -7.73 -2.71
N ALA A 57 -17.55 -7.79 -4.01
CA ALA A 57 -18.15 -6.68 -4.81
C ALA A 57 -19.65 -6.60 -4.54
N ARG A 58 -20.18 -5.42 -4.42
CA ARG A 58 -21.66 -5.29 -4.29
C ARG A 58 -22.32 -5.89 -5.54
N PRO A 59 -21.83 -5.47 -6.68
CA PRO A 59 -22.35 -5.98 -7.95
C PRO A 59 -21.53 -7.20 -8.37
N GLU A 60 -22.04 -8.35 -8.12
CA GLU A 60 -21.26 -9.61 -8.37
C GLU A 60 -21.18 -9.91 -9.86
N ASP A 61 -21.07 -8.91 -10.69
CA ASP A 61 -21.03 -9.17 -12.16
C ASP A 61 -20.10 -8.17 -12.87
N GLU A 62 -20.07 -6.95 -12.43
CA GLU A 62 -19.21 -5.94 -13.12
C GLU A 62 -17.79 -5.99 -12.56
N ASN A 63 -17.64 -6.46 -11.35
CA ASN A 63 -16.28 -6.55 -10.76
C ASN A 63 -15.56 -7.83 -11.23
N LYS A 64 -15.75 -8.21 -12.47
CA LYS A 64 -15.03 -9.39 -13.01
C LYS A 64 -13.80 -8.93 -13.80
N GLY A 65 -13.38 -7.72 -13.58
CA GLY A 65 -12.19 -7.18 -14.29
C GLY A 65 -11.96 -5.73 -13.89
N ILE A 66 -12.50 -5.33 -12.76
CA ILE A 66 -12.26 -3.95 -12.27
C ILE A 66 -12.10 -3.99 -10.74
N VAL A 67 -11.45 -3.01 -10.17
CA VAL A 67 -11.30 -3.00 -8.69
C VAL A 67 -11.58 -1.61 -8.14
N ARG A 68 -12.40 -1.50 -7.13
CA ARG A 68 -12.70 -0.15 -6.57
C ARG A 68 -11.82 0.11 -5.35
N ILE A 69 -11.00 1.12 -5.42
CA ILE A 69 -10.09 1.43 -4.28
C ILE A 69 -10.16 2.93 -3.94
N ASP A 70 -9.54 3.32 -2.86
CA ASP A 70 -9.51 4.78 -2.51
C ASP A 70 -8.45 5.48 -3.35
N SER A 71 -8.42 6.79 -3.31
CA SER A 71 -7.41 7.54 -4.12
C SER A 71 -6.00 7.24 -3.59
N VAL A 72 -5.89 6.90 -2.33
CA VAL A 72 -4.54 6.63 -1.76
C VAL A 72 -3.97 5.35 -2.35
N MET A 73 -4.75 4.31 -2.42
CA MET A 73 -4.25 3.05 -3.03
C MET A 73 -3.87 3.31 -4.48
N ARG A 74 -4.69 4.01 -5.21
CA ARG A 74 -4.32 4.40 -6.60
C ARG A 74 -3.04 5.24 -6.57
N ASN A 75 -2.92 6.13 -5.61
CA ASN A 75 -1.71 6.98 -5.53
C ASN A 75 -0.50 6.15 -5.09
N ASN A 76 -0.72 5.05 -4.42
CA ASN A 76 0.42 4.22 -3.94
C ASN A 76 1.28 3.76 -5.12
N CYS A 77 0.66 3.45 -6.23
CA CYS A 77 1.45 2.97 -7.40
C CYS A 77 1.70 4.11 -8.38
N GLY A 78 0.72 4.97 -8.58
CA GLY A 78 0.92 6.14 -9.48
C GLY A 78 -0.04 6.05 -10.68
N ALA A 79 -1.23 5.55 -10.46
CA ALA A 79 -2.17 5.36 -11.59
C ALA A 79 -3.33 6.36 -11.50
N SER A 80 -4.11 6.48 -12.54
CA SER A 80 -5.30 7.37 -12.50
C SER A 80 -6.56 6.53 -12.59
N ILE A 81 -7.70 7.10 -12.37
CA ILE A 81 -8.95 6.30 -12.47
C ILE A 81 -9.06 5.61 -13.81
N GLY A 82 -9.50 4.38 -13.81
CA GLY A 82 -9.79 3.69 -15.08
C GLY A 82 -8.48 3.21 -15.73
N ASP A 83 -7.37 3.43 -15.08
CA ASP A 83 -6.08 2.91 -15.60
C ASP A 83 -6.14 1.39 -15.74
N LYS A 84 -5.01 0.75 -15.85
CA LYS A 84 -4.99 -0.73 -15.97
C LYS A 84 -3.93 -1.30 -15.03
N VAL A 85 -4.34 -2.02 -14.03
CA VAL A 85 -3.36 -2.64 -13.08
C VAL A 85 -3.60 -4.15 -13.01
N LYS A 86 -2.63 -4.90 -12.57
CA LYS A 86 -2.81 -6.37 -12.46
C LYS A 86 -2.87 -6.78 -11.00
N VAL A 87 -3.91 -7.47 -10.60
CA VAL A 87 -4.03 -7.88 -9.17
C VAL A 87 -3.58 -9.35 -9.01
N ARG A 88 -2.57 -9.57 -8.22
CA ARG A 88 -2.13 -10.98 -7.97
C ARG A 88 -2.61 -11.42 -6.59
N LYS A 89 -2.96 -12.66 -6.43
CA LYS A 89 -3.49 -13.09 -5.10
C LYS A 89 -2.40 -13.78 -4.28
N VAL A 90 -2.30 -13.44 -3.03
CA VAL A 90 -1.28 -14.07 -2.15
C VAL A 90 -1.79 -14.11 -0.71
N ARG A 91 -0.91 -14.36 0.22
CA ARG A 91 -1.31 -14.36 1.66
C ARG A 91 -0.40 -13.45 2.47
N THR A 92 -0.72 -13.24 3.72
CA THR A 92 0.10 -12.31 4.54
C THR A 92 0.98 -13.08 5.53
N GLU A 93 1.97 -12.41 6.06
CA GLU A 93 2.85 -13.03 7.10
C GLU A 93 3.36 -11.93 8.02
N ILE A 94 3.98 -12.26 9.11
CA ILE A 94 4.47 -11.20 10.03
C ILE A 94 5.89 -10.78 9.63
N ALA A 95 6.02 -9.68 8.95
CA ALA A 95 7.37 -9.20 8.54
C ALA A 95 8.28 -9.10 9.76
N LYS A 96 9.52 -9.48 9.62
CA LYS A 96 10.45 -9.41 10.79
C LYS A 96 11.27 -8.11 10.77
N LYS A 97 11.52 -7.55 9.60
CA LYS A 97 12.28 -6.26 9.56
C LYS A 97 11.87 -5.45 8.33
N VAL A 98 11.36 -4.26 8.52
CA VAL A 98 10.95 -3.44 7.34
C VAL A 98 11.53 -2.02 7.44
N THR A 99 11.97 -1.48 6.34
CA THR A 99 12.57 -0.10 6.34
C THR A 99 11.73 0.85 5.49
N LEU A 100 11.68 2.10 5.84
CA LEU A 100 10.89 3.06 5.01
C LEU A 100 11.48 4.47 5.09
N ALA A 101 10.89 5.41 4.41
CA ALA A 101 11.50 6.77 4.35
C ALA A 101 10.42 7.86 4.33
N PRO A 102 10.22 8.45 5.47
CA PRO A 102 9.21 9.53 5.60
C PRO A 102 9.64 10.75 4.78
N ILE A 103 8.76 11.26 3.96
CA ILE A 103 9.13 12.43 3.10
C ILE A 103 8.81 13.74 3.83
N ILE A 104 9.82 14.47 4.22
CA ILE A 104 9.58 15.78 4.90
C ILE A 104 10.71 16.75 4.57
N ARG A 105 10.89 17.72 5.42
CA ARG A 105 11.97 18.72 5.21
C ARG A 105 12.82 18.88 6.47
N LYS A 106 14.00 19.43 6.33
CA LYS A 106 14.89 19.62 7.52
C LYS A 106 14.16 20.44 8.59
N ASP A 107 13.12 21.11 8.19
CA ASP A 107 12.32 21.89 9.16
C ASP A 107 11.03 21.14 9.50
N GLN A 108 11.11 19.83 9.49
CA GLN A 108 9.88 19.03 9.73
C GLN A 108 9.58 18.94 11.23
N ARG A 109 8.33 18.89 11.58
CA ARG A 109 7.95 18.95 13.02
C ARG A 109 7.90 17.53 13.61
N LEU A 110 7.93 16.52 12.79
CA LEU A 110 7.83 15.14 13.33
C LEU A 110 9.22 14.52 13.45
N LYS A 111 10.12 15.21 14.09
CA LYS A 111 11.47 14.61 14.37
C LYS A 111 11.57 14.21 15.84
N PHE A 112 11.33 12.97 16.15
CA PHE A 112 11.37 12.56 17.58
C PHE A 112 12.69 11.84 17.89
N GLY A 113 12.92 10.73 17.24
CA GLY A 113 14.18 9.96 17.53
C GLY A 113 14.01 9.22 18.85
N GLU A 114 14.96 8.39 19.21
CA GLU A 114 14.83 7.65 20.50
C GLU A 114 13.45 7.01 20.61
N GLY A 115 13.32 5.78 20.23
CA GLY A 115 12.01 5.08 20.37
C GLY A 115 11.12 5.37 19.16
N ILE A 116 11.57 6.24 18.29
CA ILE A 116 10.80 6.53 17.05
C ILE A 116 10.64 5.26 16.22
N GLU A 117 11.66 4.44 16.16
CA GLU A 117 11.53 3.16 15.40
C GLU A 117 10.41 2.30 15.98
N GLU A 118 10.32 2.25 17.28
CA GLU A 118 9.19 1.53 17.92
C GLU A 118 7.89 2.29 17.67
N TYR A 119 7.96 3.60 17.66
CA TYR A 119 6.74 4.41 17.41
C TYR A 119 6.17 4.07 16.03
N VAL A 120 7.03 3.92 15.05
CA VAL A 120 6.55 3.48 13.71
C VAL A 120 5.88 2.11 13.85
N GLN A 121 6.50 1.21 14.57
CA GLN A 121 5.89 -0.13 14.78
C GLN A 121 4.54 0.01 15.48
N ARG A 122 4.46 0.87 16.46
CA ARG A 122 3.16 1.07 17.17
C ARG A 122 2.09 1.52 16.18
N ALA A 123 2.40 2.52 15.41
CA ALA A 123 1.39 3.04 14.44
C ALA A 123 1.18 2.05 13.29
N LEU A 124 2.23 1.45 12.82
CA LEU A 124 2.11 0.55 11.62
C LEU A 124 1.90 -0.91 12.06
N ILE A 125 1.88 -1.16 13.33
CA ILE A 125 1.74 -2.57 13.79
C ILE A 125 0.61 -3.27 13.04
N ARG A 126 0.54 -4.57 13.11
CA ARG A 126 -0.53 -5.33 12.36
C ARG A 126 -0.92 -4.62 11.07
N ARG A 127 0.04 -4.20 10.29
CA ARG A 127 -0.29 -3.53 9.00
C ARG A 127 0.47 -4.18 7.84
N PRO A 128 -0.24 -4.44 6.78
CA PRO A 128 0.36 -5.07 5.57
C PRO A 128 1.50 -4.18 5.05
N MET A 129 2.61 -4.76 4.63
CA MET A 129 3.73 -3.89 4.14
C MET A 129 4.29 -4.40 2.83
N LEU A 130 4.73 -3.51 1.99
CA LEU A 130 5.27 -3.90 0.67
C LEU A 130 6.38 -2.92 0.26
N GLU A 131 7.60 -3.37 0.21
CA GLU A 131 8.71 -2.43 -0.09
C GLU A 131 8.35 -1.54 -1.28
N GLN A 132 8.69 -0.27 -1.20
CA GLN A 132 8.37 0.68 -2.29
C GLN A 132 6.91 1.14 -2.21
N ASP A 133 6.16 0.59 -1.28
CA ASP A 133 4.77 1.06 -1.08
C ASP A 133 4.75 2.49 -0.53
N ASN A 134 3.61 2.96 -0.12
CA ASN A 134 3.52 4.35 0.41
C ASN A 134 2.46 4.42 1.51
N ILE A 135 2.55 5.37 2.40
CA ILE A 135 1.52 5.48 3.47
C ILE A 135 1.19 6.95 3.73
N SER A 136 0.16 7.21 4.48
CA SER A 136 -0.23 8.62 4.74
C SER A 136 -0.45 8.86 6.23
N VAL A 137 -0.16 10.04 6.68
CA VAL A 137 -0.37 10.37 8.13
C VAL A 137 -1.64 11.20 8.29
N PRO A 138 -2.29 11.01 9.41
CA PRO A 138 -3.55 11.75 9.70
C PRO A 138 -3.41 13.23 9.33
N GLY A 139 -4.50 13.93 9.26
CA GLY A 139 -4.45 15.36 8.83
C GLY A 139 -3.66 16.17 9.86
N LEU A 140 -2.35 16.12 9.80
CA LEU A 140 -1.52 16.92 10.73
C LEU A 140 -0.41 17.65 9.97
N THR A 141 0.08 18.73 10.51
CA THR A 141 1.13 19.51 9.79
C THR A 141 1.55 20.73 10.60
N LEU A 142 2.30 21.60 9.99
CA LEU A 142 2.74 22.85 10.68
C LEU A 142 2.80 24.00 9.68
N ALA A 143 3.97 24.54 9.45
CA ALA A 143 4.10 25.61 8.42
C ALA A 143 3.61 25.08 7.06
N GLY A 144 4.06 25.69 6.01
CA GLY A 144 3.69 25.18 4.65
C GLY A 144 4.61 24.01 4.27
N GLN A 145 4.32 22.84 4.76
CA GLN A 145 5.17 21.66 4.43
C GLN A 145 4.55 20.89 3.27
N THR A 146 5.31 20.01 2.66
CA THR A 146 4.77 19.21 1.53
C THR A 146 5.25 17.77 1.61
N GLY A 147 4.52 16.85 1.05
CA GLY A 147 4.92 15.42 1.09
C GLY A 147 4.45 14.80 2.40
N LEU A 148 5.26 14.87 3.42
CA LEU A 148 4.84 14.33 4.76
C LEU A 148 4.18 12.95 4.61
N LEU A 149 4.79 12.05 3.88
CA LEU A 149 4.23 10.68 3.76
C LEU A 149 5.35 9.66 3.95
N PHE A 150 5.01 8.43 4.25
CA PHE A 150 6.08 7.41 4.48
C PHE A 150 6.29 6.58 3.21
N LYS A 151 7.51 6.42 2.79
CA LYS A 151 7.78 5.59 1.58
C LYS A 151 8.61 4.37 1.98
N VAL A 152 8.01 3.20 1.95
CA VAL A 152 8.75 1.97 2.36
C VAL A 152 9.74 1.56 1.27
N VAL A 153 10.96 1.30 1.62
CA VAL A 153 11.96 0.99 0.58
C VAL A 153 12.43 -0.47 0.66
N LYS A 154 12.34 -1.09 1.80
CA LYS A 154 12.83 -2.49 1.90
C LYS A 154 12.01 -3.28 2.92
N THR A 155 11.91 -4.56 2.72
CA THR A 155 11.19 -5.43 3.69
C THR A 155 11.93 -6.77 3.80
N LEU A 156 11.67 -7.52 4.83
CA LEU A 156 12.40 -8.81 5.01
C LEU A 156 11.67 -9.96 4.30
N PRO A 157 10.36 -9.91 4.29
CA PRO A 157 9.58 -10.98 3.62
C PRO A 157 10.05 -11.16 2.18
N SER A 158 9.35 -11.95 1.41
CA SER A 158 9.76 -12.17 -0.01
C SER A 158 9.14 -11.11 -0.91
N LYS A 159 9.17 -9.88 -0.49
CA LYS A 159 8.53 -8.79 -1.29
C LYS A 159 7.03 -9.05 -1.43
N VAL A 160 6.50 -9.86 -0.58
CA VAL A 160 5.03 -10.14 -0.62
C VAL A 160 4.34 -9.42 0.53
N PRO A 161 3.08 -9.14 0.33
CA PRO A 161 2.28 -8.46 1.36
C PRO A 161 2.47 -9.12 2.72
N VAL A 162 2.95 -8.40 3.68
CA VAL A 162 3.07 -8.97 5.06
C VAL A 162 2.44 -8.02 6.04
N GLU A 163 2.09 -8.48 7.20
CA GLU A 163 1.51 -7.55 8.20
C GLU A 163 2.50 -7.33 9.35
N ILE A 164 2.64 -6.11 9.77
CA ILE A 164 3.61 -5.81 10.86
C ILE A 164 3.09 -6.35 12.20
N GLY A 165 3.96 -6.63 13.11
CA GLY A 165 3.50 -7.06 14.47
C GLY A 165 4.38 -6.40 15.53
N GLU A 166 4.01 -6.50 16.77
CA GLU A 166 4.80 -5.83 17.84
C GLU A 166 6.24 -6.33 17.84
N GLU A 167 6.48 -7.50 17.29
CA GLU A 167 7.85 -8.06 17.29
C GLU A 167 8.58 -7.72 15.98
N THR A 168 7.86 -7.30 14.98
CA THR A 168 8.52 -6.93 13.68
C THR A 168 9.55 -5.83 13.92
N LYS A 169 10.65 -5.85 13.22
CA LYS A 169 11.67 -4.78 13.40
C LYS A 169 11.50 -3.72 12.32
N ILE A 170 11.91 -2.52 12.58
CA ILE A 170 11.71 -1.44 11.57
C ILE A 170 13.01 -0.68 11.32
N GLU A 171 13.04 0.06 10.25
CA GLU A 171 14.24 0.89 9.94
C GLU A 171 13.82 2.27 9.44
N ILE A 172 14.47 3.29 9.89
CA ILE A 172 14.09 4.66 9.45
C ILE A 172 15.29 5.35 8.80
N ARG A 173 15.12 5.90 7.64
CA ARG A 173 16.27 6.60 6.98
C ARG A 173 16.30 8.07 7.39
N GLU A 174 17.32 8.78 6.99
CA GLU A 174 17.48 10.20 7.46
C GLU A 174 17.38 11.19 6.30
N GLU A 175 17.10 10.72 5.11
CA GLU A 175 17.00 11.66 3.95
C GLU A 175 15.54 11.99 3.66
N PRO A 176 15.17 13.20 4.00
CA PRO A 176 13.78 13.68 3.77
C PRO A 176 13.52 13.92 2.29
N ALA A 177 12.57 14.75 1.99
CA ALA A 177 12.25 15.07 0.57
C ALA A 177 13.17 16.19 0.07
N SER A 178 14.45 15.99 0.16
CA SER A 178 15.40 17.04 -0.32
C SER A 178 15.28 17.18 -1.85
N GLU A 179 15.02 18.37 -2.32
CA GLU A 179 14.90 18.59 -3.79
C GLU A 179 13.77 17.73 -4.38
N VAL A 180 12.91 17.19 -3.55
CA VAL A 180 11.78 16.39 -4.09
C VAL A 180 10.52 17.27 -4.14
N LEU A 181 10.03 17.54 -5.33
CA LEU A 181 8.81 18.40 -5.45
C LEU A 181 8.37 18.49 -6.91
N GLU A 182 7.62 17.52 -7.37
CA GLU A 182 7.14 17.57 -8.78
C GLU A 182 6.29 18.82 -9.00
N GLU A 183 5.47 19.17 -8.05
CA GLU A 183 4.64 20.40 -8.19
C GLU A 183 5.54 21.64 -8.25
N GLY A 184 5.20 22.58 -9.08
CA GLY A 184 6.03 23.82 -9.16
C GLY A 184 5.79 24.50 -10.51
N GLY A 185 6.11 25.76 -10.61
CA GLY A 185 5.92 26.48 -11.91
C GLY A 185 7.24 26.50 -12.67
N MET A 1 3.38 -24.50 -6.01
CA MET A 1 4.05 -24.34 -4.68
C MET A 1 4.34 -22.87 -4.41
N GLU A 2 3.49 -22.21 -3.68
CA GLU A 2 3.73 -20.77 -3.36
C GLU A 2 3.89 -19.97 -4.65
N SER A 3 3.10 -20.26 -5.65
CA SER A 3 3.22 -19.52 -6.94
C SER A 3 2.41 -18.22 -6.87
N ASN A 4 2.92 -17.15 -7.41
CA ASN A 4 2.20 -15.86 -7.35
C ASN A 4 1.66 -15.49 -8.74
N ASN A 5 0.40 -15.17 -8.84
CA ASN A 5 -0.18 -14.78 -10.15
C ASN A 5 -1.32 -13.79 -9.96
N GLY A 6 -1.67 -13.06 -10.99
CA GLY A 6 -2.76 -12.04 -10.85
C GLY A 6 -3.43 -11.81 -12.19
N ILE A 7 -4.24 -10.80 -12.30
CA ILE A 7 -4.93 -10.50 -13.59
C ILE A 7 -4.82 -9.01 -13.91
N ILE A 8 -5.13 -8.64 -15.13
CA ILE A 8 -5.02 -7.19 -15.50
C ILE A 8 -6.41 -6.55 -15.53
N LEU A 9 -6.66 -5.60 -14.66
CA LEU A 9 -7.97 -4.89 -14.69
C LEU A 9 -7.75 -3.39 -14.48
N ARG A 10 -8.79 -2.62 -14.33
CA ARG A 10 -8.61 -1.15 -14.23
C ARG A 10 -8.96 -0.65 -12.83
N VAL A 11 -8.17 0.24 -12.31
CA VAL A 11 -8.44 0.78 -10.95
C VAL A 11 -9.79 1.50 -10.90
N ALA A 12 -10.58 1.24 -9.89
CA ALA A 12 -11.92 1.87 -9.81
C ALA A 12 -11.99 2.88 -8.66
N GLU A 13 -13.01 3.69 -8.65
CA GLU A 13 -13.22 4.61 -7.49
C GLU A 13 -14.57 5.32 -7.62
N ALA A 14 -15.49 4.99 -6.76
CA ALA A 14 -16.84 5.64 -6.82
C ALA A 14 -17.00 6.56 -5.62
N ASN A 15 -17.87 7.53 -5.73
CA ASN A 15 -18.04 8.51 -4.61
C ASN A 15 -16.68 9.11 -4.25
N SER A 16 -16.59 9.78 -3.14
CA SER A 16 -15.28 10.42 -2.76
C SER A 16 -15.32 10.88 -1.30
N THR A 17 -14.24 11.43 -0.83
CA THR A 17 -14.21 11.95 0.58
C THR A 17 -14.46 10.80 1.56
N ASP A 18 -14.15 9.60 1.18
CA ASP A 18 -14.32 8.46 2.12
C ASP A 18 -13.29 7.36 1.84
N PRO A 19 -12.04 7.72 1.92
CA PRO A 19 -10.94 6.74 1.69
C PRO A 19 -10.90 5.71 2.83
N GLY A 20 -11.11 4.46 2.53
CA GLY A 20 -11.12 3.45 3.61
C GLY A 20 -9.71 3.31 4.18
N MET A 21 -8.98 2.38 3.67
CA MET A 21 -7.55 2.22 4.08
C MET A 21 -6.79 1.47 3.00
N SER A 22 -7.43 0.51 2.39
CA SER A 22 -6.76 -0.31 1.34
C SER A 22 -7.54 -1.61 1.12
N ARG A 23 -8.78 -1.50 0.71
CA ARG A 23 -9.60 -2.73 0.49
C ARG A 23 -10.06 -2.79 -0.97
N VAL A 24 -10.08 -3.95 -1.55
CA VAL A 24 -10.50 -4.08 -2.97
C VAL A 24 -11.85 -4.78 -3.08
N ARG A 25 -12.84 -4.13 -3.62
CA ARG A 25 -14.13 -4.84 -3.82
C ARG A 25 -14.13 -5.53 -5.19
N LEU A 26 -14.31 -6.82 -5.21
CA LEU A 26 -14.22 -7.58 -6.48
C LEU A 26 -15.34 -8.61 -6.57
N ASP A 27 -15.57 -9.18 -7.72
CA ASP A 27 -16.70 -10.12 -7.86
C ASP A 27 -16.22 -11.57 -7.83
N GLU A 28 -17.08 -12.51 -8.14
CA GLU A 28 -16.69 -13.95 -8.03
C GLU A 28 -15.52 -14.22 -8.97
N SER A 29 -15.58 -13.71 -10.16
CA SER A 29 -14.49 -13.96 -11.13
C SER A 29 -13.19 -13.29 -10.66
N SER A 30 -13.25 -12.04 -10.30
CA SER A 30 -12.04 -11.37 -9.76
C SER A 30 -11.53 -12.13 -8.55
N ARG A 31 -12.40 -12.82 -7.88
CA ARG A 31 -11.99 -13.62 -6.68
C ARG A 31 -11.49 -15.01 -7.10
N ARG A 32 -12.23 -15.70 -7.93
CA ARG A 32 -11.81 -17.07 -8.33
C ARG A 32 -10.79 -17.01 -9.46
N LEU A 33 -10.54 -15.84 -9.96
CA LEU A 33 -9.54 -15.68 -11.06
C LEU A 33 -8.29 -16.50 -10.72
N LEU A 34 -8.03 -16.68 -9.46
CA LEU A 34 -6.88 -17.53 -9.04
C LEU A 34 -7.23 -18.32 -7.78
N ASP A 35 -7.55 -17.65 -6.71
CA ASP A 35 -7.87 -18.36 -5.45
C ASP A 35 -8.42 -17.39 -4.39
N ALA A 36 -8.12 -16.12 -4.52
CA ALA A 36 -8.54 -15.12 -3.50
C ALA A 36 -9.85 -15.55 -2.84
N GLU A 37 -9.87 -15.59 -1.54
CA GLU A 37 -11.15 -15.87 -0.82
C GLU A 37 -11.57 -14.61 -0.06
N ILE A 38 -12.65 -14.66 0.66
CA ILE A 38 -13.07 -13.46 1.44
C ILE A 38 -11.97 -13.07 2.43
N GLY A 39 -11.46 -11.86 2.31
CA GLY A 39 -10.48 -11.38 3.31
C GLY A 39 -9.12 -12.07 3.11
N ASP A 40 -8.77 -12.40 1.89
CA ASP A 40 -7.41 -12.94 1.65
C ASP A 40 -6.44 -11.80 1.36
N VAL A 41 -5.19 -12.09 1.14
CA VAL A 41 -4.22 -10.99 0.90
C VAL A 41 -3.96 -10.83 -0.60
N VAL A 42 -4.06 -9.62 -1.09
CA VAL A 42 -3.91 -9.40 -2.56
C VAL A 42 -2.80 -8.39 -2.84
N GLU A 43 -2.11 -8.56 -3.93
CA GLU A 43 -1.03 -7.59 -4.29
C GLU A 43 -1.41 -6.86 -5.58
N ILE A 44 -1.15 -5.58 -5.67
CA ILE A 44 -1.56 -4.83 -6.90
C ILE A 44 -0.35 -4.16 -7.54
N GLU A 45 -0.35 -4.05 -8.84
CA GLU A 45 0.80 -3.41 -9.53
C GLU A 45 0.35 -2.72 -10.81
N LYS A 46 0.14 -1.43 -10.76
CA LYS A 46 -0.18 -0.67 -12.00
C LYS A 46 1.08 0.02 -12.53
N VAL A 47 1.57 0.98 -11.81
CA VAL A 47 2.87 1.61 -12.16
C VAL A 47 3.96 1.06 -11.24
N ARG A 48 3.61 0.80 -10.02
CA ARG A 48 4.58 0.22 -9.06
C ARG A 48 3.98 -1.02 -8.41
N LYS A 49 4.59 -1.52 -7.39
CA LYS A 49 4.03 -2.72 -6.68
C LYS A 49 3.36 -2.29 -5.38
N THR A 50 2.23 -2.85 -5.10
CA THR A 50 1.50 -2.49 -3.85
C THR A 50 0.81 -3.72 -3.27
N VAL A 51 0.30 -3.61 -2.07
CA VAL A 51 -0.45 -4.74 -1.46
C VAL A 51 -1.86 -4.30 -1.08
N GLY A 52 -2.72 -5.22 -0.76
CA GLY A 52 -4.08 -4.84 -0.28
C GLY A 52 -4.86 -6.09 0.08
N ARG A 53 -6.07 -5.93 0.55
CA ARG A 53 -6.88 -7.12 0.94
C ARG A 53 -8.13 -7.23 0.05
N VAL A 54 -8.76 -8.36 0.06
CA VAL A 54 -9.87 -8.58 -0.91
C VAL A 54 -11.22 -8.31 -0.25
N TYR A 55 -12.09 -7.64 -0.95
CA TYR A 55 -13.46 -7.38 -0.41
C TYR A 55 -14.52 -7.96 -1.35
N ARG A 56 -15.74 -8.05 -0.91
CA ARG A 56 -16.82 -8.59 -1.77
C ARG A 56 -17.48 -7.46 -2.56
N ALA A 57 -17.51 -7.57 -3.87
CA ALA A 57 -18.14 -6.49 -4.69
C ALA A 57 -19.63 -6.40 -4.39
N ARG A 58 -20.13 -5.22 -4.16
CA ARG A 58 -21.61 -5.06 -4.01
C ARG A 58 -22.30 -5.57 -5.27
N PRO A 59 -21.79 -5.17 -6.39
CA PRO A 59 -22.33 -5.58 -7.69
C PRO A 59 -21.62 -6.86 -8.13
N GLU A 60 -22.24 -7.97 -7.91
CA GLU A 60 -21.60 -9.28 -8.22
C GLU A 60 -21.54 -9.52 -9.73
N ASP A 61 -21.38 -8.48 -10.51
CA ASP A 61 -21.33 -8.66 -11.99
C ASP A 61 -20.42 -7.60 -12.63
N GLU A 62 -20.32 -6.44 -12.03
CA GLU A 62 -19.46 -5.37 -12.61
C GLU A 62 -18.03 -5.54 -12.12
N ASN A 63 -17.86 -6.09 -10.95
CA ASN A 63 -16.50 -6.31 -10.41
C ASN A 63 -15.86 -7.57 -11.00
N LYS A 64 -16.07 -7.81 -12.27
CA LYS A 64 -15.42 -8.98 -12.92
C LYS A 64 -14.16 -8.53 -13.67
N GLY A 65 -13.76 -7.31 -13.45
CA GLY A 65 -12.53 -6.80 -14.10
C GLY A 65 -12.28 -5.36 -13.66
N ILE A 66 -12.75 -5.00 -12.51
CA ILE A 66 -12.45 -3.65 -11.96
C ILE A 66 -12.21 -3.74 -10.45
N VAL A 67 -11.28 -2.99 -9.93
CA VAL A 67 -11.02 -3.06 -8.47
C VAL A 67 -11.27 -1.69 -7.83
N ARG A 68 -12.10 -1.64 -6.82
CA ARG A 68 -12.36 -0.33 -6.15
C ARG A 68 -11.36 -0.11 -5.01
N ILE A 69 -10.50 0.85 -5.16
CA ILE A 69 -9.48 1.12 -4.09
C ILE A 69 -9.53 2.57 -3.66
N ASP A 70 -8.96 2.88 -2.52
CA ASP A 70 -8.92 4.29 -2.06
C ASP A 70 -7.96 5.09 -2.94
N SER A 71 -8.10 6.39 -2.97
CA SER A 71 -7.20 7.21 -3.82
C SER A 71 -5.75 7.05 -3.38
N VAL A 72 -5.53 6.70 -2.15
CA VAL A 72 -4.14 6.56 -1.65
C VAL A 72 -3.47 5.34 -2.30
N MET A 73 -4.16 4.25 -2.39
CA MET A 73 -3.55 3.05 -3.03
C MET A 73 -3.16 3.38 -4.48
N ARG A 74 -4.06 3.94 -5.24
CA ARG A 74 -3.70 4.35 -6.63
C ARG A 74 -2.63 5.44 -6.57
N ASN A 75 -2.67 6.29 -5.57
CA ASN A 75 -1.60 7.31 -5.41
C ASN A 75 -0.28 6.62 -5.05
N ASN A 76 -0.33 5.55 -4.33
CA ASN A 76 0.92 4.86 -3.91
C ASN A 76 1.73 4.42 -5.12
N CYS A 77 1.07 3.94 -6.15
CA CYS A 77 1.82 3.41 -7.33
C CYS A 77 1.87 4.47 -8.44
N GLY A 78 0.81 5.21 -8.64
CA GLY A 78 0.85 6.30 -9.64
C GLY A 78 -0.21 6.06 -10.73
N ALA A 79 -1.37 5.61 -10.35
CA ALA A 79 -2.41 5.30 -11.38
C ALA A 79 -3.63 6.22 -11.22
N SER A 80 -4.40 6.37 -12.27
CA SER A 80 -5.65 7.17 -12.17
C SER A 80 -6.85 6.24 -12.32
N ILE A 81 -8.02 6.69 -12.00
CA ILE A 81 -9.21 5.81 -12.13
C ILE A 81 -9.27 5.19 -13.52
N GLY A 82 -9.63 3.94 -13.58
CA GLY A 82 -9.89 3.30 -14.89
C GLY A 82 -8.56 2.96 -15.58
N ASP A 83 -7.45 3.25 -14.94
CA ASP A 83 -6.15 2.83 -15.51
C ASP A 83 -6.12 1.32 -15.70
N LYS A 84 -4.95 0.76 -15.81
CA LYS A 84 -4.83 -0.72 -15.94
C LYS A 84 -3.78 -1.24 -14.97
N VAL A 85 -4.18 -2.01 -13.99
CA VAL A 85 -3.19 -2.54 -13.00
C VAL A 85 -3.29 -4.07 -12.94
N LYS A 86 -2.28 -4.72 -12.47
CA LYS A 86 -2.34 -6.19 -12.32
C LYS A 86 -2.51 -6.56 -10.84
N VAL A 87 -3.50 -7.37 -10.54
CA VAL A 87 -3.72 -7.75 -9.12
C VAL A 87 -3.36 -9.23 -8.92
N ARG A 88 -2.43 -9.51 -8.06
CA ARG A 88 -2.02 -10.92 -7.82
C ARG A 88 -2.48 -11.37 -6.45
N LYS A 89 -2.96 -12.57 -6.34
CA LYS A 89 -3.47 -13.04 -5.03
C LYS A 89 -2.36 -13.70 -4.23
N VAL A 90 -2.27 -13.41 -2.97
CA VAL A 90 -1.19 -13.98 -2.13
C VAL A 90 -1.66 -14.14 -0.70
N ARG A 91 -0.77 -14.47 0.19
CA ARG A 91 -1.15 -14.60 1.62
C ARG A 91 -0.21 -13.76 2.48
N THR A 92 -0.51 -13.59 3.74
CA THR A 92 0.32 -12.68 4.58
C THR A 92 1.30 -13.48 5.44
N GLU A 93 2.27 -12.81 5.99
CA GLU A 93 3.22 -13.46 6.93
C GLU A 93 3.70 -12.43 7.94
N ILE A 94 4.35 -12.84 8.99
CA ILE A 94 4.77 -11.84 10.01
C ILE A 94 6.16 -11.29 9.68
N ALA A 95 6.21 -10.14 9.05
CA ALA A 95 7.52 -9.52 8.71
C ALA A 95 8.39 -9.37 9.96
N LYS A 96 9.66 -9.20 9.77
CA LYS A 96 10.58 -9.07 10.93
C LYS A 96 11.40 -7.79 10.82
N LYS A 97 11.59 -7.27 9.64
CA LYS A 97 12.34 -5.99 9.51
C LYS A 97 11.87 -5.20 8.29
N VAL A 98 11.51 -3.97 8.45
CA VAL A 98 11.06 -3.16 7.28
C VAL A 98 11.62 -1.74 7.36
N THR A 99 11.94 -1.16 6.23
CA THR A 99 12.55 0.21 6.25
C THR A 99 11.65 1.19 5.49
N LEU A 100 11.40 2.33 6.07
CA LEU A 100 10.50 3.32 5.42
C LEU A 100 11.17 4.69 5.35
N ALA A 101 10.72 5.54 4.47
CA ALA A 101 11.36 6.88 4.34
C ALA A 101 10.30 7.97 4.15
N PRO A 102 9.91 8.56 5.24
CA PRO A 102 8.90 9.64 5.22
C PRO A 102 9.32 10.74 4.24
N ILE A 103 8.42 11.20 3.42
CA ILE A 103 8.79 12.25 2.42
C ILE A 103 8.57 13.64 3.00
N ILE A 104 9.64 14.34 3.32
CA ILE A 104 9.52 15.74 3.82
C ILE A 104 10.70 16.55 3.34
N ARG A 105 10.97 17.62 4.02
CA ARG A 105 12.14 18.46 3.64
C ARG A 105 13.24 18.36 4.70
N LYS A 106 14.46 18.62 4.31
CA LYS A 106 15.58 18.59 5.30
C LYS A 106 15.31 19.60 6.41
N ASP A 107 14.39 20.48 6.17
CA ASP A 107 14.01 21.47 7.20
C ASP A 107 12.58 21.18 7.68
N GLN A 108 12.24 19.94 7.84
CA GLN A 108 10.82 19.59 8.16
C GLN A 108 10.54 19.83 9.65
N ARG A 109 9.29 19.80 10.03
CA ARG A 109 8.94 20.14 11.43
C ARG A 109 8.50 18.90 12.20
N LEU A 110 8.16 17.84 11.53
CA LEU A 110 7.61 16.66 12.24
C LEU A 110 8.69 15.59 12.44
N LYS A 111 9.79 15.95 13.02
CA LYS A 111 10.85 14.94 13.31
C LYS A 111 10.75 14.49 14.77
N PHE A 112 10.52 13.22 14.99
CA PHE A 112 10.34 12.72 16.38
C PHE A 112 11.64 12.09 16.89
N GLY A 113 11.92 10.87 16.48
CA GLY A 113 13.17 10.20 16.93
C GLY A 113 12.96 9.61 18.32
N GLU A 114 13.99 9.01 18.87
CA GLU A 114 13.85 8.44 20.25
C GLU A 114 12.56 7.62 20.35
N GLY A 115 12.62 6.36 20.00
CA GLY A 115 11.42 5.48 20.14
C GLY A 115 10.52 5.65 18.91
N ILE A 116 10.88 6.50 18.00
CA ILE A 116 10.09 6.65 16.76
C ILE A 116 10.03 5.34 15.99
N GLU A 117 11.11 4.59 15.98
CA GLU A 117 11.12 3.29 15.26
C GLU A 117 10.06 2.36 15.86
N GLU A 118 9.95 2.33 17.15
CA GLU A 118 8.86 1.54 17.80
C GLU A 118 7.51 2.20 17.53
N TYR A 119 7.48 3.51 17.55
CA TYR A 119 6.20 4.22 17.28
C TYR A 119 5.69 3.85 15.88
N VAL A 120 6.58 3.73 14.93
CA VAL A 120 6.16 3.29 13.57
C VAL A 120 5.52 1.90 13.66
N GLN A 121 6.16 0.99 14.34
CA GLN A 121 5.56 -0.37 14.50
C GLN A 121 4.24 -0.27 15.24
N ARG A 122 4.15 0.56 16.24
CA ARG A 122 2.87 0.71 16.99
C ARG A 122 1.77 1.18 16.03
N ALA A 123 2.05 2.16 15.23
CA ALA A 123 1.02 2.66 14.27
C ALA A 123 0.81 1.66 13.13
N LEU A 124 1.87 1.08 12.64
CA LEU A 124 1.74 0.19 11.45
C LEU A 124 1.60 -1.28 11.87
N ILE A 125 1.70 -1.57 13.14
CA ILE A 125 1.65 -2.99 13.58
C ILE A 125 0.51 -3.73 12.85
N ARG A 126 0.51 -5.03 12.93
CA ARG A 126 -0.57 -5.85 12.27
C ARG A 126 -1.04 -5.20 10.96
N ARG A 127 -0.13 -4.86 10.08
CA ARG A 127 -0.56 -4.33 8.75
C ARG A 127 0.29 -4.93 7.61
N PRO A 128 -0.32 -5.03 6.46
CA PRO A 128 0.37 -5.59 5.27
C PRO A 128 1.51 -4.64 4.84
N MET A 129 2.71 -5.15 4.63
CA MET A 129 3.82 -4.23 4.22
C MET A 129 4.46 -4.70 2.92
N LEU A 130 4.78 -3.78 2.05
CA LEU A 130 5.41 -4.13 0.76
C LEU A 130 6.43 -3.04 0.37
N GLU A 131 7.68 -3.36 0.35
CA GLU A 131 8.71 -2.33 0.04
C GLU A 131 8.30 -1.52 -1.20
N GLN A 132 8.60 -0.25 -1.20
CA GLN A 132 8.21 0.65 -2.34
C GLN A 132 6.75 1.09 -2.19
N ASP A 133 6.06 0.55 -1.23
CA ASP A 133 4.67 1.04 -0.97
C ASP A 133 4.71 2.45 -0.38
N ASN A 134 3.58 3.06 -0.20
CA ASN A 134 3.56 4.44 0.39
C ASN A 134 2.42 4.55 1.39
N ILE A 135 2.60 5.33 2.43
CA ILE A 135 1.52 5.46 3.44
C ILE A 135 1.42 6.92 3.91
N SER A 136 0.39 7.24 4.65
CA SER A 136 0.25 8.64 5.14
C SER A 136 -0.25 8.63 6.59
N VAL A 137 0.33 9.44 7.44
CA VAL A 137 -0.11 9.49 8.85
C VAL A 137 -0.39 10.93 9.30
N PRO A 138 0.64 11.74 9.39
CA PRO A 138 0.45 13.16 9.81
C PRO A 138 -0.25 13.95 8.70
N GLY A 139 -1.33 14.61 9.01
CA GLY A 139 -2.05 15.39 7.97
C GLY A 139 -1.64 16.87 8.09
N LEU A 140 -0.37 17.14 8.20
CA LEU A 140 0.09 18.55 8.34
C LEU A 140 1.14 18.87 7.28
N THR A 141 1.31 20.13 6.96
CA THR A 141 2.31 20.51 5.92
C THR A 141 3.05 21.78 6.33
N LEU A 142 3.81 22.32 5.42
CA LEU A 142 4.57 23.57 5.72
C LEU A 142 4.56 24.50 4.51
N ALA A 143 5.71 24.93 4.06
CA ALA A 143 5.77 25.81 2.86
C ALA A 143 5.04 25.16 1.69
N GLY A 144 5.39 25.53 0.50
CA GLY A 144 4.81 24.86 -0.69
C GLY A 144 5.49 23.51 -0.92
N GLN A 145 5.43 22.64 0.06
CA GLN A 145 6.03 21.29 -0.10
C GLN A 145 4.96 20.27 -0.50
N THR A 146 5.36 19.14 -0.99
CA THR A 146 4.36 18.12 -1.42
C THR A 146 4.82 16.72 -1.00
N GLY A 147 3.91 15.79 -0.94
CA GLY A 147 4.30 14.40 -0.54
C GLY A 147 3.90 14.16 0.92
N LEU A 148 4.77 14.49 1.84
CA LEU A 148 4.40 14.35 3.28
C LEU A 148 3.81 12.96 3.57
N LEU A 149 4.41 11.91 3.08
CA LEU A 149 3.88 10.55 3.34
C LEU A 149 5.03 9.57 3.58
N PHE A 150 4.74 8.38 4.03
CA PHE A 150 5.83 7.40 4.31
C PHE A 150 6.09 6.54 3.07
N LYS A 151 7.29 6.57 2.55
CA LYS A 151 7.61 5.73 1.38
C LYS A 151 8.47 4.54 1.80
N VAL A 152 7.92 3.35 1.75
CA VAL A 152 8.71 2.15 2.16
C VAL A 152 9.69 1.77 1.06
N VAL A 153 10.88 1.40 1.43
CA VAL A 153 11.90 1.08 0.39
C VAL A 153 12.34 -0.38 0.48
N LYS A 154 12.29 -0.97 1.64
CA LYS A 154 12.77 -2.38 1.75
C LYS A 154 12.00 -3.15 2.82
N THR A 155 11.89 -4.43 2.65
CA THR A 155 11.26 -5.29 3.69
C THR A 155 12.05 -6.59 3.81
N LEU A 156 11.95 -7.27 4.92
CA LEU A 156 12.76 -8.50 5.11
C LEU A 156 12.02 -9.73 4.57
N PRO A 157 10.71 -9.73 4.70
CA PRO A 157 9.91 -10.89 4.20
C PRO A 157 10.18 -11.12 2.71
N SER A 158 9.31 -11.82 2.05
CA SER A 158 9.47 -12.03 0.59
C SER A 158 8.75 -10.92 -0.18
N LYS A 159 8.81 -10.95 -1.48
CA LYS A 159 8.15 -9.88 -2.28
C LYS A 159 6.65 -9.88 -2.02
N VAL A 160 6.15 -10.86 -1.35
CA VAL A 160 4.70 -10.96 -1.10
C VAL A 160 4.32 -10.14 0.13
N PRO A 161 3.09 -9.70 0.14
CA PRO A 161 2.57 -8.89 1.27
C PRO A 161 2.90 -9.56 2.61
N VAL A 162 3.21 -8.78 3.61
CA VAL A 162 3.39 -9.35 4.97
C VAL A 162 2.58 -8.55 5.97
N GLU A 163 2.29 -9.10 7.11
CA GLU A 163 1.57 -8.31 8.13
C GLU A 163 2.49 -7.99 9.29
N ILE A 164 2.57 -6.74 9.63
CA ILE A 164 3.52 -6.29 10.69
C ILE A 164 3.04 -6.79 12.05
N GLY A 165 3.95 -6.97 12.96
CA GLY A 165 3.54 -7.33 14.35
C GLY A 165 4.46 -6.62 15.33
N GLU A 166 4.11 -6.60 16.58
CA GLU A 166 4.95 -5.88 17.59
C GLU A 166 6.38 -6.43 17.57
N GLU A 167 6.56 -7.60 17.05
CA GLU A 167 7.94 -8.19 17.03
C GLU A 167 8.68 -7.77 15.77
N THR A 168 7.98 -7.23 14.81
CA THR A 168 8.64 -6.75 13.56
C THR A 168 9.63 -5.65 13.89
N LYS A 169 10.71 -5.54 13.16
CA LYS A 169 11.67 -4.43 13.43
C LYS A 169 11.36 -3.24 12.52
N ILE A 170 11.78 -2.07 12.90
CA ILE A 170 11.52 -0.88 12.07
C ILE A 170 12.81 -0.23 11.62
N GLU A 171 12.94 0.03 10.36
CA GLU A 171 14.11 0.80 9.87
C GLU A 171 13.68 2.18 9.39
N ILE A 172 14.36 3.19 9.86
CA ILE A 172 13.96 4.58 9.47
C ILE A 172 15.17 5.31 8.89
N ARG A 173 15.03 5.85 7.71
CA ARG A 173 16.19 6.54 7.07
C ARG A 173 16.23 8.01 7.46
N GLU A 174 17.33 8.67 7.18
CA GLU A 174 17.46 10.11 7.55
C GLU A 174 17.33 10.98 6.30
N GLU A 175 17.34 10.38 5.14
CA GLU A 175 17.20 11.17 3.89
C GLU A 175 15.75 11.13 3.40
N PRO A 176 15.09 12.24 3.51
CA PRO A 176 13.68 12.36 3.08
C PRO A 176 13.57 12.33 1.57
N ALA A 177 12.52 12.90 1.05
CA ALA A 177 12.33 12.90 -0.42
C ALA A 177 13.18 14.01 -1.06
N SER A 178 14.46 14.01 -0.77
CA SER A 178 15.35 15.05 -1.37
C SER A 178 16.15 14.44 -2.53
N GLU A 179 16.01 14.99 -3.71
CA GLU A 179 16.71 14.40 -4.88
C GLU A 179 16.26 12.96 -5.09
N VAL A 180 15.13 12.62 -4.54
CA VAL A 180 14.64 11.21 -4.64
C VAL A 180 14.13 10.92 -6.06
N LEU A 181 14.12 9.68 -6.46
CA LEU A 181 13.69 9.34 -7.84
C LEU A 181 12.19 9.56 -8.01
N GLU A 182 11.49 9.88 -6.95
CA GLU A 182 10.02 10.08 -7.06
C GLU A 182 9.70 11.21 -8.05
N GLU A 183 10.43 12.29 -7.99
CA GLU A 183 10.20 13.41 -8.94
C GLU A 183 10.49 12.95 -10.37
N GLY A 184 9.68 13.36 -11.32
CA GLY A 184 9.91 12.96 -12.73
C GLY A 184 8.75 12.08 -13.20
N GLY A 185 9.00 11.21 -14.15
CA GLY A 185 7.91 10.34 -14.66
C GLY A 185 7.51 10.78 -16.07
N MET A 1 6.27 -13.59 -11.00
CA MET A 1 6.62 -14.36 -12.23
C MET A 1 6.34 -15.85 -12.01
N GLU A 2 5.47 -16.42 -12.80
CA GLU A 2 5.14 -17.87 -12.64
C GLU A 2 4.67 -18.14 -11.21
N SER A 3 4.15 -19.31 -10.96
CA SER A 3 3.68 -19.64 -9.58
C SER A 3 2.61 -18.64 -9.12
N ASN A 4 3.04 -17.47 -8.69
CA ASN A 4 2.06 -16.45 -8.22
C ASN A 4 1.75 -15.45 -9.35
N ASN A 5 0.51 -15.35 -9.74
CA ASN A 5 0.15 -14.42 -10.84
C ASN A 5 -1.11 -13.62 -10.48
N GLY A 6 -1.55 -12.75 -11.36
CA GLY A 6 -2.76 -11.95 -11.06
C GLY A 6 -3.51 -11.66 -12.36
N ILE A 7 -4.36 -10.67 -12.36
CA ILE A 7 -5.11 -10.34 -13.61
C ILE A 7 -5.02 -8.84 -13.89
N ILE A 8 -5.27 -8.44 -15.11
CA ILE A 8 -5.16 -6.99 -15.44
C ILE A 8 -6.55 -6.36 -15.46
N LEU A 9 -6.81 -5.45 -14.55
CA LEU A 9 -8.13 -4.77 -14.54
C LEU A 9 -7.94 -3.27 -14.27
N ARG A 10 -9.01 -2.55 -14.07
CA ARG A 10 -8.88 -1.08 -13.97
C ARG A 10 -9.28 -0.59 -12.58
N VAL A 11 -8.54 0.35 -12.04
CA VAL A 11 -8.87 0.88 -10.69
C VAL A 11 -10.26 1.51 -10.70
N ALA A 12 -11.04 1.28 -9.69
CA ALA A 12 -12.41 1.84 -9.65
C ALA A 12 -12.59 2.74 -8.41
N GLU A 13 -13.50 3.67 -8.47
CA GLU A 13 -13.80 4.49 -7.26
C GLU A 13 -14.96 5.45 -7.54
N ALA A 14 -14.68 6.64 -7.98
CA ALA A 14 -15.79 7.61 -8.26
C ALA A 14 -16.73 7.67 -7.05
N ASN A 15 -18.00 7.74 -7.28
CA ASN A 15 -18.97 7.81 -6.14
C ASN A 15 -19.19 6.41 -5.56
N SER A 16 -18.77 6.19 -4.35
CA SER A 16 -18.97 4.84 -3.73
C SER A 16 -19.27 4.99 -2.23
N THR A 17 -20.00 4.08 -1.67
CA THR A 17 -20.30 4.15 -0.21
C THR A 17 -19.54 3.06 0.53
N ASP A 18 -18.58 2.46 -0.11
CA ASP A 18 -17.80 1.38 0.55
C ASP A 18 -16.30 1.63 0.39
N PRO A 19 -15.84 2.62 1.11
CA PRO A 19 -14.39 2.98 1.06
C PRO A 19 -13.54 1.81 1.56
N GLY A 20 -12.26 1.86 1.33
CA GLY A 20 -11.39 0.72 1.74
C GLY A 20 -10.10 0.73 0.91
N MET A 21 -9.07 1.35 1.39
CA MET A 21 -7.78 1.36 0.63
C MET A 21 -6.98 0.12 0.98
N SER A 22 -7.31 -0.53 2.06
CA SER A 22 -6.64 -1.82 2.40
C SER A 22 -7.56 -2.98 2.05
N ARG A 23 -8.73 -2.69 1.54
CA ARG A 23 -9.68 -3.77 1.18
C ARG A 23 -10.06 -3.67 -0.30
N VAL A 24 -10.13 -4.78 -0.99
CA VAL A 24 -10.51 -4.74 -2.43
C VAL A 24 -11.82 -5.46 -2.67
N ARG A 25 -12.81 -4.78 -3.16
CA ARG A 25 -14.10 -5.48 -3.44
C ARG A 25 -14.10 -5.98 -4.89
N LEU A 26 -14.23 -7.26 -5.07
CA LEU A 26 -14.19 -7.84 -6.43
C LEU A 26 -15.32 -8.86 -6.60
N ASP A 27 -15.53 -9.38 -7.78
CA ASP A 27 -16.66 -10.35 -7.97
C ASP A 27 -16.16 -11.78 -7.80
N GLU A 28 -17.04 -12.73 -7.93
CA GLU A 28 -16.63 -14.16 -7.75
C GLU A 28 -15.55 -14.50 -8.77
N SER A 29 -15.73 -14.07 -9.98
CA SER A 29 -14.75 -14.42 -11.04
C SER A 29 -13.39 -13.78 -10.75
N SER A 30 -13.36 -12.54 -10.36
CA SER A 30 -12.07 -11.92 -9.98
C SER A 30 -11.45 -12.69 -8.81
N ARG A 31 -12.28 -13.09 -7.89
CA ARG A 31 -11.80 -13.89 -6.72
C ARG A 31 -11.41 -15.31 -7.13
N ARG A 32 -12.21 -15.96 -7.93
CA ARG A 32 -11.98 -17.41 -8.17
C ARG A 32 -11.11 -17.65 -9.40
N LEU A 33 -10.80 -16.62 -10.14
CA LEU A 33 -9.98 -16.83 -11.37
C LEU A 33 -8.64 -17.47 -10.98
N LEU A 34 -8.14 -17.19 -9.81
CA LEU A 34 -6.90 -17.86 -9.36
C LEU A 34 -7.17 -18.70 -8.12
N ASP A 35 -7.49 -18.08 -7.02
CA ASP A 35 -7.75 -18.86 -5.78
C ASP A 35 -8.30 -17.94 -4.68
N ALA A 36 -7.93 -16.69 -4.72
CA ALA A 36 -8.36 -15.71 -3.67
C ALA A 36 -9.65 -16.17 -2.98
N GLU A 37 -9.59 -16.37 -1.70
CA GLU A 37 -10.82 -16.68 -0.94
C GLU A 37 -11.23 -15.44 -0.14
N ILE A 38 -12.34 -15.48 0.53
CA ILE A 38 -12.75 -14.30 1.34
C ILE A 38 -11.64 -13.96 2.34
N GLY A 39 -11.20 -12.73 2.34
CA GLY A 39 -10.21 -12.31 3.38
C GLY A 39 -8.82 -12.86 3.04
N ASP A 40 -8.56 -13.13 1.78
CA ASP A 40 -7.17 -13.48 1.38
C ASP A 40 -6.42 -12.20 1.02
N VAL A 41 -5.14 -12.29 0.75
CA VAL A 41 -4.34 -11.05 0.52
C VAL A 41 -4.09 -10.85 -0.97
N VAL A 42 -4.36 -9.68 -1.47
CA VAL A 42 -4.17 -9.44 -2.94
C VAL A 42 -3.06 -8.41 -3.17
N GLU A 43 -2.21 -8.65 -4.12
CA GLU A 43 -1.12 -7.67 -4.42
C GLU A 43 -1.42 -6.94 -5.72
N ILE A 44 -1.12 -5.67 -5.79
CA ILE A 44 -1.47 -4.90 -7.03
C ILE A 44 -0.21 -4.29 -7.65
N GLU A 45 -0.18 -4.17 -8.94
CA GLU A 45 1.05 -3.59 -9.58
C GLU A 45 0.70 -2.89 -10.91
N LYS A 46 0.45 -1.61 -10.87
CA LYS A 46 0.28 -0.85 -12.13
C LYS A 46 1.58 -0.14 -12.50
N VAL A 47 1.87 0.94 -11.83
CA VAL A 47 3.15 1.67 -12.06
C VAL A 47 4.18 1.23 -11.03
N ARG A 48 3.73 0.86 -9.87
CA ARG A 48 4.64 0.34 -8.82
C ARG A 48 3.98 -0.80 -8.08
N LYS A 49 4.59 -1.28 -7.03
CA LYS A 49 3.99 -2.44 -6.31
C LYS A 49 3.03 -1.97 -5.25
N THR A 50 1.95 -2.68 -5.10
CA THR A 50 0.93 -2.30 -4.09
C THR A 50 0.37 -3.55 -3.41
N VAL A 51 -0.15 -3.41 -2.22
CA VAL A 51 -0.72 -4.58 -1.50
C VAL A 51 -2.16 -4.31 -1.08
N GLY A 52 -2.90 -5.34 -0.80
CA GLY A 52 -4.27 -5.12 -0.26
C GLY A 52 -4.90 -6.48 0.06
N ARG A 53 -6.13 -6.48 0.49
CA ARG A 53 -6.82 -7.76 0.83
C ARG A 53 -8.02 -7.97 -0.09
N VAL A 54 -8.74 -9.04 0.08
CA VAL A 54 -9.85 -9.32 -0.88
C VAL A 54 -11.22 -9.12 -0.19
N TYR A 55 -12.12 -8.48 -0.87
CA TYR A 55 -13.50 -8.31 -0.33
C TYR A 55 -14.53 -8.80 -1.36
N ARG A 56 -15.76 -8.92 -0.96
CA ARG A 56 -16.80 -9.39 -1.92
C ARG A 56 -17.50 -8.19 -2.56
N ALA A 57 -17.49 -8.13 -3.87
CA ALA A 57 -18.17 -7.00 -4.57
C ALA A 57 -19.67 -7.03 -4.29
N ARG A 58 -20.27 -5.90 -4.06
CA ARG A 58 -21.76 -5.89 -3.93
C ARG A 58 -22.39 -6.48 -5.18
N PRO A 59 -21.95 -5.99 -6.32
CA PRO A 59 -22.44 -6.50 -7.59
C PRO A 59 -21.52 -7.60 -8.09
N GLU A 60 -21.89 -8.81 -7.87
CA GLU A 60 -21.02 -9.96 -8.26
C GLU A 60 -21.02 -10.16 -9.78
N ASP A 61 -21.06 -9.09 -10.52
CA ASP A 61 -21.10 -9.21 -12.01
C ASP A 61 -20.29 -8.08 -12.66
N GLU A 62 -20.29 -6.91 -12.06
CA GLU A 62 -19.51 -5.78 -12.63
C GLU A 62 -18.08 -5.86 -12.13
N ASN A 63 -17.89 -6.41 -10.97
CA ASN A 63 -16.52 -6.52 -10.40
C ASN A 63 -15.78 -7.73 -10.99
N LYS A 64 -15.95 -7.99 -12.26
CA LYS A 64 -15.20 -9.11 -12.90
C LYS A 64 -13.99 -8.56 -13.64
N GLY A 65 -13.66 -7.31 -13.40
CA GLY A 65 -12.47 -6.70 -14.04
C GLY A 65 -12.34 -5.26 -13.57
N ILE A 66 -12.87 -4.95 -12.42
CA ILE A 66 -12.69 -3.59 -11.84
C ILE A 66 -12.48 -3.71 -10.33
N VAL A 67 -11.64 -2.89 -9.76
CA VAL A 67 -11.42 -2.97 -8.29
C VAL A 67 -11.79 -1.63 -7.64
N ARG A 68 -12.64 -1.65 -6.66
CA ARG A 68 -13.06 -0.37 -6.02
C ARG A 68 -12.13 -0.04 -4.86
N ILE A 69 -11.21 0.87 -5.06
CA ILE A 69 -10.27 1.23 -3.97
C ILE A 69 -10.30 2.74 -3.71
N ASP A 70 -9.67 3.17 -2.65
CA ASP A 70 -9.62 4.64 -2.36
C ASP A 70 -8.55 5.30 -3.23
N SER A 71 -8.62 6.60 -3.37
CA SER A 71 -7.63 7.31 -4.24
C SER A 71 -6.22 7.14 -3.68
N VAL A 72 -6.11 6.75 -2.44
CA VAL A 72 -4.75 6.58 -1.85
C VAL A 72 -4.06 5.35 -2.45
N MET A 73 -4.74 4.23 -2.48
CA MET A 73 -4.12 3.00 -3.05
C MET A 73 -3.74 3.25 -4.51
N ARG A 74 -4.65 3.75 -5.30
CA ARG A 74 -4.30 4.10 -6.70
C ARG A 74 -3.25 5.22 -6.70
N ASN A 75 -3.24 6.05 -5.69
CA ASN A 75 -2.18 7.09 -5.60
C ASN A 75 -0.84 6.45 -5.20
N ASN A 76 -0.89 5.39 -4.45
CA ASN A 76 0.37 4.79 -3.91
C ASN A 76 1.31 4.38 -5.05
N CYS A 77 0.78 3.82 -6.10
CA CYS A 77 1.67 3.37 -7.22
C CYS A 77 1.68 4.40 -8.35
N GLY A 78 0.58 5.03 -8.62
CA GLY A 78 0.52 6.02 -9.72
C GLY A 78 -0.63 5.67 -10.67
N ALA A 79 -1.69 5.13 -10.14
CA ALA A 79 -2.83 4.70 -11.01
C ALA A 79 -3.93 5.76 -10.99
N SER A 80 -4.52 6.03 -12.13
CA SER A 80 -5.68 6.95 -12.14
C SER A 80 -6.97 6.14 -12.26
N ILE A 81 -8.09 6.71 -11.95
CA ILE A 81 -9.34 5.94 -12.02
C ILE A 81 -9.50 5.28 -13.39
N GLY A 82 -9.89 4.04 -13.39
CA GLY A 82 -10.23 3.36 -14.66
C GLY A 82 -8.94 2.98 -15.41
N ASP A 83 -7.79 3.27 -14.84
CA ASP A 83 -6.52 2.85 -15.47
C ASP A 83 -6.49 1.33 -15.64
N LYS A 84 -5.31 0.79 -15.80
CA LYS A 84 -5.19 -0.70 -15.92
C LYS A 84 -4.04 -1.19 -15.04
N VAL A 85 -4.34 -1.96 -14.03
CA VAL A 85 -3.27 -2.53 -13.16
C VAL A 85 -3.39 -4.04 -13.11
N LYS A 86 -2.33 -4.72 -12.73
CA LYS A 86 -2.41 -6.20 -12.59
C LYS A 86 -2.45 -6.57 -11.11
N VAL A 87 -3.46 -7.32 -10.70
CA VAL A 87 -3.57 -7.69 -9.26
C VAL A 87 -3.29 -9.18 -9.09
N ARG A 88 -2.35 -9.53 -8.26
CA ARG A 88 -2.06 -10.97 -8.02
C ARG A 88 -2.63 -11.39 -6.68
N LYS A 89 -2.98 -12.64 -6.53
CA LYS A 89 -3.57 -13.09 -5.25
C LYS A 89 -2.49 -13.76 -4.39
N VAL A 90 -2.43 -13.40 -3.15
CA VAL A 90 -1.40 -13.97 -2.23
C VAL A 90 -1.95 -14.00 -0.80
N ARG A 91 -1.08 -14.24 0.15
CA ARG A 91 -1.52 -14.21 1.58
C ARG A 91 -0.58 -13.33 2.39
N THR A 92 -0.85 -13.18 3.65
CA THR A 92 -0.03 -12.25 4.48
C THR A 92 0.93 -13.03 5.40
N GLU A 93 1.94 -12.36 5.87
CA GLU A 93 2.88 -12.99 6.83
C GLU A 93 3.42 -11.92 7.78
N ILE A 94 4.01 -12.29 8.88
CA ILE A 94 4.44 -11.24 9.85
C ILE A 94 5.85 -10.74 9.52
N ALA A 95 5.94 -9.63 8.83
CA ALA A 95 7.28 -9.08 8.49
C ALA A 95 8.11 -8.91 9.75
N LYS A 96 9.38 -9.23 9.69
CA LYS A 96 10.24 -9.09 10.90
C LYS A 96 11.08 -7.81 10.83
N LYS A 97 11.39 -7.33 9.65
CA LYS A 97 12.26 -6.13 9.55
C LYS A 97 11.92 -5.32 8.31
N VAL A 98 11.55 -4.07 8.46
CA VAL A 98 11.19 -3.25 7.27
C VAL A 98 11.82 -1.86 7.37
N THR A 99 12.25 -1.32 6.27
CA THR A 99 12.93 0.01 6.29
C THR A 99 12.12 1.03 5.47
N LEU A 100 11.91 2.20 6.02
CA LEU A 100 11.09 3.22 5.30
C LEU A 100 11.80 4.57 5.31
N ALA A 101 11.37 5.47 4.47
CA ALA A 101 12.08 6.79 4.39
C ALA A 101 11.07 7.94 4.26
N PRO A 102 10.58 8.37 5.40
CA PRO A 102 9.60 9.48 5.41
C PRO A 102 10.21 10.73 4.78
N ILE A 103 9.55 11.30 3.80
CA ILE A 103 10.11 12.51 3.14
C ILE A 103 9.60 13.77 3.83
N ILE A 104 10.46 14.45 4.55
CA ILE A 104 10.02 15.70 5.25
C ILE A 104 11.19 16.68 5.39
N ARG A 105 10.98 17.73 6.12
CA ARG A 105 12.10 18.70 6.37
C ARG A 105 12.85 18.30 7.66
N LYS A 106 13.99 18.86 7.88
CA LYS A 106 14.82 18.44 9.05
C LYS A 106 14.07 18.65 10.35
N ASP A 107 13.03 19.42 10.31
CA ASP A 107 12.28 19.71 11.55
C ASP A 107 10.80 19.29 11.41
N GLN A 108 10.52 18.35 10.55
CA GLN A 108 9.10 17.91 10.40
C GLN A 108 8.81 16.65 11.22
N ARG A 109 9.16 15.50 10.72
CA ARG A 109 8.76 14.24 11.39
C ARG A 109 9.95 13.58 12.08
N LEU A 110 11.15 13.99 11.77
CA LEU A 110 12.34 13.31 12.37
C LEU A 110 12.86 14.10 13.57
N LYS A 111 12.00 14.33 14.53
CA LYS A 111 12.44 15.04 15.77
C LYS A 111 11.77 14.41 17.00
N PHE A 112 12.13 13.21 17.33
CA PHE A 112 11.48 12.52 18.48
C PHE A 112 12.52 11.77 19.32
N GLY A 113 13.47 11.15 18.68
CA GLY A 113 14.50 10.41 19.44
C GLY A 113 13.94 9.05 19.87
N GLU A 114 14.54 8.45 20.86
CA GLU A 114 14.11 7.11 21.32
C GLU A 114 12.60 6.91 21.12
N GLY A 115 12.19 5.73 20.73
CA GLY A 115 10.73 5.45 20.60
C GLY A 115 10.26 5.84 19.19
N ILE A 116 11.08 6.50 18.43
CA ILE A 116 10.67 6.91 17.06
C ILE A 116 10.56 5.68 16.15
N GLU A 117 11.47 4.75 16.26
CA GLU A 117 11.35 3.49 15.48
C GLU A 117 10.19 2.64 16.00
N GLU A 118 10.03 2.59 17.30
CA GLU A 118 8.86 1.85 17.87
C GLU A 118 7.58 2.59 17.54
N TYR A 119 7.64 3.88 17.44
CA TYR A 119 6.43 4.66 17.05
C TYR A 119 5.94 4.19 15.68
N VAL A 120 6.84 3.89 14.78
CA VAL A 120 6.42 3.34 13.46
C VAL A 120 5.65 2.04 13.65
N GLN A 121 6.18 1.13 14.42
CA GLN A 121 5.45 -0.13 14.69
C GLN A 121 4.12 0.16 15.37
N ARG A 122 4.12 1.04 16.34
CA ARG A 122 2.86 1.29 17.10
C ARG A 122 1.80 1.87 16.16
N ALA A 123 2.19 2.67 15.21
CA ALA A 123 1.20 3.24 14.26
C ALA A 123 0.89 2.25 13.12
N LEU A 124 1.90 1.60 12.60
CA LEU A 124 1.69 0.72 11.42
C LEU A 124 1.48 -0.74 11.82
N ILE A 125 1.47 -1.02 13.10
CA ILE A 125 1.38 -2.45 13.52
C ILE A 125 0.25 -3.17 12.76
N ARG A 126 0.23 -4.47 12.80
CA ARG A 126 -0.81 -5.25 12.05
C ARG A 126 -1.18 -4.57 10.73
N ARG A 127 -0.21 -4.20 9.93
CA ARG A 127 -0.55 -3.57 8.62
C ARG A 127 0.28 -4.21 7.49
N PRO A 128 -0.40 -4.47 6.39
CA PRO A 128 0.26 -5.08 5.20
C PRO A 128 1.39 -4.17 4.71
N MET A 129 2.57 -4.69 4.49
CA MET A 129 3.67 -3.79 4.03
C MET A 129 4.30 -4.31 2.75
N LEU A 130 4.73 -3.41 1.90
CA LEU A 130 5.27 -3.82 0.59
C LEU A 130 6.42 -2.89 0.19
N GLU A 131 7.64 -3.36 0.29
CA GLU A 131 8.80 -2.47 0.01
C GLU A 131 8.53 -1.60 -1.23
N GLN A 132 8.99 -0.39 -1.21
CA GLN A 132 8.78 0.54 -2.36
C GLN A 132 7.35 1.08 -2.34
N ASP A 133 6.56 0.67 -1.39
CA ASP A 133 5.19 1.27 -1.26
C ASP A 133 5.30 2.72 -0.79
N ASN A 134 4.19 3.38 -0.62
CA ASN A 134 4.21 4.79 -0.14
C ASN A 134 3.01 5.05 0.75
N ILE A 135 3.17 5.81 1.79
CA ILE A 135 2.01 6.08 2.69
C ILE A 135 2.01 7.53 3.14
N SER A 136 0.91 7.98 3.67
CA SER A 136 0.84 9.40 4.13
C SER A 136 0.05 9.49 5.45
N VAL A 137 0.36 10.45 6.27
CA VAL A 137 -0.38 10.59 7.56
C VAL A 137 -0.86 12.04 7.77
N PRO A 138 0.07 12.94 8.00
CA PRO A 138 -0.31 14.36 8.21
C PRO A 138 -0.81 15.00 6.91
N GLY A 139 -1.84 15.79 6.97
CA GLY A 139 -2.34 16.46 5.74
C GLY A 139 -2.09 17.97 5.83
N LEU A 140 -0.88 18.36 6.12
CA LEU A 140 -0.57 19.82 6.20
C LEU A 140 0.55 20.18 5.23
N THR A 141 0.93 21.43 5.15
CA THR A 141 2.01 21.82 4.20
C THR A 141 3.08 22.65 4.90
N LEU A 142 4.00 23.15 4.13
CA LEU A 142 5.09 24.00 4.69
C LEU A 142 5.46 25.10 3.69
N ALA A 143 6.68 25.58 3.75
CA ALA A 143 7.11 26.64 2.79
C ALA A 143 7.49 26.00 1.44
N GLY A 144 6.52 25.72 0.61
CA GLY A 144 6.82 25.03 -0.67
C GLY A 144 7.60 23.73 -0.41
N GLN A 145 7.02 22.80 0.32
CA GLN A 145 7.73 21.50 0.56
C GLN A 145 7.25 20.44 -0.43
N THR A 146 7.93 19.34 -0.51
CA THR A 146 7.47 18.25 -1.40
C THR A 146 7.67 16.89 -0.73
N GLY A 147 6.87 15.92 -1.09
CA GLY A 147 7.03 14.55 -0.50
C GLY A 147 6.04 14.36 0.64
N LEU A 148 6.41 14.75 1.83
CA LEU A 148 5.44 14.67 2.98
C LEU A 148 4.78 13.28 3.07
N LEU A 149 5.45 12.23 2.67
CA LEU A 149 4.86 10.88 2.79
C LEU A 149 5.93 9.86 3.19
N PHE A 150 5.53 8.67 3.53
CA PHE A 150 6.54 7.62 3.87
C PHE A 150 6.93 6.85 2.60
N LYS A 151 8.19 6.57 2.44
CA LYS A 151 8.63 5.79 1.24
C LYS A 151 9.33 4.51 1.69
N VAL A 152 8.65 3.40 1.63
CA VAL A 152 9.29 2.11 2.04
C VAL A 152 10.23 1.62 0.93
N VAL A 153 11.36 1.08 1.29
CA VAL A 153 12.33 0.66 0.24
C VAL A 153 12.82 -0.76 0.49
N LYS A 154 12.83 -1.21 1.70
CA LYS A 154 13.38 -2.58 1.97
C LYS A 154 12.53 -3.31 3.01
N THR A 155 12.21 -4.54 2.75
CA THR A 155 11.45 -5.35 3.75
C THR A 155 12.10 -6.72 3.89
N LEU A 156 11.77 -7.45 4.91
CA LEU A 156 12.42 -8.77 5.13
C LEU A 156 11.68 -9.88 4.39
N PRO A 157 10.37 -9.79 4.40
CA PRO A 157 9.55 -10.81 3.70
C PRO A 157 9.92 -10.84 2.21
N SER A 158 9.16 -11.56 1.43
CA SER A 158 9.42 -11.58 -0.04
C SER A 158 8.62 -10.47 -0.72
N LYS A 159 8.39 -10.60 -2.00
CA LYS A 159 7.68 -9.54 -2.76
C LYS A 159 6.21 -9.51 -2.35
N VAL A 160 5.78 -10.45 -1.58
CA VAL A 160 4.34 -10.55 -1.24
C VAL A 160 4.01 -9.71 0.01
N PRO A 161 2.80 -9.23 0.03
CA PRO A 161 2.32 -8.40 1.16
C PRO A 161 2.61 -9.08 2.50
N VAL A 162 2.99 -8.33 3.49
CA VAL A 162 3.12 -8.92 4.86
C VAL A 162 2.39 -8.04 5.87
N GLU A 163 2.03 -8.60 6.99
CA GLU A 163 1.37 -7.78 8.03
C GLU A 163 2.36 -7.46 9.16
N ILE A 164 2.45 -6.23 9.53
CA ILE A 164 3.36 -5.85 10.64
C ILE A 164 2.78 -6.34 11.97
N GLY A 165 3.62 -6.63 12.91
CA GLY A 165 3.12 -7.03 14.26
C GLY A 165 4.01 -6.42 15.33
N GLU A 166 3.61 -6.50 16.56
CA GLU A 166 4.40 -5.86 17.64
C GLU A 166 5.84 -6.33 17.59
N GLU A 167 6.09 -7.50 17.04
CA GLU A 167 7.47 -8.05 17.04
C GLU A 167 8.25 -7.62 15.81
N THR A 168 7.56 -7.16 14.79
CA THR A 168 8.27 -6.72 13.55
C THR A 168 9.28 -5.63 13.89
N LYS A 169 10.38 -5.57 13.19
CA LYS A 169 11.40 -4.53 13.50
C LYS A 169 11.22 -3.32 12.60
N ILE A 170 11.76 -2.20 12.98
CA ILE A 170 11.60 -0.97 12.17
C ILE A 170 12.95 -0.44 11.71
N GLU A 171 13.09 -0.16 10.44
CA GLU A 171 14.31 0.54 9.98
C GLU A 171 13.96 1.93 9.46
N ILE A 172 14.62 2.92 9.99
CA ILE A 172 14.30 4.32 9.58
C ILE A 172 15.57 5.00 9.04
N ARG A 173 15.46 5.65 7.92
CA ARG A 173 16.68 6.27 7.31
C ARG A 173 16.88 7.70 7.84
N GLU A 174 18.10 8.15 7.93
CA GLU A 174 18.36 9.50 8.51
C GLU A 174 18.43 10.55 7.40
N GLU A 175 18.28 10.15 6.17
CA GLU A 175 18.32 11.14 5.05
C GLU A 175 16.90 11.54 4.65
N PRO A 176 16.54 12.75 4.99
CA PRO A 176 15.18 13.27 4.69
C PRO A 176 15.05 13.59 3.20
N ALA A 177 14.15 14.47 2.88
CA ALA A 177 13.99 14.89 1.45
C ALA A 177 15.02 15.97 1.11
N SER A 178 16.28 15.67 1.30
CA SER A 178 17.33 16.67 0.94
C SER A 178 17.95 16.31 -0.40
N GLU A 179 17.91 17.21 -1.34
CA GLU A 179 18.51 16.93 -2.68
C GLU A 179 17.81 15.73 -3.33
N VAL A 180 16.64 15.40 -2.89
CA VAL A 180 15.90 14.27 -3.52
C VAL A 180 14.71 14.81 -4.33
N LEU A 181 14.69 14.53 -5.61
CA LEU A 181 13.59 15.05 -6.47
C LEU A 181 12.92 13.90 -7.24
N GLU A 182 13.08 12.70 -6.78
CA GLU A 182 12.47 11.54 -7.48
C GLU A 182 12.57 11.70 -9.00
N GLU A 183 11.49 11.55 -9.71
CA GLU A 183 11.55 11.67 -11.20
C GLU A 183 11.79 13.13 -11.61
N GLY A 184 12.44 13.34 -12.72
CA GLY A 184 12.71 14.73 -13.18
C GLY A 184 14.21 15.03 -13.06
N GLY A 185 14.96 14.13 -12.48
CA GLY A 185 16.43 14.35 -12.37
C GLY A 185 17.17 13.39 -13.30
N MET A 1 7.05 -18.70 -9.61
CA MET A 1 6.35 -19.98 -9.90
C MET A 1 4.89 -19.71 -10.28
N GLU A 2 4.18 -20.71 -10.72
CA GLU A 2 2.76 -20.51 -11.14
C GLU A 2 1.89 -20.18 -9.91
N SER A 3 2.37 -20.50 -8.74
CA SER A 3 1.57 -20.21 -7.52
C SER A 3 1.29 -18.71 -7.40
N ASN A 4 2.25 -17.89 -7.71
CA ASN A 4 2.04 -16.42 -7.60
C ASN A 4 1.62 -15.83 -8.95
N ASN A 5 0.34 -15.59 -9.14
CA ASN A 5 -0.12 -14.97 -10.41
C ASN A 5 -1.25 -13.97 -10.12
N GLY A 6 -1.57 -13.13 -11.07
CA GLY A 6 -2.66 -12.15 -10.85
C GLY A 6 -3.41 -11.89 -12.16
N ILE A 7 -4.22 -10.87 -12.20
CA ILE A 7 -4.98 -10.56 -13.44
C ILE A 7 -4.93 -9.05 -13.69
N ILE A 8 -5.18 -8.63 -14.91
CA ILE A 8 -5.12 -7.17 -15.20
C ILE A 8 -6.53 -6.59 -15.26
N LEU A 9 -6.82 -5.62 -14.43
CA LEU A 9 -8.17 -4.99 -14.46
C LEU A 9 -8.06 -3.47 -14.35
N ARG A 10 -9.16 -2.81 -14.19
CA ARG A 10 -9.16 -1.31 -14.23
C ARG A 10 -9.36 -0.72 -12.84
N VAL A 11 -8.55 0.23 -12.47
CA VAL A 11 -8.74 0.92 -11.17
C VAL A 11 -10.10 1.61 -11.11
N ALA A 12 -10.77 1.52 -10.00
CA ALA A 12 -12.09 2.19 -9.88
C ALA A 12 -12.10 3.17 -8.69
N GLU A 13 -12.80 4.27 -8.83
CA GLU A 13 -12.94 5.19 -7.67
C GLU A 13 -13.82 6.39 -8.07
N ALA A 14 -15.08 6.33 -7.75
CA ALA A 14 -16.00 7.44 -8.14
C ALA A 14 -17.14 7.58 -7.12
N ASN A 15 -16.85 8.16 -5.98
CA ASN A 15 -17.93 8.35 -4.96
C ASN A 15 -17.54 9.47 -3.99
N SER A 16 -18.46 9.94 -3.20
CA SER A 16 -18.13 11.01 -2.23
C SER A 16 -17.05 10.53 -1.27
N THR A 17 -17.12 9.31 -0.85
CA THR A 17 -16.05 8.74 0.02
C THR A 17 -15.59 7.38 -0.51
N ASP A 18 -14.32 7.12 -0.51
CA ASP A 18 -13.82 5.81 -1.04
C ASP A 18 -12.84 5.18 -0.04
N PRO A 19 -13.37 4.70 1.04
CA PRO A 19 -12.54 4.05 2.08
C PRO A 19 -11.89 2.77 1.52
N GLY A 20 -10.94 2.22 2.22
CA GLY A 20 -10.32 0.94 1.76
C GLY A 20 -8.99 1.23 1.07
N MET A 21 -7.97 1.54 1.82
CA MET A 21 -6.64 1.78 1.21
C MET A 21 -5.88 0.45 1.05
N SER A 22 -6.40 -0.59 1.63
CA SER A 22 -5.76 -1.93 1.46
C SER A 22 -6.83 -2.98 1.16
N ARG A 23 -8.02 -2.54 0.83
CA ARG A 23 -9.13 -3.52 0.57
C ARG A 23 -9.55 -3.43 -0.89
N VAL A 24 -9.78 -4.56 -1.52
CA VAL A 24 -10.18 -4.55 -2.95
C VAL A 24 -11.55 -5.18 -3.12
N ARG A 25 -12.50 -4.47 -3.63
CA ARG A 25 -13.83 -5.11 -3.89
C ARG A 25 -13.87 -5.65 -5.31
N LEU A 26 -14.06 -6.94 -5.44
CA LEU A 26 -14.12 -7.55 -6.80
C LEU A 26 -15.29 -8.53 -6.90
N ASP A 27 -15.39 -9.25 -7.97
CA ASP A 27 -16.54 -10.20 -8.12
C ASP A 27 -16.06 -11.64 -7.94
N GLU A 28 -16.95 -12.58 -8.04
CA GLU A 28 -16.57 -14.01 -7.83
C GLU A 28 -15.50 -14.41 -8.85
N SER A 29 -15.69 -14.04 -10.08
CA SER A 29 -14.70 -14.40 -11.13
C SER A 29 -13.32 -13.83 -10.78
N SER A 30 -13.28 -12.57 -10.41
CA SER A 30 -11.98 -11.98 -9.97
C SER A 30 -11.46 -12.76 -8.76
N ARG A 31 -12.35 -13.18 -7.92
CA ARG A 31 -11.95 -13.99 -6.72
C ARG A 31 -11.47 -15.39 -7.14
N ARG A 32 -12.19 -16.04 -8.01
CA ARG A 32 -11.86 -17.47 -8.31
C ARG A 32 -10.85 -17.61 -9.46
N LEU A 33 -10.56 -16.54 -10.16
CA LEU A 33 -9.60 -16.66 -11.30
C LEU A 33 -8.34 -17.39 -10.81
N LEU A 34 -8.05 -17.28 -9.55
CA LEU A 34 -6.90 -18.03 -8.99
C LEU A 34 -7.32 -18.79 -7.73
N ASP A 35 -7.61 -18.09 -6.65
CA ASP A 35 -8.02 -18.79 -5.42
C ASP A 35 -8.49 -17.80 -4.35
N ALA A 36 -8.69 -16.56 -4.71
CA ALA A 36 -9.06 -15.54 -3.69
C ALA A 36 -10.26 -16.02 -2.88
N GLU A 37 -10.18 -15.89 -1.59
CA GLU A 37 -11.36 -16.19 -0.74
C GLU A 37 -11.76 -14.92 0.00
N ILE A 38 -12.83 -14.92 0.72
CA ILE A 38 -13.25 -13.68 1.42
C ILE A 38 -12.14 -13.24 2.37
N GLY A 39 -11.62 -12.06 2.16
CA GLY A 39 -10.61 -11.51 3.11
C GLY A 39 -9.27 -12.23 2.96
N ASP A 40 -8.90 -12.60 1.76
CA ASP A 40 -7.52 -13.15 1.56
C ASP A 40 -6.56 -12.01 1.24
N VAL A 41 -5.30 -12.31 1.05
CA VAL A 41 -4.31 -11.22 0.83
C VAL A 41 -4.01 -11.06 -0.66
N VAL A 42 -4.21 -9.88 -1.18
CA VAL A 42 -4.00 -9.67 -2.64
C VAL A 42 -2.98 -8.57 -2.88
N GLU A 43 -2.22 -8.68 -3.93
CA GLU A 43 -1.19 -7.65 -4.23
C GLU A 43 -1.59 -6.86 -5.48
N ILE A 44 -1.43 -5.55 -5.46
CA ILE A 44 -1.89 -4.75 -6.64
C ILE A 44 -0.70 -4.03 -7.29
N GLU A 45 -0.67 -3.96 -8.60
CA GLU A 45 0.53 -3.36 -9.25
C GLU A 45 0.18 -2.72 -10.61
N LYS A 46 -0.02 -1.43 -10.63
CA LYS A 46 -0.09 -0.73 -11.95
C LYS A 46 1.26 -0.06 -12.27
N VAL A 47 1.50 1.08 -11.70
CA VAL A 47 2.80 1.78 -11.91
C VAL A 47 3.86 1.22 -10.97
N ARG A 48 3.46 0.89 -9.78
CA ARG A 48 4.40 0.17 -8.85
C ARG A 48 3.66 -0.97 -8.18
N LYS A 49 4.11 -1.39 -7.03
CA LYS A 49 3.45 -2.54 -6.36
C LYS A 49 2.79 -2.15 -5.03
N THR A 50 1.59 -2.60 -4.84
CA THR A 50 0.84 -2.34 -3.58
C THR A 50 0.49 -3.66 -2.88
N VAL A 51 -0.17 -3.58 -1.77
CA VAL A 51 -0.72 -4.80 -1.13
C VAL A 51 -2.15 -4.53 -0.63
N GLY A 52 -2.92 -5.55 -0.41
CA GLY A 52 -4.28 -5.34 0.13
C GLY A 52 -4.97 -6.69 0.31
N ARG A 53 -6.24 -6.69 0.57
CA ARG A 53 -6.97 -7.97 0.75
C ARG A 53 -8.08 -8.08 -0.30
N VAL A 54 -8.96 -9.03 -0.14
CA VAL A 54 -10.03 -9.21 -1.16
C VAL A 54 -11.40 -8.93 -0.54
N TYR A 55 -12.18 -8.10 -1.18
CA TYR A 55 -13.54 -7.80 -0.66
C TYR A 55 -14.61 -8.27 -1.65
N ARG A 56 -15.83 -8.36 -1.21
CA ARG A 56 -16.93 -8.80 -2.13
C ARG A 56 -17.54 -7.58 -2.85
N ALA A 57 -17.47 -7.55 -4.15
CA ALA A 57 -18.06 -6.41 -4.90
C ALA A 57 -19.57 -6.38 -4.70
N ARG A 58 -20.14 -5.22 -4.54
CA ARG A 58 -21.63 -5.15 -4.45
C ARG A 58 -22.23 -5.80 -5.68
N PRO A 59 -21.77 -5.39 -6.83
CA PRO A 59 -22.23 -5.96 -8.10
C PRO A 59 -21.29 -7.09 -8.51
N GLU A 60 -21.67 -8.29 -8.20
CA GLU A 60 -20.76 -9.45 -8.44
C GLU A 60 -20.71 -9.80 -9.94
N ASP A 61 -20.71 -8.81 -10.78
CA ASP A 61 -20.70 -9.10 -12.25
C ASP A 61 -19.82 -8.09 -13.00
N GLU A 62 -19.84 -6.85 -12.59
CA GLU A 62 -18.97 -5.85 -13.27
C GLU A 62 -17.58 -5.85 -12.63
N ASN A 63 -17.48 -6.38 -11.44
CA ASN A 63 -16.15 -6.46 -10.77
C ASN A 63 -15.36 -7.68 -11.27
N LYS A 64 -15.48 -8.01 -12.53
CA LYS A 64 -14.68 -9.14 -13.07
C LYS A 64 -13.46 -8.60 -13.81
N GLY A 65 -13.13 -7.37 -13.57
CA GLY A 65 -11.95 -6.76 -14.23
C GLY A 65 -11.82 -5.29 -13.79
N ILE A 66 -12.38 -4.95 -12.67
CA ILE A 66 -12.20 -3.57 -12.11
C ILE A 66 -12.01 -3.66 -10.60
N VAL A 67 -11.40 -2.67 -10.01
CA VAL A 67 -11.21 -2.73 -8.52
C VAL A 67 -11.53 -1.38 -7.89
N ARG A 68 -12.32 -1.36 -6.86
CA ARG A 68 -12.62 -0.06 -6.18
C ARG A 68 -11.62 0.19 -5.07
N ILE A 69 -10.86 1.25 -5.16
CA ILE A 69 -9.90 1.56 -4.08
C ILE A 69 -10.03 3.02 -3.64
N ASP A 70 -9.42 3.36 -2.54
CA ASP A 70 -9.48 4.78 -2.06
C ASP A 70 -8.49 5.63 -2.83
N SER A 71 -8.54 6.92 -2.66
CA SER A 71 -7.59 7.81 -3.38
C SER A 71 -6.15 7.48 -3.01
N VAL A 72 -5.93 7.04 -1.80
CA VAL A 72 -4.53 6.80 -1.33
C VAL A 72 -3.91 5.62 -2.08
N MET A 73 -4.61 4.53 -2.21
CA MET A 73 -4.04 3.37 -2.95
C MET A 73 -3.78 3.78 -4.40
N ARG A 74 -4.70 4.48 -5.01
CA ARG A 74 -4.44 5.04 -6.37
C ARG A 74 -3.22 5.98 -6.32
N ASN A 75 -3.15 6.82 -5.31
CA ASN A 75 -2.00 7.76 -5.22
C ASN A 75 -0.72 6.99 -4.86
N ASN A 76 -0.85 5.87 -4.22
CA ASN A 76 0.36 5.11 -3.80
C ASN A 76 1.07 4.51 -5.02
N CYS A 77 0.36 4.27 -6.10
CA CYS A 77 1.01 3.60 -7.25
C CYS A 77 1.44 4.62 -8.30
N GLY A 78 0.66 5.64 -8.51
CA GLY A 78 1.02 6.65 -9.55
C GLY A 78 0.02 6.58 -10.71
N ALA A 79 -1.20 6.24 -10.41
CA ALA A 79 -2.17 5.94 -11.51
C ALA A 79 -3.32 6.94 -11.54
N SER A 80 -4.20 6.78 -12.49
CA SER A 80 -5.43 7.60 -12.53
C SER A 80 -6.62 6.66 -12.63
N ILE A 81 -7.81 7.17 -12.49
CA ILE A 81 -9.01 6.28 -12.60
C ILE A 81 -9.03 5.62 -13.99
N GLY A 82 -9.59 4.44 -14.05
CA GLY A 82 -9.77 3.79 -15.38
C GLY A 82 -8.43 3.25 -15.88
N ASP A 83 -7.36 3.48 -15.16
CA ASP A 83 -6.06 2.90 -15.56
C ASP A 83 -6.16 1.38 -15.62
N LYS A 84 -5.03 0.72 -15.63
CA LYS A 84 -5.03 -0.77 -15.64
C LYS A 84 -4.03 -1.29 -14.61
N VAL A 85 -4.49 -1.99 -13.62
CA VAL A 85 -3.54 -2.57 -12.61
C VAL A 85 -3.63 -4.10 -12.65
N LYS A 86 -2.52 -4.76 -12.46
CA LYS A 86 -2.56 -6.24 -12.39
C LYS A 86 -2.67 -6.67 -10.93
N VAL A 87 -3.71 -7.37 -10.59
CA VAL A 87 -3.91 -7.79 -9.17
C VAL A 87 -3.45 -9.24 -9.00
N ARG A 88 -2.54 -9.48 -8.11
CA ARG A 88 -2.08 -10.89 -7.90
C ARG A 88 -2.56 -11.38 -6.54
N LYS A 89 -2.87 -12.63 -6.43
CA LYS A 89 -3.39 -13.15 -5.14
C LYS A 89 -2.26 -13.77 -4.33
N VAL A 90 -2.21 -13.45 -3.06
CA VAL A 90 -1.13 -14.01 -2.20
C VAL A 90 -1.65 -14.20 -0.78
N ARG A 91 -0.77 -14.50 0.14
CA ARG A 91 -1.19 -14.65 1.56
C ARG A 91 -0.32 -13.76 2.46
N THR A 92 -0.66 -13.64 3.70
CA THR A 92 0.11 -12.72 4.59
C THR A 92 1.15 -13.48 5.40
N GLU A 93 2.10 -12.78 5.94
CA GLU A 93 3.12 -13.42 6.83
C GLU A 93 3.61 -12.38 7.84
N ILE A 94 4.22 -12.81 8.91
CA ILE A 94 4.63 -11.82 9.94
C ILE A 94 6.05 -11.30 9.65
N ALA A 95 6.13 -10.16 9.03
CA ALA A 95 7.47 -9.56 8.73
C ALA A 95 8.29 -9.44 10.02
N LYS A 96 9.57 -9.23 9.89
CA LYS A 96 10.42 -9.11 11.10
C LYS A 96 11.38 -7.92 10.96
N LYS A 97 11.62 -7.45 9.77
CA LYS A 97 12.50 -6.25 9.60
C LYS A 97 12.09 -5.46 8.35
N VAL A 98 11.70 -4.22 8.50
CA VAL A 98 11.32 -3.41 7.30
C VAL A 98 11.87 -1.98 7.43
N THR A 99 12.31 -1.41 6.32
CA THR A 99 12.88 -0.03 6.36
C THR A 99 12.02 0.92 5.52
N LEU A 100 11.85 2.14 5.97
CA LEU A 100 10.99 3.10 5.19
C LEU A 100 11.63 4.49 5.19
N ALA A 101 11.07 5.40 4.43
CA ALA A 101 11.72 6.74 4.31
C ALA A 101 10.66 7.84 4.20
N PRO A 102 10.34 8.41 5.34
CA PRO A 102 9.34 9.52 5.39
C PRO A 102 9.87 10.73 4.61
N ILE A 103 9.10 11.23 3.68
CA ILE A 103 9.58 12.39 2.87
C ILE A 103 9.12 13.71 3.48
N ILE A 104 10.04 14.55 3.85
CA ILE A 104 9.66 15.88 4.44
C ILE A 104 10.71 16.93 4.10
N ARG A 105 10.75 17.96 4.87
CA ARG A 105 11.73 19.05 4.63
C ARG A 105 12.79 19.06 5.72
N LYS A 106 13.98 19.54 5.42
CA LYS A 106 15.05 19.59 6.44
C LYS A 106 14.61 20.45 7.62
N ASP A 107 13.56 21.18 7.44
CA ASP A 107 13.04 22.04 8.53
C ASP A 107 11.58 21.69 8.82
N GLN A 108 11.26 20.41 8.84
CA GLN A 108 9.83 20.02 8.99
C GLN A 108 9.41 20.07 10.47
N ARG A 109 8.17 19.81 10.74
CA ARG A 109 7.67 19.92 12.14
C ARG A 109 7.67 18.57 12.83
N LEU A 110 7.75 17.50 12.09
CA LEU A 110 7.68 16.14 12.70
C LEU A 110 9.08 15.56 12.87
N LYS A 111 9.85 16.09 13.77
CA LYS A 111 11.19 15.49 14.06
C LYS A 111 11.27 15.05 15.52
N PHE A 112 11.60 13.81 15.76
CA PHE A 112 11.67 13.33 17.17
C PHE A 112 12.81 12.32 17.33
N GLY A 113 12.75 11.22 16.64
CA GLY A 113 13.80 10.18 16.81
C GLY A 113 13.59 9.46 18.14
N GLU A 114 14.55 8.67 18.55
CA GLU A 114 14.43 7.99 19.87
C GLU A 114 13.03 7.40 20.04
N GLY A 115 12.85 6.15 19.70
CA GLY A 115 11.54 5.49 19.91
C GLY A 115 10.62 5.74 18.72
N ILE A 116 10.98 6.65 17.86
CA ILE A 116 10.18 6.89 16.63
C ILE A 116 10.13 5.61 15.79
N GLU A 117 11.23 4.90 15.71
CA GLU A 117 11.23 3.63 14.92
C GLU A 117 10.21 2.66 15.51
N GLU A 118 10.12 2.58 16.80
CA GLU A 118 9.08 1.74 17.45
C GLU A 118 7.70 2.37 17.23
N TYR A 119 7.64 3.67 17.20
CA TYR A 119 6.34 4.36 16.97
C TYR A 119 5.76 3.94 15.62
N VAL A 120 6.61 3.82 14.62
CA VAL A 120 6.12 3.30 13.31
C VAL A 120 5.56 1.89 13.48
N GLN A 121 6.25 1.04 14.18
CA GLN A 121 5.74 -0.33 14.44
C GLN A 121 4.41 -0.26 15.16
N ARG A 122 4.33 0.57 16.17
CA ARG A 122 3.06 0.66 16.95
C ARG A 122 1.93 1.15 16.05
N ALA A 123 2.19 2.13 15.22
CA ALA A 123 1.12 2.64 14.31
C ALA A 123 0.85 1.63 13.17
N LEU A 124 1.88 1.04 12.63
CA LEU A 124 1.68 0.12 11.47
C LEU A 124 1.61 -1.34 11.95
N ILE A 125 1.72 -1.58 13.24
CA ILE A 125 1.71 -2.97 13.73
C ILE A 125 0.59 -3.77 13.04
N ARG A 126 0.67 -5.09 13.10
CA ARG A 126 -0.37 -5.94 12.43
C ARG A 126 -0.87 -5.29 11.13
N ARG A 127 0.02 -4.83 10.29
CA ARG A 127 -0.44 -4.22 9.01
C ARG A 127 0.37 -4.74 7.81
N PRO A 128 -0.32 -5.01 6.74
CA PRO A 128 0.33 -5.52 5.50
C PRO A 128 1.45 -4.56 5.06
N MET A 129 2.64 -5.05 4.84
CA MET A 129 3.73 -4.12 4.40
C MET A 129 4.39 -4.62 3.11
N LEU A 130 4.71 -3.72 2.23
CA LEU A 130 5.28 -4.12 0.93
C LEU A 130 6.40 -3.15 0.55
N GLU A 131 7.63 -3.59 0.54
CA GLU A 131 8.75 -2.66 0.22
C GLU A 131 8.44 -1.86 -1.04
N GLN A 132 8.88 -0.62 -1.08
CA GLN A 132 8.59 0.25 -2.26
C GLN A 132 7.14 0.72 -2.25
N ASP A 133 6.37 0.29 -1.29
CA ASP A 133 4.97 0.81 -1.18
C ASP A 133 4.98 2.28 -0.76
N ASN A 134 3.83 2.82 -0.45
CA ASN A 134 3.77 4.25 -0.02
C ASN A 134 2.67 4.43 1.01
N ILE A 135 2.75 5.45 1.82
CA ILE A 135 1.68 5.66 2.84
C ILE A 135 1.35 7.16 2.94
N SER A 136 0.30 7.48 3.64
CA SER A 136 -0.14 8.91 3.72
C SER A 136 -0.09 9.41 5.16
N VAL A 137 0.11 10.69 5.34
CA VAL A 137 0.16 11.25 6.72
C VAL A 137 -1.19 11.90 7.07
N PRO A 138 -1.53 11.84 8.32
CA PRO A 138 -2.81 12.43 8.80
C PRO A 138 -2.96 13.86 8.29
N GLY A 139 -4.00 14.53 8.70
CA GLY A 139 -4.25 15.92 8.19
C GLY A 139 -3.22 16.88 8.80
N LEU A 140 -1.96 16.63 8.60
CA LEU A 140 -0.92 17.56 9.14
C LEU A 140 -0.05 18.09 7.99
N THR A 141 0.30 19.35 8.04
CA THR A 141 1.13 19.94 6.95
C THR A 141 2.00 21.08 7.48
N LEU A 142 2.60 21.82 6.60
CA LEU A 142 3.47 22.95 7.02
C LEU A 142 3.28 24.15 6.10
N ALA A 143 4.27 25.00 6.00
CA ALA A 143 4.14 26.21 5.15
C ALA A 143 4.34 25.86 3.67
N GLY A 144 3.34 25.29 3.05
CA GLY A 144 3.50 24.85 1.64
C GLY A 144 4.69 23.89 1.52
N GLN A 145 4.65 22.76 2.18
CA GLN A 145 5.77 21.78 2.06
C GLN A 145 5.45 20.75 0.98
N THR A 146 6.34 19.81 0.76
CA THR A 146 6.08 18.78 -0.30
C THR A 146 6.50 17.39 0.20
N GLY A 147 5.88 16.36 -0.30
CA GLY A 147 6.25 14.98 0.13
C GLY A 147 5.36 14.55 1.29
N LEU A 148 5.76 14.84 2.50
CA LEU A 148 4.90 14.51 3.69
C LEU A 148 4.27 13.11 3.54
N LEU A 149 5.01 12.14 3.06
CA LEU A 149 4.46 10.75 2.99
C LEU A 149 5.55 9.74 3.36
N PHE A 150 5.16 8.52 3.64
CA PHE A 150 6.18 7.50 3.99
C PHE A 150 6.48 6.60 2.78
N LYS A 151 7.73 6.39 2.47
CA LYS A 151 8.07 5.52 1.31
C LYS A 151 8.86 4.30 1.78
N VAL A 152 8.26 3.14 1.75
CA VAL A 152 8.98 1.91 2.17
C VAL A 152 9.90 1.45 1.06
N VAL A 153 11.09 1.03 1.39
CA VAL A 153 12.07 0.64 0.34
C VAL A 153 12.42 -0.84 0.45
N LYS A 154 12.45 -1.38 1.64
CA LYS A 154 12.83 -2.82 1.76
C LYS A 154 12.11 -3.48 2.94
N THR A 155 11.84 -4.74 2.81
CA THR A 155 11.25 -5.51 3.93
C THR A 155 12.01 -6.84 4.11
N LEU A 156 11.76 -7.55 5.17
CA LEU A 156 12.51 -8.82 5.39
C LEU A 156 11.82 -10.00 4.71
N PRO A 157 10.51 -10.00 4.75
CA PRO A 157 9.74 -11.11 4.11
C PRO A 157 10.14 -11.24 2.64
N SER A 158 9.44 -12.07 1.91
CA SER A 158 9.74 -12.21 0.45
C SER A 158 9.09 -11.06 -0.33
N LYS A 159 8.87 -11.24 -1.59
CA LYS A 159 8.30 -10.16 -2.42
C LYS A 159 6.77 -10.18 -2.33
N VAL A 160 6.23 -10.38 -1.15
CA VAL A 160 4.75 -10.46 -1.01
C VAL A 160 4.28 -9.73 0.25
N PRO A 161 3.02 -9.38 0.23
CA PRO A 161 2.41 -8.66 1.38
C PRO A 161 2.70 -9.38 2.70
N VAL A 162 3.05 -8.65 3.72
CA VAL A 162 3.21 -9.27 5.06
C VAL A 162 2.48 -8.44 6.11
N GLU A 163 2.17 -9.02 7.23
CA GLU A 163 1.53 -8.22 8.32
C GLU A 163 2.55 -7.95 9.42
N ILE A 164 2.70 -6.71 9.78
CA ILE A 164 3.71 -6.35 10.83
C ILE A 164 3.25 -6.84 12.20
N GLY A 165 4.17 -7.01 13.11
CA GLY A 165 3.77 -7.39 14.50
C GLY A 165 4.64 -6.62 15.49
N GLU A 166 4.27 -6.62 16.74
CA GLU A 166 5.02 -5.85 17.75
C GLU A 166 6.48 -6.32 17.82
N GLU A 167 6.74 -7.52 17.38
CA GLU A 167 8.13 -8.05 17.45
C GLU A 167 8.91 -7.68 16.17
N THR A 168 8.20 -7.26 15.16
CA THR A 168 8.87 -6.88 13.88
C THR A 168 9.90 -5.77 14.13
N LYS A 169 10.89 -5.66 13.28
CA LYS A 169 11.90 -4.59 13.44
C LYS A 169 11.72 -3.55 12.33
N ILE A 170 12.03 -2.31 12.61
CA ILE A 170 11.85 -1.26 11.57
C ILE A 170 13.11 -0.40 11.42
N GLU A 171 13.22 0.26 10.31
CA GLU A 171 14.37 1.20 10.12
C GLU A 171 13.87 2.52 9.54
N ILE A 172 14.28 3.62 10.10
CA ILE A 172 13.81 4.94 9.58
C ILE A 172 15.01 5.77 9.13
N ARG A 173 15.03 6.20 7.90
CA ARG A 173 16.19 6.99 7.41
C ARG A 173 15.97 8.48 7.68
N GLU A 174 17.04 9.24 7.81
CA GLU A 174 16.90 10.67 8.18
C GLU A 174 17.01 11.56 6.93
N GLU A 175 17.00 10.97 5.77
CA GLU A 175 17.10 11.77 4.51
C GLU A 175 15.70 12.14 4.02
N PRO A 176 15.39 13.39 4.13
CA PRO A 176 14.07 13.91 3.71
C PRO A 176 13.95 13.93 2.18
N ALA A 177 13.10 14.76 1.67
CA ALA A 177 12.93 14.84 0.20
C ALA A 177 14.07 15.63 -0.42
N SER A 178 15.29 15.24 -0.13
CA SER A 178 16.46 15.95 -0.73
C SER A 178 17.10 15.06 -1.80
N GLU A 179 17.16 15.52 -3.01
CA GLU A 179 17.79 14.71 -4.09
C GLU A 179 17.07 13.38 -4.26
N VAL A 180 15.86 13.28 -3.79
CA VAL A 180 15.09 12.01 -3.94
C VAL A 180 14.87 11.72 -5.43
N LEU A 181 15.06 10.49 -5.84
CA LEU A 181 14.91 10.16 -7.29
C LEU A 181 13.45 10.23 -7.70
N GLU A 182 12.55 10.16 -6.76
CA GLU A 182 11.10 10.22 -7.09
C GLU A 182 10.62 11.68 -7.13
N GLU A 183 10.07 12.11 -8.22
CA GLU A 183 9.57 13.50 -8.32
C GLU A 183 8.49 13.75 -7.25
N GLY A 184 7.63 12.79 -7.04
CA GLY A 184 6.56 12.96 -6.01
C GLY A 184 5.35 12.10 -6.39
N GLY A 185 4.30 12.16 -5.61
CA GLY A 185 3.09 11.35 -5.93
C GLY A 185 1.88 11.94 -5.20
N MET A 1 -4.01 -20.79 -6.40
CA MET A 1 -3.05 -21.94 -6.48
C MET A 1 -1.73 -21.56 -5.79
N GLU A 2 -0.85 -22.50 -5.59
CA GLU A 2 0.43 -22.19 -4.90
C GLU A 2 1.21 -21.14 -5.67
N SER A 3 1.22 -21.22 -6.98
CA SER A 3 1.95 -20.22 -7.80
C SER A 3 1.36 -18.82 -7.58
N ASN A 4 2.20 -17.82 -7.52
CA ASN A 4 1.69 -16.43 -7.32
C ASN A 4 1.39 -15.78 -8.67
N ASN A 5 0.15 -15.44 -8.91
CA ASN A 5 -0.21 -14.81 -10.21
C ASN A 5 -1.47 -13.94 -10.04
N GLY A 6 -1.77 -13.12 -11.01
CA GLY A 6 -2.97 -12.23 -10.88
C GLY A 6 -3.58 -11.98 -12.25
N ILE A 7 -4.36 -10.93 -12.38
CA ILE A 7 -4.97 -10.61 -13.69
C ILE A 7 -4.87 -9.11 -13.95
N ILE A 8 -5.14 -8.67 -15.15
CA ILE A 8 -4.98 -7.22 -15.45
C ILE A 8 -6.35 -6.54 -15.52
N LEU A 9 -6.53 -5.49 -14.76
CA LEU A 9 -7.81 -4.75 -14.79
C LEU A 9 -7.55 -3.27 -14.53
N ARG A 10 -8.58 -2.46 -14.56
CA ARG A 10 -8.36 -1.00 -14.45
C ARG A 10 -8.72 -0.48 -13.05
N VAL A 11 -7.90 0.39 -12.52
CA VAL A 11 -8.19 0.94 -11.17
C VAL A 11 -9.51 1.71 -11.17
N ALA A 12 -10.36 1.44 -10.22
CA ALA A 12 -11.65 2.18 -10.14
C ALA A 12 -11.67 3.08 -8.89
N GLU A 13 -12.56 4.04 -8.86
CA GLU A 13 -12.70 4.88 -7.63
C GLU A 13 -13.82 5.91 -7.83
N ALA A 14 -13.50 7.18 -7.85
CA ALA A 14 -14.56 8.20 -8.00
C ALA A 14 -15.58 8.10 -6.86
N ASN A 15 -15.11 7.99 -5.64
CA ASN A 15 -16.05 7.86 -4.49
C ASN A 15 -15.71 8.88 -3.40
N SER A 16 -16.59 9.09 -2.47
CA SER A 16 -16.33 10.09 -1.40
C SER A 16 -15.26 9.58 -0.44
N THR A 17 -14.64 10.45 0.30
CA THR A 17 -13.60 10.00 1.28
C THR A 17 -12.72 8.91 0.65
N ASP A 18 -12.15 8.06 1.46
CA ASP A 18 -11.26 6.99 0.90
C ASP A 18 -11.56 5.64 1.55
N PRO A 19 -12.77 5.18 1.34
CA PRO A 19 -13.19 3.87 1.91
C PRO A 19 -12.47 2.72 1.19
N GLY A 20 -11.67 1.97 1.91
CA GLY A 20 -10.99 0.80 1.29
C GLY A 20 -9.56 1.18 0.89
N MET A 21 -8.74 1.49 1.84
CA MET A 21 -7.33 1.84 1.52
C MET A 21 -6.46 0.58 1.56
N SER A 22 -7.04 -0.54 1.87
CA SER A 22 -6.24 -1.81 1.93
C SER A 22 -7.12 -3.01 1.56
N ARG A 23 -8.25 -2.77 0.96
CA ARG A 23 -9.16 -3.90 0.59
C ARG A 23 -9.54 -3.81 -0.89
N VAL A 24 -9.72 -4.92 -1.55
CA VAL A 24 -10.08 -4.87 -3.00
C VAL A 24 -11.45 -5.48 -3.23
N ARG A 25 -12.35 -4.74 -3.80
CA ARG A 25 -13.69 -5.32 -4.09
C ARG A 25 -13.77 -5.77 -5.55
N LEU A 26 -14.00 -7.02 -5.77
CA LEU A 26 -14.03 -7.58 -7.15
C LEU A 26 -15.18 -8.58 -7.26
N ASP A 27 -15.46 -9.08 -8.44
CA ASP A 27 -16.65 -9.97 -8.59
C ASP A 27 -16.26 -11.43 -8.37
N GLU A 28 -17.21 -12.32 -8.45
CA GLU A 28 -16.91 -13.76 -8.20
C GLU A 28 -15.87 -14.23 -9.19
N SER A 29 -16.00 -13.80 -10.42
CA SER A 29 -15.03 -14.24 -11.47
C SER A 29 -13.64 -13.66 -11.20
N SER A 30 -13.56 -12.37 -10.97
CA SER A 30 -12.24 -11.76 -10.65
C SER A 30 -11.63 -12.48 -9.44
N ARG A 31 -12.45 -12.91 -8.52
CA ARG A 31 -11.94 -13.64 -7.33
C ARG A 31 -11.68 -15.11 -7.64
N ARG A 32 -12.59 -15.75 -8.33
CA ARG A 32 -12.45 -17.22 -8.53
C ARG A 32 -11.55 -17.53 -9.72
N LEU A 33 -11.21 -16.54 -10.50
CA LEU A 33 -10.34 -16.82 -11.68
C LEU A 33 -9.04 -17.48 -11.20
N LEU A 34 -8.60 -17.14 -10.03
CA LEU A 34 -7.44 -17.86 -9.44
C LEU A 34 -7.91 -18.80 -8.34
N ASP A 35 -8.16 -18.26 -7.17
CA ASP A 35 -8.66 -19.09 -6.05
C ASP A 35 -9.04 -18.20 -4.86
N ALA A 36 -9.20 -16.93 -5.09
CA ALA A 36 -9.38 -15.98 -3.96
C ALA A 36 -10.70 -16.23 -3.23
N GLU A 37 -10.69 -16.12 -1.93
CA GLU A 37 -11.96 -16.24 -1.15
C GLU A 37 -12.03 -15.10 -0.14
N ILE A 38 -13.06 -15.05 0.65
CA ILE A 38 -13.13 -13.97 1.67
C ILE A 38 -12.17 -14.27 2.83
N GLY A 39 -10.91 -14.07 2.59
CA GLY A 39 -9.90 -14.57 3.56
C GLY A 39 -8.47 -14.42 3.02
N ASP A 40 -8.30 -14.02 1.78
CA ASP A 40 -6.93 -14.05 1.21
C ASP A 40 -6.37 -12.63 1.04
N VAL A 41 -5.08 -12.50 0.94
CA VAL A 41 -4.47 -11.15 0.78
C VAL A 41 -4.15 -10.91 -0.70
N VAL A 42 -4.51 -9.76 -1.21
CA VAL A 42 -4.31 -9.51 -2.67
C VAL A 42 -3.20 -8.48 -2.88
N GLU A 43 -2.42 -8.66 -3.91
CA GLU A 43 -1.32 -7.68 -4.18
C GLU A 43 -1.64 -6.90 -5.46
N ILE A 44 -1.34 -5.63 -5.49
CA ILE A 44 -1.67 -4.83 -6.70
C ILE A 44 -0.40 -4.23 -7.30
N GLU A 45 -0.34 -4.08 -8.59
CA GLU A 45 0.88 -3.51 -9.22
C GLU A 45 0.52 -2.78 -10.53
N LYS A 46 0.30 -1.49 -10.47
CA LYS A 46 0.10 -0.70 -11.71
C LYS A 46 1.41 0.00 -12.10
N VAL A 47 1.84 0.93 -11.29
CA VAL A 47 3.15 1.59 -11.54
C VAL A 47 4.17 1.09 -10.52
N ARG A 48 3.73 0.82 -9.33
CA ARG A 48 4.63 0.23 -8.30
C ARG A 48 3.93 -0.94 -7.63
N LYS A 49 4.47 -1.42 -6.55
CA LYS A 49 3.84 -2.58 -5.86
C LYS A 49 2.86 -2.09 -4.80
N THR A 50 1.73 -2.73 -4.71
CA THR A 50 0.72 -2.35 -3.69
C THR A 50 0.13 -3.59 -3.04
N VAL A 51 -0.41 -3.46 -1.86
CA VAL A 51 -1.04 -4.63 -1.18
C VAL A 51 -2.51 -4.34 -0.88
N GLY A 52 -3.29 -5.36 -0.64
CA GLY A 52 -4.68 -5.13 -0.17
C GLY A 52 -5.33 -6.47 0.17
N ARG A 53 -6.53 -6.44 0.68
CA ARG A 53 -7.21 -7.70 1.06
C ARG A 53 -8.40 -7.95 0.12
N VAL A 54 -8.99 -9.11 0.21
CA VAL A 54 -10.04 -9.47 -0.79
C VAL A 54 -11.42 -9.01 -0.34
N TYR A 55 -12.11 -8.28 -1.16
CA TYR A 55 -13.50 -7.88 -0.83
C TYR A 55 -14.47 -8.33 -1.93
N ARG A 56 -15.74 -8.28 -1.64
CA ARG A 56 -16.74 -8.70 -2.66
C ARG A 56 -17.32 -7.47 -3.37
N ALA A 57 -17.27 -7.45 -4.68
CA ALA A 57 -17.86 -6.30 -5.42
C ALA A 57 -19.37 -6.25 -5.19
N ARG A 58 -19.92 -5.08 -4.97
CA ARG A 58 -21.39 -4.98 -4.86
C ARG A 58 -22.03 -5.49 -6.15
N PRO A 59 -21.48 -5.06 -7.26
CA PRO A 59 -21.96 -5.49 -8.57
C PRO A 59 -21.15 -6.70 -9.03
N GLU A 60 -21.69 -7.86 -8.83
CA GLU A 60 -20.92 -9.12 -9.11
C GLU A 60 -20.84 -9.37 -10.62
N ASP A 61 -20.71 -8.34 -11.40
CA ASP A 61 -20.68 -8.54 -12.89
C ASP A 61 -19.72 -7.54 -13.55
N GLU A 62 -19.69 -6.33 -13.08
CA GLU A 62 -18.78 -5.32 -13.69
C GLU A 62 -17.38 -5.45 -13.08
N ASN A 63 -17.29 -6.00 -11.90
CA ASN A 63 -15.95 -6.24 -11.29
C ASN A 63 -15.32 -7.52 -11.84
N LYS A 64 -15.46 -7.77 -13.11
CA LYS A 64 -14.81 -8.96 -13.72
C LYS A 64 -13.51 -8.53 -14.42
N GLY A 65 -13.05 -7.35 -14.11
CA GLY A 65 -11.81 -6.85 -14.73
C GLY A 65 -11.55 -5.42 -14.25
N ILE A 66 -12.07 -5.07 -13.11
CA ILE A 66 -11.78 -3.73 -12.53
C ILE A 66 -11.62 -3.86 -11.02
N VAL A 67 -10.94 -2.94 -10.39
CA VAL A 67 -10.80 -3.00 -8.90
C VAL A 67 -11.12 -1.64 -8.29
N ARG A 68 -11.97 -1.61 -7.30
CA ARG A 68 -12.34 -0.30 -6.69
C ARG A 68 -11.50 -0.04 -5.44
N ILE A 69 -10.75 1.03 -5.44
CA ILE A 69 -9.92 1.36 -4.25
C ILE A 69 -10.04 2.83 -3.90
N ASP A 70 -9.55 3.22 -2.75
CA ASP A 70 -9.63 4.65 -2.35
C ASP A 70 -8.54 5.46 -3.06
N SER A 71 -8.55 6.76 -2.89
CA SER A 71 -7.55 7.61 -3.59
C SER A 71 -6.13 7.26 -3.15
N VAL A 72 -5.95 6.98 -1.89
CA VAL A 72 -4.57 6.71 -1.39
C VAL A 72 -4.00 5.44 -2.03
N MET A 73 -4.80 4.41 -2.13
CA MET A 73 -4.30 3.17 -2.77
C MET A 73 -3.90 3.46 -4.21
N ARG A 74 -4.74 4.14 -4.94
CA ARG A 74 -4.35 4.57 -6.32
C ARG A 74 -3.12 5.47 -6.25
N ASN A 75 -3.07 6.35 -5.28
CA ASN A 75 -1.89 7.26 -5.15
C ASN A 75 -0.65 6.47 -4.70
N ASN A 76 -0.84 5.36 -4.04
CA ASN A 76 0.33 4.59 -3.53
C ASN A 76 1.23 4.15 -4.68
N CYS A 77 0.66 3.75 -5.78
CA CYS A 77 1.51 3.23 -6.91
C CYS A 77 1.73 4.33 -7.96
N GLY A 78 0.74 5.13 -8.22
CA GLY A 78 0.94 6.27 -9.17
C GLY A 78 0.00 6.10 -10.38
N ALA A 79 -1.19 5.60 -10.15
CA ALA A 79 -2.12 5.35 -11.29
C ALA A 79 -3.32 6.30 -11.22
N SER A 80 -4.00 6.48 -12.31
CA SER A 80 -5.22 7.32 -12.30
C SER A 80 -6.45 6.44 -12.46
N ILE A 81 -7.61 6.96 -12.19
CA ILE A 81 -8.83 6.13 -12.34
C ILE A 81 -8.87 5.47 -13.72
N GLY A 82 -9.25 4.23 -13.76
CA GLY A 82 -9.48 3.57 -15.06
C GLY A 82 -8.15 3.15 -15.69
N ASP A 83 -7.05 3.43 -15.02
CA ASP A 83 -5.74 2.95 -15.54
C ASP A 83 -5.76 1.43 -15.71
N LYS A 84 -4.62 0.82 -15.74
CA LYS A 84 -4.55 -0.66 -15.91
C LYS A 84 -3.54 -1.26 -14.93
N VAL A 85 -4.02 -1.98 -13.95
CA VAL A 85 -3.08 -2.60 -12.97
C VAL A 85 -3.33 -4.11 -12.90
N LYS A 86 -2.34 -4.87 -12.52
CA LYS A 86 -2.53 -6.34 -12.38
C LYS A 86 -2.74 -6.72 -10.91
N VAL A 87 -3.81 -7.40 -10.62
CA VAL A 87 -4.05 -7.80 -9.20
C VAL A 87 -3.64 -9.25 -8.98
N ARG A 88 -2.71 -9.49 -8.09
CA ARG A 88 -2.26 -10.89 -7.84
C ARG A 88 -2.75 -11.35 -6.48
N LYS A 89 -2.85 -12.65 -6.28
CA LYS A 89 -3.32 -13.15 -4.96
C LYS A 89 -2.15 -13.60 -4.10
N VAL A 90 -2.20 -13.25 -2.84
CA VAL A 90 -1.12 -13.69 -1.90
C VAL A 90 -1.68 -13.85 -0.49
N ARG A 91 -0.81 -14.00 0.47
CA ARG A 91 -1.29 -14.11 1.89
C ARG A 91 -0.44 -13.22 2.80
N THR A 92 -0.74 -13.22 4.06
CA THR A 92 0.01 -12.32 5.00
C THR A 92 1.00 -13.11 5.84
N GLU A 93 2.01 -12.44 6.34
CA GLU A 93 3.00 -13.10 7.23
C GLU A 93 3.56 -12.04 8.19
N ILE A 94 4.29 -12.43 9.19
CA ILE A 94 4.77 -11.40 10.15
C ILE A 94 6.12 -10.83 9.69
N ALA A 95 6.10 -9.69 9.06
CA ALA A 95 7.38 -9.06 8.62
C ALA A 95 8.32 -8.88 9.81
N LYS A 96 9.58 -9.20 9.65
CA LYS A 96 10.53 -9.06 10.80
C LYS A 96 11.33 -7.76 10.70
N LYS A 97 11.55 -7.25 9.52
CA LYS A 97 12.30 -5.96 9.40
C LYS A 97 11.82 -5.18 8.16
N VAL A 98 11.53 -3.93 8.32
CA VAL A 98 11.06 -3.14 7.14
C VAL A 98 11.70 -1.75 7.13
N THR A 99 12.07 -1.27 5.97
CA THR A 99 12.70 0.08 5.86
C THR A 99 11.71 1.08 5.26
N LEU A 100 11.60 2.24 5.85
CA LEU A 100 10.62 3.25 5.32
C LEU A 100 11.31 4.59 5.09
N ALA A 101 10.72 5.43 4.28
CA ALA A 101 11.35 6.75 3.99
C ALA A 101 10.29 7.86 4.01
N PRO A 102 10.01 8.35 5.18
CA PRO A 102 9.01 9.43 5.34
C PRO A 102 9.38 10.64 4.47
N ILE A 103 8.48 11.10 3.65
CA ILE A 103 8.82 12.24 2.75
C ILE A 103 8.38 13.58 3.36
N ILE A 104 9.24 14.19 4.12
CA ILE A 104 8.94 15.56 4.62
C ILE A 104 10.23 16.33 4.87
N ARG A 105 10.17 17.25 5.78
CA ARG A 105 11.39 17.96 6.23
C ARG A 105 11.45 17.99 7.75
N LYS A 106 12.60 18.26 8.30
CA LYS A 106 12.71 18.28 9.79
C LYS A 106 11.76 19.33 10.38
N ASP A 107 11.38 20.27 9.59
CA ASP A 107 10.48 21.35 10.08
C ASP A 107 9.17 21.35 9.28
N GLN A 108 8.75 20.22 8.77
CA GLN A 108 7.48 20.18 8.00
C GLN A 108 6.30 19.88 8.93
N ARG A 109 6.10 18.65 9.28
CA ARG A 109 4.98 18.31 10.19
C ARG A 109 5.52 17.93 11.58
N LEU A 110 6.05 16.75 11.71
CA LEU A 110 6.52 16.29 13.04
C LEU A 110 7.94 15.72 12.95
N LYS A 111 8.64 15.66 14.05
CA LYS A 111 10.02 15.11 14.03
C LYS A 111 9.98 13.60 14.33
N PHE A 112 11.09 12.92 14.19
CA PHE A 112 11.09 11.46 14.44
C PHE A 112 11.43 11.18 15.91
N GLY A 113 12.60 11.57 16.31
CA GLY A 113 12.95 11.47 17.75
C GLY A 113 13.58 10.12 18.06
N GLU A 114 14.21 10.00 19.20
CA GLU A 114 14.83 8.71 19.58
C GLU A 114 13.74 7.68 19.86
N GLY A 115 13.95 6.46 19.43
CA GLY A 115 12.88 5.44 19.60
C GLY A 115 11.78 5.70 18.56
N ILE A 116 12.00 6.64 17.68
CA ILE A 116 10.99 6.88 16.61
C ILE A 116 10.81 5.61 15.78
N GLU A 117 11.85 4.84 15.61
CA GLU A 117 11.72 3.57 14.84
C GLU A 117 10.69 2.65 15.51
N GLU A 118 10.74 2.55 16.81
CA GLU A 118 9.69 1.76 17.54
C GLU A 118 8.34 2.45 17.40
N TYR A 119 8.34 3.75 17.36
CA TYR A 119 7.06 4.49 17.17
C TYR A 119 6.44 4.09 15.83
N VAL A 120 7.25 3.88 14.83
CA VAL A 120 6.71 3.37 13.53
C VAL A 120 6.03 2.02 13.75
N GLN A 121 6.68 1.12 14.43
CA GLN A 121 6.04 -0.20 14.70
C GLN A 121 4.77 0.00 15.54
N ARG A 122 4.82 0.89 16.49
CA ARG A 122 3.61 1.14 17.32
C ARG A 122 2.46 1.62 16.45
N ALA A 123 2.74 2.47 15.50
CA ALA A 123 1.65 2.98 14.61
C ALA A 123 1.35 1.98 13.49
N LEU A 124 2.38 1.37 12.94
CA LEU A 124 2.16 0.46 11.77
C LEU A 124 2.00 -0.99 12.24
N ILE A 125 2.07 -1.24 13.51
CA ILE A 125 1.99 -2.64 13.98
C ILE A 125 0.81 -3.36 13.33
N ARG A 126 0.75 -4.65 13.46
CA ARG A 126 -0.39 -5.45 12.88
C ARG A 126 -0.92 -4.84 11.57
N ARG A 127 -0.06 -4.51 10.66
CA ARG A 127 -0.58 -4.01 9.33
C ARG A 127 0.20 -4.59 8.15
N PRO A 128 -0.50 -4.76 7.06
CA PRO A 128 0.10 -5.31 5.81
C PRO A 128 1.20 -4.35 5.30
N MET A 129 2.36 -4.85 4.95
CA MET A 129 3.40 -3.92 4.45
C MET A 129 4.02 -4.44 3.14
N LEU A 130 4.42 -3.54 2.29
CA LEU A 130 4.94 -3.96 0.97
C LEU A 130 6.05 -3.00 0.53
N GLU A 131 7.26 -3.48 0.42
CA GLU A 131 8.39 -2.57 0.06
C GLU A 131 8.03 -1.71 -1.14
N GLN A 132 8.35 -0.44 -1.08
CA GLN A 132 8.05 0.50 -2.20
C GLN A 132 6.61 0.99 -2.11
N ASP A 133 5.87 0.48 -1.17
CA ASP A 133 4.47 0.99 -0.97
C ASP A 133 4.51 2.44 -0.45
N ASN A 134 3.38 2.96 -0.06
CA ASN A 134 3.34 4.35 0.47
C ASN A 134 2.19 4.48 1.48
N ILE A 135 2.42 5.08 2.60
CA ILE A 135 1.34 5.17 3.62
C ILE A 135 1.34 6.54 4.30
N SER A 136 0.29 6.86 5.00
CA SER A 136 0.25 8.14 5.74
C SER A 136 -0.43 7.96 7.10
N VAL A 137 0.03 8.68 8.09
CA VAL A 137 -0.61 8.55 9.44
C VAL A 137 -1.50 9.77 9.75
N PRO A 138 -0.98 10.95 9.53
CA PRO A 138 -1.76 12.18 9.79
C PRO A 138 -2.59 12.55 8.56
N GLY A 139 -3.78 13.05 8.76
CA GLY A 139 -4.62 13.44 7.58
C GLY A 139 -4.56 14.95 7.38
N LEU A 140 -3.39 15.52 7.42
CA LEU A 140 -3.26 16.99 7.29
C LEU A 140 -2.11 17.35 6.35
N THR A 141 -2.14 18.52 5.76
CA THR A 141 -1.06 18.91 4.82
C THR A 141 -0.39 20.20 5.28
N LEU A 142 0.31 20.84 4.39
CA LEU A 142 0.99 22.12 4.75
C LEU A 142 0.83 23.14 3.61
N ALA A 143 1.74 24.06 3.50
CA ALA A 143 1.60 25.13 2.47
C ALA A 143 1.70 24.53 1.06
N GLY A 144 0.76 23.70 0.71
CA GLY A 144 0.85 23.02 -0.62
C GLY A 144 2.15 22.22 -0.71
N GLN A 145 2.31 21.19 0.09
CA GLN A 145 3.56 20.37 -0.01
C GLN A 145 3.28 19.09 -0.79
N THR A 146 4.27 18.26 -0.96
CA THR A 146 4.06 17.01 -1.75
C THR A 146 4.67 15.81 -1.03
N GLY A 147 4.15 14.65 -1.26
CA GLY A 147 4.68 13.44 -0.58
C GLY A 147 4.04 13.32 0.81
N LEU A 148 4.63 13.97 1.79
CA LEU A 148 4.03 13.97 3.16
C LEU A 148 3.47 12.58 3.52
N LEU A 149 4.13 11.53 3.09
CA LEU A 149 3.68 10.16 3.48
C LEU A 149 4.89 9.29 3.75
N PHE A 150 4.70 8.14 4.33
CA PHE A 150 5.86 7.23 4.57
C PHE A 150 6.04 6.31 3.35
N LYS A 151 7.17 6.39 2.71
CA LYS A 151 7.41 5.53 1.52
C LYS A 151 8.29 4.34 1.91
N VAL A 152 7.72 3.17 1.94
CA VAL A 152 8.53 1.96 2.28
C VAL A 152 9.41 1.57 1.11
N VAL A 153 10.65 1.26 1.35
CA VAL A 153 11.56 0.95 0.22
C VAL A 153 12.02 -0.51 0.28
N LYS A 154 12.15 -1.07 1.45
CA LYS A 154 12.64 -2.47 1.53
C LYS A 154 12.03 -3.21 2.72
N THR A 155 11.65 -4.44 2.54
CA THR A 155 11.12 -5.22 3.68
C THR A 155 11.86 -6.56 3.78
N LEU A 156 11.65 -7.28 4.84
CA LEU A 156 12.41 -8.55 5.02
C LEU A 156 11.66 -9.74 4.40
N PRO A 157 10.35 -9.68 4.41
CA PRO A 157 9.55 -10.78 3.83
C PRO A 157 9.95 -10.99 2.36
N SER A 158 9.15 -11.71 1.63
CA SER A 158 9.49 -11.98 0.20
C SER A 158 8.91 -10.89 -0.70
N LYS A 159 8.99 -9.66 -0.28
CA LYS A 159 8.39 -8.55 -1.06
C LYS A 159 6.88 -8.77 -1.21
N VAL A 160 6.33 -9.60 -0.37
CA VAL A 160 4.87 -9.87 -0.44
C VAL A 160 4.17 -9.23 0.75
N PRO A 161 2.90 -9.03 0.61
CA PRO A 161 2.08 -8.41 1.68
C PRO A 161 2.35 -9.13 3.01
N VAL A 162 2.79 -8.40 4.00
CA VAL A 162 2.99 -9.03 5.34
C VAL A 162 2.32 -8.18 6.40
N GLU A 163 2.04 -8.74 7.53
CA GLU A 163 1.41 -7.94 8.61
C GLU A 163 2.43 -7.64 9.70
N ILE A 164 2.57 -6.40 10.05
CA ILE A 164 3.60 -6.01 11.05
C ILE A 164 3.18 -6.48 12.45
N GLY A 165 4.12 -6.72 13.31
CA GLY A 165 3.77 -7.06 14.71
C GLY A 165 4.77 -6.40 15.65
N GLU A 166 4.48 -6.37 16.92
CA GLU A 166 5.39 -5.69 17.88
C GLU A 166 6.80 -6.28 17.81
N GLU A 167 6.93 -7.46 17.28
CA GLU A 167 8.28 -8.10 17.18
C GLU A 167 8.94 -7.72 15.85
N THR A 168 8.19 -7.12 14.95
CA THR A 168 8.80 -6.67 13.67
C THR A 168 9.85 -5.60 13.94
N LYS A 169 10.84 -5.49 13.10
CA LYS A 169 11.86 -4.43 13.32
C LYS A 169 11.54 -3.21 12.46
N ILE A 170 12.11 -2.09 12.76
CA ILE A 170 11.82 -0.87 11.96
C ILE A 170 13.11 -0.29 11.37
N GLU A 171 13.11 0.03 10.11
CA GLU A 171 14.27 0.76 9.52
C GLU A 171 13.81 2.04 8.86
N ILE A 172 14.50 3.12 9.13
CA ILE A 172 14.11 4.42 8.52
C ILE A 172 15.35 5.18 8.05
N ARG A 173 15.27 5.81 6.91
CA ARG A 173 16.44 6.57 6.40
C ARG A 173 16.40 8.02 6.92
N GLU A 174 17.52 8.68 6.92
CA GLU A 174 17.57 10.08 7.45
C GLU A 174 17.46 11.09 6.31
N GLU A 175 17.22 10.64 5.11
CA GLU A 175 17.07 11.58 3.96
C GLU A 175 15.58 11.85 3.71
N PRO A 176 15.19 13.06 4.03
CA PRO A 176 13.79 13.49 3.86
C PRO A 176 13.47 13.66 2.37
N ALA A 177 12.51 14.48 2.08
CA ALA A 177 12.14 14.72 0.66
C ALA A 177 12.96 15.86 0.08
N SER A 178 14.26 15.77 0.16
CA SER A 178 15.13 16.85 -0.41
C SER A 178 15.49 16.53 -1.85
N GLU A 179 14.88 17.20 -2.79
CA GLU A 179 15.24 16.99 -4.23
C GLU A 179 15.05 15.52 -4.60
N VAL A 180 14.29 14.80 -3.82
CA VAL A 180 14.05 13.36 -4.11
C VAL A 180 13.21 13.20 -5.36
N LEU A 181 12.48 14.21 -5.71
CA LEU A 181 11.58 14.12 -6.89
C LEU A 181 12.39 13.82 -8.15
N GLU A 182 13.50 14.48 -8.34
CA GLU A 182 14.31 14.22 -9.57
C GLU A 182 14.80 12.77 -9.59
N GLU A 183 15.41 12.33 -8.52
CA GLU A 183 15.88 10.91 -8.46
C GLU A 183 14.71 9.94 -8.64
N GLY A 184 13.58 10.24 -8.04
CA GLY A 184 12.41 9.34 -8.15
C GLY A 184 11.72 9.56 -9.49
N GLY A 185 11.08 8.56 -10.02
CA GLY A 185 10.39 8.71 -11.33
C GLY A 185 10.48 7.40 -12.11
N MET A 1 6.07 -22.70 -9.85
CA MET A 1 5.00 -23.30 -10.70
C MET A 1 3.72 -22.48 -10.61
N GLU A 2 3.76 -21.26 -11.06
CA GLU A 2 2.53 -20.40 -11.00
C GLU A 2 2.02 -20.32 -9.56
N SER A 3 2.91 -20.21 -8.61
CA SER A 3 2.47 -20.13 -7.19
C SER A 3 1.62 -18.86 -6.97
N ASN A 4 1.99 -17.77 -7.58
CA ASN A 4 1.19 -16.52 -7.42
C ASN A 4 0.52 -16.15 -8.74
N ASN A 5 -0.77 -16.06 -8.76
CA ASN A 5 -1.48 -15.69 -10.02
C ASN A 5 -2.31 -14.42 -9.83
N GLY A 6 -2.35 -13.57 -10.81
CA GLY A 6 -3.19 -12.35 -10.72
C GLY A 6 -3.78 -12.02 -12.08
N ILE A 7 -4.57 -10.98 -12.18
CA ILE A 7 -5.19 -10.63 -13.47
C ILE A 7 -5.06 -9.12 -13.71
N ILE A 8 -5.16 -8.69 -14.94
CA ILE A 8 -5.03 -7.24 -15.23
C ILE A 8 -6.40 -6.60 -15.43
N LEU A 9 -6.74 -5.63 -14.62
CA LEU A 9 -8.04 -4.94 -14.79
C LEU A 9 -7.88 -3.43 -14.59
N ARG A 10 -8.97 -2.72 -14.54
CA ARG A 10 -8.88 -1.24 -14.48
C ARG A 10 -9.11 -0.73 -13.06
N VAL A 11 -8.27 0.16 -12.60
CA VAL A 11 -8.49 0.76 -11.25
C VAL A 11 -9.80 1.54 -11.21
N ALA A 12 -10.62 1.28 -10.24
CA ALA A 12 -11.92 2.01 -10.12
C ALA A 12 -11.91 2.93 -8.90
N GLU A 13 -12.61 4.03 -8.97
CA GLU A 13 -12.69 4.95 -7.80
C GLU A 13 -13.58 6.15 -8.12
N ALA A 14 -14.40 6.57 -7.20
CA ALA A 14 -15.30 7.73 -7.47
C ALA A 14 -14.85 8.95 -6.65
N ASN A 15 -13.82 8.81 -5.87
CA ASN A 15 -13.35 9.96 -5.04
C ASN A 15 -14.49 10.45 -4.14
N SER A 16 -15.28 9.55 -3.60
CA SER A 16 -16.38 9.98 -2.70
C SER A 16 -16.25 9.30 -1.34
N THR A 17 -15.12 8.70 -1.06
CA THR A 17 -14.95 8.01 0.24
C THR A 17 -13.64 8.44 0.92
N ASP A 18 -13.67 8.62 2.22
CA ASP A 18 -12.44 9.08 2.92
C ASP A 18 -11.59 7.89 3.42
N PRO A 19 -12.23 6.78 3.70
CA PRO A 19 -11.49 5.58 4.19
C PRO A 19 -10.33 5.24 3.25
N GLY A 20 -9.74 4.09 3.42
CA GLY A 20 -8.61 3.69 2.54
C GLY A 20 -7.84 2.54 3.19
N MET A 21 -8.44 1.39 3.28
CA MET A 21 -7.76 0.23 3.92
C MET A 21 -7.13 -0.68 2.86
N SER A 22 -7.00 -0.19 1.66
CA SER A 22 -6.44 -1.05 0.57
C SER A 22 -7.32 -2.28 0.36
N ARG A 23 -8.61 -2.13 0.43
CA ARG A 23 -9.51 -3.29 0.17
C ARG A 23 -9.90 -3.33 -1.31
N VAL A 24 -9.91 -4.50 -1.90
CA VAL A 24 -10.30 -4.59 -3.34
C VAL A 24 -11.64 -5.28 -3.47
N ARG A 25 -12.62 -4.61 -3.98
CA ARG A 25 -13.95 -5.27 -4.17
C ARG A 25 -14.08 -5.78 -5.60
N LEU A 26 -14.27 -7.06 -5.74
CA LEU A 26 -14.31 -7.67 -7.11
C LEU A 26 -15.47 -8.68 -7.18
N ASP A 27 -15.72 -9.24 -8.33
CA ASP A 27 -16.91 -10.13 -8.46
C ASP A 27 -16.52 -11.58 -8.17
N GLU A 28 -17.47 -12.48 -8.24
CA GLU A 28 -17.18 -13.90 -7.89
C GLU A 28 -16.11 -14.44 -8.82
N SER A 29 -16.21 -14.11 -10.08
CA SER A 29 -15.19 -14.59 -11.05
C SER A 29 -13.83 -13.98 -10.74
N SER A 30 -13.74 -12.67 -10.69
CA SER A 30 -12.44 -12.04 -10.33
C SER A 30 -11.90 -12.68 -9.05
N ARG A 31 -12.78 -13.14 -8.19
CA ARG A 31 -12.31 -13.79 -6.93
C ARG A 31 -11.90 -15.24 -7.17
N ARG A 32 -12.73 -16.01 -7.83
CA ARG A 32 -12.43 -17.47 -7.95
C ARG A 32 -11.68 -17.79 -9.24
N LEU A 33 -11.64 -16.90 -10.18
CA LEU A 33 -10.95 -17.20 -11.46
C LEU A 33 -9.47 -17.51 -11.21
N LEU A 34 -8.91 -16.96 -10.17
CA LEU A 34 -7.51 -17.33 -9.79
C LEU A 34 -7.52 -18.27 -8.59
N ASP A 35 -7.77 -17.73 -7.44
CA ASP A 35 -7.84 -18.56 -6.21
C ASP A 35 -8.41 -17.72 -5.06
N ALA A 36 -8.23 -16.42 -5.15
CA ALA A 36 -8.71 -15.50 -4.09
C ALA A 36 -10.02 -16.02 -3.48
N GLU A 37 -10.01 -16.29 -2.22
CA GLU A 37 -11.28 -16.60 -1.52
C GLU A 37 -11.67 -15.39 -0.67
N ILE A 38 -12.79 -15.44 0.01
CA ILE A 38 -13.16 -14.30 0.88
C ILE A 38 -12.09 -14.07 1.95
N GLY A 39 -11.60 -12.87 2.06
CA GLY A 39 -10.68 -12.54 3.18
C GLY A 39 -9.27 -13.08 2.91
N ASP A 40 -8.93 -13.30 1.66
CA ASP A 40 -7.51 -13.66 1.36
C ASP A 40 -6.69 -12.39 1.12
N VAL A 41 -5.40 -12.51 0.99
CA VAL A 41 -4.55 -11.30 0.83
C VAL A 41 -4.21 -11.09 -0.64
N VAL A 42 -4.42 -9.90 -1.13
CA VAL A 42 -4.20 -9.65 -2.60
C VAL A 42 -3.09 -8.62 -2.79
N GLU A 43 -2.27 -8.82 -3.78
CA GLU A 43 -1.19 -7.83 -4.07
C GLU A 43 -1.51 -7.10 -5.37
N ILE A 44 -1.25 -5.82 -5.46
CA ILE A 44 -1.66 -5.06 -6.67
C ILE A 44 -0.43 -4.45 -7.34
N GLU A 45 -0.49 -4.26 -8.63
CA GLU A 45 0.67 -3.64 -9.34
C GLU A 45 0.19 -2.88 -10.57
N LYS A 46 -0.06 -1.62 -10.44
CA LYS A 46 -0.41 -0.78 -11.63
C LYS A 46 0.82 -0.03 -12.13
N VAL A 47 1.33 0.86 -11.33
CA VAL A 47 2.58 1.58 -11.68
C VAL A 47 3.70 1.15 -10.73
N ARG A 48 3.33 0.81 -9.53
CA ARG A 48 4.33 0.27 -8.57
C ARG A 48 3.71 -0.92 -7.82
N LYS A 49 4.38 -1.43 -6.82
CA LYS A 49 3.84 -2.62 -6.10
C LYS A 49 2.91 -2.18 -4.98
N THR A 50 1.80 -2.85 -4.85
CA THR A 50 0.82 -2.48 -3.79
C THR A 50 0.30 -3.73 -3.09
N VAL A 51 -0.18 -3.58 -1.89
CA VAL A 51 -0.76 -4.75 -1.16
C VAL A 51 -2.19 -4.42 -0.73
N GLY A 52 -2.98 -5.43 -0.43
CA GLY A 52 -4.36 -5.15 0.07
C GLY A 52 -5.09 -6.47 0.31
N ARG A 53 -6.32 -6.39 0.75
CA ARG A 53 -7.10 -7.63 1.02
C ARG A 53 -8.27 -7.73 0.05
N VAL A 54 -8.88 -8.88 -0.04
CA VAL A 54 -9.93 -9.08 -1.07
C VAL A 54 -11.31 -8.68 -0.52
N TYR A 55 -12.11 -8.04 -1.34
CA TYR A 55 -13.49 -7.71 -0.91
C TYR A 55 -14.50 -8.25 -1.93
N ARG A 56 -15.74 -8.37 -1.53
CA ARG A 56 -16.80 -8.84 -2.48
C ARG A 56 -17.50 -7.63 -3.13
N ALA A 57 -17.55 -7.60 -4.44
CA ALA A 57 -18.23 -6.46 -5.12
C ALA A 57 -19.73 -6.47 -4.81
N ARG A 58 -20.31 -5.33 -4.59
CA ARG A 58 -21.79 -5.29 -4.42
C ARG A 58 -22.45 -5.91 -5.66
N PRO A 59 -21.99 -5.48 -6.81
CA PRO A 59 -22.49 -6.00 -8.08
C PRO A 59 -21.65 -7.20 -8.51
N GLU A 60 -22.12 -8.37 -8.24
CA GLU A 60 -21.32 -9.60 -8.52
C GLU A 60 -21.31 -9.90 -10.03
N ASP A 61 -21.28 -8.89 -10.84
CA ASP A 61 -21.28 -9.12 -12.32
C ASP A 61 -20.50 -8.02 -13.04
N GLU A 62 -20.56 -6.82 -12.54
CA GLU A 62 -19.81 -5.71 -13.20
C GLU A 62 -18.37 -5.69 -12.69
N ASN A 63 -18.18 -6.21 -11.51
CA ASN A 63 -16.81 -6.32 -10.96
C ASN A 63 -16.09 -7.54 -11.54
N LYS A 64 -16.25 -7.78 -12.81
CA LYS A 64 -15.55 -8.94 -13.45
C LYS A 64 -14.29 -8.45 -14.15
N GLY A 65 -13.92 -7.22 -13.94
CA GLY A 65 -12.66 -6.70 -14.52
C GLY A 65 -12.44 -5.25 -14.05
N ILE A 66 -12.96 -4.90 -12.92
CA ILE A 66 -12.69 -3.54 -12.36
C ILE A 66 -12.48 -3.65 -10.85
N VAL A 67 -11.57 -2.89 -10.31
CA VAL A 67 -11.34 -2.95 -8.84
C VAL A 67 -11.56 -1.57 -8.22
N ARG A 68 -12.47 -1.47 -7.28
CA ARG A 68 -12.73 -0.15 -6.66
C ARG A 68 -11.87 0.03 -5.41
N ILE A 69 -11.00 1.01 -5.42
CA ILE A 69 -10.13 1.24 -4.24
C ILE A 69 -10.18 2.71 -3.82
N ASP A 70 -9.80 3.01 -2.60
CA ASP A 70 -9.78 4.43 -2.16
C ASP A 70 -8.56 5.14 -2.76
N SER A 71 -8.60 6.45 -2.80
CA SER A 71 -7.49 7.21 -3.46
C SER A 71 -6.13 6.81 -2.89
N VAL A 72 -6.09 6.42 -1.64
CA VAL A 72 -4.78 6.10 -1.00
C VAL A 72 -4.12 4.93 -1.71
N MET A 73 -4.85 3.87 -1.91
CA MET A 73 -4.27 2.70 -2.64
C MET A 73 -3.85 3.14 -4.03
N ARG A 74 -4.68 3.88 -4.72
CA ARG A 74 -4.28 4.44 -6.03
C ARG A 74 -3.05 5.35 -5.86
N ASN A 75 -3.02 6.12 -4.80
CA ASN A 75 -1.86 7.01 -4.58
C ASN A 75 -0.60 6.20 -4.23
N ASN A 76 -0.79 5.05 -3.64
CA ASN A 76 0.39 4.25 -3.19
C ASN A 76 1.16 3.70 -4.39
N CYS A 77 0.54 3.58 -5.53
CA CYS A 77 1.25 3.01 -6.72
C CYS A 77 1.70 4.11 -7.68
N GLY A 78 1.04 5.24 -7.68
CA GLY A 78 1.48 6.37 -8.53
C GLY A 78 0.67 6.40 -9.83
N ALA A 79 -0.50 5.83 -9.82
CA ALA A 79 -1.27 5.68 -11.09
C ALA A 79 -2.48 6.62 -11.11
N SER A 80 -3.35 6.44 -12.06
CA SER A 80 -4.55 7.31 -12.14
C SER A 80 -5.81 6.45 -12.20
N ILE A 81 -6.95 7.05 -12.09
CA ILE A 81 -8.20 6.25 -12.20
C ILE A 81 -8.30 5.62 -13.59
N GLY A 82 -8.83 4.44 -13.64
CA GLY A 82 -9.12 3.82 -14.95
C GLY A 82 -7.83 3.27 -15.57
N ASP A 83 -6.71 3.44 -14.91
CA ASP A 83 -5.44 2.85 -15.42
C ASP A 83 -5.61 1.34 -15.59
N LYS A 84 -4.52 0.64 -15.79
CA LYS A 84 -4.60 -0.83 -15.92
C LYS A 84 -3.63 -1.50 -14.95
N VAL A 85 -4.15 -2.19 -13.98
CA VAL A 85 -3.26 -2.81 -12.94
C VAL A 85 -3.44 -4.34 -12.93
N LYS A 86 -2.47 -5.04 -12.43
CA LYS A 86 -2.62 -6.52 -12.30
C LYS A 86 -2.73 -6.89 -10.82
N VAL A 87 -3.76 -7.60 -10.45
CA VAL A 87 -3.92 -7.98 -9.02
C VAL A 87 -3.56 -9.46 -8.83
N ARG A 88 -2.61 -9.73 -7.99
CA ARG A 88 -2.20 -11.15 -7.78
C ARG A 88 -2.62 -11.59 -6.37
N LYS A 89 -3.10 -12.79 -6.23
CA LYS A 89 -3.52 -13.25 -4.88
C LYS A 89 -2.33 -13.79 -4.11
N VAL A 90 -2.25 -13.48 -2.85
CA VAL A 90 -1.15 -14.02 -2.00
C VAL A 90 -1.62 -14.16 -0.56
N ARG A 91 -0.73 -14.43 0.35
CA ARG A 91 -1.11 -14.53 1.78
C ARG A 91 -0.20 -13.64 2.62
N THR A 92 -0.49 -13.48 3.87
CA THR A 92 0.31 -12.55 4.71
C THR A 92 1.31 -13.31 5.58
N GLU A 93 2.29 -12.62 6.09
CA GLU A 93 3.28 -13.24 7.01
C GLU A 93 3.79 -12.19 7.99
N ILE A 94 4.51 -12.59 9.00
CA ILE A 94 4.95 -11.58 10.01
C ILE A 94 6.30 -11.00 9.62
N ALA A 95 6.30 -9.83 9.03
CA ALA A 95 7.59 -9.19 8.63
C ALA A 95 8.50 -9.01 9.84
N LYS A 96 9.77 -9.23 9.67
CA LYS A 96 10.72 -9.07 10.81
C LYS A 96 11.55 -7.78 10.67
N LYS A 97 11.75 -7.29 9.47
CA LYS A 97 12.54 -6.04 9.33
C LYS A 97 12.06 -5.22 8.12
N VAL A 98 11.78 -3.97 8.32
CA VAL A 98 11.32 -3.12 7.19
C VAL A 98 11.94 -1.72 7.28
N THR A 99 12.16 -1.09 6.15
CA THR A 99 12.79 0.27 6.16
C THR A 99 11.84 1.28 5.50
N LEU A 100 11.63 2.41 6.13
CA LEU A 100 10.70 3.42 5.55
C LEU A 100 11.41 4.77 5.37
N ALA A 101 10.89 5.61 4.52
CA ALA A 101 11.55 6.93 4.26
C ALA A 101 10.50 8.03 4.11
N PRO A 102 10.22 8.68 5.21
CA PRO A 102 9.21 9.78 5.20
C PRO A 102 9.63 10.87 4.20
N ILE A 103 8.75 11.28 3.35
CA ILE A 103 9.10 12.35 2.37
C ILE A 103 8.75 13.72 2.93
N ILE A 104 9.76 14.48 3.32
CA ILE A 104 9.50 15.86 3.82
C ILE A 104 10.61 16.79 3.36
N ARG A 105 10.73 17.91 4.01
CA ARG A 105 11.85 18.85 3.67
C ARG A 105 12.42 19.47 4.94
N LYS A 106 13.13 20.56 4.80
CA LYS A 106 13.66 21.26 6.01
C LYS A 106 12.50 21.68 6.92
N ASP A 107 11.32 21.59 6.41
CA ASP A 107 10.12 21.96 7.21
C ASP A 107 9.45 20.71 7.77
N GLN A 108 10.20 19.67 8.00
CA GLN A 108 9.59 18.39 8.44
C GLN A 108 9.24 18.45 9.93
N ARG A 109 8.00 18.18 10.25
CA ARG A 109 7.56 18.24 11.68
C ARG A 109 7.64 16.85 12.31
N LEU A 110 7.83 15.84 11.51
CA LEU A 110 7.82 14.46 12.07
C LEU A 110 9.25 13.98 12.31
N LYS A 111 9.91 14.58 13.25
CA LYS A 111 11.29 14.14 13.61
C LYS A 111 11.39 13.93 15.13
N PHE A 112 11.83 12.79 15.55
CA PHE A 112 11.87 12.52 17.02
C PHE A 112 13.07 11.63 17.37
N GLY A 113 13.17 10.48 16.75
CA GLY A 113 14.28 9.55 17.09
C GLY A 113 13.98 8.86 18.43
N GLU A 114 14.96 8.22 19.00
CA GLU A 114 14.76 7.54 20.32
C GLU A 114 13.34 6.98 20.43
N GLY A 115 13.16 5.72 20.16
CA GLY A 115 11.82 5.10 20.30
C GLY A 115 11.00 5.33 19.03
N ILE A 116 11.52 6.10 18.12
CA ILE A 116 10.81 6.33 16.84
C ILE A 116 10.62 5.00 16.11
N GLU A 117 11.60 4.13 16.15
CA GLU A 117 11.47 2.83 15.45
C GLU A 117 10.27 2.05 16.02
N GLU A 118 10.12 2.08 17.32
CA GLU A 118 8.92 1.44 17.94
C GLU A 118 7.67 2.24 17.61
N TYR A 119 7.80 3.54 17.53
CA TYR A 119 6.61 4.39 17.18
C TYR A 119 6.07 4.00 15.81
N VAL A 120 6.93 3.77 14.86
CA VAL A 120 6.46 3.30 13.54
C VAL A 120 5.75 1.96 13.69
N GLN A 121 6.31 1.06 14.45
CA GLN A 121 5.62 -0.23 14.72
C GLN A 121 4.28 0.01 15.40
N ARG A 122 4.25 0.90 16.35
CA ARG A 122 2.98 1.15 17.09
C ARG A 122 1.90 1.63 16.12
N ALA A 123 2.24 2.55 15.27
CA ALA A 123 1.23 3.08 14.31
C ALA A 123 0.89 2.02 13.25
N LEU A 124 1.88 1.39 12.69
CA LEU A 124 1.60 0.45 11.55
C LEU A 124 1.61 -1.01 12.01
N ILE A 125 1.65 -1.28 13.28
CA ILE A 125 1.73 -2.69 13.74
C ILE A 125 0.65 -3.53 13.02
N ARG A 126 0.76 -4.83 13.09
CA ARG A 126 -0.25 -5.71 12.41
C ARG A 126 -0.78 -5.06 11.12
N ARG A 127 0.10 -4.53 10.30
CA ARG A 127 -0.35 -3.90 9.02
C ARG A 127 0.44 -4.46 7.84
N PRO A 128 -0.27 -4.80 6.78
CA PRO A 128 0.37 -5.35 5.56
C PRO A 128 1.47 -4.38 5.07
N MET A 129 2.66 -4.87 4.81
CA MET A 129 3.73 -3.93 4.35
C MET A 129 4.36 -4.42 3.05
N LEU A 130 4.69 -3.52 2.16
CA LEU A 130 5.24 -3.91 0.86
C LEU A 130 6.33 -2.90 0.43
N GLU A 131 7.57 -3.30 0.48
CA GLU A 131 8.67 -2.33 0.20
C GLU A 131 8.37 -1.51 -1.05
N GLN A 132 8.70 -0.24 -1.01
CA GLN A 132 8.45 0.66 -2.18
C GLN A 132 7.01 1.17 -2.15
N ASP A 133 6.23 0.70 -1.23
CA ASP A 133 4.84 1.24 -1.09
C ASP A 133 4.88 2.69 -0.56
N ASN A 134 3.74 3.23 -0.22
CA ASN A 134 3.71 4.59 0.37
C ASN A 134 2.63 4.63 1.46
N ILE A 135 2.73 5.54 2.39
CA ILE A 135 1.73 5.56 3.49
C ILE A 135 1.29 7.00 3.78
N SER A 136 0.28 7.15 4.59
CA SER A 136 -0.24 8.53 4.86
C SER A 136 0.23 9.00 6.24
N VAL A 137 0.13 10.28 6.50
CA VAL A 137 0.57 10.81 7.81
C VAL A 137 -0.65 11.01 8.73
N PRO A 138 -0.42 10.80 10.00
CA PRO A 138 -1.49 10.96 11.01
C PRO A 138 -2.06 12.38 10.98
N GLY A 139 -2.70 12.75 9.90
CA GLY A 139 -3.36 14.09 9.84
C GLY A 139 -2.44 15.15 10.45
N LEU A 140 -1.25 15.29 9.93
CA LEU A 140 -0.34 16.37 10.44
C LEU A 140 0.41 17.04 9.28
N THR A 141 0.54 18.33 9.32
CA THR A 141 1.25 19.04 8.21
C THR A 141 1.70 20.42 8.68
N LEU A 142 2.13 21.24 7.76
CA LEU A 142 2.61 22.61 8.14
C LEU A 142 2.23 23.61 7.05
N ALA A 143 3.14 24.48 6.69
CA ALA A 143 2.85 25.41 5.56
C ALA A 143 2.43 24.62 4.32
N GLY A 144 2.61 25.19 3.17
CA GLY A 144 2.35 24.42 1.93
C GLY A 144 3.52 23.47 1.67
N GLN A 145 3.55 22.36 2.36
CA GLN A 145 4.65 21.37 2.12
C GLN A 145 4.19 20.32 1.10
N THR A 146 5.11 19.67 0.45
CA THR A 146 4.71 18.67 -0.58
C THR A 146 5.26 17.29 -0.20
N GLY A 147 4.54 16.26 -0.52
CA GLY A 147 4.98 14.88 -0.16
C GLY A 147 4.51 14.54 1.25
N LEU A 148 5.28 14.87 2.24
CA LEU A 148 4.85 14.64 3.65
C LEU A 148 4.18 13.27 3.80
N LEU A 149 4.77 12.23 3.27
CA LEU A 149 4.19 10.87 3.44
C LEU A 149 5.31 9.85 3.69
N PHE A 150 4.95 8.66 4.07
CA PHE A 150 6.01 7.64 4.36
C PHE A 150 6.27 6.79 3.12
N LYS A 151 7.51 6.65 2.74
CA LYS A 151 7.84 5.82 1.55
C LYS A 151 8.66 4.60 1.97
N VAL A 152 8.06 3.44 1.95
CA VAL A 152 8.83 2.21 2.31
C VAL A 152 9.74 1.81 1.15
N VAL A 153 10.96 1.46 1.44
CA VAL A 153 11.90 1.11 0.34
C VAL A 153 12.43 -0.31 0.49
N LYS A 154 12.50 -0.81 1.69
CA LYS A 154 13.06 -2.19 1.86
C LYS A 154 12.26 -2.98 2.89
N THR A 155 12.11 -4.25 2.66
CA THR A 155 11.44 -5.13 3.65
C THR A 155 12.18 -6.47 3.73
N LEU A 156 12.05 -7.17 4.81
CA LEU A 156 12.79 -8.46 4.96
C LEU A 156 11.99 -9.63 4.40
N PRO A 157 10.68 -9.56 4.54
CA PRO A 157 9.82 -10.66 4.02
C PRO A 157 10.08 -10.85 2.52
N SER A 158 9.20 -11.57 1.87
CA SER A 158 9.33 -11.72 0.39
C SER A 158 8.55 -10.61 -0.31
N LYS A 159 8.56 -10.59 -1.61
CA LYS A 159 7.82 -9.53 -2.36
C LYS A 159 6.33 -9.57 -2.04
N VAL A 160 5.90 -10.58 -1.32
CA VAL A 160 4.46 -10.68 -0.98
C VAL A 160 4.13 -9.87 0.27
N PRO A 161 2.91 -9.44 0.34
CA PRO A 161 2.43 -8.64 1.50
C PRO A 161 2.79 -9.30 2.82
N VAL A 162 3.17 -8.52 3.80
CA VAL A 162 3.38 -9.08 5.16
C VAL A 162 2.63 -8.25 6.18
N GLU A 163 2.34 -8.80 7.32
CA GLU A 163 1.68 -7.99 8.38
C GLU A 163 2.68 -7.66 9.48
N ILE A 164 2.78 -6.41 9.83
CA ILE A 164 3.77 -6.01 10.85
C ILE A 164 3.36 -6.52 12.24
N GLY A 165 4.28 -6.67 13.13
CA GLY A 165 3.92 -7.10 14.51
C GLY A 165 4.80 -6.35 15.51
N GLU A 166 4.50 -6.48 16.76
CA GLU A 166 5.30 -5.75 17.79
C GLU A 166 6.77 -6.16 17.71
N GLU A 167 7.04 -7.34 17.22
CA GLU A 167 8.44 -7.83 17.18
C GLU A 167 9.11 -7.45 15.85
N THR A 168 8.34 -6.98 14.89
CA THR A 168 8.94 -6.58 13.58
C THR A 168 9.99 -5.48 13.80
N LYS A 169 11.03 -5.47 13.01
CA LYS A 169 12.07 -4.42 13.18
C LYS A 169 11.78 -3.25 12.24
N ILE A 170 12.10 -2.05 12.64
CA ILE A 170 11.81 -0.88 11.78
C ILE A 170 13.09 -0.10 11.44
N GLU A 171 13.18 0.37 10.24
CA GLU A 171 14.30 1.29 9.90
C GLU A 171 13.79 2.60 9.34
N ILE A 172 14.22 3.69 9.87
CA ILE A 172 13.76 5.01 9.38
C ILE A 172 14.96 5.86 8.94
N ARG A 173 15.02 6.25 7.70
CA ARG A 173 16.17 7.07 7.24
C ARG A 173 15.88 8.56 7.44
N GLU A 174 16.89 9.38 7.47
CA GLU A 174 16.68 10.84 7.67
C GLU A 174 16.76 11.57 6.33
N GLU A 175 16.79 10.83 5.25
CA GLU A 175 16.85 11.47 3.91
C GLU A 175 15.45 11.59 3.33
N PRO A 176 14.99 12.80 3.25
CA PRO A 176 13.64 13.09 2.72
C PRO A 176 13.60 12.81 1.22
N ALA A 177 12.74 13.48 0.52
CA ALA A 177 12.60 13.23 -0.94
C ALA A 177 13.79 13.82 -1.71
N SER A 178 14.98 13.56 -1.27
CA SER A 178 16.18 14.15 -1.94
C SER A 178 16.24 13.70 -3.41
N GLU A 179 16.44 12.43 -3.66
CA GLU A 179 16.54 11.95 -5.06
C GLU A 179 15.24 12.21 -5.82
N VAL A 180 14.21 12.56 -5.11
CA VAL A 180 12.89 12.81 -5.76
C VAL A 180 12.79 14.29 -6.18
N LEU A 181 12.82 14.56 -7.45
CA LEU A 181 12.74 15.97 -7.93
C LEU A 181 12.02 16.04 -9.28
N GLU A 182 10.92 15.36 -9.40
CA GLU A 182 10.14 15.41 -10.68
C GLU A 182 11.03 14.95 -11.85
N GLU A 183 10.45 14.77 -13.00
CA GLU A 183 11.26 14.33 -14.18
C GLU A 183 12.35 15.36 -14.49
N GLY A 184 13.52 14.89 -14.85
CA GLY A 184 14.63 15.84 -15.18
C GLY A 184 15.55 15.18 -16.22
N GLY A 185 16.54 15.90 -16.67
CA GLY A 185 17.47 15.31 -17.68
C GLY A 185 18.41 16.40 -18.21
N MET A 1 0.28 -27.09 -8.82
CA MET A 1 0.89 -25.76 -9.13
C MET A 1 0.65 -24.79 -7.98
N GLU A 2 -0.52 -24.22 -7.91
CA GLU A 2 -0.82 -23.27 -6.81
C GLU A 2 0.22 -22.14 -6.80
N SER A 3 0.60 -21.66 -7.95
CA SER A 3 1.62 -20.58 -8.02
C SER A 3 0.97 -19.22 -7.76
N ASN A 4 1.75 -18.19 -7.59
CA ASN A 4 1.17 -16.85 -7.32
C ASN A 4 0.92 -16.11 -8.63
N ASN A 5 -0.32 -15.92 -8.99
CA ASN A 5 -0.63 -15.20 -10.26
C ASN A 5 -1.71 -14.15 -10.02
N GLY A 6 -1.92 -13.28 -10.96
CA GLY A 6 -2.99 -12.26 -10.82
C GLY A 6 -3.62 -11.97 -12.19
N ILE A 7 -4.43 -10.94 -12.28
CA ILE A 7 -5.04 -10.61 -13.59
C ILE A 7 -4.91 -9.11 -13.85
N ILE A 8 -4.92 -8.71 -15.09
CA ILE A 8 -4.81 -7.26 -15.41
C ILE A 8 -6.20 -6.66 -15.60
N LEU A 9 -6.56 -5.71 -14.78
CA LEU A 9 -7.92 -5.10 -14.92
C LEU A 9 -7.83 -3.58 -14.80
N ARG A 10 -8.94 -2.92 -14.67
CA ARG A 10 -8.94 -1.43 -14.66
C ARG A 10 -9.18 -0.89 -13.25
N VAL A 11 -8.35 0.01 -12.81
CA VAL A 11 -8.58 0.65 -11.48
C VAL A 11 -9.89 1.44 -11.50
N ALA A 12 -10.65 1.35 -10.44
CA ALA A 12 -11.91 2.13 -10.36
C ALA A 12 -11.89 3.06 -9.14
N GLU A 13 -12.66 4.11 -9.16
CA GLU A 13 -12.71 5.02 -7.98
C GLU A 13 -13.72 6.15 -8.21
N ALA A 14 -14.52 6.46 -7.23
CA ALA A 14 -15.51 7.56 -7.38
C ALA A 14 -16.32 7.75 -6.09
N ASN A 15 -15.73 8.33 -5.09
CA ASN A 15 -16.47 8.54 -3.81
C ASN A 15 -15.77 9.61 -2.95
N SER A 16 -16.45 10.12 -1.96
CA SER A 16 -15.82 11.15 -1.09
C SER A 16 -14.74 10.51 -0.22
N THR A 17 -13.91 11.29 0.41
CA THR A 17 -12.80 10.72 1.23
C THR A 17 -12.11 9.58 0.46
N ASP A 18 -11.47 8.69 1.15
CA ASP A 18 -10.76 7.59 0.45
C ASP A 18 -11.08 6.23 1.09
N PRO A 19 -12.32 5.84 0.98
CA PRO A 19 -12.77 4.54 1.55
C PRO A 19 -12.14 3.37 0.78
N GLY A 20 -11.53 2.45 1.46
CA GLY A 20 -10.91 1.29 0.76
C GLY A 20 -9.44 1.56 0.48
N MET A 21 -8.67 1.77 1.52
CA MET A 21 -7.20 1.97 1.31
C MET A 21 -6.47 0.63 1.37
N SER A 22 -7.18 -0.44 1.61
CA SER A 22 -6.51 -1.77 1.67
C SER A 22 -7.50 -2.88 1.29
N ARG A 23 -8.62 -2.54 0.72
CA ARG A 23 -9.62 -3.58 0.34
C ARG A 23 -9.89 -3.55 -1.16
N VAL A 24 -10.05 -4.70 -1.76
CA VAL A 24 -10.36 -4.74 -3.22
C VAL A 24 -11.76 -5.32 -3.43
N ARG A 25 -12.63 -4.57 -4.03
CA ARG A 25 -13.99 -5.14 -4.31
C ARG A 25 -14.06 -5.65 -5.75
N LEU A 26 -14.32 -6.91 -5.92
CA LEU A 26 -14.35 -7.50 -7.29
C LEU A 26 -15.51 -8.51 -7.39
N ASP A 27 -15.69 -9.08 -8.55
CA ASP A 27 -16.83 -10.03 -8.72
C ASP A 27 -16.38 -11.47 -8.47
N GLU A 28 -17.29 -12.40 -8.57
CA GLU A 28 -16.95 -13.82 -8.29
C GLU A 28 -15.85 -14.27 -9.25
N SER A 29 -15.96 -13.88 -10.47
CA SER A 29 -14.96 -14.32 -11.48
C SER A 29 -13.60 -13.70 -11.20
N SER A 30 -13.56 -12.44 -10.87
CA SER A 30 -12.26 -11.80 -10.51
C SER A 30 -11.66 -12.52 -9.32
N ARG A 31 -12.47 -12.85 -8.36
CA ARG A 31 -11.98 -13.60 -7.16
C ARG A 31 -11.68 -15.07 -7.49
N ARG A 32 -12.56 -15.71 -8.22
CA ARG A 32 -12.43 -17.18 -8.39
C ARG A 32 -11.54 -17.51 -9.59
N LEU A 33 -11.22 -16.56 -10.41
CA LEU A 33 -10.41 -16.88 -11.61
C LEU A 33 -9.10 -17.53 -11.19
N LEU A 34 -8.58 -17.15 -10.05
CA LEU A 34 -7.36 -17.81 -9.53
C LEU A 34 -7.70 -18.72 -8.35
N ASP A 35 -8.01 -18.14 -7.23
CA ASP A 35 -8.32 -18.95 -6.02
C ASP A 35 -8.88 -18.04 -4.91
N ALA A 36 -8.49 -16.79 -4.94
CA ALA A 36 -8.94 -15.81 -3.90
C ALA A 36 -10.31 -16.18 -3.35
N GLU A 37 -10.39 -16.33 -2.05
CA GLU A 37 -11.72 -16.47 -1.40
C GLU A 37 -11.98 -15.25 -0.54
N ILE A 38 -13.05 -15.23 0.19
CA ILE A 38 -13.28 -14.11 1.14
C ILE A 38 -12.14 -14.06 2.16
N GLY A 39 -11.61 -12.90 2.41
CA GLY A 39 -10.62 -12.74 3.51
C GLY A 39 -9.23 -13.23 3.09
N ASP A 40 -8.98 -13.41 1.81
CA ASP A 40 -7.59 -13.75 1.38
C ASP A 40 -6.81 -12.45 1.11
N VAL A 41 -5.51 -12.55 0.98
CA VAL A 41 -4.68 -11.32 0.79
C VAL A 41 -4.34 -11.12 -0.68
N VAL A 42 -4.58 -9.94 -1.20
CA VAL A 42 -4.30 -9.70 -2.65
C VAL A 42 -3.18 -8.66 -2.82
N GLU A 43 -2.38 -8.81 -3.83
CA GLU A 43 -1.30 -7.83 -4.10
C GLU A 43 -1.62 -7.07 -5.39
N ILE A 44 -1.29 -5.81 -5.45
CA ILE A 44 -1.64 -5.03 -6.68
C ILE A 44 -0.37 -4.52 -7.37
N GLU A 45 -0.40 -4.41 -8.67
CA GLU A 45 0.82 -3.93 -9.38
C GLU A 45 0.45 -3.21 -10.68
N LYS A 46 0.26 -1.91 -10.61
CA LYS A 46 0.06 -1.12 -11.86
C LYS A 46 1.38 -0.46 -12.27
N VAL A 47 1.92 0.36 -11.41
CA VAL A 47 3.23 1.01 -11.69
C VAL A 47 4.26 0.50 -10.69
N ARG A 48 3.84 0.26 -9.49
CA ARG A 48 4.75 -0.33 -8.47
C ARG A 48 4.05 -1.49 -7.75
N LYS A 49 4.68 -2.06 -6.77
CA LYS A 49 4.04 -3.20 -6.06
C LYS A 49 3.17 -2.68 -4.92
N THR A 50 1.95 -3.15 -4.85
CA THR A 50 1.03 -2.68 -3.78
C THR A 50 0.39 -3.88 -3.07
N VAL A 51 -0.26 -3.65 -1.97
CA VAL A 51 -0.92 -4.76 -1.22
C VAL A 51 -2.40 -4.43 -0.99
N GLY A 52 -3.20 -5.42 -0.67
CA GLY A 52 -4.62 -5.14 -0.35
C GLY A 52 -5.32 -6.45 -0.01
N ARG A 53 -6.60 -6.40 0.24
CA ARG A 53 -7.33 -7.65 0.61
C ARG A 53 -8.49 -7.87 -0.35
N VAL A 54 -9.38 -8.78 -0.03
CA VAL A 54 -10.46 -9.13 -1.00
C VAL A 54 -11.83 -8.66 -0.50
N TYR A 55 -12.57 -8.01 -1.34
CA TYR A 55 -13.96 -7.60 -0.99
C TYR A 55 -14.95 -8.10 -2.04
N ARG A 56 -16.20 -8.13 -1.69
CA ARG A 56 -17.25 -8.60 -2.67
C ARG A 56 -17.77 -7.41 -3.48
N ALA A 57 -17.71 -7.50 -4.78
CA ALA A 57 -18.25 -6.39 -5.63
C ALA A 57 -19.76 -6.25 -5.42
N ARG A 58 -20.26 -5.04 -5.35
CA ARG A 58 -21.74 -4.87 -5.28
C ARG A 58 -22.38 -5.51 -6.51
N PRO A 59 -21.86 -5.17 -7.66
CA PRO A 59 -22.37 -5.74 -8.92
C PRO A 59 -21.57 -7.00 -9.24
N GLU A 60 -22.11 -8.12 -8.94
CA GLU A 60 -21.35 -9.40 -9.12
C GLU A 60 -21.23 -9.76 -10.61
N ASP A 61 -21.10 -8.78 -11.47
CA ASP A 61 -20.97 -9.06 -12.92
C ASP A 61 -20.13 -7.97 -13.61
N GLU A 62 -20.19 -6.76 -13.12
CA GLU A 62 -19.40 -5.67 -13.75
C GLU A 62 -17.98 -5.69 -13.20
N ASN A 63 -17.83 -6.22 -12.02
CA ASN A 63 -16.48 -6.30 -11.40
C ASN A 63 -15.72 -7.52 -11.94
N LYS A 64 -15.83 -7.78 -13.22
CA LYS A 64 -15.06 -8.93 -13.80
C LYS A 64 -13.79 -8.40 -14.45
N GLY A 65 -13.46 -7.16 -14.20
CA GLY A 65 -12.20 -6.59 -14.74
C GLY A 65 -12.03 -5.15 -14.27
N ILE A 66 -12.63 -4.81 -13.16
CA ILE A 66 -12.42 -3.45 -12.59
C ILE A 66 -12.31 -3.55 -11.06
N VAL A 67 -11.44 -2.79 -10.47
CA VAL A 67 -11.28 -2.86 -8.99
C VAL A 67 -11.59 -1.50 -8.36
N ARG A 68 -12.44 -1.46 -7.37
CA ARG A 68 -12.80 -0.15 -6.76
C ARG A 68 -11.93 0.14 -5.55
N ILE A 69 -11.09 1.13 -5.65
CA ILE A 69 -10.18 1.47 -4.50
C ILE A 69 -10.24 2.97 -4.20
N ASP A 70 -9.68 3.37 -3.10
CA ASP A 70 -9.64 4.82 -2.76
C ASP A 70 -8.48 5.49 -3.49
N SER A 71 -8.36 6.79 -3.36
CA SER A 71 -7.29 7.51 -4.10
C SER A 71 -5.91 7.18 -3.52
N VAL A 72 -5.83 6.86 -2.26
CA VAL A 72 -4.51 6.59 -1.64
C VAL A 72 -3.92 5.29 -2.19
N MET A 73 -4.70 4.24 -2.24
CA MET A 73 -4.17 2.96 -2.79
C MET A 73 -3.75 3.17 -4.24
N ARG A 74 -4.55 3.85 -5.00
CA ARG A 74 -4.15 4.21 -6.39
C ARG A 74 -2.87 5.06 -6.35
N ASN A 75 -2.77 5.97 -5.44
CA ASN A 75 -1.55 6.83 -5.35
C ASN A 75 -0.36 6.00 -4.87
N ASN A 76 -0.59 4.93 -4.17
CA ASN A 76 0.54 4.12 -3.63
C ASN A 76 1.42 3.61 -4.77
N CYS A 77 0.84 3.23 -5.87
CA CYS A 77 1.66 2.67 -6.99
C CYS A 77 1.95 3.76 -8.04
N GLY A 78 1.04 4.67 -8.24
CA GLY A 78 1.30 5.79 -9.19
C GLY A 78 0.36 5.68 -10.39
N ALA A 79 -0.79 5.07 -10.20
CA ALA A 79 -1.72 4.87 -11.34
C ALA A 79 -2.88 5.88 -11.27
N SER A 80 -3.65 5.97 -12.31
CA SER A 80 -4.80 6.92 -12.30
C SER A 80 -6.10 6.14 -12.41
N ILE A 81 -7.22 6.80 -12.37
CA ILE A 81 -8.50 6.09 -12.51
C ILE A 81 -8.61 5.43 -13.89
N GLY A 82 -9.14 4.24 -13.93
CA GLY A 82 -9.41 3.61 -15.23
C GLY A 82 -8.12 3.07 -15.84
N ASP A 83 -7.00 3.30 -15.21
CA ASP A 83 -5.73 2.71 -15.71
C ASP A 83 -5.84 1.19 -15.79
N LYS A 84 -4.74 0.52 -15.98
CA LYS A 84 -4.77 -0.97 -16.03
C LYS A 84 -3.74 -1.54 -15.07
N VAL A 85 -4.19 -2.19 -14.03
CA VAL A 85 -3.23 -2.79 -13.05
C VAL A 85 -3.41 -4.30 -12.99
N LYS A 86 -2.39 -5.02 -12.61
CA LYS A 86 -2.53 -6.49 -12.44
C LYS A 86 -2.71 -6.84 -10.96
N VAL A 87 -3.78 -7.52 -10.63
CA VAL A 87 -3.99 -7.90 -9.21
C VAL A 87 -3.63 -9.37 -9.00
N ARG A 88 -2.74 -9.65 -8.10
CA ARG A 88 -2.36 -11.06 -7.84
C ARG A 88 -2.83 -11.47 -6.45
N LYS A 89 -3.18 -12.71 -6.26
CA LYS A 89 -3.67 -13.13 -4.92
C LYS A 89 -2.56 -13.83 -4.14
N VAL A 90 -2.33 -13.42 -2.94
CA VAL A 90 -1.25 -14.03 -2.12
C VAL A 90 -1.70 -14.16 -0.66
N ARG A 91 -0.77 -14.42 0.21
CA ARG A 91 -1.12 -14.54 1.66
C ARG A 91 -0.19 -13.66 2.48
N THR A 92 -0.46 -13.52 3.75
CA THR A 92 0.35 -12.57 4.57
C THR A 92 1.28 -13.32 5.53
N GLU A 93 2.30 -12.67 5.99
CA GLU A 93 3.24 -13.29 6.96
C GLU A 93 3.78 -12.21 7.90
N ILE A 94 4.52 -12.58 8.91
CA ILE A 94 4.97 -11.57 9.89
C ILE A 94 6.31 -10.96 9.46
N ALA A 95 6.28 -9.74 8.98
CA ALA A 95 7.54 -9.07 8.55
C ALA A 95 8.54 -9.03 9.72
N LYS A 96 9.80 -9.28 9.45
CA LYS A 96 10.81 -9.21 10.55
C LYS A 96 11.58 -7.88 10.49
N LYS A 97 11.76 -7.33 9.31
CA LYS A 97 12.52 -6.04 9.23
C LYS A 97 12.03 -5.21 8.04
N VAL A 98 11.71 -3.97 8.28
CA VAL A 98 11.19 -3.11 7.18
C VAL A 98 11.77 -1.69 7.27
N THR A 99 12.06 -1.08 6.15
CA THR A 99 12.66 0.28 6.18
C THR A 99 11.69 1.30 5.57
N LEU A 100 11.58 2.45 6.17
CA LEU A 100 10.61 3.46 5.65
C LEU A 100 11.27 4.84 5.56
N ALA A 101 10.66 5.77 4.87
CA ALA A 101 11.29 7.11 4.69
C ALA A 101 10.22 8.20 4.68
N PRO A 102 10.07 8.86 5.81
CA PRO A 102 9.07 9.95 5.93
C PRO A 102 9.33 11.02 4.87
N ILE A 103 8.29 11.53 4.26
CA ILE A 103 8.48 12.52 3.17
C ILE A 103 8.28 13.95 3.70
N ILE A 104 9.36 14.66 3.92
CA ILE A 104 9.25 16.11 4.25
C ILE A 104 10.41 16.89 3.65
N ARG A 105 10.37 18.18 3.73
CA ARG A 105 11.46 19.01 3.15
C ARG A 105 11.98 20.01 4.18
N LYS A 106 12.23 21.23 3.79
CA LYS A 106 12.66 22.25 4.79
C LYS A 106 11.58 22.41 5.85
N ASP A 107 10.44 21.85 5.61
CA ASP A 107 9.34 21.91 6.60
C ASP A 107 9.29 20.59 7.39
N GLN A 108 10.40 19.91 7.52
CA GLN A 108 10.41 18.66 8.31
C GLN A 108 10.59 18.99 9.79
N ARG A 109 9.50 19.09 10.48
CA ARG A 109 9.54 19.43 11.92
C ARG A 109 9.23 18.20 12.76
N LEU A 110 8.82 17.13 12.14
CA LEU A 110 8.42 15.93 12.91
C LEU A 110 9.58 14.94 12.95
N LYS A 111 10.68 15.34 13.54
CA LYS A 111 11.82 14.40 13.69
C LYS A 111 11.79 13.78 15.08
N PHE A 112 11.72 12.49 15.16
CA PHE A 112 11.55 11.83 16.48
C PHE A 112 12.90 11.38 17.02
N GLY A 113 13.73 10.84 16.19
CA GLY A 113 15.07 10.38 16.67
C GLY A 113 14.91 9.04 17.39
N GLU A 114 15.84 8.72 18.23
CA GLU A 114 15.76 7.44 18.98
C GLU A 114 14.31 7.16 19.40
N GLY A 115 13.90 5.93 19.37
CA GLY A 115 12.51 5.58 19.80
C GLY A 115 11.54 5.78 18.63
N ILE A 116 11.96 6.48 17.61
CA ILE A 116 11.12 6.60 16.39
C ILE A 116 10.89 5.22 15.76
N GLU A 117 11.91 4.41 15.75
CA GLU A 117 11.77 3.04 15.15
C GLU A 117 10.66 2.28 15.89
N GLU A 118 10.66 2.36 17.19
CA GLU A 118 9.54 1.74 17.96
C GLU A 118 8.24 2.46 17.65
N TYR A 119 8.29 3.77 17.53
CA TYR A 119 7.06 4.54 17.20
C TYR A 119 6.51 4.08 15.84
N VAL A 120 7.38 3.84 14.90
CA VAL A 120 6.92 3.31 13.58
C VAL A 120 6.21 1.97 13.77
N GLN A 121 6.81 1.09 14.53
CA GLN A 121 6.13 -0.21 14.81
C GLN A 121 4.81 0.04 15.54
N ARG A 122 4.81 0.93 16.50
CA ARG A 122 3.57 1.15 17.29
C ARG A 122 2.44 1.61 16.37
N ALA A 123 2.73 2.50 15.47
CA ALA A 123 1.67 2.99 14.53
C ALA A 123 1.33 1.90 13.51
N LEU A 124 2.32 1.27 12.94
CA LEU A 124 2.06 0.34 11.81
C LEU A 124 1.90 -1.10 12.31
N ILE A 125 2.09 -1.33 13.58
CA ILE A 125 2.10 -2.74 14.06
C ILE A 125 0.91 -3.50 13.47
N ARG A 126 0.93 -4.80 13.59
CA ARG A 126 -0.17 -5.64 13.01
C ARG A 126 -0.74 -5.02 11.72
N ARG A 127 0.11 -4.61 10.81
CA ARG A 127 -0.41 -4.01 9.53
C ARG A 127 0.32 -4.58 8.31
N PRO A 128 -0.45 -4.91 7.29
CA PRO A 128 0.12 -5.45 6.03
C PRO A 128 1.08 -4.42 5.42
N MET A 129 2.31 -4.78 5.15
CA MET A 129 3.25 -3.75 4.62
C MET A 129 4.01 -4.28 3.41
N LEU A 130 4.32 -3.41 2.49
CA LEU A 130 5.00 -3.83 1.25
C LEU A 130 5.92 -2.70 0.75
N GLU A 131 7.20 -2.92 0.73
CA GLU A 131 8.14 -1.82 0.38
C GLU A 131 7.57 -0.96 -0.76
N GLN A 132 8.01 0.26 -0.85
CA GLN A 132 7.53 1.17 -1.93
C GLN A 132 6.07 1.58 -1.72
N ASP A 133 5.44 1.05 -0.70
CA ASP A 133 4.06 1.51 -0.36
C ASP A 133 4.13 2.94 0.20
N ASN A 134 3.00 3.52 0.52
CA ASN A 134 3.00 4.90 1.08
C ASN A 134 1.88 5.05 2.11
N ILE A 135 2.13 5.75 3.18
CA ILE A 135 1.06 5.91 4.21
C ILE A 135 1.06 7.34 4.76
N SER A 136 -0.01 7.73 5.37
CA SER A 136 -0.09 9.10 5.97
C SER A 136 -0.81 9.06 7.31
N VAL A 137 -0.42 9.90 8.23
CA VAL A 137 -1.09 9.89 9.57
C VAL A 137 -1.74 11.26 9.86
N PRO A 138 -0.94 12.27 10.04
CA PRO A 138 -1.50 13.62 10.33
C PRO A 138 -2.15 14.21 9.08
N GLY A 139 -3.18 14.99 9.26
CA GLY A 139 -3.87 15.60 8.07
C GLY A 139 -3.76 17.13 8.15
N LEU A 140 -2.58 17.66 8.28
CA LEU A 140 -2.43 19.14 8.39
C LEU A 140 -1.38 19.64 7.40
N THR A 141 -1.44 20.89 7.02
CA THR A 141 -0.44 21.43 6.05
C THR A 141 -0.13 22.90 6.34
N LEU A 142 0.55 23.53 5.44
CA LEU A 142 0.89 24.96 5.62
C LEU A 142 0.85 25.69 4.28
N ALA A 143 1.98 26.11 3.78
CA ALA A 143 2.00 26.88 2.51
C ALA A 143 1.82 25.94 1.32
N GLY A 144 0.81 25.12 1.34
CA GLY A 144 0.62 24.15 0.23
C GLY A 144 1.84 23.22 0.13
N GLN A 145 2.02 22.33 1.06
CA GLN A 145 3.17 21.39 0.98
C GLN A 145 2.73 20.07 0.32
N THR A 146 3.65 19.21 0.00
CA THR A 146 3.29 17.92 -0.63
C THR A 146 4.14 16.79 -0.04
N GLY A 147 3.60 15.60 -0.01
CA GLY A 147 4.35 14.45 0.57
C GLY A 147 3.83 14.18 1.98
N LEU A 148 4.49 14.71 2.97
CA LEU A 148 3.99 14.56 4.37
C LEU A 148 3.43 13.15 4.62
N LEU A 149 4.08 12.14 4.10
CA LEU A 149 3.60 10.74 4.31
C LEU A 149 4.80 9.82 4.53
N PHE A 150 4.57 8.60 4.93
CA PHE A 150 5.71 7.67 5.12
C PHE A 150 5.96 6.90 3.82
N LYS A 151 7.18 6.89 3.35
CA LYS A 151 7.49 6.17 2.09
C LYS A 151 8.31 4.91 2.38
N VAL A 152 7.70 3.76 2.29
CA VAL A 152 8.45 2.49 2.54
C VAL A 152 9.33 2.15 1.33
N VAL A 153 10.51 1.68 1.56
CA VAL A 153 11.42 1.40 0.41
C VAL A 153 11.98 -0.01 0.47
N LYS A 154 12.01 -0.63 1.62
CA LYS A 154 12.63 -1.98 1.71
C LYS A 154 11.95 -2.82 2.79
N THR A 155 11.77 -4.09 2.55
CA THR A 155 11.18 -4.98 3.58
C THR A 155 11.90 -6.32 3.56
N LEU A 156 11.81 -7.07 4.62
CA LEU A 156 12.58 -8.34 4.70
C LEU A 156 11.78 -9.52 4.12
N PRO A 157 10.47 -9.45 4.21
CA PRO A 157 9.63 -10.55 3.68
C PRO A 157 9.98 -10.84 2.22
N SER A 158 9.20 -11.65 1.56
CA SER A 158 9.50 -12.01 0.14
C SER A 158 8.84 -11.02 -0.81
N LYS A 159 8.87 -9.76 -0.48
CA LYS A 159 8.19 -8.73 -1.33
C LYS A 159 6.68 -9.00 -1.37
N VAL A 160 6.19 -9.75 -0.42
CA VAL A 160 4.73 -10.03 -0.36
C VAL A 160 4.11 -9.31 0.83
N PRO A 161 2.81 -9.16 0.75
CA PRO A 161 2.06 -8.47 1.83
C PRO A 161 2.38 -9.13 3.18
N VAL A 162 2.87 -8.38 4.12
CA VAL A 162 3.15 -8.96 5.46
C VAL A 162 2.47 -8.15 6.55
N GLU A 163 2.21 -8.77 7.65
CA GLU A 163 1.62 -8.01 8.79
C GLU A 163 2.70 -7.67 9.81
N ILE A 164 2.81 -6.42 10.14
CA ILE A 164 3.84 -5.99 11.13
C ILE A 164 3.45 -6.48 12.52
N GLY A 165 4.42 -6.68 13.37
CA GLY A 165 4.11 -7.10 14.76
C GLY A 165 5.09 -6.42 15.72
N GLU A 166 4.83 -6.49 16.99
CA GLU A 166 5.72 -5.78 17.95
C GLU A 166 7.17 -6.26 17.79
N GLU A 167 7.36 -7.42 17.23
CA GLU A 167 8.74 -7.97 17.09
C GLU A 167 9.36 -7.55 15.75
N THR A 168 8.59 -6.98 14.87
CA THR A 168 9.15 -6.56 13.55
C THR A 168 10.25 -5.52 13.75
N LYS A 169 11.28 -5.57 12.95
CA LYS A 169 12.38 -4.57 13.11
C LYS A 169 12.09 -3.34 12.25
N ILE A 170 12.53 -2.19 12.68
CA ILE A 170 12.23 -0.94 11.92
C ILE A 170 13.51 -0.32 11.37
N GLU A 171 13.50 0.00 10.11
CA GLU A 171 14.66 0.78 9.55
C GLU A 171 14.20 2.17 9.15
N ILE A 172 14.89 3.16 9.62
CA ILE A 172 14.49 4.57 9.32
C ILE A 172 15.64 5.31 8.63
N ARG A 173 15.37 5.93 7.51
CA ARG A 173 16.46 6.66 6.79
C ARG A 173 16.53 8.12 7.27
N GLU A 174 17.69 8.72 7.19
CA GLU A 174 17.83 10.13 7.66
C GLU A 174 17.72 11.11 6.49
N GLU A 175 17.53 10.62 5.30
CA GLU A 175 17.39 11.52 4.12
C GLU A 175 15.92 11.76 3.80
N PRO A 176 15.46 12.93 4.09
CA PRO A 176 14.04 13.29 3.86
C PRO A 176 13.74 13.33 2.36
N ALA A 177 12.74 14.08 2.00
CA ALA A 177 12.35 14.14 0.56
C ALA A 177 13.22 15.17 -0.18
N SER A 178 14.51 15.01 -0.10
CA SER A 178 15.41 15.96 -0.82
C SER A 178 15.86 15.35 -2.16
N GLU A 179 15.55 16.00 -3.24
CA GLU A 179 15.95 15.46 -4.58
C GLU A 179 15.31 14.08 -4.79
N VAL A 180 14.28 13.79 -4.06
CA VAL A 180 13.61 12.46 -4.20
C VAL A 180 12.36 12.58 -5.08
N LEU A 181 12.03 13.77 -5.47
CA LEU A 181 10.82 13.95 -6.32
C LEU A 181 11.14 13.60 -7.78
N GLU A 182 11.54 12.39 -8.04
CA GLU A 182 11.88 11.99 -9.42
C GLU A 182 10.61 11.68 -10.23
N GLU A 183 9.49 11.58 -9.56
CA GLU A 183 8.23 11.23 -10.27
C GLU A 183 7.93 12.28 -11.34
N GLY A 184 7.48 11.85 -12.49
CA GLY A 184 7.16 12.83 -13.57
C GLY A 184 6.19 12.20 -14.57
N GLY A 185 5.98 12.83 -15.69
CA GLY A 185 5.03 12.28 -16.69
C GLY A 185 5.55 10.93 -17.20
#